data_4LIN
#
_entry.id   4LIN
#
_cell.length_a   38.689
_cell.length_b   147.929
_cell.length_c   151.011
_cell.angle_alpha   87.94
_cell.angle_beta   90.05
_cell.angle_gamma   89.95
#
_symmetry.space_group_name_H-M   'P 1'
#
loop_
_entity.id
_entity.type
_entity.pdbx_description
1 polymer 'Tail needle protein gp26'
2 non-polymer 'CALCIUM ION'
3 non-polymer 'CHLORIDE ION'
4 water water
#
_entity_poly.entity_id   1
_entity_poly.type   'polypeptide(L)'
_entity_poly.pdbx_seq_one_letter_code
;GPKVPEFGSSRMADPSLNNPVVIQATRLDASILPRNVFSKSYLLYVIAQGTDVGAIAGKANEAGQGAYDAQVKNDEQDVE
LADHEARIKQLRIDVDDHESRITANTKAITALNVRVTTAEGEIASLQTNVSALDGRVTTAENNISALQADVDDHESRITA
NTKAITALNVRVTTAEGEIASLQTNVSALDGRVTTAENNISALQADYVSKTATTSQSLASPLNVTTSYSVGGKKVVGARQ
TGWTAATGTANKGVFDADLTFAVSDTYTQSEIQAIANALITERRRTKALEDALRAHGLID
;
_entity_poly.pdbx_strand_id   A,B,C,D,E,F,G,H,I,J,K,L
#
# COMPACT_ATOMS: atom_id res chain seq x y z
N MET A 12 47.23 133.74 -58.45
CA MET A 12 46.59 134.33 -57.28
C MET A 12 45.45 135.25 -57.71
N ALA A 13 45.69 136.55 -57.62
CA ALA A 13 44.72 137.58 -57.96
C ALA A 13 45.46 138.86 -58.28
N ASP A 14 44.79 139.82 -58.90
CA ASP A 14 45.45 141.06 -59.25
C ASP A 14 44.89 142.28 -58.52
N PRO A 15 45.69 142.88 -57.63
CA PRO A 15 45.41 144.15 -56.95
C PRO A 15 45.44 145.35 -57.90
N SER A 16 45.99 145.15 -59.09
CA SER A 16 46.16 146.24 -60.04
C SER A 16 44.85 146.68 -60.69
N LEU A 17 43.78 145.93 -60.42
CA LEU A 17 42.47 146.22 -61.00
C LEU A 17 41.61 147.17 -60.15
N ASN A 18 42.00 147.39 -58.90
CA ASN A 18 41.33 148.37 -58.05
C ASN A 18 41.92 149.74 -58.35
N ASN A 19 43.01 149.75 -59.11
CA ASN A 19 43.64 150.98 -59.54
C ASN A 19 42.92 151.53 -60.76
N PRO A 20 42.38 152.75 -60.64
CA PRO A 20 41.74 153.40 -61.78
C PRO A 20 42.77 154.17 -62.59
N VAL A 21 42.33 154.80 -63.67
CA VAL A 21 43.16 155.78 -64.36
C VAL A 21 42.44 157.12 -64.33
N VAL A 22 43.18 158.19 -64.03
CA VAL A 22 42.61 159.53 -64.07
C VAL A 22 42.56 160.02 -65.52
N ILE A 23 41.63 160.92 -65.79
CA ILE A 23 41.48 161.50 -67.13
C ILE A 23 41.70 163.02 -67.10
N GLN A 24 42.30 163.55 -68.16
CA GLN A 24 42.45 164.99 -68.32
C GLN A 24 41.18 165.62 -68.87
N ALA A 25 40.52 164.91 -69.77
CA ALA A 25 39.30 165.39 -70.41
C ALA A 25 38.18 165.61 -69.40
N THR A 26 37.43 166.68 -69.59
CA THR A 26 36.42 167.13 -68.64
C THR A 26 35.37 167.96 -69.37
N ARG A 27 34.26 168.25 -68.70
CA ARG A 27 33.17 169.01 -69.32
C ARG A 27 33.65 170.31 -69.97
N LEU A 28 33.23 170.51 -71.22
CA LEU A 28 33.66 171.66 -72.00
C LEU A 28 32.55 172.70 -72.14
N ASP A 29 32.88 173.95 -71.79
CA ASP A 29 32.01 175.08 -72.09
C ASP A 29 32.12 175.43 -73.57
N ALA A 30 31.15 176.19 -74.08
CA ALA A 30 31.18 176.65 -75.46
C ALA A 30 32.40 177.54 -75.77
N SER A 31 32.99 178.12 -74.73
CA SER A 31 34.11 179.05 -74.90
C SER A 31 35.35 178.40 -75.54
N ILE A 32 35.58 177.13 -75.22
CA ILE A 32 36.75 176.38 -75.69
C ILE A 32 36.61 176.05 -77.18
N LEU A 33 35.37 175.81 -77.61
CA LEU A 33 35.08 175.33 -78.95
C LEU A 33 35.01 176.47 -79.99
N PRO A 34 35.36 176.16 -81.25
CA PRO A 34 35.29 177.08 -82.39
C PRO A 34 33.93 177.04 -83.07
N ARG A 35 32.97 177.80 -82.54
CA ARG A 35 31.59 177.81 -83.02
C ARG A 35 31.44 177.97 -84.53
N ASN A 36 32.34 178.74 -85.14
CA ASN A 36 32.24 179.05 -86.56
C ASN A 36 32.61 177.87 -87.46
N VAL A 37 33.66 177.16 -87.07
CA VAL A 37 34.30 176.16 -87.92
C VAL A 37 33.53 174.85 -88.03
N PHE A 38 32.86 174.46 -86.96
CA PHE A 38 32.23 173.14 -86.88
C PHE A 38 30.72 173.17 -87.05
N SER A 39 30.19 172.12 -87.67
CA SER A 39 28.74 171.98 -87.85
C SER A 39 28.06 171.81 -86.50
N LYS A 40 26.77 172.09 -86.45
CA LYS A 40 26.00 171.92 -85.21
C LYS A 40 26.01 170.47 -84.73
N SER A 41 25.90 169.53 -85.66
CA SER A 41 25.85 168.12 -85.31
C SER A 41 27.20 167.61 -84.83
N TYR A 42 28.27 168.19 -85.36
CA TYR A 42 29.62 167.86 -84.92
C TYR A 42 30.02 168.72 -83.73
N LEU A 43 29.24 169.77 -83.48
CA LEU A 43 29.36 170.58 -82.28
C LEU A 43 28.84 169.76 -81.11
N LEU A 44 27.66 169.16 -81.31
CA LEU A 44 27.00 168.34 -80.31
C LEU A 44 27.76 167.04 -80.07
N TYR A 45 28.33 166.49 -81.14
CA TYR A 45 29.07 165.24 -81.09
C TYR A 45 30.29 165.36 -80.16
N VAL A 46 30.92 166.53 -80.18
CA VAL A 46 32.15 166.78 -79.42
C VAL A 46 31.88 167.06 -77.94
N ILE A 47 30.73 167.70 -77.65
CA ILE A 47 30.34 167.94 -76.26
C ILE A 47 29.77 166.67 -75.63
N ALA A 48 29.06 165.88 -76.45
CA ALA A 48 28.53 164.59 -76.00
C ALA A 48 29.65 163.57 -75.95
N GLN A 49 30.78 163.91 -76.57
CA GLN A 49 31.96 163.05 -76.56
C GLN A 49 32.52 162.95 -75.15
N GLY A 50 32.83 164.10 -74.54
CA GLY A 50 33.40 164.16 -73.21
C GLY A 50 32.58 163.44 -72.15
N THR A 51 31.26 163.51 -72.28
CA THR A 51 30.35 162.76 -71.43
C THR A 51 30.69 161.28 -71.52
N ASP A 52 30.49 160.71 -72.70
CA ASP A 52 30.80 159.31 -72.98
C ASP A 52 32.25 158.97 -72.61
N VAL A 53 33.18 159.73 -73.16
CA VAL A 53 34.61 159.52 -72.91
C VAL A 53 34.92 159.50 -71.41
N GLY A 54 34.22 160.33 -70.65
CA GLY A 54 34.34 160.33 -69.21
C GLY A 54 33.52 159.27 -68.51
N ALA A 55 32.35 158.95 -69.07
CA ALA A 55 31.46 157.95 -68.47
C ALA A 55 31.87 156.52 -68.78
N ILE A 56 32.48 156.31 -69.95
CA ILE A 56 33.04 155.01 -70.31
C ILE A 56 34.16 154.68 -69.33
N ALA A 57 34.85 155.72 -68.85
CA ALA A 57 35.89 155.58 -67.85
C ALA A 57 35.34 155.05 -66.52
N GLY A 58 34.10 155.41 -66.20
CA GLY A 58 33.48 155.07 -64.93
C GLY A 58 33.06 153.61 -64.85
N LYS A 59 33.56 152.82 -65.78
CA LYS A 59 33.19 151.41 -65.87
C LYS A 59 34.42 150.53 -65.81
N ALA A 60 35.32 150.75 -66.75
CA ALA A 60 36.65 150.16 -66.69
C ALA A 60 37.18 150.37 -65.27
N ASN A 61 36.83 151.49 -64.66
CA ASN A 61 37.01 151.69 -63.22
C ASN A 61 36.20 150.70 -62.38
N GLU A 62 34.89 150.65 -62.64
CA GLU A 62 33.97 149.85 -61.82
C GLU A 62 33.95 148.37 -62.20
N ALA A 63 34.38 148.05 -63.41
CA ALA A 63 34.51 146.66 -63.84
C ALA A 63 35.73 146.04 -63.18
N GLY A 64 36.86 146.74 -63.27
CA GLY A 64 38.10 146.30 -62.66
C GLY A 64 38.01 146.22 -61.14
N GLN A 65 37.02 146.91 -60.58
CA GLN A 65 36.74 146.82 -59.15
C GLN A 65 36.08 145.46 -58.88
N GLY A 66 34.90 145.26 -59.47
CA GLY A 66 34.18 144.01 -59.36
C GLY A 66 34.95 142.82 -59.89
N ALA A 67 35.97 143.09 -60.71
CA ALA A 67 36.88 142.04 -61.16
C ALA A 67 37.89 141.73 -60.05
N TYR A 68 38.28 142.76 -59.31
CA TYR A 68 39.15 142.61 -58.15
C TYR A 68 38.34 142.07 -56.98
N ASP A 69 37.14 142.61 -56.79
CA ASP A 69 36.23 142.17 -55.74
C ASP A 69 35.80 140.72 -55.94
N ALA A 70 35.88 140.23 -57.18
CA ALA A 70 35.57 138.84 -57.46
C ALA A 70 36.80 137.94 -57.33
N GLN A 71 37.99 138.53 -57.29
CA GLN A 71 39.21 137.75 -57.09
C GLN A 71 39.60 137.66 -55.62
N VAL A 72 38.98 138.51 -54.79
CA VAL A 72 39.17 138.43 -53.35
C VAL A 72 38.25 137.36 -52.76
N LYS A 73 37.01 137.33 -53.24
CA LYS A 73 36.03 136.34 -52.80
C LYS A 73 36.33 134.98 -53.40
N ASN A 74 37.12 134.96 -54.47
CA ASN A 74 37.59 133.71 -55.07
C ASN A 74 38.66 133.08 -54.21
N ASP A 75 39.79 133.77 -54.08
CA ASP A 75 40.94 133.26 -53.34
C ASP A 75 40.61 132.96 -51.87
N GLU A 76 39.53 133.54 -51.37
CA GLU A 76 39.06 133.24 -50.03
C GLU A 76 38.28 131.93 -50.00
N GLN A 77 37.64 131.58 -51.11
CA GLN A 77 36.91 130.33 -51.21
C GLN A 77 37.86 129.16 -51.45
N ASP A 78 38.96 129.44 -52.16
CA ASP A 78 39.90 128.40 -52.55
C ASP A 78 40.61 127.72 -51.37
N VAL A 79 40.84 128.48 -50.30
CA VAL A 79 41.40 127.90 -49.09
C VAL A 79 40.32 127.26 -48.20
N GLU A 80 39.07 127.67 -48.37
CA GLU A 80 37.96 127.05 -47.64
C GLU A 80 37.32 125.95 -48.48
N LEU A 81 37.92 125.68 -49.64
CA LEU A 81 37.65 124.49 -50.42
C LEU A 81 38.64 123.40 -50.02
N ALA A 82 39.92 123.67 -50.22
CA ALA A 82 40.98 122.74 -49.85
C ALA A 82 41.02 122.43 -48.35
N ASP A 83 40.31 123.22 -47.56
CA ASP A 83 40.12 122.91 -46.15
C ASP A 83 39.08 121.79 -46.05
N HIS A 84 38.04 121.89 -46.88
CA HIS A 84 37.02 120.85 -46.95
C HIS A 84 37.61 119.55 -47.51
N GLU A 85 38.66 119.67 -48.31
CA GLU A 85 39.30 118.51 -48.95
C GLU A 85 40.19 117.71 -48.02
N ALA A 86 40.94 118.40 -47.16
CA ALA A 86 41.76 117.72 -46.16
C ALA A 86 40.86 117.02 -45.15
N ARG A 87 39.64 117.54 -45.02
CA ARG A 87 38.64 116.91 -44.17
C ARG A 87 37.98 115.73 -44.86
N ILE A 88 37.78 115.83 -46.17
CA ILE A 88 37.11 114.77 -46.91
C ILE A 88 38.06 113.59 -47.14
N LYS A 89 39.36 113.90 -47.22
CA LYS A 89 40.39 112.89 -47.38
C LYS A 89 40.74 112.23 -46.04
N GLN A 90 40.49 112.91 -44.94
CA GLN A 90 40.71 112.34 -43.61
C GLN A 90 39.50 111.54 -43.13
N LEU A 91 38.34 111.81 -43.73
CA LEU A 91 37.07 111.22 -43.32
C LEU A 91 36.89 109.78 -43.82
N ARG A 92 37.12 109.57 -45.12
CA ARG A 92 37.03 108.26 -45.74
C ARG A 92 38.22 107.41 -45.27
N ILE A 93 39.20 108.08 -44.68
CA ILE A 93 40.37 107.43 -44.10
C ILE A 93 40.01 106.77 -42.77
N ASP A 94 39.16 107.43 -41.98
CA ASP A 94 38.75 106.88 -40.69
C ASP A 94 37.54 106.00 -40.83
N VAL A 95 36.89 106.11 -41.98
CA VAL A 95 35.71 105.33 -42.30
C VAL A 95 36.14 103.96 -42.84
N ASP A 96 37.37 103.92 -43.36
CA ASP A 96 37.96 102.67 -43.82
C ASP A 96 38.46 101.93 -42.60
N ASP A 97 38.67 102.67 -41.52
CA ASP A 97 39.01 102.10 -40.24
C ASP A 97 37.72 101.74 -39.52
N HIS A 98 36.60 102.21 -40.05
CA HIS A 98 35.29 101.78 -39.57
C HIS A 98 34.88 100.42 -40.14
N GLU A 99 35.01 100.25 -41.46
CA GLU A 99 34.44 99.10 -42.14
C GLU A 99 35.22 97.79 -41.95
N SER A 100 36.54 97.90 -41.79
CA SER A 100 37.37 96.72 -41.55
C SER A 100 37.14 96.17 -40.15
N ARG A 101 36.79 97.06 -39.23
CA ARG A 101 36.52 96.65 -37.85
C ARG A 101 35.16 95.99 -37.64
N ILE A 102 34.09 96.56 -38.19
CA ILE A 102 32.75 96.01 -37.93
C ILE A 102 32.57 94.64 -38.59
N THR A 103 33.16 94.45 -39.76
CA THR A 103 33.02 93.18 -40.47
C THR A 103 33.95 92.12 -39.87
N ALA A 104 34.96 92.55 -39.13
CA ALA A 104 35.76 91.63 -38.33
C ALA A 104 35.08 91.45 -36.97
N ASN A 105 34.17 92.35 -36.65
CA ASN A 105 33.36 92.23 -35.44
C ASN A 105 32.17 91.29 -35.67
N THR A 106 31.63 91.30 -36.88
CA THR A 106 30.47 90.48 -37.22
C THR A 106 30.86 89.06 -37.69
N LYS A 107 32.12 88.88 -38.08
CA LYS A 107 32.61 87.54 -38.41
C LYS A 107 32.93 86.81 -37.12
N ALA A 108 33.31 87.58 -36.11
CA ALA A 108 33.57 87.02 -34.78
C ALA A 108 32.30 86.92 -33.97
N ILE A 109 31.23 87.59 -34.42
CA ILE A 109 29.95 87.53 -33.75
C ILE A 109 29.28 86.18 -33.99
N THR A 110 29.46 85.65 -35.20
CA THR A 110 28.83 84.39 -35.58
C THR A 110 29.70 83.21 -35.16
N ALA A 111 30.96 83.49 -34.85
CA ALA A 111 31.84 82.48 -34.29
C ALA A 111 31.52 82.30 -32.82
N LEU A 112 31.00 83.37 -32.20
CA LEU A 112 30.59 83.32 -30.81
C LEU A 112 29.19 82.73 -30.64
N ASN A 113 28.37 82.78 -31.69
CA ASN A 113 27.03 82.19 -31.63
C ASN A 113 27.10 80.68 -31.85
N VAL A 114 28.07 80.24 -32.65
CA VAL A 114 28.29 78.83 -32.92
C VAL A 114 28.90 78.14 -31.71
N ARG A 115 29.93 78.76 -31.13
CA ARG A 115 30.57 78.25 -29.92
C ARG A 115 29.57 78.15 -28.78
N VAL A 116 28.79 79.21 -28.58
CA VAL A 116 27.80 79.27 -27.51
C VAL A 116 26.68 78.24 -27.67
N THR A 117 26.23 78.02 -28.90
CA THR A 117 25.24 76.98 -29.17
C THR A 117 25.80 75.60 -28.84
N THR A 118 27.10 75.41 -29.09
CA THR A 118 27.78 74.16 -28.72
C THR A 118 27.98 74.06 -27.20
N ALA A 119 27.86 75.19 -26.52
CA ALA A 119 28.06 75.23 -25.07
C ALA A 119 26.90 74.58 -24.34
N GLU A 120 25.70 75.16 -24.47
CA GLU A 120 24.55 74.60 -23.78
C GLU A 120 23.92 73.42 -24.53
N GLY A 121 24.46 73.12 -25.71
CA GLY A 121 24.13 71.86 -26.37
C GLY A 121 24.68 70.73 -25.51
N GLU A 122 25.90 70.94 -25.03
CA GLU A 122 26.55 69.97 -24.16
C GLU A 122 26.05 70.07 -22.70
N ILE A 123 25.65 71.27 -22.30
CA ILE A 123 25.13 71.45 -20.94
C ILE A 123 23.86 70.65 -20.74
N ALA A 124 22.92 70.84 -21.65
CA ALA A 124 21.62 70.18 -21.56
C ALA A 124 21.75 68.66 -21.70
N SER A 125 22.87 68.21 -22.26
CA SER A 125 23.21 66.79 -22.25
C SER A 125 23.82 66.42 -20.91
N LEU A 126 24.70 67.30 -20.42
CA LEU A 126 25.28 67.16 -19.09
C LEU A 126 24.17 67.18 -18.03
N GLN A 127 23.10 67.92 -18.33
CA GLN A 127 21.98 68.06 -17.40
C GLN A 127 21.03 66.86 -17.39
N THR A 128 20.89 66.20 -18.54
CA THR A 128 20.00 65.06 -18.63
C THR A 128 20.70 63.75 -18.24
N ASN A 129 22.03 63.76 -18.22
CA ASN A 129 22.78 62.60 -17.71
C ASN A 129 22.90 62.61 -16.19
N VAL A 130 23.19 63.78 -15.62
CA VAL A 130 23.30 63.94 -14.18
C VAL A 130 21.95 63.68 -13.50
N SER A 131 20.87 64.06 -14.17
CA SER A 131 19.52 63.82 -13.68
C SER A 131 19.16 62.34 -13.77
N ALA A 132 19.61 61.69 -14.84
CA ALA A 132 19.34 60.28 -15.05
C ALA A 132 20.22 59.40 -14.16
N LEU A 133 21.40 59.90 -13.82
CA LEU A 133 22.32 59.17 -12.96
C LEU A 133 21.92 59.32 -11.49
N ASP A 134 21.21 60.39 -11.19
CA ASP A 134 20.64 60.64 -9.86
C ASP A 134 19.47 59.68 -9.67
N GLY A 135 18.70 59.49 -10.75
CA GLY A 135 17.62 58.52 -10.75
C GLY A 135 18.16 57.10 -10.73
N ARG A 136 19.33 56.92 -11.32
CA ARG A 136 19.99 55.62 -11.31
C ARG A 136 20.77 55.39 -10.01
N VAL A 137 21.12 56.48 -9.31
CA VAL A 137 21.69 56.37 -7.98
C VAL A 137 20.64 56.21 -6.87
N THR A 138 19.51 56.92 -7.01
CA THR A 138 18.47 56.87 -5.98
C THR A 138 17.78 55.52 -5.94
N THR A 139 17.83 54.79 -7.05
CA THR A 139 17.30 53.44 -7.14
C THR A 139 18.29 52.45 -6.54
N ALA A 140 19.57 52.71 -6.75
CA ALA A 140 20.62 51.80 -6.31
C ALA A 140 20.82 51.80 -4.80
N GLU A 141 20.92 52.99 -4.21
CA GLU A 141 21.12 53.10 -2.76
C GLU A 141 19.86 52.76 -2.00
N ASN A 142 18.73 52.76 -2.69
CA ASN A 142 17.51 52.23 -2.14
C ASN A 142 17.67 50.74 -1.95
N ASN A 143 18.13 50.08 -3.00
CA ASN A 143 18.39 48.65 -2.97
C ASN A 143 19.49 48.27 -1.99
N ILE A 144 20.45 49.17 -1.79
CA ILE A 144 21.55 48.93 -0.84
C ILE A 144 21.06 49.02 0.61
N SER A 145 20.21 50.00 0.88
CA SER A 145 19.66 50.22 2.21
C SER A 145 19.00 48.96 2.76
N ALA A 146 18.23 48.29 1.92
CA ALA A 146 17.60 47.03 2.30
C ALA A 146 18.59 45.87 2.19
N LEU A 147 19.53 45.98 1.26
CA LEU A 147 20.51 44.92 1.01
C LEU A 147 21.31 44.60 2.26
N GLN A 148 21.56 45.64 3.05
CA GLN A 148 22.15 45.47 4.36
C GLN A 148 21.11 44.87 5.30
N ALA A 149 19.92 45.48 5.34
CA ALA A 149 18.84 45.06 6.23
C ALA A 149 18.54 43.57 6.09
N ASP A 150 18.78 43.03 4.90
CA ASP A 150 18.69 41.60 4.67
C ASP A 150 19.91 40.93 5.30
N VAL A 151 21.09 41.24 4.78
CA VAL A 151 22.36 40.72 5.29
C VAL A 151 22.55 40.92 6.80
N ASP A 152 22.24 42.11 7.29
CA ASP A 152 22.40 42.44 8.71
C ASP A 152 21.56 41.56 9.64
N ASP A 153 20.38 41.13 9.17
CA ASP A 153 19.57 40.19 9.93
C ASP A 153 20.10 38.76 9.76
N HIS A 154 20.68 38.47 8.59
CA HIS A 154 21.12 37.13 8.26
C HIS A 154 22.09 36.53 9.27
N GLU A 155 23.11 37.29 9.67
CA GLU A 155 24.08 36.82 10.65
C GLU A 155 23.47 36.69 12.07
N SER A 156 22.36 37.39 12.31
CA SER A 156 21.61 37.20 13.55
C SER A 156 20.94 35.84 13.53
N ARG A 157 20.59 35.37 12.33
CA ARG A 157 20.05 34.03 12.17
C ARG A 157 21.15 32.98 12.14
N ILE A 158 22.24 33.26 11.41
CA ILE A 158 23.34 32.31 11.31
C ILE A 158 23.90 31.95 12.68
N THR A 159 24.01 32.96 13.53
CA THR A 159 24.51 32.75 14.89
C THR A 159 23.44 32.12 15.77
N ALA A 160 22.18 32.20 15.34
CA ALA A 160 21.10 31.50 16.02
C ALA A 160 21.09 30.03 15.60
N ASN A 161 21.33 29.79 14.31
CA ASN A 161 21.42 28.44 13.79
C ASN A 161 22.64 27.69 14.32
N THR A 162 23.82 28.26 14.10
CA THR A 162 25.08 27.65 14.48
C THR A 162 25.15 27.31 15.98
N LYS A 163 24.53 28.16 16.80
CA LYS A 163 24.49 27.92 18.25
C LYS A 163 23.63 26.72 18.60
N ALA A 164 22.47 26.60 17.95
CA ALA A 164 21.64 25.41 18.14
C ALA A 164 22.43 24.18 17.73
N ILE A 165 23.12 24.27 16.59
CA ILE A 165 23.94 23.19 16.06
C ILE A 165 24.92 22.63 17.09
N THR A 166 25.58 23.52 17.83
CA THR A 166 26.49 23.12 18.89
C THR A 166 25.72 22.66 20.13
N ALA A 167 24.58 23.30 20.39
CA ALA A 167 23.74 22.91 21.52
C ALA A 167 23.08 21.56 21.25
N LEU A 168 22.76 21.30 20.00
CA LEU A 168 22.19 20.00 19.63
C LEU A 168 23.26 18.92 19.58
N ASN A 169 24.43 19.25 19.06
CA ASN A 169 25.50 18.27 18.96
C ASN A 169 26.00 17.83 20.34
N VAL A 170 25.78 18.67 21.36
CA VAL A 170 26.10 18.28 22.74
C VAL A 170 24.99 17.41 23.37
N ARG A 171 23.75 17.65 22.99
CA ARG A 171 22.61 16.89 23.51
C ARG A 171 22.47 15.53 22.83
N VAL A 172 22.91 15.47 21.57
CA VAL A 172 22.87 14.25 20.79
C VAL A 172 24.00 13.31 21.20
N THR A 173 25.14 13.91 21.54
CA THR A 173 26.31 13.17 22.00
C THR A 173 26.06 12.45 23.33
N THR A 174 25.48 13.17 24.29
CA THR A 174 25.19 12.59 25.60
C THR A 174 24.10 11.54 25.52
N ALA A 175 23.27 11.63 24.48
CA ALA A 175 22.20 10.67 24.26
C ALA A 175 22.77 9.36 23.70
N GLU A 176 23.83 9.48 22.91
CA GLU A 176 24.49 8.30 22.34
C GLU A 176 25.45 7.63 23.33
N GLY A 177 25.87 8.38 24.34
CA GLY A 177 26.69 7.81 25.40
C GLY A 177 25.84 7.03 26.37
N GLU A 178 24.63 7.54 26.63
CA GLU A 178 23.68 6.84 27.49
C GLU A 178 23.25 5.53 26.84
N ILE A 179 22.77 5.64 25.60
CA ILE A 179 22.22 4.51 24.85
C ILE A 179 23.25 3.38 24.65
N ALA A 180 24.53 3.75 24.55
CA ALA A 180 25.60 2.76 24.53
C ALA A 180 25.64 1.95 25.82
N SER A 181 25.33 2.59 26.94
CA SER A 181 25.28 1.91 28.24
C SER A 181 24.01 1.08 28.40
N LEU A 182 22.89 1.60 27.92
CA LEU A 182 21.61 0.87 27.96
C LEU A 182 21.70 -0.44 27.18
N GLN A 183 22.23 -0.39 25.98
CA GLN A 183 22.29 -1.56 25.10
C GLN A 183 23.26 -2.63 25.62
N THR A 184 24.24 -2.21 26.41
CA THR A 184 25.15 -3.15 27.06
C THR A 184 24.41 -3.93 28.14
N ASN A 185 23.52 -3.25 28.85
CA ASN A 185 22.79 -3.85 29.96
C ASN A 185 21.43 -4.46 29.61
N VAL A 186 20.94 -4.23 28.39
CA VAL A 186 19.76 -4.94 27.91
C VAL A 186 20.18 -6.30 27.34
N SER A 187 21.44 -6.41 26.94
CA SER A 187 21.98 -7.69 26.47
C SER A 187 22.61 -8.47 27.63
N ALA A 188 22.83 -7.80 28.75
CA ALA A 188 23.28 -8.46 29.97
C ALA A 188 22.07 -9.07 30.65
N LEU A 189 20.99 -8.32 30.72
CA LEU A 189 19.72 -8.79 31.25
C LEU A 189 19.17 -9.94 30.41
N ASP A 190 19.01 -9.68 29.11
CA ASP A 190 18.46 -10.66 28.19
C ASP A 190 19.35 -11.90 28.05
N GLY A 191 20.57 -11.82 28.57
CA GLY A 191 21.43 -12.99 28.69
C GLY A 191 21.30 -13.69 30.04
N ARG A 192 20.49 -13.13 30.93
CA ARG A 192 20.28 -13.68 32.27
C ARG A 192 18.89 -14.32 32.43
N VAL A 193 17.84 -13.52 32.21
CA VAL A 193 16.46 -14.00 32.16
C VAL A 193 16.32 -15.27 31.30
N THR A 194 17.04 -15.32 30.18
CA THR A 194 17.11 -16.50 29.33
C THR A 194 17.71 -17.70 30.08
N THR A 195 18.84 -17.48 30.75
CA THR A 195 19.42 -18.49 31.63
C THR A 195 18.46 -18.77 32.78
N ALA A 196 17.82 -17.72 33.28
CA ALA A 196 16.84 -17.86 34.35
C ALA A 196 15.57 -18.57 33.86
N GLU A 197 15.35 -18.58 32.55
CA GLU A 197 14.29 -19.40 31.96
C GLU A 197 14.82 -20.79 31.59
N ASN A 198 16.14 -20.94 31.58
CA ASN A 198 16.77 -22.23 31.37
C ASN A 198 16.80 -23.10 32.63
N ASN A 199 17.14 -22.48 33.75
CA ASN A 199 17.27 -23.19 35.02
C ASN A 199 15.92 -23.53 35.64
N ILE A 200 14.90 -22.75 35.30
CA ILE A 200 13.55 -23.01 35.76
C ILE A 200 12.93 -24.14 34.94
N SER A 201 13.45 -24.34 33.73
CA SER A 201 12.96 -25.39 32.84
C SER A 201 13.49 -26.76 33.26
N ALA A 202 14.72 -26.78 33.78
CA ALA A 202 15.33 -28.00 34.28
C ALA A 202 14.77 -28.35 35.66
N LEU A 203 14.15 -27.37 36.30
CA LEU A 203 13.60 -27.52 37.64
C LEU A 203 12.23 -28.22 37.64
N GLN A 204 11.41 -27.89 36.66
CA GLN A 204 10.07 -28.47 36.54
C GLN A 204 10.14 -29.95 36.18
N ALA A 205 11.21 -30.33 35.50
CA ALA A 205 11.44 -31.73 35.18
C ALA A 205 12.01 -32.48 36.37
N ASP A 206 12.76 -31.77 37.21
CA ASP A 206 13.50 -32.40 38.29
C ASP A 206 12.84 -32.35 39.68
N TYR A 207 11.64 -31.78 39.78
CA TYR A 207 11.03 -31.56 41.11
C TYR A 207 9.90 -32.54 41.44
N VAL A 208 9.75 -32.85 42.73
CA VAL A 208 8.63 -33.67 43.17
C VAL A 208 7.50 -32.74 43.67
N SER A 209 6.27 -33.02 43.24
CA SER A 209 5.18 -32.05 43.40
C SER A 209 4.00 -32.53 44.27
N LYS A 210 3.25 -31.58 44.80
CA LYS A 210 2.01 -31.85 45.54
C LYS A 210 0.78 -32.09 44.64
N THR A 211 0.76 -31.49 43.46
CA THR A 211 -0.45 -31.46 42.63
C THR A 211 -0.74 -32.70 41.77
N ALA A 212 0.29 -33.27 41.15
CA ALA A 212 0.09 -34.41 40.24
C ALA A 212 -0.50 -35.64 40.93
N THR A 213 -1.49 -36.25 40.28
CA THR A 213 -2.15 -37.44 40.78
C THR A 213 -1.35 -38.72 40.54
N THR A 214 -0.80 -38.83 39.34
CA THR A 214 -0.08 -40.05 38.92
C THR A 214 1.25 -40.19 39.65
N SER A 215 1.77 -41.42 39.71
CA SER A 215 2.97 -41.74 40.47
C SER A 215 4.22 -40.98 40.01
N GLN A 216 4.92 -40.38 40.95
CA GLN A 216 6.23 -39.81 40.69
C GLN A 216 7.25 -40.88 41.02
N SER A 217 8.52 -40.61 40.78
CA SER A 217 9.57 -41.60 41.05
C SER A 217 10.90 -40.95 41.34
N LEU A 218 11.71 -41.59 42.17
CA LEU A 218 13.07 -41.14 42.42
C LEU A 218 14.06 -42.19 41.94
N ALA A 219 15.23 -41.75 41.50
CA ALA A 219 16.29 -42.66 41.09
C ALA A 219 17.23 -42.93 42.26
N SER A 220 16.86 -42.42 43.43
CA SER A 220 17.74 -42.43 44.59
C SER A 220 17.07 -42.95 45.87
N PRO A 221 17.88 -43.36 46.86
CA PRO A 221 17.41 -43.67 48.21
C PRO A 221 16.78 -42.45 48.88
N LEU A 222 15.62 -42.63 49.49
CA LEU A 222 14.92 -41.54 50.15
C LEU A 222 15.06 -41.62 51.66
N ASN A 223 15.21 -40.45 52.29
CA ASN A 223 15.25 -40.35 53.74
C ASN A 223 14.14 -39.41 54.20
N VAL A 224 13.74 -39.54 55.45
CA VAL A 224 12.61 -38.78 55.97
C VAL A 224 12.75 -38.63 57.48
N THR A 225 11.99 -37.70 58.08
CA THR A 225 12.07 -37.51 59.52
C THR A 225 10.82 -37.95 60.30
N THR A 226 10.99 -39.00 61.10
CA THR A 226 10.05 -39.45 62.12
C THR A 226 8.82 -40.23 61.59
N SER A 227 8.48 -40.08 60.32
CA SER A 227 7.27 -40.73 59.82
C SER A 227 7.19 -41.00 58.33
N TYR A 228 6.35 -41.98 57.98
CA TYR A 228 5.87 -42.18 56.63
C TYR A 228 4.37 -42.39 56.74
N SER A 229 3.59 -41.60 56.00
CA SER A 229 2.14 -41.63 56.16
C SER A 229 1.43 -41.83 54.82
N VAL A 230 0.24 -42.43 54.89
CA VAL A 230 -0.66 -42.47 53.74
C VAL A 230 -2.13 -42.35 54.18
N GLY A 231 -2.90 -41.56 53.44
CA GLY A 231 -4.30 -41.34 53.75
C GLY A 231 -4.51 -40.42 54.94
N GLY A 232 -3.41 -39.79 55.38
CA GLY A 232 -3.46 -38.97 56.59
C GLY A 232 -2.96 -39.74 57.79
N LYS A 233 -2.94 -41.07 57.67
CA LYS A 233 -2.49 -41.95 58.75
C LYS A 233 -1.03 -42.30 58.60
N LYS A 234 -0.32 -42.40 59.72
CA LYS A 234 1.07 -42.84 59.70
C LYS A 234 1.14 -44.36 59.59
N VAL A 235 1.69 -44.85 58.47
CA VAL A 235 1.85 -46.30 58.30
C VAL A 235 3.25 -46.82 58.64
N VAL A 236 4.25 -45.94 58.70
CA VAL A 236 5.62 -46.36 59.00
C VAL A 236 6.30 -45.37 59.92
N GLY A 237 7.42 -45.76 60.51
CA GLY A 237 8.09 -44.97 61.52
C GLY A 237 9.45 -45.55 61.87
N ALA A 238 9.99 -45.16 63.03
CA ALA A 238 11.35 -45.53 63.41
C ALA A 238 11.57 -47.03 63.60
N ARG A 239 12.84 -47.45 63.54
CA ARG A 239 13.22 -48.84 63.73
C ARG A 239 13.32 -49.18 65.23
N GLN A 240 12.88 -50.38 65.59
CA GLN A 240 12.89 -50.83 66.99
C GLN A 240 14.08 -51.77 67.25
N THR A 241 14.87 -51.45 68.28
CA THR A 241 16.15 -52.13 68.51
C THR A 241 16.20 -53.26 69.56
N GLY A 242 15.10 -53.52 70.25
CA GLY A 242 15.11 -54.44 71.37
C GLY A 242 15.19 -55.91 71.01
N TRP A 243 15.14 -56.20 69.71
CA TRP A 243 15.02 -57.57 69.23
C TRP A 243 16.29 -58.42 69.32
N THR A 244 16.08 -59.70 69.60
CA THR A 244 17.13 -60.71 69.52
C THR A 244 16.80 -61.60 68.31
N ALA A 245 17.82 -62.09 67.62
CA ALA A 245 17.61 -62.86 66.40
C ALA A 245 16.88 -64.17 66.65
N ALA A 246 15.78 -64.38 65.93
CA ALA A 246 15.10 -65.67 65.95
C ALA A 246 15.88 -66.63 65.07
N THR A 247 16.29 -67.75 65.65
CA THR A 247 17.16 -68.69 64.97
C THR A 247 16.40 -69.92 64.48
N GLY A 248 17.13 -70.89 63.94
CA GLY A 248 16.54 -72.06 63.33
C GLY A 248 16.38 -71.93 61.83
N THR A 249 15.44 -72.68 61.27
CA THR A 249 15.15 -72.65 59.84
C THR A 249 13.82 -71.94 59.59
N ALA A 250 13.77 -71.05 58.59
CA ALA A 250 12.55 -70.30 58.26
C ALA A 250 11.73 -71.02 57.17
N ASN A 251 10.41 -71.04 57.34
CA ASN A 251 9.53 -71.71 56.40
C ASN A 251 8.67 -70.72 55.60
N LYS A 252 9.03 -70.54 54.33
CA LYS A 252 8.32 -69.64 53.44
C LYS A 252 7.35 -70.40 52.54
N GLY A 253 7.31 -71.72 52.69
CA GLY A 253 6.56 -72.58 51.80
C GLY A 253 5.09 -72.67 52.17
N VAL A 254 4.47 -73.80 51.81
CA VAL A 254 3.05 -74.01 52.06
C VAL A 254 2.75 -73.98 53.56
N PHE A 255 1.73 -73.22 53.94
CA PHE A 255 1.33 -73.14 55.35
C PHE A 255 -0.12 -73.58 55.51
N ASP A 256 -0.34 -74.55 56.38
CA ASP A 256 -1.61 -75.30 56.41
C ASP A 256 -2.86 -74.44 56.60
N ALA A 257 -3.79 -74.59 55.67
CA ALA A 257 -5.05 -73.88 55.72
C ALA A 257 -5.98 -74.63 56.66
N ASP A 258 -6.39 -73.94 57.73
CA ASP A 258 -7.32 -74.49 58.71
C ASP A 258 -6.93 -75.90 59.14
N LEU A 259 -5.64 -76.14 59.35
CA LEU A 259 -5.21 -77.46 59.80
C LEU A 259 -5.84 -77.76 61.15
N THR A 260 -6.41 -78.96 61.26
CA THR A 260 -7.16 -79.34 62.43
C THR A 260 -6.60 -80.63 63.03
N PHE A 261 -6.94 -80.89 64.29
CA PHE A 261 -6.40 -82.04 65.01
C PHE A 261 -7.52 -82.74 65.77
N ALA A 262 -7.66 -84.05 65.57
CA ALA A 262 -8.74 -84.80 66.20
C ALA A 262 -8.22 -85.60 67.40
N VAL A 263 -8.57 -85.13 68.60
CA VAL A 263 -7.98 -85.67 69.83
C VAL A 263 -8.77 -86.86 70.40
N SER A 264 -8.05 -87.81 70.96
CA SER A 264 -8.62 -89.06 71.46
C SER A 264 -8.60 -89.12 72.98
N ASP A 265 -9.55 -89.85 73.55
CA ASP A 265 -9.69 -90.00 75.00
C ASP A 265 -8.49 -90.71 75.64
N THR A 266 -7.83 -91.54 74.84
CA THR A 266 -6.67 -92.30 75.30
C THR A 266 -5.42 -91.80 74.57
N TYR A 267 -4.27 -91.87 75.25
CA TYR A 267 -3.05 -91.29 74.72
C TYR A 267 -2.72 -91.84 73.33
N THR A 268 -2.53 -90.92 72.39
CA THR A 268 -2.14 -91.28 71.03
C THR A 268 -0.80 -90.60 70.74
N GLN A 269 0.16 -91.37 70.27
CA GLN A 269 1.46 -90.83 69.92
C GLN A 269 1.34 -90.02 68.64
N SER A 270 0.68 -90.61 67.64
CA SER A 270 0.52 -89.98 66.33
C SER A 270 -0.27 -88.67 66.40
N GLU A 271 -1.19 -88.60 67.36
CA GLU A 271 -2.02 -87.41 67.56
C GLU A 271 -1.22 -86.31 68.25
N ILE A 272 -0.34 -86.70 69.17
CA ILE A 272 0.55 -85.74 69.82
C ILE A 272 1.74 -85.43 68.90
N GLN A 273 2.11 -86.37 68.04
CA GLN A 273 3.19 -86.16 67.07
C GLN A 273 2.85 -85.08 66.05
N ALA A 274 1.57 -84.97 65.71
CA ALA A 274 1.10 -83.98 64.73
C ALA A 274 1.02 -82.58 65.34
N ILE A 275 0.73 -82.51 66.64
CA ILE A 275 0.62 -81.24 67.35
C ILE A 275 1.98 -80.58 67.57
N ALA A 276 3.00 -81.38 67.86
CA ALA A 276 4.37 -80.85 67.96
C ALA A 276 4.90 -80.40 66.59
N ASN A 277 4.54 -81.15 65.55
CA ASN A 277 4.98 -80.83 64.19
C ASN A 277 4.35 -79.55 63.63
N ALA A 278 3.12 -79.27 64.03
CA ALA A 278 2.46 -78.04 63.64
C ALA A 278 2.86 -76.90 64.57
N LEU A 279 3.55 -77.26 65.65
CA LEU A 279 4.21 -76.26 66.49
C LEU A 279 5.56 -75.88 65.89
N ILE A 280 6.24 -76.85 65.28
CA ILE A 280 7.53 -76.61 64.63
C ILE A 280 7.40 -75.66 63.44
N THR A 281 6.54 -76.03 62.49
CA THR A 281 6.38 -75.29 61.25
C THR A 281 5.95 -73.85 61.48
N GLU A 282 5.02 -73.66 62.42
CA GLU A 282 4.49 -72.33 62.70
C GLU A 282 5.47 -71.51 63.55
N ARG A 283 6.45 -72.18 64.15
CA ARG A 283 7.58 -71.50 64.77
C ARG A 283 8.59 -71.10 63.71
N ARG A 284 8.58 -71.82 62.59
CA ARG A 284 9.45 -71.50 61.45
C ARG A 284 8.82 -70.42 60.59
N ARG A 285 7.51 -70.27 60.71
CA ARG A 285 6.77 -69.24 59.98
C ARG A 285 6.91 -67.89 60.67
N THR A 286 6.95 -67.91 61.99
CA THR A 286 7.08 -66.71 62.80
C THR A 286 8.52 -66.22 62.79
N LYS A 287 9.44 -67.15 62.53
CA LYS A 287 10.85 -66.82 62.36
C LYS A 287 11.09 -66.16 61.00
N ALA A 288 10.28 -66.51 60.01
CA ALA A 288 10.43 -66.00 58.66
C ALA A 288 9.90 -64.58 58.46
N LEU A 289 8.77 -64.28 59.10
CA LEU A 289 8.16 -62.95 59.03
C LEU A 289 9.11 -61.92 59.64
N GLU A 290 9.77 -62.33 60.72
CA GLU A 290 10.73 -61.51 61.45
C GLU A 290 12.07 -61.43 60.73
N ASP A 291 12.48 -62.54 60.12
CA ASP A 291 13.71 -62.56 59.33
C ASP A 291 13.56 -61.68 58.08
N ALA A 292 12.35 -61.60 57.55
CA ALA A 292 12.06 -60.71 56.43
C ALA A 292 11.90 -59.27 56.92
N LEU A 293 11.43 -59.13 58.16
CA LEU A 293 11.27 -57.82 58.79
C LEU A 293 12.60 -57.18 59.10
N ARG A 294 13.59 -58.02 59.41
CA ARG A 294 14.94 -57.55 59.73
C ARG A 294 15.73 -57.36 58.45
N ALA A 295 15.18 -57.86 57.35
CA ALA A 295 15.77 -57.64 56.04
C ALA A 295 15.40 -56.26 55.52
N HIS A 296 14.15 -55.88 55.73
CA HIS A 296 13.68 -54.53 55.41
C HIS A 296 14.30 -53.52 56.37
N GLY A 297 14.38 -53.89 57.64
CA GLY A 297 14.92 -53.02 58.66
C GLY A 297 13.87 -52.40 59.57
N LEU A 298 12.63 -52.86 59.45
CA LEU A 298 11.56 -52.35 60.31
C LEU A 298 11.86 -52.65 61.78
N ILE A 299 12.64 -53.70 62.01
CA ILE A 299 13.08 -54.07 63.35
C ILE A 299 14.59 -54.34 63.40
N ASP A 300 15.11 -54.44 64.61
CA ASP A 300 16.53 -54.71 64.85
C ASP A 300 17.00 -55.94 64.10
N MET B 12 25.37 138.62 -52.19
CA MET B 12 25.92 139.97 -52.11
C MET B 12 26.45 140.41 -53.47
N ALA B 13 25.56 140.48 -54.45
CA ALA B 13 25.95 140.85 -55.81
C ALA B 13 25.41 142.23 -56.19
N ASP B 14 26.23 143.01 -56.87
CA ASP B 14 25.84 144.36 -57.28
C ASP B 14 25.35 144.34 -58.72
N PRO B 15 24.03 144.42 -58.92
CA PRO B 15 23.39 144.40 -60.25
C PRO B 15 23.76 145.64 -61.05
N SER B 16 24.34 146.62 -60.36
CA SER B 16 24.85 147.83 -60.99
C SER B 16 25.86 147.52 -62.07
N LEU B 17 26.42 146.32 -62.05
CA LEU B 17 27.33 145.89 -63.10
C LEU B 17 26.61 145.11 -64.19
N ASN B 18 25.31 144.91 -64.02
CA ASN B 18 24.51 144.36 -65.12
C ASN B 18 23.76 145.39 -65.98
N ASN B 19 24.02 146.68 -65.75
CA ASN B 19 23.49 147.71 -66.66
C ASN B 19 24.66 148.48 -67.29
N PRO B 20 24.56 148.78 -68.61
CA PRO B 20 25.60 149.40 -69.45
C PRO B 20 25.51 150.92 -69.59
N VAL B 21 26.38 151.50 -70.41
CA VAL B 21 26.25 152.89 -70.83
C VAL B 21 25.26 152.93 -71.98
N VAL B 22 24.57 154.05 -72.09
CA VAL B 22 23.94 154.38 -73.34
C VAL B 22 24.87 155.39 -74.00
N ILE B 23 25.24 155.13 -75.25
CA ILE B 23 26.11 156.02 -76.00
C ILE B 23 25.35 156.59 -77.17
N GLN B 24 25.81 157.73 -77.69
CA GLN B 24 25.19 158.36 -78.85
C GLN B 24 25.15 157.42 -80.05
N ALA B 25 24.01 157.40 -80.73
CA ALA B 25 23.83 156.53 -81.89
C ALA B 25 24.70 156.98 -83.06
N THR B 26 24.80 158.29 -83.25
CA THR B 26 25.51 158.86 -84.40
C THR B 26 27.01 158.73 -84.20
N ARG B 27 27.69 158.02 -85.09
CA ARG B 27 29.15 158.06 -85.06
C ARG B 27 29.72 158.61 -86.36
N LEU B 28 30.15 159.87 -86.31
CA LEU B 28 31.02 160.49 -87.32
C LEU B 28 30.74 160.18 -88.80
N ASP B 29 29.50 160.39 -89.22
CA ASP B 29 29.06 160.07 -90.58
C ASP B 29 29.91 160.73 -91.67
N ALA B 30 30.67 161.76 -91.31
CA ALA B 30 31.46 162.57 -92.23
C ALA B 30 30.59 163.46 -93.13
N SER B 31 29.27 163.31 -92.97
CA SER B 31 28.32 164.24 -93.55
C SER B 31 28.39 165.51 -92.71
N ILE B 32 28.81 165.34 -91.46
CA ILE B 32 28.91 166.44 -90.51
C ILE B 32 30.31 167.04 -90.37
N LEU B 33 31.28 166.52 -91.13
CA LEU B 33 32.68 166.92 -90.93
C LEU B 33 33.13 168.17 -91.67
N PRO B 34 33.98 168.99 -91.03
CA PRO B 34 34.57 170.20 -91.60
C PRO B 34 35.21 169.90 -92.94
N ARG B 35 34.91 170.75 -93.92
CA ARG B 35 35.21 170.44 -95.31
C ARG B 35 36.70 170.55 -95.64
N ASN B 36 37.26 171.75 -95.66
CA ASN B 36 38.71 171.89 -95.88
C ASN B 36 39.55 172.11 -94.62
N VAL B 37 38.89 172.17 -93.46
CA VAL B 37 39.57 172.45 -92.20
C VAL B 37 40.51 171.32 -91.76
N PHE B 38 40.02 170.08 -91.87
CA PHE B 38 40.79 168.92 -91.42
C PHE B 38 41.69 168.36 -92.53
N SER B 39 42.93 168.06 -92.17
CA SER B 39 43.82 167.30 -93.05
C SER B 39 43.50 165.82 -92.91
N LYS B 40 43.70 165.06 -93.99
CA LYS B 40 43.43 163.62 -93.98
C LYS B 40 44.21 162.91 -92.87
N SER B 41 45.35 163.47 -92.49
CA SER B 41 46.08 163.03 -91.30
C SER B 41 45.13 163.07 -90.10
N TYR B 42 44.42 164.18 -89.96
CA TYR B 42 43.50 164.39 -88.85
C TYR B 42 42.08 163.94 -89.19
N LEU B 43 41.83 163.63 -90.46
CA LEU B 43 40.50 163.21 -90.88
C LEU B 43 40.23 161.74 -90.55
N LEU B 44 41.28 160.93 -90.59
CA LEU B 44 41.17 159.52 -90.26
C LEU B 44 41.08 159.34 -88.74
N TYR B 45 41.97 160.02 -88.03
CA TYR B 45 42.03 159.95 -86.56
C TYR B 45 40.66 160.22 -85.94
N VAL B 46 40.07 161.35 -86.30
CA VAL B 46 38.77 161.76 -85.79
C VAL B 46 37.69 160.70 -86.06
N ILE B 47 37.69 160.16 -87.27
CA ILE B 47 36.75 159.11 -87.66
C ILE B 47 36.95 157.81 -86.87
N ALA B 48 38.19 157.32 -86.82
CA ALA B 48 38.50 156.10 -86.10
C ALA B 48 38.30 156.26 -84.59
N GLN B 49 38.51 157.48 -84.10
CA GLN B 49 38.32 157.78 -82.67
C GLN B 49 36.86 157.68 -82.27
N GLY B 50 35.95 157.72 -83.24
CA GLY B 50 34.54 157.54 -82.97
C GLY B 50 34.17 156.07 -82.91
N THR B 51 34.90 155.26 -83.69
CA THR B 51 34.69 153.81 -83.70
C THR B 51 35.34 153.11 -82.51
N ASP B 52 36.45 153.65 -82.01
CA ASP B 52 37.12 153.05 -80.86
C ASP B 52 36.42 153.37 -79.54
N VAL B 53 36.02 154.63 -79.36
CA VAL B 53 35.34 155.08 -78.15
C VAL B 53 34.07 154.26 -77.91
N GLY B 54 33.25 154.14 -78.96
CA GLY B 54 32.02 153.36 -78.87
C GLY B 54 32.27 151.88 -78.69
N ALA B 55 33.47 151.43 -79.04
CA ALA B 55 33.86 150.03 -78.86
C ALA B 55 34.26 149.76 -77.41
N ILE B 56 35.03 150.68 -76.82
CA ILE B 56 35.52 150.53 -75.46
C ILE B 56 34.36 150.42 -74.48
N ALA B 57 33.28 151.14 -74.79
CA ALA B 57 32.04 151.08 -74.03
C ALA B 57 31.51 149.65 -73.97
N GLY B 58 31.08 149.13 -75.12
CA GLY B 58 30.44 147.84 -75.22
C GLY B 58 31.30 146.67 -74.76
N LYS B 59 32.58 146.92 -74.53
CA LYS B 59 33.44 145.97 -73.84
C LYS B 59 33.35 146.16 -72.33
N ALA B 60 33.71 147.36 -71.86
CA ALA B 60 33.66 147.69 -70.44
C ALA B 60 32.29 147.37 -69.84
N ASN B 61 31.27 147.46 -70.69
CA ASN B 61 29.94 147.01 -70.33
C ASN B 61 29.92 145.51 -70.07
N GLU B 62 30.58 144.74 -70.93
CA GLU B 62 30.67 143.30 -70.75
C GLU B 62 31.96 142.87 -70.04
N ALA B 63 32.82 143.84 -69.74
CA ALA B 63 33.97 143.59 -68.89
C ALA B 63 33.55 143.68 -67.42
N GLY B 64 32.42 144.34 -67.18
CA GLY B 64 31.81 144.37 -65.86
C GLY B 64 30.63 143.43 -65.76
N GLN B 65 30.13 142.98 -66.91
CA GLN B 65 29.08 141.98 -66.98
C GLN B 65 29.68 140.64 -66.57
N GLY B 66 30.95 140.45 -66.92
CA GLY B 66 31.68 139.27 -66.54
C GLY B 66 31.97 139.26 -65.04
N ALA B 67 32.43 140.38 -64.52
CA ALA B 67 32.72 140.50 -63.10
C ALA B 67 31.48 140.23 -62.27
N TYR B 68 30.36 140.87 -62.63
CA TYR B 68 29.08 140.62 -61.98
C TYR B 68 28.66 139.17 -62.12
N ASP B 69 29.02 138.54 -63.23
CA ASP B 69 28.75 137.12 -63.44
C ASP B 69 29.81 136.26 -62.75
N ALA B 70 30.96 136.86 -62.46
CA ALA B 70 32.00 136.19 -61.69
C ALA B 70 31.76 136.46 -60.21
N GLN B 71 30.67 137.17 -59.93
CA GLN B 71 30.25 137.47 -58.56
C GLN B 71 29.03 136.63 -58.17
N VAL B 72 27.94 136.81 -58.92
CA VAL B 72 26.72 136.02 -58.73
C VAL B 72 26.98 134.52 -58.66
N LYS B 73 27.93 134.02 -59.44
CA LYS B 73 28.31 132.61 -59.35
C LYS B 73 29.00 132.33 -58.03
N ASN B 74 29.87 133.23 -57.60
CA ASN B 74 30.52 133.13 -56.30
C ASN B 74 29.52 133.21 -55.16
N ASP B 75 28.39 133.87 -55.40
CA ASP B 75 27.28 133.87 -54.45
C ASP B 75 26.69 132.47 -54.34
N GLU B 76 26.42 131.84 -55.48
CA GLU B 76 25.91 130.47 -55.51
C GLU B 76 26.97 129.50 -55.03
N GLN B 77 28.22 129.96 -55.06
CA GLN B 77 29.31 129.15 -54.54
C GLN B 77 29.36 129.19 -53.02
N ASP B 78 28.92 130.29 -52.43
CA ASP B 78 28.91 130.42 -50.97
C ASP B 78 27.72 129.72 -50.30
N VAL B 79 26.67 129.45 -51.07
CA VAL B 79 25.49 128.79 -50.53
C VAL B 79 25.64 127.27 -50.43
N GLU B 80 26.39 126.68 -51.37
CA GLU B 80 26.64 125.24 -51.35
C GLU B 80 27.77 124.88 -50.38
N LEU B 81 28.63 125.84 -50.08
CA LEU B 81 29.69 125.64 -49.10
C LEU B 81 29.12 125.58 -47.70
N ALA B 82 28.02 126.31 -47.50
CA ALA B 82 27.33 126.33 -46.22
C ALA B 82 26.78 124.94 -45.93
N ASP B 83 26.28 124.28 -46.98
CA ASP B 83 25.76 122.93 -46.88
C ASP B 83 26.92 121.94 -46.84
N HIS B 84 28.09 122.37 -47.28
CA HIS B 84 29.26 121.50 -47.29
C HIS B 84 29.88 121.34 -45.89
N GLU B 85 29.85 122.41 -45.11
CA GLU B 85 30.36 122.38 -43.74
C GLU B 85 29.35 121.75 -42.77
N ALA B 86 28.07 122.09 -42.95
CA ALA B 86 27.02 121.61 -42.06
C ALA B 86 26.80 120.10 -42.15
N ARG B 87 27.30 119.50 -43.23
CA ARG B 87 27.27 118.05 -43.39
C ARG B 87 28.48 117.41 -42.71
N ILE B 88 29.67 117.77 -43.17
CA ILE B 88 30.92 117.24 -42.63
C ILE B 88 31.04 117.36 -41.11
N LYS B 89 30.47 118.42 -40.52
CA LYS B 89 30.46 118.57 -39.06
C LYS B 89 29.69 117.42 -38.44
N GLN B 90 28.56 117.09 -39.05
CA GLN B 90 27.70 116.01 -38.59
C GLN B 90 28.39 114.68 -38.88
N LEU B 91 29.16 114.66 -39.96
CA LEU B 91 29.84 113.45 -40.40
C LEU B 91 30.84 112.93 -39.37
N ARG B 92 31.60 113.83 -38.76
CA ARG B 92 32.52 113.45 -37.69
C ARG B 92 31.80 113.38 -36.35
N ILE B 93 30.63 114.00 -36.30
CA ILE B 93 29.80 113.99 -35.08
C ILE B 93 29.24 112.59 -34.85
N ASP B 94 28.85 111.92 -35.93
CA ASP B 94 28.41 110.54 -35.84
C ASP B 94 29.55 109.52 -36.03
N VAL B 95 30.69 109.97 -36.56
CA VAL B 95 31.85 109.08 -36.74
C VAL B 95 32.64 108.90 -35.45
N ASP B 96 32.79 109.99 -34.70
CA ASP B 96 33.49 109.95 -33.43
C ASP B 96 32.75 109.05 -32.45
N ASP B 97 31.44 109.00 -32.58
CA ASP B 97 30.60 108.14 -31.75
C ASP B 97 30.80 106.68 -32.14
N HIS B 98 31.08 106.44 -33.43
CA HIS B 98 31.31 105.10 -33.95
C HIS B 98 32.54 104.45 -33.32
N GLU B 99 33.68 105.12 -33.44
CA GLU B 99 34.93 104.53 -32.98
C GLU B 99 34.96 104.40 -31.46
N SER B 100 34.05 105.09 -30.79
CA SER B 100 33.78 104.85 -29.38
C SER B 100 32.90 103.62 -29.22
N ARG B 101 31.95 103.46 -30.15
CA ARG B 101 31.02 102.33 -30.09
C ARG B 101 31.52 101.07 -30.79
N ILE B 102 32.52 101.22 -31.66
CA ILE B 102 33.17 100.05 -32.27
C ILE B 102 34.23 99.45 -31.36
N THR B 103 35.03 100.32 -30.75
CA THR B 103 36.07 99.86 -29.84
C THR B 103 35.44 99.27 -28.58
N ALA B 104 34.16 99.57 -28.38
CA ALA B 104 33.36 98.92 -27.35
C ALA B 104 32.88 97.56 -27.86
N ASN B 105 32.53 97.50 -29.15
CA ASN B 105 32.13 96.26 -29.79
C ASN B 105 33.28 95.25 -29.88
N THR B 106 34.47 95.76 -30.18
CA THR B 106 35.65 94.92 -30.40
C THR B 106 36.28 94.40 -29.10
N LYS B 107 36.40 95.26 -28.10
CA LYS B 107 37.00 94.84 -26.82
C LYS B 107 36.05 93.96 -26.02
N ALA B 108 34.75 94.09 -26.27
CA ALA B 108 33.77 93.23 -25.60
C ALA B 108 33.66 91.88 -26.27
N ILE B 109 34.12 91.80 -27.52
CA ILE B 109 34.16 90.54 -28.25
C ILE B 109 35.22 89.64 -27.63
N THR B 110 36.29 90.26 -27.14
CA THR B 110 37.44 89.55 -26.59
C THR B 110 37.21 89.08 -25.16
N ALA B 111 36.32 89.77 -24.46
CA ALA B 111 36.01 89.43 -23.07
C ALA B 111 35.07 88.23 -22.99
N LEU B 112 34.23 88.08 -24.01
CA LEU B 112 33.28 86.98 -24.08
C LEU B 112 33.90 85.67 -24.54
N ASN B 113 34.97 85.75 -25.33
CA ASN B 113 35.62 84.56 -25.83
C ASN B 113 36.31 83.82 -24.70
N VAL B 114 37.15 84.55 -23.96
CA VAL B 114 37.95 84.01 -22.87
C VAL B 114 37.12 83.39 -21.75
N ARG B 115 35.86 83.80 -21.65
CA ARG B 115 34.93 83.13 -20.76
C ARG B 115 34.44 81.84 -21.41
N VAL B 116 34.22 81.91 -22.73
CA VAL B 116 33.73 80.76 -23.49
C VAL B 116 34.79 79.66 -23.62
N THR B 117 36.04 80.06 -23.90
CA THR B 117 37.14 79.10 -24.02
C THR B 117 37.31 78.32 -22.72
N THR B 118 37.29 79.04 -21.61
CA THR B 118 37.33 78.43 -20.29
C THR B 118 36.11 77.54 -20.10
N ALA B 119 34.94 78.05 -20.45
CA ALA B 119 33.69 77.34 -20.23
C ALA B 119 33.61 76.02 -21.01
N GLU B 120 34.17 75.98 -22.20
CA GLU B 120 34.12 74.78 -23.03
C GLU B 120 35.07 73.69 -22.56
N GLY B 121 36.13 74.08 -21.85
CA GLY B 121 37.11 73.14 -21.36
C GLY B 121 36.80 72.57 -19.99
N GLU B 122 35.95 73.26 -19.23
CA GLU B 122 35.55 72.78 -17.92
C GLU B 122 34.30 71.90 -18.03
N ILE B 123 33.66 71.96 -19.21
CA ILE B 123 32.59 71.04 -19.59
C ILE B 123 33.19 69.75 -20.11
N ALA B 124 34.25 69.88 -20.90
CA ALA B 124 34.91 68.73 -21.51
C ALA B 124 35.53 67.85 -20.42
N SER B 125 35.91 68.47 -19.32
CA SER B 125 36.36 67.73 -18.15
C SER B 125 35.16 67.25 -17.35
N LEU B 126 34.02 67.91 -17.54
CA LEU B 126 32.79 67.54 -16.85
C LEU B 126 32.15 66.33 -17.53
N GLN B 127 32.39 66.21 -18.83
CA GLN B 127 31.86 65.08 -19.60
C GLN B 127 32.74 63.82 -19.54
N THR B 128 34.02 63.99 -19.22
CA THR B 128 34.92 62.84 -19.08
C THR B 128 34.87 62.29 -17.66
N ASN B 129 34.37 63.09 -16.73
CA ASN B 129 34.10 62.65 -15.37
C ASN B 129 32.77 61.91 -15.26
N VAL B 130 31.79 62.37 -16.02
CA VAL B 130 30.44 61.82 -15.97
C VAL B 130 30.27 60.59 -16.86
N SER B 131 31.20 60.40 -17.78
CA SER B 131 31.22 59.20 -18.61
C SER B 131 31.78 58.02 -17.82
N ALA B 132 32.57 58.34 -16.80
CA ALA B 132 33.11 57.33 -15.90
C ALA B 132 32.18 57.07 -14.72
N LEU B 133 31.21 57.97 -14.52
CA LEU B 133 30.20 57.83 -13.49
C LEU B 133 29.18 56.80 -13.94
N ASP B 134 28.75 56.98 -15.19
CA ASP B 134 27.78 56.11 -15.83
C ASP B 134 28.17 54.64 -15.75
N GLY B 135 29.49 54.38 -15.77
CA GLY B 135 30.01 53.03 -15.67
C GLY B 135 30.33 52.61 -14.25
N ARG B 136 30.45 53.57 -13.34
CA ARG B 136 30.62 53.28 -11.92
C ARG B 136 29.26 52.94 -11.30
N VAL B 137 28.22 53.60 -11.81
CA VAL B 137 26.86 53.32 -11.39
C VAL B 137 26.42 51.96 -11.89
N THR B 138 26.82 51.64 -13.12
CA THR B 138 26.42 50.40 -13.79
C THR B 138 27.11 49.15 -13.23
N THR B 139 28.39 49.29 -12.86
CA THR B 139 29.11 48.20 -12.23
C THR B 139 28.51 47.91 -10.86
N ALA B 140 28.20 48.98 -10.13
CA ALA B 140 27.53 48.87 -8.84
C ALA B 140 26.09 48.42 -9.02
N GLU B 141 25.52 48.70 -10.19
CA GLU B 141 24.20 48.18 -10.55
C GLU B 141 24.24 46.68 -10.72
N ASN B 142 25.35 46.19 -11.27
CA ASN B 142 25.52 44.77 -11.56
C ASN B 142 25.89 43.92 -10.35
N ASN B 143 26.64 44.51 -9.41
CA ASN B 143 27.01 43.80 -8.19
C ASN B 143 25.89 43.80 -7.15
N ILE B 144 24.86 44.61 -7.37
CA ILE B 144 23.73 44.71 -6.45
C ILE B 144 22.69 43.58 -6.58
N SER B 145 22.24 43.30 -7.81
CA SER B 145 21.27 42.25 -8.05
C SER B 145 21.92 40.87 -7.95
N ALA B 146 23.24 40.84 -8.11
CA ALA B 146 24.00 39.63 -7.86
C ALA B 146 23.95 39.33 -6.36
N LEU B 147 23.88 40.39 -5.56
CA LEU B 147 23.68 40.30 -4.11
C LEU B 147 22.21 40.07 -3.77
N GLN B 148 21.32 40.69 -4.55
CA GLN B 148 19.88 40.57 -4.34
C GLN B 148 19.41 39.13 -4.51
N ALA B 149 19.98 38.44 -5.49
CA ALA B 149 19.65 37.05 -5.77
C ALA B 149 20.35 36.11 -4.79
N ASP B 150 21.58 36.47 -4.42
CA ASP B 150 22.34 35.69 -3.47
C ASP B 150 21.66 35.75 -2.10
N VAL B 151 21.07 36.89 -1.80
CA VAL B 151 20.34 37.06 -0.54
C VAL B 151 18.98 36.37 -0.60
N ASP B 152 18.35 36.36 -1.78
CA ASP B 152 17.14 35.59 -1.99
C ASP B 152 17.43 34.09 -1.86
N ASP B 153 18.64 33.70 -2.24
CA ASP B 153 19.11 32.33 -2.07
C ASP B 153 19.48 32.08 -0.62
N HIS B 154 19.89 33.14 0.08
CA HIS B 154 20.29 33.04 1.48
C HIS B 154 19.11 32.95 2.43
N GLU B 155 17.97 33.50 2.01
CA GLU B 155 16.78 33.46 2.83
C GLU B 155 16.17 32.05 2.85
N SER B 156 16.06 31.45 1.66
CA SER B 156 15.57 30.08 1.53
C SER B 156 16.39 29.12 2.38
N ARG B 157 17.70 29.22 2.24
CA ARG B 157 18.62 28.30 2.91
C ARG B 157 18.57 28.39 4.44
N ILE B 158 18.38 29.60 4.96
CA ILE B 158 18.29 29.80 6.41
C ILE B 158 16.98 29.25 6.99
N THR B 159 15.86 29.56 6.33
CA THR B 159 14.56 29.03 6.72
C THR B 159 14.56 27.50 6.65
N ALA B 160 15.24 26.96 5.65
CA ALA B 160 15.42 25.52 5.53
C ALA B 160 16.29 25.02 6.68
N ASN B 161 17.28 25.83 7.06
CA ASN B 161 18.17 25.48 8.15
C ASN B 161 17.52 25.52 9.53
N THR B 162 16.55 26.43 9.72
CA THR B 162 15.88 26.59 11.01
C THR B 162 14.59 25.81 11.13
N LYS B 163 14.15 25.19 10.04
CA LYS B 163 13.06 24.22 10.13
C LYS B 163 13.72 22.86 10.34
N ALA B 164 15.03 22.81 10.12
CA ALA B 164 15.81 21.61 10.34
C ALA B 164 16.05 21.38 11.83
N ILE B 165 16.52 22.42 12.53
CA ILE B 165 16.83 22.31 13.95
C ILE B 165 15.60 22.38 14.88
N THR B 166 14.54 23.05 14.44
CA THR B 166 13.31 23.05 15.22
C THR B 166 12.74 21.63 15.26
N ALA B 167 12.82 20.94 14.14
CA ALA B 167 12.40 19.54 14.03
C ALA B 167 13.50 18.60 14.51
N LEU B 168 14.72 19.10 14.58
CA LEU B 168 15.82 18.38 15.22
C LEU B 168 15.62 18.47 16.73
N ASN B 169 15.07 19.59 17.19
CA ASN B 169 14.81 19.80 18.62
C ASN B 169 13.64 18.97 19.15
N VAL B 170 12.64 18.78 18.30
CA VAL B 170 11.46 18.02 18.70
C VAL B 170 11.79 16.54 18.82
N ARG B 171 12.79 16.09 18.07
CA ARG B 171 13.21 14.69 18.08
C ARG B 171 14.12 14.34 19.25
N VAL B 172 14.98 15.27 19.65
CA VAL B 172 15.97 15.00 20.70
C VAL B 172 15.36 15.02 22.10
N THR B 173 14.36 15.89 22.30
CA THR B 173 13.62 15.93 23.55
C THR B 173 12.77 14.68 23.72
N THR B 174 12.03 14.32 22.67
CA THR B 174 11.25 13.09 22.63
C THR B 174 12.18 11.89 22.83
N ALA B 175 13.42 12.03 22.37
CA ALA B 175 14.43 11.00 22.58
C ALA B 175 15.07 11.06 23.97
N GLU B 176 15.36 12.26 24.45
CA GLU B 176 15.98 12.43 25.78
C GLU B 176 15.11 11.87 26.91
N GLY B 177 13.80 11.94 26.74
CA GLY B 177 12.87 11.40 27.73
C GLY B 177 12.62 9.93 27.52
N GLU B 178 12.85 9.48 26.29
CA GLU B 178 12.69 8.07 25.95
C GLU B 178 13.82 7.23 26.54
N ILE B 179 15.02 7.79 26.58
CA ILE B 179 16.18 7.12 27.19
C ILE B 179 15.98 6.97 28.70
N ALA B 180 15.48 8.03 29.33
CA ALA B 180 15.35 8.07 30.79
C ALA B 180 14.32 7.09 31.35
N SER B 181 13.15 6.99 30.70
CA SER B 181 12.14 6.03 31.11
C SER B 181 12.70 4.64 30.85
N LEU B 182 13.48 4.54 29.78
CA LEU B 182 14.19 3.32 29.43
C LEU B 182 15.32 3.08 30.41
N GLN B 183 15.84 4.17 30.98
CA GLN B 183 16.93 4.09 31.96
C GLN B 183 16.46 3.62 33.34
N THR B 184 15.16 3.75 33.58
CA THR B 184 14.57 3.20 34.80
C THR B 184 14.25 1.74 34.56
N ASN B 185 13.39 1.49 33.57
CA ASN B 185 12.87 0.17 33.26
C ASN B 185 13.93 -0.92 33.03
N VAL B 186 15.17 -0.53 32.75
CA VAL B 186 16.27 -1.49 32.67
C VAL B 186 16.80 -1.90 34.06
N SER B 187 16.93 -0.92 34.97
CA SER B 187 17.44 -1.21 36.32
C SER B 187 16.33 -1.66 37.26
N ALA B 188 15.09 -1.46 36.85
CA ALA B 188 13.95 -2.04 37.55
C ALA B 188 13.92 -3.51 37.17
N LEU B 189 14.13 -3.78 35.88
CA LEU B 189 14.25 -5.13 35.37
C LEU B 189 15.44 -5.83 36.01
N ASP B 190 16.51 -5.08 36.22
CA ASP B 190 17.69 -5.60 36.90
C ASP B 190 17.36 -6.09 38.32
N GLY B 191 16.47 -5.38 39.01
CA GLY B 191 16.04 -5.78 40.33
C GLY B 191 15.23 -7.08 40.34
N ARG B 192 14.14 -7.09 39.59
CA ARG B 192 13.23 -8.24 39.54
C ARG B 192 13.92 -9.53 39.10
N VAL B 193 14.97 -9.39 38.30
CA VAL B 193 15.74 -10.54 37.84
C VAL B 193 16.61 -11.05 38.97
N THR B 194 17.23 -10.12 39.69
CA THR B 194 18.03 -10.47 40.86
C THR B 194 17.18 -11.09 41.98
N THR B 195 15.94 -10.65 42.13
CA THR B 195 15.06 -11.25 43.13
C THR B 195 14.77 -12.68 42.70
N ALA B 196 14.36 -12.83 41.45
CA ALA B 196 14.09 -14.14 40.87
C ALA B 196 15.29 -15.09 40.94
N GLU B 197 16.43 -14.67 40.38
CA GLU B 197 17.59 -15.56 40.31
C GLU B 197 18.20 -15.90 41.68
N ASN B 198 17.84 -15.13 42.70
CA ASN B 198 18.20 -15.48 44.08
C ASN B 198 17.26 -16.54 44.65
N ASN B 199 15.97 -16.43 44.35
CA ASN B 199 15.01 -17.46 44.76
C ASN B 199 15.23 -18.74 43.94
N ILE B 200 15.83 -18.60 42.77
CA ILE B 200 16.15 -19.75 41.92
C ILE B 200 17.20 -20.65 42.56
N SER B 201 18.29 -20.03 43.02
CA SER B 201 19.39 -20.79 43.61
C SER B 201 18.99 -21.42 44.95
N ALA B 202 17.92 -20.92 45.56
CA ALA B 202 17.38 -21.53 46.76
C ALA B 202 16.77 -22.88 46.40
N LEU B 203 15.97 -22.87 45.33
CA LEU B 203 15.36 -24.08 44.79
C LEU B 203 16.42 -25.05 44.28
N GLN B 204 17.63 -24.54 44.03
CA GLN B 204 18.71 -25.36 43.51
C GLN B 204 19.34 -26.29 44.55
N ALA B 205 19.53 -25.76 45.76
CA ALA B 205 20.19 -26.51 46.82
C ALA B 205 19.23 -27.23 47.76
N ASP B 206 17.94 -27.16 47.47
CA ASP B 206 16.90 -27.63 48.40
C ASP B 206 15.91 -28.66 47.85
N TYR B 207 15.27 -28.34 46.72
CA TYR B 207 14.22 -29.17 46.13
C TYR B 207 14.65 -30.63 45.97
N VAL B 208 13.68 -31.55 46.05
CA VAL B 208 14.00 -32.96 45.90
C VAL B 208 13.91 -33.46 44.46
N SER B 209 15.01 -34.05 44.00
CA SER B 209 15.16 -34.48 42.61
C SER B 209 14.53 -35.84 42.28
N LYS B 210 14.09 -35.97 41.03
CA LYS B 210 13.70 -37.26 40.48
C LYS B 210 14.96 -38.02 40.05
N THR B 211 15.90 -37.29 39.46
CA THR B 211 17.10 -37.88 38.86
C THR B 211 18.36 -37.89 39.74
N ALA B 212 18.26 -37.45 41.00
CA ALA B 212 19.41 -37.48 41.90
C ALA B 212 19.94 -38.91 42.09
N THR B 213 21.25 -39.01 42.30
CA THR B 213 21.90 -40.31 42.51
C THR B 213 22.10 -40.57 44.01
N THR B 214 22.87 -39.70 44.65
CA THR B 214 23.16 -39.79 46.08
C THR B 214 21.88 -39.79 46.93
N SER B 215 21.91 -40.53 48.03
CA SER B 215 20.76 -40.64 48.94
C SER B 215 20.31 -39.28 49.46
N GLN B 216 19.00 -39.07 49.49
CA GLN B 216 18.45 -37.76 49.82
C GLN B 216 18.12 -37.62 51.30
N SER B 217 17.45 -36.52 51.64
CA SER B 217 16.99 -36.31 53.00
C SER B 217 15.81 -35.35 53.07
N LEU B 218 15.04 -35.46 54.15
CA LEU B 218 13.92 -34.59 54.42
C LEU B 218 13.88 -34.37 55.93
N ALA B 219 13.56 -33.15 56.36
CA ALA B 219 13.43 -32.87 57.78
C ALA B 219 11.99 -33.08 58.24
N SER B 220 11.13 -33.49 57.31
CA SER B 220 9.70 -33.65 57.57
C SER B 220 9.26 -35.10 57.50
N PRO B 221 8.18 -35.42 58.22
CA PRO B 221 7.45 -36.65 57.92
C PRO B 221 6.88 -36.59 56.51
N LEU B 222 7.14 -37.60 55.69
CA LEU B 222 6.55 -37.66 54.36
C LEU B 222 5.15 -38.20 54.47
N ASN B 223 4.29 -37.80 53.55
CA ASN B 223 2.98 -38.40 53.41
C ASN B 223 2.62 -38.48 51.94
N VAL B 224 2.16 -39.64 51.47
CA VAL B 224 1.66 -39.74 50.11
C VAL B 224 0.20 -40.20 50.12
N THR B 225 -0.44 -40.21 48.96
CA THR B 225 -1.88 -40.51 48.90
C THR B 225 -2.22 -42.00 48.90
N THR B 226 -1.51 -42.80 48.11
CA THR B 226 -1.91 -44.20 47.92
C THR B 226 -0.84 -45.27 48.19
N SER B 227 0.20 -45.33 47.37
CA SER B 227 1.19 -46.39 47.52
C SER B 227 2.64 -45.92 47.50
N TYR B 228 3.35 -46.14 48.60
CA TYR B 228 4.79 -46.06 48.57
C TYR B 228 5.27 -47.27 47.79
N SER B 229 6.41 -47.15 47.14
CA SER B 229 6.97 -48.27 46.39
C SER B 229 8.49 -48.15 46.37
N VAL B 230 9.16 -49.29 46.22
CA VAL B 230 10.58 -49.28 45.90
C VAL B 230 10.89 -50.41 44.90
N GLY B 231 11.50 -50.04 43.79
CA GLY B 231 11.87 -51.01 42.76
C GLY B 231 10.81 -51.26 41.70
N GLY B 232 9.67 -50.59 41.82
CA GLY B 232 8.59 -50.77 40.87
C GLY B 232 7.38 -51.52 41.40
N LYS B 233 7.50 -52.08 42.59
CA LYS B 233 6.39 -52.80 43.22
C LYS B 233 5.91 -52.12 44.50
N LYS B 234 4.61 -52.14 44.73
CA LYS B 234 4.03 -51.57 45.96
C LYS B 234 4.57 -52.29 47.19
N VAL B 235 5.03 -51.50 48.16
CA VAL B 235 5.57 -52.01 49.42
C VAL B 235 4.70 -51.61 50.61
N VAL B 236 4.53 -50.30 50.81
CA VAL B 236 3.70 -49.81 51.89
C VAL B 236 2.48 -49.03 51.41
N GLY B 237 1.29 -49.58 51.63
CA GLY B 237 0.05 -48.91 51.30
C GLY B 237 -0.67 -48.42 52.53
N ALA B 238 -1.98 -48.18 52.39
CA ALA B 238 -2.80 -47.74 53.52
C ALA B 238 -2.89 -48.85 54.57
N ARG B 239 -2.93 -48.45 55.84
CA ARG B 239 -2.85 -49.42 56.93
C ARG B 239 -4.04 -50.36 56.97
N GLN B 240 -3.83 -51.52 57.60
CA GLN B 240 -4.86 -52.56 57.65
C GLN B 240 -5.72 -52.46 58.90
N THR B 241 -7.02 -52.73 58.75
CA THR B 241 -8.01 -52.58 59.81
C THR B 241 -8.79 -53.88 60.00
N GLY B 242 -9.53 -53.96 61.11
CA GLY B 242 -10.29 -55.15 61.44
C GLY B 242 -9.66 -55.91 62.58
N TRP B 243 -8.42 -55.56 62.89
CA TRP B 243 -7.67 -56.20 63.96
C TRP B 243 -8.28 -55.93 65.33
N THR B 244 -7.98 -56.81 66.27
CA THR B 244 -8.30 -56.57 67.67
C THR B 244 -6.98 -56.60 68.45
N ALA B 245 -6.77 -55.61 69.30
CA ALA B 245 -5.54 -55.52 70.07
C ALA B 245 -5.33 -56.77 70.91
N ALA B 246 -4.19 -57.42 70.73
CA ALA B 246 -3.89 -58.63 71.48
C ALA B 246 -3.55 -58.29 72.92
N THR B 247 -4.16 -59.02 73.85
CA THR B 247 -3.85 -58.86 75.26
C THR B 247 -2.80 -59.88 75.65
N GLY B 248 -1.84 -59.46 76.46
CA GLY B 248 -0.83 -60.38 76.94
C GLY B 248 0.51 -59.73 77.19
N THR B 249 1.56 -60.53 77.19
CA THR B 249 2.93 -60.02 77.25
C THR B 249 3.70 -60.42 76.00
N ALA B 250 4.74 -59.67 75.66
CA ALA B 250 5.51 -59.96 74.46
C ALA B 250 6.94 -60.42 74.76
N ASN B 251 7.48 -61.28 73.90
CA ASN B 251 8.87 -61.68 74.02
C ASN B 251 9.64 -61.49 72.72
N LYS B 252 10.55 -60.52 72.72
CA LYS B 252 11.43 -60.28 71.57
C LYS B 252 12.79 -60.93 71.81
N GLY B 253 12.91 -61.64 72.93
CA GLY B 253 14.17 -62.23 73.34
C GLY B 253 14.56 -63.45 72.52
N VAL B 254 15.45 -64.25 73.09
CA VAL B 254 15.98 -65.43 72.42
C VAL B 254 14.85 -66.33 71.94
N PHE B 255 14.96 -66.81 70.70
CA PHE B 255 13.95 -67.68 70.12
C PHE B 255 14.60 -68.66 69.15
N ASP B 256 14.05 -69.86 69.06
CA ASP B 256 14.54 -70.83 68.08
C ASP B 256 13.38 -71.62 67.48
N ALA B 257 13.53 -71.95 66.20
CA ALA B 257 12.55 -72.71 65.45
C ALA B 257 12.86 -74.19 65.64
N ASP B 258 13.79 -74.47 66.54
CA ASP B 258 14.31 -75.81 66.79
C ASP B 258 13.26 -76.77 67.33
N LEU B 259 13.56 -78.06 67.29
CA LEU B 259 12.62 -79.05 67.80
C LEU B 259 12.94 -79.22 69.30
N THR B 260 12.09 -78.62 70.13
CA THR B 260 12.19 -78.64 71.60
C THR B 260 11.24 -79.57 72.36
N PHE B 261 10.36 -80.25 71.62
CA PHE B 261 9.35 -81.10 72.22
C PHE B 261 9.55 -82.54 71.76
N ALA B 262 9.84 -83.44 72.69
CA ALA B 262 9.96 -84.86 72.34
C ALA B 262 8.71 -85.63 72.74
N VAL B 263 8.23 -86.48 71.84
CA VAL B 263 7.07 -87.30 72.16
C VAL B 263 7.47 -88.76 72.25
N SER B 264 7.20 -89.36 73.40
CA SER B 264 7.38 -90.79 73.57
C SER B 264 6.06 -91.52 73.41
N ASP B 265 6.08 -92.84 73.51
CA ASP B 265 4.89 -93.66 73.24
C ASP B 265 3.94 -93.70 74.42
N THR B 266 4.36 -93.16 75.56
CA THR B 266 3.53 -93.19 76.75
C THR B 266 3.52 -91.86 77.50
N TYR B 267 2.47 -91.65 78.29
CA TYR B 267 2.41 -90.49 79.16
C TYR B 267 2.47 -91.03 80.59
N THR B 268 3.66 -90.99 81.18
CA THR B 268 3.83 -91.14 82.61
C THR B 268 4.12 -89.78 83.21
N GLN B 269 4.35 -88.81 82.33
CA GLN B 269 5.02 -87.58 82.73
C GLN B 269 4.63 -86.47 81.78
N SER B 270 4.65 -85.23 82.27
CA SER B 270 4.19 -84.17 81.42
C SER B 270 5.36 -83.60 80.64
N GLU B 271 5.49 -84.04 79.39
CA GLU B 271 6.26 -83.34 78.39
C GLU B 271 5.28 -82.61 77.48
N ILE B 272 3.99 -82.77 77.80
CA ILE B 272 2.93 -82.03 77.15
C ILE B 272 3.04 -80.57 77.57
N GLN B 273 3.59 -80.33 78.76
CA GLN B 273 3.84 -78.98 79.24
C GLN B 273 5.05 -78.36 78.54
N ALA B 274 5.84 -79.19 77.88
CA ALA B 274 6.95 -78.69 77.06
C ALA B 274 6.42 -78.15 75.73
N ILE B 275 5.36 -78.79 75.23
CA ILE B 275 4.68 -78.34 74.02
C ILE B 275 3.75 -77.17 74.38
N ALA B 276 3.34 -77.13 75.64
CA ALA B 276 2.47 -76.07 76.14
C ALA B 276 3.25 -74.79 76.42
N ASN B 277 4.51 -74.96 76.86
CA ASN B 277 5.37 -73.81 77.13
C ASN B 277 5.96 -73.22 75.86
N ALA B 278 6.04 -74.03 74.81
CA ALA B 278 6.55 -73.57 73.51
C ALA B 278 5.46 -72.99 72.62
N LEU B 279 4.20 -73.24 72.95
CA LEU B 279 3.10 -72.61 72.25
C LEU B 279 2.91 -71.21 72.80
N ILE B 280 3.15 -71.05 74.09
CA ILE B 280 2.93 -69.77 74.77
C ILE B 280 4.14 -68.84 74.77
N THR B 281 5.31 -69.34 74.42
CA THR B 281 6.44 -68.44 74.17
C THR B 281 6.38 -68.01 72.70
N GLU B 282 5.64 -68.75 71.91
CA GLU B 282 5.46 -68.45 70.50
C GLU B 282 4.36 -67.42 70.28
N ARG B 283 3.29 -67.51 71.07
CA ARG B 283 2.23 -66.51 71.04
C ARG B 283 2.73 -65.16 71.54
N ARG B 284 3.84 -65.17 72.28
CA ARG B 284 4.42 -63.95 72.81
C ARG B 284 5.34 -63.24 71.82
N ARG B 285 5.78 -63.96 70.81
CA ARG B 285 6.50 -63.33 69.71
C ARG B 285 5.48 -62.77 68.75
N THR B 286 4.43 -63.55 68.51
CA THR B 286 3.36 -63.17 67.59
C THR B 286 2.62 -61.94 68.11
N LYS B 287 2.67 -61.74 69.42
CA LYS B 287 2.17 -60.51 70.02
C LYS B 287 3.14 -59.37 69.77
N ALA B 288 4.43 -59.65 69.92
CA ALA B 288 5.47 -58.65 69.70
C ALA B 288 5.53 -58.22 68.23
N LEU B 289 5.39 -59.19 67.34
CA LEU B 289 5.38 -58.93 65.90
C LEU B 289 4.16 -58.12 65.49
N GLU B 290 3.07 -58.28 66.23
CA GLU B 290 1.86 -57.50 65.97
C GLU B 290 1.99 -56.09 66.53
N ASP B 291 2.60 -55.97 67.72
CA ASP B 291 2.86 -54.68 68.32
C ASP B 291 3.70 -53.80 67.39
N ALA B 292 4.81 -54.35 66.92
CA ALA B 292 5.74 -53.62 66.06
C ALA B 292 5.07 -53.04 64.83
N LEU B 293 4.10 -53.77 64.28
CA LEU B 293 3.35 -53.29 63.11
C LEU B 293 2.29 -52.27 63.51
N ARG B 294 1.86 -52.34 64.77
CA ARG B 294 0.90 -51.38 65.29
C ARG B 294 1.59 -50.06 65.66
N ALA B 295 2.79 -50.17 66.20
CA ALA B 295 3.58 -48.98 66.56
C ALA B 295 3.98 -48.21 65.31
N HIS B 296 4.43 -48.94 64.29
CA HIS B 296 4.76 -48.34 63.01
C HIS B 296 3.50 -47.79 62.34
N GLY B 297 2.36 -48.43 62.60
CA GLY B 297 1.10 -47.95 62.09
C GLY B 297 0.51 -48.76 60.96
N LEU B 298 1.24 -49.75 60.47
CA LEU B 298 0.78 -50.55 59.33
C LEU B 298 -0.55 -51.27 59.58
N ILE B 299 -0.90 -51.46 60.85
CA ILE B 299 -2.11 -52.20 61.19
C ILE B 299 -3.02 -51.46 62.17
N ASP B 300 -4.32 -51.77 62.12
CA ASP B 300 -5.28 -51.20 63.04
C ASP B 300 -6.21 -52.27 63.58
N MET C 12 29.03 129.26 -68.29
CA MET C 12 30.38 128.83 -67.91
C MET C 12 31.32 130.03 -67.81
N ALA C 13 32.01 130.32 -68.91
CA ALA C 13 32.93 131.45 -68.98
C ALA C 13 32.74 132.17 -70.30
N ASP C 14 33.18 133.42 -70.37
CA ASP C 14 33.11 134.17 -71.62
C ASP C 14 34.50 134.53 -72.11
N PRO C 15 34.94 133.89 -73.22
CA PRO C 15 36.27 134.14 -73.78
C PRO C 15 36.39 135.52 -74.43
N SER C 16 35.27 136.05 -74.91
CA SER C 16 35.23 137.36 -75.57
C SER C 16 35.77 138.43 -74.64
N LEU C 17 35.48 138.26 -73.36
CA LEU C 17 35.99 139.13 -72.31
C LEU C 17 37.50 139.21 -72.40
N ASN C 18 38.12 138.08 -72.69
CA ASN C 18 39.58 138.02 -72.77
C ASN C 18 40.13 138.48 -74.11
N ASN C 19 39.23 138.83 -75.04
CA ASN C 19 39.65 139.37 -76.33
C ASN C 19 39.82 140.88 -76.28
N PRO C 20 41.07 141.36 -76.37
CA PRO C 20 41.42 142.78 -76.28
C PRO C 20 40.84 143.63 -77.41
N VAL C 21 40.30 144.80 -77.05
CA VAL C 21 39.77 145.78 -77.98
C VAL C 21 40.76 146.92 -78.29
N VAL C 22 42.00 146.78 -77.82
CA VAL C 22 42.89 147.93 -77.51
C VAL C 22 42.91 149.08 -78.52
N ILE C 23 42.81 148.78 -79.81
CA ILE C 23 42.85 149.81 -80.86
C ILE C 23 41.80 150.91 -80.62
N GLN C 24 42.18 152.20 -80.61
CA GLN C 24 43.53 152.76 -80.75
C GLN C 24 44.30 152.47 -82.04
N ALA C 25 43.78 152.98 -83.16
CA ALA C 25 44.44 152.85 -84.44
C ALA C 25 45.61 153.83 -84.48
N THR C 26 45.33 155.06 -84.08
CA THR C 26 46.28 156.14 -84.23
C THR C 26 46.61 156.87 -82.93
N ARG C 27 47.86 157.33 -82.84
CA ARG C 27 48.31 158.18 -81.76
C ARG C 27 48.30 159.61 -82.28
N LEU C 28 47.91 160.56 -81.43
CA LEU C 28 47.70 161.92 -81.89
C LEU C 28 48.92 162.84 -81.72
N ASP C 29 49.30 163.51 -82.79
CA ASP C 29 50.29 164.58 -82.71
C ASP C 29 49.71 165.86 -83.29
N ALA C 30 50.21 167.00 -82.81
CA ALA C 30 49.97 168.28 -83.46
C ALA C 30 51.35 168.89 -83.63
N SER C 31 51.84 169.05 -84.86
CA SER C 31 51.17 168.79 -86.16
C SER C 31 50.83 167.32 -86.41
N ILE C 32 49.79 167.03 -87.21
CA ILE C 32 49.10 168.01 -88.05
C ILE C 32 47.62 168.13 -87.68
N LEU C 33 47.28 169.25 -87.06
CA LEU C 33 45.90 169.56 -86.73
C LEU C 33 45.76 171.07 -86.78
N PRO C 34 44.54 171.59 -86.98
CA PRO C 34 44.39 173.03 -87.19
C PRO C 34 44.76 173.91 -85.98
N ARG C 35 46.05 173.89 -85.62
CA ARG C 35 46.58 174.70 -84.52
C ARG C 35 46.36 176.18 -84.78
N ASN C 36 46.07 176.51 -86.04
CA ASN C 36 45.66 177.84 -86.46
C ASN C 36 44.19 178.13 -86.12
N VAL C 37 43.31 177.20 -86.47
CA VAL C 37 41.88 177.39 -86.29
C VAL C 37 41.43 177.09 -84.86
N PHE C 38 42.32 176.49 -84.07
CA PHE C 38 41.98 176.11 -82.70
C PHE C 38 42.53 177.05 -81.65
N SER C 39 41.72 177.29 -80.62
CA SER C 39 42.17 177.98 -79.42
C SER C 39 43.16 177.05 -78.72
N LYS C 40 44.00 177.61 -77.86
CA LYS C 40 44.95 176.82 -77.09
C LYS C 40 44.25 175.73 -76.26
N SER C 41 43.03 176.01 -75.79
CA SER C 41 42.32 175.12 -74.86
C SER C 41 41.70 173.87 -75.48
N TYR C 42 41.27 173.95 -76.74
CA TYR C 42 40.77 172.79 -77.47
C TYR C 42 41.94 171.86 -77.76
N LEU C 43 43.13 172.44 -77.84
CA LEU C 43 44.38 171.69 -77.94
C LEU C 43 44.90 171.30 -76.56
N LEU C 44 44.28 171.84 -75.51
CA LEU C 44 44.54 171.34 -74.17
C LEU C 44 43.48 170.31 -73.82
N TYR C 45 42.67 170.00 -74.83
CA TYR C 45 41.65 168.98 -74.74
C TYR C 45 41.92 167.86 -75.76
N VAL C 46 41.93 168.22 -77.03
CA VAL C 46 42.07 167.24 -78.13
C VAL C 46 43.29 166.31 -78.02
N ILE C 47 44.40 166.79 -77.49
CA ILE C 47 45.54 165.91 -77.25
C ILE C 47 45.26 165.10 -75.99
N ALA C 48 44.68 165.75 -74.99
CA ALA C 48 44.33 165.08 -73.74
C ALA C 48 43.17 164.10 -73.90
N GLN C 49 42.25 164.40 -74.83
CA GLN C 49 41.11 163.52 -75.07
C GLN C 49 41.58 162.20 -75.66
N GLY C 50 42.63 162.25 -76.47
CA GLY C 50 43.13 161.07 -77.16
C GLY C 50 43.85 160.13 -76.22
N THR C 51 44.66 160.70 -75.33
CA THR C 51 45.36 159.93 -74.31
C THR C 51 44.38 159.27 -73.33
N ASP C 52 43.34 160.01 -72.95
CA ASP C 52 42.33 159.52 -72.02
C ASP C 52 41.50 158.38 -72.62
N VAL C 53 41.16 158.51 -73.91
CA VAL C 53 40.42 157.48 -74.62
C VAL C 53 41.23 156.18 -74.73
N GLY C 54 42.53 156.32 -74.97
CA GLY C 54 43.41 155.17 -75.11
C GLY C 54 43.76 154.46 -73.81
N ALA C 55 43.77 155.21 -72.71
CA ALA C 55 44.04 154.63 -71.40
C ALA C 55 42.81 153.93 -70.84
N ILE C 56 41.65 154.37 -71.30
CA ILE C 56 40.38 153.81 -70.85
C ILE C 56 40.13 152.46 -71.54
N ALA C 57 40.57 152.36 -72.79
CA ALA C 57 40.50 151.10 -73.54
C ALA C 57 41.32 149.99 -72.88
N GLY C 58 42.61 150.24 -72.69
CA GLY C 58 43.50 149.27 -72.08
C GLY C 58 43.02 148.86 -70.71
N LYS C 59 42.31 149.77 -70.04
CA LYS C 59 41.74 149.49 -68.73
C LYS C 59 40.43 148.70 -68.82
N ALA C 60 39.66 148.96 -69.88
CA ALA C 60 38.45 148.21 -70.15
C ALA C 60 38.79 146.81 -70.68
N ASN C 61 39.99 146.69 -71.24
CA ASN C 61 40.54 145.41 -71.67
C ASN C 61 41.03 144.58 -70.48
N GLU C 62 41.67 145.24 -69.53
CA GLU C 62 42.18 144.56 -68.34
C GLU C 62 41.05 144.21 -67.38
N ALA C 63 39.94 144.93 -67.50
CA ALA C 63 38.77 144.68 -66.68
C ALA C 63 38.11 143.36 -67.06
N GLY C 64 38.21 143.00 -68.34
CA GLY C 64 37.62 141.77 -68.86
C GLY C 64 38.58 140.58 -68.87
N GLN C 65 39.88 140.86 -68.80
CA GLN C 65 40.88 139.83 -68.62
C GLN C 65 40.73 139.27 -67.21
N GLY C 66 40.53 140.17 -66.25
CA GLY C 66 40.30 139.79 -64.87
C GLY C 66 38.89 139.30 -64.64
N ALA C 67 37.98 139.62 -65.56
CA ALA C 67 36.61 139.11 -65.49
C ALA C 67 36.53 137.68 -65.99
N TYR C 68 37.40 137.34 -66.95
CA TYR C 68 37.49 135.98 -67.47
C TYR C 68 38.20 135.07 -66.48
N ASP C 69 39.28 135.57 -65.90
CA ASP C 69 40.06 134.84 -64.92
C ASP C 69 39.24 134.53 -63.66
N ALA C 70 38.30 135.41 -63.34
CA ALA C 70 37.39 135.18 -62.22
C ALA C 70 36.27 134.23 -62.64
N GLN C 71 35.93 134.25 -63.93
CA GLN C 71 34.92 133.34 -64.47
C GLN C 71 35.46 131.93 -64.67
N VAL C 72 36.72 131.85 -65.10
CA VAL C 72 37.34 130.56 -65.36
C VAL C 72 37.81 129.90 -64.06
N LYS C 73 37.88 130.68 -62.98
CA LYS C 73 38.16 130.15 -61.66
C LYS C 73 36.87 129.56 -61.08
N ASN C 74 35.78 130.27 -61.29
CA ASN C 74 34.46 129.83 -60.83
C ASN C 74 34.06 128.49 -61.46
N ASP C 75 34.61 128.20 -62.63
CA ASP C 75 34.32 126.95 -63.32
C ASP C 75 35.22 125.78 -62.89
N GLU C 76 36.35 126.08 -62.27
CA GLU C 76 37.15 125.01 -61.66
C GLU C 76 36.83 124.93 -60.17
N GLN C 77 36.02 125.88 -59.69
CA GLN C 77 35.47 125.78 -58.35
C GLN C 77 34.21 124.92 -58.33
N ASP C 78 33.35 125.09 -59.33
CA ASP C 78 32.10 124.34 -59.42
C ASP C 78 32.37 122.88 -59.79
N VAL C 79 33.51 122.61 -60.42
CA VAL C 79 33.87 121.24 -60.76
C VAL C 79 34.41 120.51 -59.53
N GLU C 80 35.02 121.26 -58.62
CA GLU C 80 35.56 120.66 -57.40
C GLU C 80 34.58 120.80 -56.23
N LEU C 81 33.47 121.47 -56.50
CA LEU C 81 32.31 121.46 -55.61
C LEU C 81 31.54 120.17 -55.82
N ALA C 82 31.43 119.81 -57.10
CA ALA C 82 30.63 118.67 -57.51
C ALA C 82 31.33 117.34 -57.26
N ASP C 83 32.64 117.37 -57.15
CA ASP C 83 33.40 116.20 -56.75
C ASP C 83 33.27 116.02 -55.25
N HIS C 84 33.10 117.13 -54.55
CA HIS C 84 32.87 117.12 -53.10
C HIS C 84 31.49 116.60 -52.76
N GLU C 85 30.48 117.16 -53.41
CA GLU C 85 29.09 116.81 -53.14
C GLU C 85 28.84 115.31 -53.23
N ALA C 86 29.61 114.65 -54.09
CA ALA C 86 29.52 113.21 -54.24
C ALA C 86 30.27 112.46 -53.14
N ARG C 87 31.49 112.90 -52.83
CA ARG C 87 32.32 112.25 -51.83
C ARG C 87 31.70 112.32 -50.43
N ILE C 88 30.85 113.32 -50.22
CA ILE C 88 30.13 113.47 -48.96
C ILE C 88 28.97 112.49 -48.83
N LYS C 89 28.16 112.41 -49.89
CA LYS C 89 26.95 111.60 -49.85
C LYS C 89 27.24 110.10 -49.67
N GLN C 90 28.38 109.66 -50.18
CA GLN C 90 28.79 108.27 -50.02
C GLN C 90 29.49 108.06 -48.69
N LEU C 91 29.90 109.17 -48.07
CA LEU C 91 30.45 109.15 -46.73
C LEU C 91 29.29 109.11 -45.73
N ARG C 92 28.17 109.70 -46.12
CA ARG C 92 26.97 109.72 -45.29
C ARG C 92 26.20 108.41 -45.36
N ILE C 93 26.04 107.89 -46.58
CA ILE C 93 25.32 106.65 -46.79
C ILE C 93 26.11 105.53 -46.13
N ASP C 94 27.38 105.79 -45.88
CA ASP C 94 28.23 104.80 -45.23
C ASP C 94 28.11 104.80 -43.71
N VAL C 95 28.11 105.99 -43.10
CA VAL C 95 28.00 106.10 -41.64
C VAL C 95 26.65 105.62 -41.17
N ASP C 96 25.64 105.85 -42.01
CA ASP C 96 24.27 105.47 -41.71
C ASP C 96 24.11 103.96 -41.75
N ASP C 97 24.77 103.32 -42.72
CA ASP C 97 24.75 101.87 -42.78
C ASP C 97 25.67 101.27 -41.73
N HIS C 98 26.81 101.91 -41.49
CA HIS C 98 27.70 101.51 -40.40
C HIS C 98 26.94 101.57 -39.07
N GLU C 99 26.04 102.54 -38.96
CA GLU C 99 25.22 102.73 -37.77
C GLU C 99 24.32 101.52 -37.47
N SER C 100 23.51 101.12 -38.44
CA SER C 100 22.60 99.99 -38.27
C SER C 100 23.37 98.71 -38.05
N ARG C 101 24.60 98.69 -38.54
CA ARG C 101 25.48 97.53 -38.46
C ARG C 101 26.17 97.40 -37.09
N ILE C 102 26.51 98.52 -36.47
CA ILE C 102 27.06 98.50 -35.11
C ILE C 102 25.93 98.25 -34.11
N THR C 103 24.82 98.95 -34.32
CA THR C 103 23.62 98.79 -33.52
C THR C 103 23.19 97.32 -33.50
N ALA C 104 23.42 96.63 -34.62
CA ALA C 104 23.16 95.20 -34.71
C ALA C 104 24.29 94.37 -34.09
N ASN C 105 25.53 94.83 -34.23
CA ASN C 105 26.68 94.11 -33.69
C ASN C 105 26.68 94.03 -32.16
N THR C 106 26.18 95.08 -31.52
CA THR C 106 26.10 95.11 -30.06
C THR C 106 24.89 94.30 -29.57
N LYS C 107 23.79 94.41 -30.30
CA LYS C 107 22.54 93.71 -29.98
C LYS C 107 22.81 92.20 -29.87
N ALA C 108 23.77 91.74 -30.65
CA ALA C 108 24.21 90.35 -30.58
C ALA C 108 25.06 90.09 -29.33
N ILE C 109 26.04 90.96 -29.09
CA ILE C 109 26.94 90.82 -27.94
C ILE C 109 26.16 90.78 -26.62
N THR C 110 25.06 91.53 -26.56
CA THR C 110 24.25 91.63 -25.36
C THR C 110 23.32 90.43 -25.17
N ALA C 111 22.87 89.82 -26.26
CA ALA C 111 21.99 88.65 -26.18
C ALA C 111 22.79 87.35 -26.23
N LEU C 112 24.10 87.50 -26.32
CA LEU C 112 25.05 86.40 -26.27
C LEU C 112 25.57 86.19 -24.85
N ASN C 113 26.12 87.26 -24.27
CA ASN C 113 26.55 87.25 -22.88
C ASN C 113 25.49 86.67 -21.95
N VAL C 114 24.22 86.86 -22.29
CA VAL C 114 23.13 86.21 -21.55
C VAL C 114 23.11 84.69 -21.79
N ARG C 115 23.53 84.26 -22.97
CA ARG C 115 23.63 82.84 -23.30
C ARG C 115 24.87 82.25 -22.64
N VAL C 116 25.87 83.11 -22.42
CA VAL C 116 27.10 82.72 -21.75
C VAL C 116 26.89 82.63 -20.25
N THR C 117 26.11 83.56 -19.71
CA THR C 117 25.82 83.60 -18.29
C THR C 117 24.88 82.47 -17.86
N THR C 118 23.91 82.14 -18.70
CA THR C 118 23.02 81.03 -18.43
C THR C 118 23.79 79.71 -18.51
N ALA C 119 24.91 79.73 -19.21
CA ALA C 119 25.78 78.56 -19.34
C ALA C 119 26.68 78.40 -18.13
N GLU C 120 27.55 79.39 -17.90
CA GLU C 120 28.48 79.39 -16.77
C GLU C 120 27.79 79.15 -15.43
N GLY C 121 26.54 79.56 -15.32
CA GLY C 121 25.77 79.38 -14.10
C GLY C 121 25.27 77.96 -13.90
N GLU C 122 24.98 77.28 -15.00
CA GLU C 122 24.57 75.88 -14.94
C GLU C 122 25.78 74.96 -14.79
N ILE C 123 26.92 75.38 -15.36
CA ILE C 123 28.14 74.58 -15.33
C ILE C 123 28.70 74.40 -13.92
N ALA C 124 28.88 75.50 -13.20
CA ALA C 124 29.34 75.43 -11.82
C ALA C 124 28.28 74.77 -10.96
N SER C 125 27.03 74.83 -11.42
CA SER C 125 25.95 74.07 -10.80
C SER C 125 26.11 72.62 -11.23
N LEU C 126 26.38 72.41 -12.51
CA LEU C 126 26.66 71.07 -13.03
C LEU C 126 27.93 70.51 -12.40
N GLN C 127 28.93 71.37 -12.19
CA GLN C 127 30.16 70.97 -11.54
C GLN C 127 29.90 70.43 -10.15
N THR C 128 29.02 71.08 -9.41
CA THR C 128 28.69 70.64 -8.05
C THR C 128 27.52 69.66 -8.08
N ASN C 129 26.90 69.50 -9.24
CA ASN C 129 25.91 68.45 -9.43
C ASN C 129 26.56 67.22 -10.05
N VAL C 130 27.86 67.30 -10.31
CA VAL C 130 28.63 66.16 -10.79
C VAL C 130 29.36 65.49 -9.62
N SER C 131 30.25 66.22 -8.97
CA SER C 131 31.05 65.68 -7.88
C SER C 131 30.21 65.27 -6.66
N ALA C 132 28.94 65.62 -6.68
CA ALA C 132 27.98 65.13 -5.68
C ALA C 132 27.62 63.68 -6.01
N LEU C 133 27.35 63.43 -7.28
CA LEU C 133 27.01 62.10 -7.75
C LEU C 133 28.21 61.14 -7.63
N ASP C 134 29.42 61.66 -7.83
CA ASP C 134 30.63 60.89 -7.63
C ASP C 134 30.79 60.47 -6.17
N GLY C 135 30.51 61.39 -5.26
CA GLY C 135 30.53 61.08 -3.85
C GLY C 135 29.46 60.07 -3.52
N ARG C 136 28.29 60.25 -4.13
CA ARG C 136 27.15 59.37 -3.88
C ARG C 136 27.38 57.96 -4.40
N VAL C 137 28.15 57.81 -5.46
CA VAL C 137 28.48 56.46 -5.93
C VAL C 137 29.64 55.83 -5.18
N THR C 138 30.48 56.64 -4.54
CA THR C 138 31.59 56.14 -3.75
C THR C 138 31.10 55.52 -2.44
N THR C 139 30.06 56.12 -1.87
CA THR C 139 29.38 55.55 -0.72
C THR C 139 28.78 54.21 -1.13
N ALA C 140 28.01 54.25 -2.22
CA ALA C 140 27.45 53.06 -2.82
C ALA C 140 28.52 51.99 -3.03
N GLU C 141 29.52 52.31 -3.86
CA GLU C 141 30.60 51.39 -4.18
C GLU C 141 31.19 50.71 -2.95
N ASN C 142 31.52 51.50 -1.94
CA ASN C 142 32.11 50.98 -0.71
C ASN C 142 31.14 50.07 0.06
N ASN C 143 29.85 50.38 -0.02
CA ASN C 143 28.84 49.52 0.59
C ASN C 143 28.73 48.17 -0.13
N ILE C 144 28.52 48.22 -1.44
CA ILE C 144 28.38 47.02 -2.27
C ILE C 144 29.49 46.01 -1.99
N SER C 145 30.71 46.52 -1.83
CA SER C 145 31.87 45.68 -1.58
C SER C 145 31.83 45.04 -0.18
N ALA C 146 31.32 45.78 0.80
CA ALA C 146 31.16 45.25 2.15
C ALA C 146 30.02 44.24 2.20
N LEU C 147 28.97 44.52 1.42
CA LEU C 147 27.83 43.64 1.31
C LEU C 147 28.22 42.33 0.65
N GLN C 148 29.23 42.39 -0.22
CA GLN C 148 29.76 41.20 -0.86
C GLN C 148 30.84 40.57 0.02
N ALA C 149 31.31 41.31 1.01
CA ALA C 149 32.22 40.76 2.02
C ALA C 149 31.45 39.99 3.09
N ASP C 150 30.25 40.43 3.40
CA ASP C 150 29.41 39.73 4.37
C ASP C 150 28.75 38.49 3.76
N VAL C 151 28.18 38.66 2.57
CA VAL C 151 27.51 37.58 1.86
C VAL C 151 28.47 36.42 1.60
N ASP C 152 29.74 36.74 1.42
CA ASP C 152 30.79 35.74 1.26
C ASP C 152 31.00 34.96 2.57
N ASP C 153 30.88 35.67 3.70
CA ASP C 153 31.04 35.04 5.00
C ASP C 153 29.78 34.26 5.36
N HIS C 154 28.63 34.75 4.91
CA HIS C 154 27.35 34.09 5.16
C HIS C 154 27.23 32.79 4.40
N GLU C 155 27.81 32.74 3.19
CA GLU C 155 27.75 31.56 2.35
C GLU C 155 28.72 30.48 2.83
N SER C 156 29.80 30.91 3.49
CA SER C 156 30.79 29.99 4.02
C SER C 156 30.38 29.47 5.40
N ARG C 157 29.22 29.91 5.85
CA ARG C 157 28.69 29.58 7.16
C ARG C 157 27.44 28.71 7.09
N ILE C 158 26.41 29.20 6.39
CA ILE C 158 25.19 28.44 6.14
C ILE C 158 25.51 27.01 5.74
N THR C 159 26.47 26.86 4.85
CA THR C 159 26.86 25.55 4.34
C THR C 159 27.51 24.66 5.40
N ALA C 160 28.23 25.27 6.34
CA ALA C 160 28.83 24.53 7.44
C ALA C 160 27.73 24.18 8.45
N ASN C 161 26.70 25.01 8.50
CA ASN C 161 25.53 24.74 9.34
C ASN C 161 24.72 23.56 8.80
N THR C 162 24.53 23.54 7.48
CA THR C 162 23.78 22.47 6.81
C THR C 162 24.51 21.14 6.89
N LYS C 163 25.84 21.21 6.92
CA LYS C 163 26.69 20.03 6.87
C LYS C 163 26.70 19.31 8.22
N ALA C 164 26.66 20.09 9.30
CA ALA C 164 26.65 19.53 10.64
C ALA C 164 25.23 19.25 11.13
N ILE C 165 24.23 19.76 10.41
CA ILE C 165 22.84 19.40 10.66
C ILE C 165 22.59 18.00 10.12
N THR C 166 23.09 17.75 8.92
CA THR C 166 23.05 16.43 8.32
C THR C 166 23.84 15.42 9.14
N ALA C 167 24.95 15.87 9.71
CA ALA C 167 25.84 14.99 10.47
C ALA C 167 25.28 14.61 11.84
N LEU C 168 24.49 15.49 12.44
CA LEU C 168 23.85 15.16 13.71
C LEU C 168 22.47 14.52 13.52
N ASN C 169 21.93 14.59 12.31
CA ASN C 169 20.66 13.95 12.00
C ASN C 169 20.87 12.46 11.77
N VAL C 170 22.03 12.12 11.24
CA VAL C 170 22.39 10.71 11.03
C VAL C 170 22.87 10.08 12.32
N ARG C 171 23.21 10.90 13.31
CA ARG C 171 23.41 10.40 14.66
C ARG C 171 22.11 10.34 15.48
N VAL C 172 21.10 11.13 15.09
CA VAL C 172 19.82 11.11 15.79
C VAL C 172 18.90 9.98 15.33
N THR C 173 18.81 9.79 14.02
CA THR C 173 17.95 8.76 13.45
C THR C 173 18.48 7.37 13.82
N THR C 174 19.77 7.30 14.12
CA THR C 174 20.41 6.07 14.57
C THR C 174 19.95 5.72 15.99
N ALA C 175 20.10 6.67 16.90
CA ALA C 175 19.71 6.48 18.29
C ALA C 175 18.19 6.34 18.43
N GLU C 176 17.45 7.12 17.65
CA GLU C 176 15.99 7.05 17.66
C GLU C 176 15.48 5.66 17.31
N GLY C 177 16.20 4.98 16.43
CA GLY C 177 15.87 3.62 16.03
C GLY C 177 16.50 2.59 16.94
N GLU C 178 17.54 2.99 17.66
CA GLU C 178 18.13 2.13 18.69
C GLU C 178 17.31 2.24 19.99
N ILE C 179 16.69 3.39 20.20
CA ILE C 179 15.81 3.60 21.35
C ILE C 179 14.64 2.63 21.29
N ALA C 180 14.05 2.50 20.11
CA ALA C 180 12.95 1.56 19.91
C ALA C 180 13.45 0.13 20.07
N SER C 181 14.69 -0.12 19.63
CA SER C 181 15.32 -1.43 19.79
C SER C 181 15.37 -1.83 21.27
N LEU C 182 15.75 -0.89 22.12
CA LEU C 182 15.80 -1.12 23.55
C LEU C 182 14.39 -1.13 24.15
N GLN C 183 13.53 -0.26 23.65
CA GLN C 183 12.17 -0.15 24.17
C GLN C 183 11.33 -1.38 23.84
N THR C 184 11.65 -2.05 22.73
CA THR C 184 11.04 -3.33 22.44
C THR C 184 11.83 -4.48 23.07
N ASN C 185 13.07 -4.20 23.48
CA ASN C 185 13.86 -5.18 24.22
C ASN C 185 13.46 -5.17 25.69
N VAL C 186 13.00 -4.01 26.15
CA VAL C 186 12.57 -3.84 27.54
C VAL C 186 11.16 -4.41 27.77
N SER C 187 10.24 -4.14 26.86
CA SER C 187 8.87 -4.66 26.98
C SER C 187 8.80 -6.16 26.69
N ALA C 188 9.70 -6.66 25.85
CA ALA C 188 9.82 -8.09 25.61
C ALA C 188 10.33 -8.80 26.85
N LEU C 189 11.39 -8.24 27.43
CA LEU C 189 11.98 -8.77 28.66
C LEU C 189 11.06 -8.56 29.85
N ASP C 190 10.06 -7.69 29.69
CA ASP C 190 9.06 -7.46 30.73
C ASP C 190 8.09 -8.63 30.85
N GLY C 191 7.66 -9.16 29.71
CA GLY C 191 6.80 -10.33 29.70
C GLY C 191 7.57 -11.58 30.08
N ARG C 192 8.84 -11.63 29.65
CA ARG C 192 9.71 -12.74 29.96
C ARG C 192 10.04 -12.84 31.45
N VAL C 193 10.05 -11.70 32.13
CA VAL C 193 10.37 -11.68 33.56
C VAL C 193 9.19 -12.07 34.47
N THR C 194 7.99 -11.62 34.11
CA THR C 194 6.81 -11.82 34.95
C THR C 194 6.30 -13.27 34.96
N THR C 195 6.44 -13.96 33.84
CA THR C 195 6.04 -15.36 33.75
C THR C 195 7.03 -16.26 34.47
N ALA C 196 8.29 -15.88 34.43
CA ALA C 196 9.34 -16.59 35.17
C ALA C 196 9.10 -16.46 36.67
N GLU C 197 8.86 -15.24 37.13
CA GLU C 197 8.58 -15.00 38.55
C GLU C 197 7.28 -15.65 39.02
N ASN C 198 6.33 -15.84 38.09
CA ASN C 198 5.09 -16.53 38.41
C ASN C 198 5.32 -18.04 38.51
N ASN C 199 6.14 -18.55 37.59
CA ASN C 199 6.50 -19.96 37.59
C ASN C 199 7.38 -20.31 38.79
N ILE C 200 8.09 -19.33 39.31
CA ILE C 200 8.92 -19.50 40.51
C ILE C 200 8.06 -19.45 41.78
N SER C 201 7.00 -18.65 41.74
CA SER C 201 6.04 -18.60 42.84
C SER C 201 5.31 -19.93 42.98
N ALA C 202 4.95 -20.52 41.85
CA ALA C 202 4.29 -21.82 41.84
C ALA C 202 5.27 -22.93 42.22
N LEU C 203 6.49 -22.81 41.72
CA LEU C 203 7.53 -23.82 41.95
C LEU C 203 7.88 -23.93 43.43
N GLN C 204 7.69 -22.83 44.17
CA GLN C 204 7.90 -22.84 45.61
C GLN C 204 6.71 -23.38 46.40
N ALA C 205 5.53 -23.38 45.78
CA ALA C 205 4.33 -23.89 46.41
C ALA C 205 4.24 -25.41 46.38
N ASP C 206 4.64 -25.99 45.25
CA ASP C 206 4.44 -27.41 44.98
C ASP C 206 5.63 -28.31 45.29
N TYR C 207 6.71 -27.75 45.81
CA TYR C 207 7.94 -28.52 45.93
C TYR C 207 8.21 -28.96 47.37
N VAL C 208 8.85 -30.10 47.55
CA VAL C 208 9.30 -30.49 48.89
C VAL C 208 10.74 -30.05 49.13
N SER C 209 10.98 -29.62 50.36
CA SER C 209 12.27 -29.12 50.77
C SER C 209 12.94 -30.16 51.63
N LYS C 210 14.27 -30.26 51.53
CA LYS C 210 15.04 -31.12 52.39
C LYS C 210 15.08 -30.49 53.78
N THR C 211 14.67 -29.23 53.85
CA THR C 211 14.83 -28.40 55.05
C THR C 211 13.63 -28.23 56.01
N ALA C 212 12.46 -28.75 55.69
CA ALA C 212 11.28 -28.49 56.53
C ALA C 212 10.75 -29.72 57.28
N THR C 213 10.24 -29.51 58.51
CA THR C 213 9.49 -30.53 59.29
C THR C 213 8.01 -30.59 58.95
N THR C 214 7.41 -29.45 58.61
CA THR C 214 5.95 -29.39 58.41
C THR C 214 5.59 -30.45 57.40
N SER C 215 4.71 -31.35 57.80
CA SER C 215 4.46 -32.57 57.04
C SER C 215 4.01 -32.20 55.64
N GLN C 216 4.57 -32.88 54.65
CA GLN C 216 4.29 -32.56 53.26
C GLN C 216 3.42 -33.65 52.65
N SER C 217 2.27 -33.25 52.11
CA SER C 217 1.28 -34.20 51.64
C SER C 217 1.31 -34.34 50.12
N LEU C 218 1.74 -35.52 49.64
CA LEU C 218 1.67 -35.81 48.22
C LEU C 218 0.25 -36.25 47.89
N ALA C 219 -0.19 -35.97 46.67
CA ALA C 219 -1.45 -36.51 46.18
C ALA C 219 -1.20 -37.77 45.35
N SER C 220 0.07 -38.18 45.28
CA SER C 220 0.48 -39.26 44.37
C SER C 220 1.31 -40.36 45.04
N PRO C 221 1.40 -41.53 44.38
CA PRO C 221 2.33 -42.56 44.83
C PRO C 221 3.78 -42.07 44.76
N LEU C 222 4.64 -42.70 45.54
CA LEU C 222 6.06 -42.36 45.58
C LEU C 222 6.85 -43.58 45.14
N ASN C 223 7.95 -43.37 44.43
CA ASN C 223 8.91 -44.43 44.15
C ASN C 223 10.31 -44.02 44.60
N VAL C 224 11.07 -44.98 45.10
CA VAL C 224 12.42 -44.77 45.64
C VAL C 224 13.32 -45.89 45.11
N THR C 225 14.63 -45.67 45.00
CA THR C 225 15.52 -46.64 44.34
C THR C 225 15.84 -47.92 45.14
N THR C 226 16.21 -47.80 46.42
CA THR C 226 16.60 -48.97 47.22
C THR C 226 15.88 -49.09 48.57
N SER C 227 16.05 -48.09 49.43
CA SER C 227 15.52 -48.15 50.78
C SER C 227 14.79 -46.88 51.18
N TYR C 228 13.64 -47.03 51.82
CA TYR C 228 13.07 -45.94 52.58
C TYR C 228 13.83 -45.89 53.89
N SER C 229 13.84 -44.72 54.52
CA SER C 229 14.55 -44.58 55.78
C SER C 229 13.94 -43.48 56.63
N VAL C 230 14.15 -43.59 57.94
CA VAL C 230 13.87 -42.49 58.86
C VAL C 230 15.07 -42.39 59.80
N GLY C 231 15.40 -41.17 60.22
CA GLY C 231 16.42 -40.95 61.23
C GLY C 231 17.82 -41.41 60.86
N GLY C 232 17.99 -41.86 59.62
CA GLY C 232 19.26 -42.38 59.17
C GLY C 232 19.34 -43.89 59.20
N LYS C 233 18.22 -44.55 59.45
CA LYS C 233 18.15 -46.02 59.49
C LYS C 233 17.21 -46.57 58.42
N LYS C 234 17.56 -47.70 57.81
CA LYS C 234 16.78 -48.22 56.70
C LYS C 234 15.47 -48.84 57.19
N VAL C 235 14.34 -48.23 56.78
CA VAL C 235 13.02 -48.67 57.23
C VAL C 235 12.15 -49.50 56.25
N VAL C 236 12.61 -49.69 55.03
CA VAL C 236 11.90 -50.49 54.03
C VAL C 236 12.90 -50.84 52.93
N GLY C 237 12.62 -51.90 52.18
CA GLY C 237 13.50 -52.37 51.12
C GLY C 237 12.61 -53.02 50.10
N ALA C 238 13.21 -53.66 49.10
CA ALA C 238 12.43 -54.33 48.05
C ALA C 238 11.52 -55.40 48.64
N ARG C 239 10.35 -55.57 47.99
CA ARG C 239 9.41 -56.62 48.34
C ARG C 239 10.11 -57.99 48.31
N GLN C 240 9.99 -58.75 49.39
CA GLN C 240 10.73 -60.00 49.54
C GLN C 240 10.20 -61.15 48.67
N THR C 241 11.05 -62.12 48.40
CA THR C 241 10.80 -63.15 47.38
C THR C 241 10.75 -64.58 47.95
N GLY C 242 9.97 -65.45 47.30
CA GLY C 242 9.91 -66.85 47.68
C GLY C 242 8.62 -67.29 48.37
N TRP C 243 7.73 -66.34 48.65
CA TRP C 243 6.54 -66.62 49.43
C TRP C 243 5.45 -67.43 48.72
N THR C 244 5.00 -68.49 49.38
CA THR C 244 3.73 -69.13 49.04
C THR C 244 2.70 -68.53 49.98
N ALA C 245 1.59 -68.04 49.42
CA ALA C 245 0.58 -67.37 50.23
C ALA C 245 -0.08 -68.37 51.17
N ALA C 246 -0.04 -68.07 52.46
CA ALA C 246 -0.68 -68.94 53.44
C ALA C 246 -2.18 -68.81 53.27
N THR C 247 -2.85 -69.92 53.06
CA THR C 247 -4.30 -69.90 53.07
C THR C 247 -4.75 -70.29 54.46
N GLY C 248 -6.04 -70.15 54.73
CA GLY C 248 -6.55 -70.41 56.06
C GLY C 248 -7.64 -69.42 56.38
N THR C 249 -7.96 -69.30 57.67
CA THR C 249 -8.90 -68.28 58.13
C THR C 249 -8.15 -67.26 58.99
N ALA C 250 -8.37 -65.98 58.71
CA ALA C 250 -7.64 -64.90 59.39
C ALA C 250 -8.32 -64.49 60.69
N ASN C 251 -7.61 -64.56 61.80
CA ASN C 251 -8.21 -64.26 63.09
C ASN C 251 -8.03 -62.78 63.41
N LYS C 252 -9.12 -62.03 63.33
CA LYS C 252 -9.10 -60.61 63.64
C LYS C 252 -9.63 -60.36 65.04
N GLY C 253 -9.99 -61.44 65.72
CA GLY C 253 -10.60 -61.36 67.03
C GLY C 253 -9.60 -61.31 68.16
N VAL C 254 -10.04 -61.72 69.36
CA VAL C 254 -9.24 -61.59 70.56
C VAL C 254 -8.05 -62.53 70.58
N PHE C 255 -6.95 -62.07 71.17
CA PHE C 255 -5.77 -62.90 71.34
C PHE C 255 -5.17 -62.69 72.72
N ASP C 256 -4.93 -63.79 73.42
CA ASP C 256 -4.41 -63.75 74.79
C ASP C 256 -3.20 -64.67 74.92
N ALA C 257 -2.25 -64.29 75.76
CA ALA C 257 -1.17 -65.19 76.08
C ALA C 257 -1.49 -65.78 77.44
N ASP C 258 -1.89 -67.05 77.44
CA ASP C 258 -2.29 -67.72 78.65
C ASP C 258 -1.56 -69.04 78.74
N LEU C 259 -1.32 -69.50 79.96
CA LEU C 259 -0.78 -70.84 80.13
C LEU C 259 -1.79 -71.83 79.60
N THR C 260 -1.33 -72.80 78.81
CA THR C 260 -2.19 -73.91 78.53
C THR C 260 -1.82 -74.83 79.66
N PHE C 261 -2.72 -74.95 80.63
CA PHE C 261 -2.42 -75.57 81.91
C PHE C 261 -3.36 -76.71 82.25
N ALA C 262 -3.17 -77.25 83.46
CA ALA C 262 -3.76 -78.52 83.90
C ALA C 262 -2.97 -79.74 83.42
N VAL C 263 -1.83 -79.51 82.76
CA VAL C 263 -0.95 -80.62 82.38
C VAL C 263 -0.69 -81.41 83.64
N SER C 264 -1.02 -82.69 83.60
CA SER C 264 -1.07 -83.50 84.80
C SER C 264 -0.20 -84.74 84.64
N ASP C 265 -0.27 -85.64 85.62
CA ASP C 265 0.45 -86.89 85.54
C ASP C 265 -0.36 -87.90 84.72
N THR C 266 -1.66 -87.65 84.61
CA THR C 266 -2.56 -88.54 83.88
C THR C 266 -3.05 -87.88 82.59
N TYR C 267 -3.29 -88.69 81.57
CA TYR C 267 -3.76 -88.14 80.29
C TYR C 267 -5.12 -87.51 80.48
N THR C 268 -5.21 -86.22 80.15
CA THR C 268 -6.47 -85.50 80.19
C THR C 268 -6.75 -85.00 78.78
N GLN C 269 -7.92 -85.35 78.26
CA GLN C 269 -8.24 -85.06 76.87
C GLN C 269 -8.52 -83.57 76.68
N SER C 270 -9.08 -82.93 77.69
CA SER C 270 -9.52 -81.53 77.59
C SER C 270 -8.38 -80.54 77.38
N GLU C 271 -7.21 -80.83 77.93
CA GLU C 271 -6.07 -79.93 77.76
C GLU C 271 -5.42 -80.00 76.39
N ILE C 272 -5.15 -81.20 75.91
CA ILE C 272 -4.60 -81.38 74.57
C ILE C 272 -5.62 -80.78 73.58
N GLN C 273 -6.90 -80.90 73.92
CA GLN C 273 -7.97 -80.23 73.20
C GLN C 273 -7.83 -78.71 73.27
N ALA C 274 -7.31 -78.20 74.38
CA ALA C 274 -7.06 -76.76 74.50
C ALA C 274 -5.80 -76.37 73.73
N ILE C 275 -4.72 -77.14 73.93
CA ILE C 275 -3.46 -76.91 73.24
C ILE C 275 -3.62 -76.99 71.73
N ALA C 276 -4.46 -77.93 71.27
CA ALA C 276 -4.78 -78.04 69.85
C ALA C 276 -5.67 -76.89 69.39
N ASN C 277 -6.45 -76.33 70.31
CA ASN C 277 -7.26 -75.15 70.01
C ASN C 277 -6.53 -73.82 70.28
N ALA C 278 -5.41 -73.90 70.98
CA ALA C 278 -4.56 -72.73 71.22
C ALA C 278 -3.44 -72.68 70.18
N LEU C 279 -3.40 -73.72 69.35
CA LEU C 279 -2.50 -73.82 68.21
C LEU C 279 -3.20 -73.26 66.98
N ILE C 280 -4.37 -73.83 66.69
CA ILE C 280 -5.24 -73.39 65.61
C ILE C 280 -5.34 -71.85 65.56
N THR C 281 -5.55 -71.24 66.71
CA THR C 281 -5.74 -69.79 66.80
C THR C 281 -4.44 -68.99 66.87
N GLU C 282 -3.32 -69.65 67.19
CA GLU C 282 -2.02 -69.00 67.13
C GLU C 282 -1.50 -69.01 65.68
N ARG C 283 -1.85 -70.05 64.94
CA ARG C 283 -1.47 -70.14 63.54
C ARG C 283 -2.23 -69.14 62.65
N ARG C 284 -3.41 -68.75 63.10
CA ARG C 284 -4.28 -67.88 62.31
C ARG C 284 -4.00 -66.38 62.50
N ARG C 285 -3.29 -66.04 63.57
CA ARG C 285 -2.78 -64.68 63.73
C ARG C 285 -1.59 -64.52 62.81
N THR C 286 -0.69 -65.49 62.87
CA THR C 286 0.51 -65.52 62.04
C THR C 286 0.14 -65.58 60.56
N LYS C 287 -1.06 -66.07 60.28
CA LYS C 287 -1.61 -66.08 58.93
C LYS C 287 -2.11 -64.70 58.51
N ALA C 288 -2.75 -63.99 59.44
CA ALA C 288 -3.26 -62.64 59.16
C ALA C 288 -2.21 -61.57 59.43
N LEU C 289 -1.14 -61.96 60.11
CA LEU C 289 0.03 -61.10 60.27
C LEU C 289 0.79 -61.21 58.96
N GLU C 290 0.57 -62.32 58.27
CA GLU C 290 1.10 -62.53 56.93
C GLU C 290 0.22 -61.86 55.88
N ASP C 291 -1.09 -61.84 56.12
CA ASP C 291 -2.06 -61.19 55.23
C ASP C 291 -1.86 -59.67 55.17
N ALA C 292 -1.06 -59.15 56.11
CA ALA C 292 -0.71 -57.73 56.14
C ALA C 292 0.50 -57.44 55.27
N LEU C 293 1.62 -58.08 55.62
CA LEU C 293 2.89 -57.92 54.92
C LEU C 293 2.76 -58.18 53.41
N ARG C 294 1.70 -58.90 53.04
CA ARG C 294 1.35 -59.10 51.63
C ARG C 294 0.51 -57.95 51.09
N ALA C 295 -0.65 -57.74 51.70
CA ALA C 295 -1.58 -56.68 51.28
C ALA C 295 -0.87 -55.34 51.06
N HIS C 296 0.08 -55.03 51.92
CA HIS C 296 0.93 -53.88 51.71
C HIS C 296 1.96 -54.16 50.59
N GLY C 297 2.49 -55.38 50.58
CA GLY C 297 3.47 -55.76 49.58
C GLY C 297 4.91 -55.83 50.05
N LEU C 298 5.12 -55.82 51.36
CA LEU C 298 6.47 -55.89 51.92
C LEU C 298 7.12 -57.26 51.71
N ILE C 299 6.30 -58.26 51.44
CA ILE C 299 6.78 -59.59 51.08
C ILE C 299 5.96 -60.09 49.88
N ASP C 300 6.41 -61.17 49.25
CA ASP C 300 5.69 -61.74 48.11
C ASP C 300 4.31 -62.24 48.51
N MET D 12 -42.92 -138.22 52.51
CA MET D 12 -43.60 -137.42 53.51
C MET D 12 -43.50 -138.04 54.90
N ALA D 13 -44.59 -137.92 55.66
CA ALA D 13 -44.65 -138.46 57.02
C ALA D 13 -44.94 -139.96 57.01
N ASP D 14 -44.41 -140.66 58.00
CA ASP D 14 -44.62 -142.10 58.11
C ASP D 14 -45.79 -142.39 59.06
N PRO D 15 -46.85 -143.04 58.53
CA PRO D 15 -47.99 -143.46 59.35
C PRO D 15 -47.57 -144.51 60.37
N SER D 16 -46.55 -145.29 60.04
CA SER D 16 -46.07 -146.32 60.94
C SER D 16 -45.43 -145.69 62.18
N LEU D 17 -44.85 -144.51 62.00
CA LEU D 17 -44.25 -143.76 63.11
C LEU D 17 -45.32 -143.30 64.08
N ASN D 18 -46.52 -143.08 63.57
CA ASN D 18 -47.60 -142.53 64.36
C ASN D 18 -48.29 -143.54 65.29
N ASN D 19 -48.29 -144.81 64.90
CA ASN D 19 -48.94 -145.85 65.70
C ASN D 19 -48.13 -146.28 66.92
N PRO D 20 -48.80 -146.38 68.08
CA PRO D 20 -48.23 -146.86 69.35
C PRO D 20 -48.04 -148.38 69.37
N VAL D 21 -47.25 -148.88 70.32
CA VAL D 21 -47.05 -150.31 70.50
C VAL D 21 -47.81 -150.77 71.73
N VAL D 22 -48.67 -151.79 71.59
CA VAL D 22 -49.46 -152.27 72.73
C VAL D 22 -48.81 -153.48 73.43
N ILE D 23 -48.89 -153.46 74.76
CA ILE D 23 -48.20 -154.44 75.61
C ILE D 23 -49.18 -155.05 76.59
N GLN D 24 -49.37 -156.36 76.51
CA GLN D 24 -50.42 -157.01 77.32
C GLN D 24 -50.09 -157.09 78.80
N ALA D 25 -48.85 -157.40 79.17
CA ALA D 25 -48.55 -157.39 80.58
C ALA D 25 -47.92 -156.04 80.85
N THR D 26 -48.74 -155.15 81.37
CA THR D 26 -48.34 -153.79 81.73
C THR D 26 -47.76 -153.78 83.13
N ARG D 27 -48.43 -154.48 84.04
CA ARG D 27 -47.97 -154.60 85.41
C ARG D 27 -48.06 -156.03 85.88
N LEU D 28 -47.35 -156.34 86.96
CA LEU D 28 -47.27 -157.70 87.47
C LEU D 28 -47.42 -157.72 88.97
N ASP D 29 -48.23 -158.64 89.48
CA ASP D 29 -48.32 -158.83 90.91
C ASP D 29 -47.21 -159.78 91.35
N ALA D 30 -46.64 -159.52 92.52
CA ALA D 30 -45.58 -160.38 93.03
C ALA D 30 -46.10 -161.79 93.26
N SER D 31 -47.40 -161.90 93.51
CA SER D 31 -48.04 -163.14 93.97
C SER D 31 -47.84 -164.37 93.07
N ILE D 32 -48.28 -164.27 91.82
CA ILE D 32 -48.40 -165.43 90.94
C ILE D 32 -47.09 -166.15 90.61
N LEU D 33 -45.97 -165.48 90.86
CA LEU D 33 -44.65 -166.04 90.60
C LEU D 33 -44.29 -167.11 91.64
N PRO D 34 -43.66 -168.22 91.21
CA PRO D 34 -43.22 -169.19 92.22
C PRO D 34 -42.13 -168.60 93.11
N ARG D 35 -42.34 -168.63 94.43
CA ARG D 35 -41.40 -167.97 95.33
C ARG D 35 -40.33 -168.85 96.01
N ASN D 36 -40.51 -170.17 96.01
CA ASN D 36 -39.47 -171.04 96.59
C ASN D 36 -38.56 -171.78 95.61
N VAL D 37 -38.88 -171.76 94.32
CA VAL D 37 -37.99 -172.32 93.30
C VAL D 37 -36.97 -171.29 92.82
N PHE D 38 -37.32 -170.02 92.95
CA PHE D 38 -36.48 -168.91 92.50
C PHE D 38 -35.70 -168.33 93.67
N SER D 39 -34.38 -168.23 93.53
CA SER D 39 -33.58 -167.57 94.54
C SER D 39 -33.98 -166.09 94.58
N LYS D 40 -33.75 -165.45 95.71
CA LYS D 40 -34.13 -164.05 95.92
C LYS D 40 -33.72 -163.12 94.78
N SER D 41 -32.51 -163.32 94.26
CA SER D 41 -32.00 -162.44 93.20
C SER D 41 -32.70 -162.67 91.87
N TYR D 42 -32.80 -163.92 91.43
CA TYR D 42 -33.47 -164.24 90.17
C TYR D 42 -34.97 -163.98 90.29
N LEU D 43 -35.44 -163.87 91.52
CA LEU D 43 -36.80 -163.46 91.81
C LEU D 43 -36.95 -161.95 91.58
N LEU D 44 -35.96 -161.19 92.07
CA LEU D 44 -35.92 -159.75 91.87
C LEU D 44 -35.61 -159.40 90.42
N TYR D 45 -34.92 -160.32 89.74
CA TYR D 45 -34.64 -160.20 88.33
C TYR D 45 -35.94 -160.11 87.54
N VAL D 46 -36.88 -160.98 87.87
CA VAL D 46 -38.11 -161.15 87.10
C VAL D 46 -39.17 -160.07 87.38
N ILE D 47 -39.24 -159.58 88.62
CA ILE D 47 -40.16 -158.50 88.97
C ILE D 47 -39.67 -157.17 88.40
N ALA D 48 -38.36 -157.04 88.26
CA ALA D 48 -37.75 -155.83 87.69
C ALA D 48 -37.95 -155.80 86.17
N GLN D 49 -37.40 -156.79 85.49
CA GLN D 49 -37.48 -156.89 84.02
C GLN D 49 -38.91 -156.84 83.50
N GLY D 50 -39.87 -157.22 84.34
CA GLY D 50 -41.28 -157.07 84.00
C GLY D 50 -41.69 -155.61 84.00
N THR D 51 -41.10 -154.83 84.90
CA THR D 51 -41.37 -153.41 85.00
C THR D 51 -40.65 -152.59 83.92
N ASP D 52 -39.44 -153.02 83.56
CA ASP D 52 -38.58 -152.26 82.65
C ASP D 52 -38.81 -152.51 81.15
N VAL D 53 -39.52 -153.59 80.81
CA VAL D 53 -39.80 -153.89 79.41
C VAL D 53 -40.94 -153.01 78.89
N GLY D 54 -41.85 -152.64 79.79
CA GLY D 54 -42.91 -151.71 79.47
C GLY D 54 -42.45 -150.26 79.51
N ALA D 55 -41.31 -150.02 80.15
CA ALA D 55 -40.69 -148.71 80.18
C ALA D 55 -39.93 -148.46 78.88
N ILE D 56 -39.25 -149.50 78.40
CA ILE D 56 -38.59 -149.49 77.11
C ILE D 56 -39.58 -149.09 76.02
N ALA D 57 -40.72 -149.76 76.02
CA ALA D 57 -41.77 -149.53 75.04
C ALA D 57 -42.23 -148.07 75.02
N GLY D 58 -42.41 -147.50 76.21
CA GLY D 58 -42.84 -146.12 76.35
C GLY D 58 -41.91 -145.13 75.66
N LYS D 59 -40.62 -145.19 75.99
CA LYS D 59 -39.61 -144.33 75.38
C LYS D 59 -39.64 -144.48 73.86
N ALA D 60 -39.59 -145.73 73.41
CA ALA D 60 -39.61 -146.05 71.99
C ALA D 60 -40.93 -145.69 71.31
N ASN D 61 -42.03 -145.76 72.07
CA ASN D 61 -43.33 -145.28 71.57
C ASN D 61 -43.33 -143.77 71.40
N GLU D 62 -42.66 -143.06 72.30
CA GLU D 62 -42.52 -141.60 72.20
C GLU D 62 -41.34 -141.22 71.30
N ALA D 63 -40.51 -142.20 70.97
CA ALA D 63 -39.35 -141.97 70.10
C ALA D 63 -39.74 -142.02 68.63
N GLY D 64 -40.92 -142.54 68.33
CA GLY D 64 -41.44 -142.55 66.98
C GLY D 64 -42.34 -141.38 66.66
N GLN D 65 -42.95 -140.78 67.70
CA GLN D 65 -43.79 -139.61 67.54
C GLN D 65 -42.94 -138.34 67.61
N GLY D 66 -41.71 -138.50 68.08
CA GLY D 66 -40.73 -137.44 68.02
C GLY D 66 -40.08 -137.48 66.65
N ALA D 67 -40.05 -138.67 66.07
CA ALA D 67 -39.55 -138.87 64.72
C ALA D 67 -40.62 -138.53 63.68
N TYR D 68 -41.88 -138.58 64.10
CA TYR D 68 -43.00 -138.19 63.24
C TYR D 68 -43.13 -136.68 63.17
N ASP D 69 -43.03 -136.04 64.34
CA ASP D 69 -43.12 -134.57 64.43
C ASP D 69 -41.95 -133.91 63.70
N ALA D 70 -40.91 -134.67 63.43
CA ALA D 70 -39.78 -134.18 62.66
C ALA D 70 -40.09 -134.18 61.16
N GLN D 71 -40.95 -135.10 60.73
CA GLN D 71 -41.22 -135.27 59.30
C GLN D 71 -42.40 -134.51 58.71
N VAL D 72 -43.26 -133.94 59.56
CA VAL D 72 -44.33 -133.08 59.05
C VAL D 72 -43.85 -131.62 59.07
N LYS D 73 -42.73 -131.41 59.74
CA LYS D 73 -42.01 -130.15 59.66
C LYS D 73 -41.29 -130.13 58.34
N ASN D 74 -40.39 -131.10 58.15
CA ASN D 74 -39.60 -131.24 56.94
C ASN D 74 -40.44 -131.21 55.67
N ASP D 75 -41.69 -131.64 55.76
CA ASP D 75 -42.61 -131.54 54.64
C ASP D 75 -43.14 -130.12 54.52
N GLU D 76 -43.35 -129.47 55.66
CA GLU D 76 -43.80 -128.10 55.68
C GLU D 76 -42.61 -127.15 55.51
N GLN D 77 -41.41 -127.66 55.72
CA GLN D 77 -40.21 -126.89 55.47
C GLN D 77 -39.91 -126.89 53.98
N ASP D 78 -40.12 -128.03 53.35
CA ASP D 78 -39.88 -128.19 51.92
C ASP D 78 -40.77 -127.29 51.07
N VAL D 79 -42.04 -127.21 51.45
CA VAL D 79 -43.03 -126.46 50.67
C VAL D 79 -42.72 -124.96 50.62
N GLU D 80 -42.19 -124.44 51.73
CA GLU D 80 -41.80 -123.05 51.81
C GLU D 80 -40.45 -122.89 51.13
N LEU D 81 -39.59 -123.89 51.32
CA LEU D 81 -38.30 -123.95 50.62
C LEU D 81 -38.57 -124.04 49.13
N ALA D 82 -39.74 -124.58 48.78
CA ALA D 82 -40.21 -124.61 47.39
C ALA D 82 -40.94 -123.32 47.01
N ASP D 83 -41.29 -122.50 48.00
CA ASP D 83 -41.69 -121.13 47.72
C ASP D 83 -40.43 -120.28 47.59
N HIS D 84 -39.36 -120.70 48.26
CA HIS D 84 -38.11 -119.92 48.31
C HIS D 84 -37.32 -119.85 47.00
N GLU D 85 -36.93 -121.01 46.47
CA GLU D 85 -36.17 -121.06 45.23
C GLU D 85 -36.98 -120.41 44.10
N ALA D 86 -38.29 -120.64 44.13
CA ALA D 86 -39.20 -120.10 43.13
C ALA D 86 -39.14 -118.58 43.07
N ARG D 87 -39.06 -117.93 44.23
CA ARG D 87 -39.03 -116.47 44.26
C ARG D 87 -37.61 -115.89 44.18
N ILE D 88 -36.59 -116.72 44.38
CA ILE D 88 -35.22 -116.28 44.15
C ILE D 88 -34.86 -116.38 42.68
N LYS D 89 -35.28 -117.47 42.03
CA LYS D 89 -35.00 -117.68 40.61
C LYS D 89 -35.54 -116.55 39.75
N GLN D 90 -36.82 -116.23 39.94
CA GLN D 90 -37.45 -115.15 39.19
C GLN D 90 -36.91 -113.81 39.67
N LEU D 91 -36.25 -113.81 40.82
CA LEU D 91 -35.61 -112.59 41.31
C LEU D 91 -34.25 -112.34 40.65
N ARG D 92 -33.45 -113.39 40.51
CA ARG D 92 -32.11 -113.28 39.94
C ARG D 92 -32.10 -113.03 38.43
N ILE D 93 -32.81 -113.89 37.70
CA ILE D 93 -32.90 -113.79 36.25
C ILE D 93 -33.48 -112.42 35.83
N ASP D 94 -34.35 -111.88 36.67
CA ASP D 94 -34.88 -110.53 36.45
C ASP D 94 -33.91 -109.44 36.89
N VAL D 95 -33.16 -109.68 37.97
CA VAL D 95 -32.17 -108.71 38.43
C VAL D 95 -31.04 -108.57 37.42
N ASP D 96 -30.76 -109.65 36.70
CA ASP D 96 -29.74 -109.59 35.65
C ASP D 96 -30.27 -108.96 34.37
N ASP D 97 -31.57 -108.71 34.34
CA ASP D 97 -32.13 -107.90 33.27
C ASP D 97 -32.17 -106.44 33.72
N HIS D 98 -31.89 -106.20 34.99
CA HIS D 98 -31.68 -104.82 35.45
C HIS D 98 -30.29 -104.37 35.06
N GLU D 99 -29.30 -105.21 35.38
CA GLU D 99 -27.90 -104.94 35.07
C GLU D 99 -27.72 -104.55 33.61
N SER D 100 -28.44 -105.24 32.73
CA SER D 100 -28.40 -104.95 31.30
C SER D 100 -29.27 -103.76 30.90
N ARG D 101 -30.32 -103.50 31.67
CA ARG D 101 -31.20 -102.36 31.38
C ARG D 101 -30.78 -101.09 32.14
N ILE D 102 -29.69 -101.18 32.88
CA ILE D 102 -29.10 -100.01 33.53
C ILE D 102 -27.92 -99.51 32.72
N THR D 103 -26.94 -100.39 32.53
CA THR D 103 -25.78 -100.08 31.71
C THR D 103 -26.18 -99.61 30.31
N ALA D 104 -27.41 -99.92 29.91
CA ALA D 104 -27.98 -99.37 28.68
C ALA D 104 -28.48 -97.93 28.87
N ASN D 105 -28.95 -97.62 30.07
CA ASN D 105 -29.36 -96.26 30.40
C ASN D 105 -28.16 -95.38 30.71
N THR D 106 -27.14 -95.98 31.31
CA THR D 106 -25.95 -95.24 31.73
C THR D 106 -25.00 -94.97 30.56
N LYS D 107 -25.02 -95.82 29.54
CA LYS D 107 -24.28 -95.55 28.32
C LYS D 107 -25.02 -94.48 27.51
N ALA D 108 -26.32 -94.39 27.73
CA ALA D 108 -27.17 -93.45 26.99
C ALA D 108 -27.11 -92.03 27.53
N ILE D 109 -27.13 -91.88 28.86
CA ILE D 109 -27.05 -90.55 29.47
C ILE D 109 -25.76 -89.84 29.10
N THR D 110 -24.68 -90.61 28.97
CA THR D 110 -23.35 -90.07 28.72
C THR D 110 -23.15 -89.72 27.24
N ALA D 111 -23.86 -90.41 26.35
CA ALA D 111 -23.77 -90.13 24.93
C ALA D 111 -24.68 -88.97 24.53
N LEU D 112 -25.61 -88.64 25.42
CA LEU D 112 -26.40 -87.40 25.29
C LEU D 112 -25.68 -86.28 26.03
N ASN D 113 -24.70 -86.67 26.85
CA ASN D 113 -23.85 -85.72 27.53
C ASN D 113 -22.85 -85.15 26.53
N VAL D 114 -22.60 -85.92 25.47
CA VAL D 114 -21.74 -85.48 24.37
C VAL D 114 -22.50 -84.60 23.38
N ARG D 115 -23.74 -84.97 23.07
CA ARG D 115 -24.55 -84.28 22.07
C ARG D 115 -25.18 -83.01 22.64
N VAL D 116 -24.96 -82.76 23.92
CA VAL D 116 -25.37 -81.51 24.55
C VAL D 116 -24.24 -80.47 24.44
N THR D 117 -23.08 -80.80 25.01
CA THR D 117 -21.90 -79.94 24.92
C THR D 117 -21.59 -79.59 23.46
N THR D 118 -21.65 -80.60 22.59
CA THR D 118 -21.45 -80.40 21.16
C THR D 118 -22.52 -79.45 20.62
N ALA D 119 -23.76 -79.63 21.07
CA ALA D 119 -24.83 -78.72 20.69
C ALA D 119 -24.60 -77.33 21.27
N GLU D 120 -24.43 -77.25 22.59
CA GLU D 120 -24.24 -75.97 23.27
C GLU D 120 -23.01 -75.20 22.79
N GLY D 121 -21.95 -75.93 22.42
CA GLY D 121 -20.75 -75.30 21.91
C GLY D 121 -21.02 -74.64 20.57
N GLU D 122 -21.89 -75.25 19.78
CA GLU D 122 -22.36 -74.66 18.53
C GLU D 122 -23.30 -73.49 18.84
N ILE D 123 -24.07 -73.63 19.91
CA ILE D 123 -24.96 -72.58 20.38
C ILE D 123 -24.16 -71.36 20.84
N ALA D 124 -22.98 -71.60 21.41
CA ALA D 124 -22.16 -70.52 21.97
C ALA D 124 -21.45 -69.66 20.94
N SER D 125 -20.76 -70.28 19.98
CA SER D 125 -20.06 -69.54 18.94
C SER D 125 -21.07 -68.92 17.98
N LEU D 126 -22.32 -69.36 18.11
CA LEU D 126 -23.43 -68.76 17.41
C LEU D 126 -23.83 -67.47 18.13
N GLN D 127 -23.82 -67.50 19.46
CA GLN D 127 -24.19 -66.32 20.24
C GLN D 127 -23.17 -65.18 20.21
N THR D 128 -21.90 -65.52 19.97
CA THR D 128 -20.89 -64.48 19.80
C THR D 128 -20.92 -63.89 18.40
N ASN D 129 -21.27 -64.72 17.42
CA ASN D 129 -21.26 -64.27 16.03
C ASN D 129 -22.46 -63.39 15.69
N VAL D 130 -23.64 -63.72 16.21
CA VAL D 130 -24.81 -62.85 16.06
C VAL D 130 -24.62 -61.57 16.87
N SER D 131 -23.65 -61.58 17.78
CA SER D 131 -23.29 -60.37 18.53
C SER D 131 -22.49 -59.40 17.68
N ALA D 132 -21.51 -59.91 16.95
CA ALA D 132 -20.66 -59.09 16.09
C ALA D 132 -21.41 -58.65 14.84
N LEU D 133 -22.50 -59.33 14.52
CA LEU D 133 -23.31 -58.97 13.37
C LEU D 133 -24.23 -57.79 13.68
N ASP D 134 -24.87 -57.82 14.85
CA ASP D 134 -25.80 -56.78 15.25
C ASP D 134 -25.13 -55.43 15.43
N GLY D 135 -23.87 -55.45 15.85
CA GLY D 135 -23.09 -54.24 16.02
C GLY D 135 -22.60 -53.70 14.69
N ARG D 136 -22.38 -54.60 13.73
CA ARG D 136 -21.97 -54.21 12.39
C ARG D 136 -23.12 -53.74 11.50
N VAL D 137 -24.28 -54.38 11.63
CA VAL D 137 -25.45 -53.96 10.87
C VAL D 137 -25.98 -52.62 11.38
N THR D 138 -25.87 -52.40 12.69
CA THR D 138 -26.27 -51.13 13.29
C THR D 138 -25.46 -49.98 12.71
N THR D 139 -24.15 -50.17 12.65
CA THR D 139 -23.22 -49.19 12.08
C THR D 139 -23.54 -48.90 10.63
N ALA D 140 -23.70 -49.96 9.85
CA ALA D 140 -23.99 -49.84 8.42
C ALA D 140 -25.26 -49.03 8.17
N GLU D 141 -26.31 -49.30 8.93
CA GLU D 141 -27.55 -48.52 8.89
C GLU D 141 -27.28 -47.03 9.03
N ASN D 142 -26.35 -46.69 9.92
CA ASN D 142 -25.96 -45.31 10.14
C ASN D 142 -25.12 -44.83 8.96
N ASN D 143 -24.01 -45.50 8.74
CA ASN D 143 -23.13 -45.18 7.62
C ASN D 143 -23.84 -45.19 6.27
N ILE D 144 -24.99 -45.86 6.18
CA ILE D 144 -25.84 -45.75 5.00
C ILE D 144 -26.61 -44.43 5.00
N SER D 145 -27.07 -44.02 6.18
CA SER D 145 -27.84 -42.79 6.33
C SER D 145 -26.97 -41.54 6.08
N ALA D 146 -25.73 -41.57 6.56
CA ALA D 146 -24.78 -40.48 6.33
C ALA D 146 -24.64 -40.17 4.84
N LEU D 147 -24.44 -41.22 4.04
CA LEU D 147 -24.32 -41.07 2.60
C LEU D 147 -25.63 -40.62 2.00
N GLN D 148 -26.74 -41.19 2.48
CA GLN D 148 -28.08 -40.80 2.04
C GLN D 148 -28.31 -39.31 2.27
N ALA D 149 -27.76 -38.79 3.37
CA ALA D 149 -27.77 -37.35 3.60
C ALA D 149 -26.79 -36.68 2.64
N ASP D 150 -25.58 -37.22 2.56
CA ASP D 150 -24.55 -36.74 1.64
C ASP D 150 -25.05 -36.72 0.19
N VAL D 151 -25.65 -37.83 -0.25
CA VAL D 151 -26.14 -37.97 -1.62
C VAL D 151 -27.11 -36.86 -2.03
N ASP D 152 -28.13 -36.64 -1.22
CA ASP D 152 -29.14 -35.63 -1.56
C ASP D 152 -28.70 -34.20 -1.28
N ASP D 153 -27.63 -34.04 -0.50
CA ASP D 153 -27.02 -32.73 -0.37
C ASP D 153 -26.32 -32.39 -1.68
N HIS D 154 -25.79 -33.42 -2.35
CA HIS D 154 -25.18 -33.24 -3.65
C HIS D 154 -26.22 -33.13 -4.71
N GLU D 155 -27.27 -33.95 -4.59
CA GLU D 155 -28.39 -33.94 -5.55
C GLU D 155 -29.06 -32.57 -5.63
N SER D 156 -29.10 -31.87 -4.48
CA SER D 156 -29.65 -30.52 -4.45
C SER D 156 -28.65 -29.49 -4.96
N ARG D 157 -27.38 -29.66 -4.58
CA ARG D 157 -26.33 -28.73 -4.99
C ARG D 157 -25.98 -28.85 -6.47
N ILE D 158 -26.30 -29.98 -7.09
CA ILE D 158 -26.00 -30.14 -8.50
C ILE D 158 -27.05 -29.53 -9.46
N THR D 159 -28.32 -29.62 -9.09
CA THR D 159 -29.40 -28.93 -9.80
C THR D 159 -29.21 -27.42 -9.78
N ALA D 160 -28.46 -26.94 -8.79
CA ALA D 160 -28.08 -25.53 -8.71
C ALA D 160 -26.99 -25.22 -9.74
N ASN D 161 -25.83 -25.84 -9.58
CA ASN D 161 -24.68 -25.59 -10.44
C ASN D 161 -24.95 -25.78 -11.95
N THR D 162 -25.94 -26.59 -12.30
CA THR D 162 -26.29 -26.75 -13.71
C THR D 162 -27.14 -25.60 -14.22
N LYS D 163 -28.08 -25.17 -13.40
CA LYS D 163 -29.04 -24.14 -13.76
C LYS D 163 -28.37 -22.78 -13.83
N ALA D 164 -27.23 -22.67 -13.17
CA ALA D 164 -26.41 -21.48 -13.26
C ALA D 164 -25.67 -21.45 -14.61
N ILE D 165 -25.35 -22.62 -15.14
CA ILE D 165 -24.59 -22.72 -16.39
C ILE D 165 -25.37 -22.24 -17.61
N THR D 166 -26.65 -22.60 -17.69
CA THR D 166 -27.49 -22.23 -18.83
C THR D 166 -27.83 -20.73 -18.83
N ALA D 167 -27.99 -20.14 -17.66
CA ALA D 167 -28.20 -18.70 -17.55
C ALA D 167 -26.93 -18.01 -18.00
N LEU D 168 -25.82 -18.47 -17.45
CA LEU D 168 -24.50 -17.93 -17.75
C LEU D 168 -24.14 -18.07 -19.22
N ASN D 169 -24.78 -19.01 -19.91
CA ASN D 169 -24.65 -19.14 -21.36
C ASN D 169 -25.47 -18.07 -22.08
N VAL D 170 -26.70 -17.87 -21.61
CA VAL D 170 -27.60 -16.87 -22.19
C VAL D 170 -27.01 -15.47 -22.06
N ARG D 171 -26.47 -15.17 -20.88
CA ARG D 171 -25.81 -13.89 -20.65
C ARG D 171 -24.57 -13.77 -21.53
N VAL D 172 -23.88 -14.89 -21.71
CA VAL D 172 -22.70 -14.93 -22.55
C VAL D 172 -23.06 -14.74 -24.02
N THR D 173 -24.20 -15.31 -24.43
CA THR D 173 -24.70 -15.12 -25.79
C THR D 173 -25.10 -13.67 -26.06
N THR D 174 -25.70 -13.02 -25.07
CA THR D 174 -26.04 -11.60 -25.16
C THR D 174 -24.79 -10.75 -25.28
N ALA D 175 -23.78 -11.10 -24.50
CA ALA D 175 -22.48 -10.43 -24.57
C ALA D 175 -21.88 -10.56 -25.96
N GLU D 176 -21.76 -11.79 -26.45
CA GLU D 176 -21.15 -12.06 -27.74
C GLU D 176 -21.91 -11.44 -28.92
N GLY D 177 -23.17 -11.09 -28.71
CA GLY D 177 -23.94 -10.38 -29.71
C GLY D 177 -23.76 -8.88 -29.62
N GLU D 178 -23.52 -8.37 -28.42
CA GLU D 178 -23.30 -6.95 -28.23
C GLU D 178 -21.83 -6.55 -28.36
N ILE D 179 -20.94 -7.54 -28.30
CA ILE D 179 -19.52 -7.31 -28.54
C ILE D 179 -19.19 -7.32 -30.05
N ALA D 180 -19.88 -8.18 -30.80
CA ALA D 180 -19.68 -8.23 -32.25
C ALA D 180 -20.33 -7.04 -32.95
N SER D 181 -21.33 -6.44 -32.30
CA SER D 181 -21.93 -5.21 -32.78
C SER D 181 -21.13 -3.98 -32.35
N LEU D 182 -20.37 -4.12 -31.27
CA LEU D 182 -19.54 -3.02 -30.76
C LEU D 182 -18.17 -3.00 -31.42
N GLN D 183 -17.78 -4.12 -32.02
CA GLN D 183 -16.52 -4.22 -32.75
C GLN D 183 -16.65 -3.64 -34.15
N THR D 184 -17.81 -3.85 -34.77
CA THR D 184 -18.05 -3.40 -36.14
C THR D 184 -18.43 -1.92 -36.18
N ASN D 185 -18.90 -1.38 -35.06
CA ASN D 185 -19.21 0.04 -34.97
C ASN D 185 -17.94 0.85 -34.76
N VAL D 186 -17.02 0.29 -33.98
CA VAL D 186 -15.72 0.89 -33.74
C VAL D 186 -14.88 0.89 -35.02
N SER D 187 -14.91 -0.23 -35.73
CA SER D 187 -14.23 -0.36 -37.02
C SER D 187 -14.66 0.72 -38.01
N ALA D 188 -15.97 0.97 -38.07
CA ALA D 188 -16.53 1.97 -38.96
C ALA D 188 -16.17 3.38 -38.49
N LEU D 189 -15.89 3.53 -37.20
CA LEU D 189 -15.45 4.81 -36.66
C LEU D 189 -13.94 4.98 -36.73
N ASP D 190 -13.22 3.89 -36.93
CA ASP D 190 -11.77 3.97 -37.00
C ASP D 190 -11.34 4.47 -38.38
N GLY D 191 -12.07 4.06 -39.41
CA GLY D 191 -11.82 4.51 -40.76
C GLY D 191 -12.32 5.91 -41.05
N ARG D 192 -13.57 6.19 -40.66
CA ARG D 192 -14.19 7.47 -40.96
C ARG D 192 -13.60 8.64 -40.16
N VAL D 193 -12.98 8.35 -39.03
CA VAL D 193 -12.31 9.39 -38.26
C VAL D 193 -10.94 9.74 -38.88
N THR D 194 -10.28 8.76 -39.49
CA THR D 194 -9.02 9.00 -40.19
C THR D 194 -9.21 9.72 -41.54
N THR D 195 -10.27 9.36 -42.27
CA THR D 195 -10.58 9.98 -43.56
C THR D 195 -10.84 11.48 -43.38
N ALA D 196 -11.50 11.83 -42.27
CA ALA D 196 -11.74 13.22 -41.93
C ALA D 196 -10.44 13.86 -41.42
N GLU D 197 -9.65 13.08 -40.68
CA GLU D 197 -8.34 13.53 -40.19
C GLU D 197 -7.41 13.92 -41.34
N ASN D 198 -7.51 13.21 -42.45
CA ASN D 198 -6.78 13.57 -43.65
C ASN D 198 -7.39 14.81 -44.28
N ASN D 199 -8.72 14.87 -44.27
CA ASN D 199 -9.44 16.06 -44.72
C ASN D 199 -9.19 17.25 -43.79
N ILE D 200 -8.56 16.97 -42.65
CA ILE D 200 -8.09 18.01 -41.74
C ILE D 200 -6.70 18.48 -42.16
N SER D 201 -5.73 17.56 -42.13
CA SER D 201 -4.34 17.89 -42.40
C SER D 201 -4.11 18.43 -43.81
N ALA D 202 -5.01 18.12 -44.74
CA ALA D 202 -4.95 18.68 -46.08
C ALA D 202 -5.53 20.08 -46.11
N LEU D 203 -6.65 20.27 -45.42
CA LEU D 203 -7.35 21.54 -45.36
C LEU D 203 -6.54 22.59 -44.59
N GLN D 204 -5.57 22.13 -43.82
CA GLN D 204 -4.72 23.00 -43.02
C GLN D 204 -3.61 23.64 -43.86
N ALA D 205 -3.09 22.88 -44.82
CA ALA D 205 -2.04 23.38 -45.69
C ALA D 205 -2.59 24.26 -46.82
N ASP D 206 -3.85 24.02 -47.20
CA ASP D 206 -4.42 24.73 -48.33
C ASP D 206 -5.32 25.92 -47.99
N TYR D 207 -5.60 26.16 -46.71
CA TYR D 207 -6.48 27.26 -46.34
C TYR D 207 -5.76 28.61 -46.31
N VAL D 208 -6.50 29.70 -46.51
CA VAL D 208 -5.91 31.04 -46.41
C VAL D 208 -6.22 31.66 -45.05
N SER D 209 -5.16 32.06 -44.35
CA SER D 209 -5.26 32.45 -42.94
C SER D 209 -5.39 33.95 -42.73
N LYS D 210 -6.26 34.34 -41.80
CA LYS D 210 -6.41 35.74 -41.43
C LYS D 210 -5.28 36.15 -40.47
N THR D 211 -4.77 35.19 -39.72
CA THR D 211 -3.76 35.46 -38.70
C THR D 211 -2.30 35.17 -39.09
N ALA D 212 -2.05 34.63 -40.28
CA ALA D 212 -0.69 34.20 -40.64
C ALA D 212 0.14 35.30 -41.33
N THR D 213 1.41 35.42 -40.92
CA THR D 213 2.29 36.48 -41.37
C THR D 213 2.94 36.27 -42.75
N THR D 214 3.44 35.06 -43.00
CA THR D 214 4.11 34.75 -44.27
C THR D 214 3.20 35.03 -45.46
N SER D 215 3.76 35.63 -46.51
CA SER D 215 2.99 35.95 -47.72
C SER D 215 2.30 34.72 -48.28
N GLN D 216 1.02 34.87 -48.62
CA GLN D 216 0.23 33.74 -49.10
C GLN D 216 -0.13 33.88 -50.57
N SER D 217 0.48 33.03 -51.40
CA SER D 217 0.25 33.05 -52.84
C SER D 217 -1.02 32.31 -53.26
N LEU D 218 -1.58 32.70 -54.41
CA LEU D 218 -2.66 31.95 -55.04
C LEU D 218 -2.22 31.42 -56.39
N ALA D 219 -2.80 30.31 -56.81
CA ALA D 219 -2.56 29.77 -58.15
C ALA D 219 -3.67 30.21 -59.11
N SER D 220 -4.62 30.99 -58.60
CA SER D 220 -5.79 31.39 -59.37
C SER D 220 -6.15 32.87 -59.21
N PRO D 221 -6.87 33.42 -60.19
CA PRO D 221 -7.43 34.78 -60.08
C PRO D 221 -8.42 34.87 -58.92
N LEU D 222 -8.26 35.90 -58.10
CA LEU D 222 -9.13 36.11 -56.95
C LEU D 222 -10.02 37.32 -57.16
N ASN D 223 -11.33 37.06 -57.18
CA ASN D 223 -12.32 38.13 -57.28
C ASN D 223 -13.00 38.30 -55.93
N VAL D 224 -13.36 39.53 -55.60
CA VAL D 224 -14.02 39.82 -54.33
C VAL D 224 -15.22 40.74 -54.52
N THR D 225 -15.87 41.09 -53.40
CA THR D 225 -17.01 42.01 -53.42
C THR D 225 -17.01 42.91 -52.19
N THR D 226 -17.09 44.24 -52.36
CA THR D 226 -16.78 44.94 -53.60
C THR D 226 -15.41 45.62 -53.58
N SER D 227 -14.70 45.57 -52.47
CA SER D 227 -13.48 46.35 -52.32
C SER D 227 -12.23 45.52 -52.03
N TYR D 228 -11.09 46.20 -52.02
CA TYR D 228 -9.83 45.61 -51.59
C TYR D 228 -9.27 46.58 -50.56
N SER D 229 -8.31 46.15 -49.78
CA SER D 229 -7.67 47.03 -48.82
C SER D 229 -6.29 46.54 -48.43
N VAL D 230 -5.46 47.46 -47.96
CA VAL D 230 -4.21 47.11 -47.30
C VAL D 230 -4.00 48.04 -46.11
N GLY D 231 -3.91 47.48 -44.91
CA GLY D 231 -3.71 48.29 -43.73
C GLY D 231 -4.95 49.00 -43.21
N GLY D 232 -6.11 48.73 -43.81
CA GLY D 232 -7.37 49.25 -43.30
C GLY D 232 -8.09 50.33 -44.09
N LYS D 233 -7.45 50.85 -45.14
CA LYS D 233 -8.08 51.88 -45.98
C LYS D 233 -8.37 51.29 -47.37
N LYS D 234 -9.39 51.82 -48.04
CA LYS D 234 -9.80 51.26 -49.33
C LYS D 234 -8.77 51.53 -50.43
N VAL D 235 -8.19 50.46 -50.99
CA VAL D 235 -7.18 50.61 -52.03
C VAL D 235 -7.66 50.45 -53.48
N VAL D 236 -8.86 49.90 -53.66
CA VAL D 236 -9.38 49.57 -55.00
C VAL D 236 -10.92 49.59 -54.91
N GLY D 237 -11.58 49.83 -56.03
CA GLY D 237 -13.04 49.87 -56.06
C GLY D 237 -13.56 49.44 -57.42
N ALA D 238 -14.86 49.49 -57.60
CA ALA D 238 -15.47 49.06 -58.85
C ALA D 238 -14.97 49.95 -59.99
N ARG D 239 -15.00 49.41 -61.21
CA ARG D 239 -14.45 50.11 -62.36
C ARG D 239 -15.15 51.45 -62.58
N GLN D 240 -14.38 52.43 -63.05
CA GLN D 240 -14.92 53.75 -63.38
C GLN D 240 -15.31 53.76 -64.86
N THR D 241 -16.51 54.21 -65.15
CA THR D 241 -17.07 54.10 -66.50
C THR D 241 -17.31 55.47 -67.13
N GLY D 242 -17.37 55.49 -68.46
CA GLY D 242 -17.62 56.73 -69.19
C GLY D 242 -16.37 57.31 -69.83
N TRP D 243 -15.28 56.57 -69.78
CA TRP D 243 -14.04 57.00 -70.41
C TRP D 243 -14.07 56.72 -71.91
N THR D 244 -13.31 57.51 -72.66
CA THR D 244 -13.17 57.31 -74.10
C THR D 244 -11.69 57.08 -74.40
N ALA D 245 -11.39 56.06 -75.20
CA ALA D 245 -10.00 55.69 -75.46
C ALA D 245 -9.30 56.75 -76.31
N ALA D 246 -8.21 57.29 -75.80
CA ALA D 246 -7.42 58.27 -76.51
C ALA D 246 -6.62 57.59 -77.62
N THR D 247 -6.15 58.38 -78.59
CA THR D 247 -5.35 57.84 -79.69
C THR D 247 -3.99 58.50 -79.80
N GLY D 248 -3.22 58.07 -80.78
CA GLY D 248 -1.87 58.55 -80.99
C GLY D 248 -0.85 57.53 -80.50
N THR D 249 0.42 57.78 -80.74
CA THR D 249 1.45 56.93 -80.15
C THR D 249 1.51 57.26 -78.65
N ALA D 250 1.99 56.31 -77.85
CA ALA D 250 2.10 56.53 -76.41
C ALA D 250 3.55 56.74 -75.98
N ASN D 251 3.79 57.63 -75.03
CA ASN D 251 5.15 57.85 -74.55
C ASN D 251 5.35 57.14 -73.21
N LYS D 252 6.05 56.01 -73.26
CA LYS D 252 6.51 55.32 -72.06
C LYS D 252 7.98 55.63 -71.84
N GLY D 253 8.55 56.38 -72.77
CA GLY D 253 9.98 56.67 -72.77
C GLY D 253 10.36 57.80 -71.84
N VAL D 254 11.56 58.32 -72.03
CA VAL D 254 12.12 59.34 -71.15
C VAL D 254 11.23 60.57 -71.02
N PHE D 255 10.93 60.95 -69.77
CA PHE D 255 10.27 62.22 -69.52
C PHE D 255 11.33 63.13 -68.90
N ASP D 256 11.72 64.15 -69.65
CA ASP D 256 12.87 64.98 -69.32
C ASP D 256 12.62 65.66 -67.99
N ALA D 257 13.68 66.09 -67.29
CA ALA D 257 13.43 66.59 -65.96
C ALA D 257 13.16 68.07 -66.08
N ASP D 258 11.87 68.41 -66.01
CA ASP D 258 11.38 69.77 -65.98
C ASP D 258 12.15 70.76 -66.84
N LEU D 259 12.15 70.55 -68.14
CA LEU D 259 12.93 71.45 -68.99
C LEU D 259 12.38 72.87 -68.95
N THR D 260 13.28 73.83 -68.81
CA THR D 260 12.91 75.24 -68.74
C THR D 260 12.64 75.74 -70.15
N PHE D 261 11.60 76.57 -70.29
CA PHE D 261 11.29 77.15 -71.58
C PHE D 261 11.72 78.61 -71.65
N ALA D 262 12.34 78.98 -72.77
CA ALA D 262 12.73 80.36 -72.99
C ALA D 262 11.56 81.11 -73.61
N VAL D 263 11.25 82.28 -73.05
CA VAL D 263 10.26 83.18 -73.62
C VAL D 263 10.88 84.56 -73.70
N SER D 264 11.06 85.08 -74.92
CA SER D 264 11.73 86.37 -75.09
C SER D 264 10.77 87.53 -75.35
N ASP D 265 11.32 88.73 -75.50
CA ASP D 265 10.55 89.95 -75.65
C ASP D 265 9.96 90.07 -77.05
N THR D 266 10.64 89.46 -78.02
CA THR D 266 10.16 89.41 -79.39
C THR D 266 9.78 87.97 -79.72
N TYR D 267 8.80 87.79 -80.60
CA TYR D 267 8.36 86.46 -80.96
C TYR D 267 9.53 85.65 -81.49
N THR D 268 9.79 84.49 -80.87
CA THR D 268 10.83 83.60 -81.32
C THR D 268 10.18 82.28 -81.70
N GLN D 269 10.46 81.81 -82.91
CA GLN D 269 9.74 80.67 -83.48
C GLN D 269 10.20 79.34 -82.91
N SER D 270 11.42 79.30 -82.38
CA SER D 270 12.03 78.07 -81.89
C SER D 270 11.56 77.73 -80.49
N GLU D 271 11.10 78.73 -79.75
CA GLU D 271 10.65 78.51 -78.38
C GLU D 271 9.16 78.25 -78.25
N ILE D 272 8.41 78.48 -79.34
CA ILE D 272 7.00 78.14 -79.36
C ILE D 272 6.87 76.72 -79.90
N GLN D 273 7.98 76.22 -80.44
CA GLN D 273 8.09 74.83 -80.83
C GLN D 273 8.36 74.02 -79.59
N ALA D 274 9.47 74.32 -78.92
CA ALA D 274 9.87 73.62 -77.70
C ALA D 274 8.79 73.61 -76.61
N ILE D 275 7.82 74.52 -76.71
CA ILE D 275 6.64 74.52 -75.85
C ILE D 275 5.66 73.43 -76.30
N ALA D 276 5.14 73.57 -77.52
CA ALA D 276 4.19 72.58 -78.04
C ALA D 276 4.84 71.25 -78.40
N ASN D 277 6.17 71.23 -78.45
CA ASN D 277 6.90 69.98 -78.65
C ASN D 277 6.86 69.13 -77.38
N ALA D 278 7.17 69.76 -76.26
CA ALA D 278 7.13 69.09 -74.96
C ALA D 278 5.70 69.08 -74.41
N LEU D 279 4.79 69.72 -75.14
CA LEU D 279 3.36 69.56 -74.86
C LEU D 279 2.83 68.27 -75.49
N ILE D 280 3.27 67.96 -76.70
CA ILE D 280 2.81 66.75 -77.40
C ILE D 280 3.34 65.47 -76.74
N THR D 281 4.58 65.52 -76.26
CA THR D 281 5.15 64.39 -75.53
C THR D 281 4.62 64.36 -74.10
N GLU D 282 3.90 65.41 -73.72
CA GLU D 282 3.11 65.42 -72.50
C GLU D 282 1.76 64.73 -72.71
N ARG D 283 1.18 64.90 -73.89
CA ARG D 283 -0.11 64.30 -74.23
C ARG D 283 0.04 62.83 -74.61
N ARG D 284 1.25 62.43 -74.98
CA ARG D 284 1.53 61.03 -75.31
C ARG D 284 1.71 60.19 -74.05
N ARG D 285 2.26 60.80 -73.01
CA ARG D 285 2.48 60.12 -71.74
C ARG D 285 1.19 60.02 -70.92
N THR D 286 0.31 61.01 -71.08
CA THR D 286 -1.00 60.98 -70.44
C THR D 286 -1.80 59.81 -70.99
N LYS D 287 -1.60 59.51 -72.28
CA LYS D 287 -2.25 58.37 -72.91
C LYS D 287 -1.57 57.06 -72.52
N ALA D 288 -0.31 57.15 -72.09
CA ALA D 288 0.44 55.99 -71.63
C ALA D 288 -0.06 55.53 -70.27
N LEU D 289 -0.42 56.49 -69.42
CA LEU D 289 -0.97 56.22 -68.11
C LEU D 289 -2.46 55.86 -68.21
N GLU D 290 -3.09 56.33 -69.27
CA GLU D 290 -4.50 56.03 -69.52
C GLU D 290 -4.65 54.62 -70.06
N ASP D 291 -3.69 54.19 -70.88
CA ASP D 291 -3.70 52.84 -71.43
C ASP D 291 -3.24 51.79 -70.41
N ALA D 292 -2.55 52.23 -69.37
CA ALA D 292 -2.17 51.35 -68.28
C ALA D 292 -3.40 51.06 -67.44
N LEU D 293 -3.92 52.11 -66.81
CA LEU D 293 -5.09 52.03 -65.94
C LEU D 293 -6.30 51.36 -66.61
N ARG D 294 -6.39 51.47 -67.93
CA ARG D 294 -7.46 50.81 -68.68
C ARG D 294 -7.17 49.32 -68.89
N ALA D 295 -5.92 49.00 -69.23
CA ALA D 295 -5.55 47.61 -69.46
C ALA D 295 -5.56 46.79 -68.18
N HIS D 296 -5.23 47.43 -67.06
CA HIS D 296 -5.39 46.80 -65.76
C HIS D 296 -6.88 46.57 -65.51
N GLY D 297 -7.69 47.53 -65.93
CA GLY D 297 -9.12 47.49 -65.68
C GLY D 297 -9.51 48.47 -64.60
N LEU D 298 -8.53 49.22 -64.11
CA LEU D 298 -8.78 50.29 -63.14
C LEU D 298 -9.75 51.29 -63.74
N ILE D 299 -9.67 51.45 -65.06
CA ILE D 299 -10.51 52.36 -65.81
C ILE D 299 -11.10 51.61 -67.02
N ASP D 300 -12.32 51.97 -67.41
CA ASP D 300 -12.93 51.35 -68.58
C ASP D 300 -12.20 51.74 -69.87
N MET E 12 -40.96 -125.38 69.16
CA MET E 12 -42.01 -126.38 69.27
C MET E 12 -41.41 -127.77 69.17
N ALA E 13 -40.80 -128.21 70.26
CA ALA E 13 -40.13 -129.51 70.28
C ALA E 13 -40.56 -130.31 71.49
N ASP E 14 -40.25 -131.60 71.49
CA ASP E 14 -40.51 -132.42 72.65
C ASP E 14 -39.21 -132.48 73.48
N PRO E 15 -39.26 -132.02 74.75
CA PRO E 15 -38.19 -132.23 75.73
C PRO E 15 -38.11 -133.64 76.33
N SER E 16 -39.17 -134.44 76.20
CA SER E 16 -39.19 -135.76 76.82
C SER E 16 -38.32 -136.86 76.16
N LEU E 17 -37.90 -136.66 74.91
CA LEU E 17 -37.14 -137.73 74.25
C LEU E 17 -35.72 -137.86 74.77
N ASN E 18 -35.14 -136.75 75.20
CA ASN E 18 -33.74 -136.74 75.60
C ASN E 18 -33.45 -137.59 76.84
N ASN E 19 -34.44 -137.74 77.72
CA ASN E 19 -34.20 -138.43 78.98
C ASN E 19 -34.38 -139.94 78.83
N PRO E 20 -33.26 -140.69 78.90
CA PRO E 20 -33.25 -142.13 78.68
C PRO E 20 -33.93 -142.87 79.82
N VAL E 21 -34.62 -143.97 79.52
CA VAL E 21 -35.29 -144.76 80.52
C VAL E 21 -34.28 -145.50 81.41
N VAL E 22 -34.66 -145.75 82.66
CA VAL E 22 -33.86 -146.58 83.55
C VAL E 22 -33.85 -148.04 83.04
N ILE E 23 -32.69 -148.69 83.09
CA ILE E 23 -32.62 -150.15 82.92
C ILE E 23 -31.66 -150.69 83.98
N GLN E 24 -32.13 -151.67 84.74
CA GLN E 24 -31.37 -152.21 85.88
C GLN E 24 -30.05 -152.85 85.46
N ALA E 25 -29.07 -152.78 86.36
CA ALA E 25 -27.68 -153.14 86.02
C ALA E 25 -27.32 -154.61 86.24
N THR E 26 -28.30 -155.42 86.63
CA THR E 26 -28.04 -156.83 86.90
C THR E 26 -28.07 -157.69 85.64
N ARG E 27 -27.15 -158.65 85.56
CA ARG E 27 -27.02 -159.54 84.42
C ARG E 27 -27.07 -160.97 84.95
N LEU E 28 -27.26 -161.96 84.08
CA LEU E 28 -27.37 -163.32 84.57
C LEU E 28 -26.00 -163.98 84.67
N ASP E 29 -25.57 -164.20 85.90
CA ASP E 29 -24.30 -164.85 86.18
C ASP E 29 -24.54 -166.35 86.02
N ALA E 30 -25.81 -166.72 86.10
CA ALA E 30 -26.26 -168.11 86.06
C ALA E 30 -25.66 -168.95 87.18
N SER E 31 -25.18 -168.28 88.23
CA SER E 31 -24.93 -168.93 89.50
C SER E 31 -26.12 -168.66 90.41
N ILE E 32 -27.01 -167.79 89.95
CA ILE E 32 -28.26 -167.49 90.65
C ILE E 32 -29.48 -168.21 90.07
N LEU E 33 -29.27 -168.95 88.98
CA LEU E 33 -30.37 -169.61 88.27
C LEU E 33 -30.75 -170.95 88.90
N PRO E 34 -32.03 -171.35 88.78
CA PRO E 34 -32.46 -172.68 89.23
C PRO E 34 -31.56 -173.74 88.61
N ARG E 35 -31.04 -174.66 89.41
CA ARG E 35 -29.96 -175.51 88.92
C ARG E 35 -30.42 -176.57 87.93
N ASN E 36 -31.20 -177.54 88.39
CA ASN E 36 -31.64 -178.62 87.50
C ASN E 36 -33.06 -178.47 86.90
N VAL E 37 -33.70 -177.33 87.14
CA VAL E 37 -35.10 -177.13 86.74
C VAL E 37 -35.33 -176.90 85.23
N PHE E 38 -34.33 -176.35 84.54
CA PHE E 38 -34.54 -175.85 83.17
C PHE E 38 -34.02 -176.71 82.02
N SER E 39 -34.73 -176.66 80.90
CA SER E 39 -34.26 -177.24 79.65
C SER E 39 -33.17 -176.37 79.03
N LYS E 40 -32.38 -176.95 78.14
CA LYS E 40 -31.31 -176.22 77.47
C LYS E 40 -31.82 -175.12 76.53
N SER E 41 -33.05 -175.28 76.06
CA SER E 41 -33.67 -174.32 75.16
C SER E 41 -34.08 -173.05 75.89
N TYR E 42 -34.73 -173.21 77.04
CA TYR E 42 -35.10 -172.08 77.90
C TYR E 42 -33.86 -171.50 78.53
N LEU E 43 -32.82 -172.33 78.63
CA LEU E 43 -31.55 -171.93 79.22
C LEU E 43 -30.97 -170.72 78.50
N LEU E 44 -30.79 -170.83 77.19
CA LEU E 44 -30.17 -169.77 76.42
C LEU E 44 -31.09 -168.57 76.19
N TYR E 45 -32.37 -168.84 75.97
CA TYR E 45 -33.35 -167.80 75.65
C TYR E 45 -33.26 -166.64 76.64
N VAL E 46 -33.35 -166.97 77.93
CA VAL E 46 -33.38 -165.96 78.99
C VAL E 46 -32.03 -165.27 79.20
N ILE E 47 -30.96 -165.93 78.77
CA ILE E 47 -29.63 -165.33 78.82
C ILE E 47 -29.53 -164.29 77.72
N ALA E 48 -29.99 -164.65 76.53
CA ALA E 48 -30.09 -163.70 75.44
C ALA E 48 -31.18 -162.67 75.77
N GLN E 49 -32.32 -163.15 76.27
CA GLN E 49 -33.44 -162.26 76.59
C GLN E 49 -33.08 -161.14 77.57
N GLY E 50 -32.05 -161.36 78.38
CA GLY E 50 -31.53 -160.30 79.23
C GLY E 50 -30.45 -159.53 78.50
N THR E 51 -29.85 -160.17 77.50
CA THR E 51 -28.87 -159.55 76.62
C THR E 51 -29.64 -158.85 75.47
N ASP E 52 -30.90 -159.27 75.31
CA ASP E 52 -31.81 -158.66 74.36
C ASP E 52 -32.30 -157.31 74.86
N VAL E 53 -32.80 -157.31 76.10
CA VAL E 53 -33.41 -156.12 76.68
C VAL E 53 -32.45 -154.94 76.71
N GLY E 54 -31.16 -155.24 76.85
CA GLY E 54 -30.14 -154.23 76.81
C GLY E 54 -30.08 -153.55 75.45
N ALA E 55 -30.30 -154.32 74.40
CA ALA E 55 -30.24 -153.77 73.05
C ALA E 55 -31.60 -153.32 72.49
N ILE E 56 -32.70 -153.71 73.14
CA ILE E 56 -34.00 -153.15 72.82
C ILE E 56 -34.18 -151.81 73.53
N ALA E 57 -33.58 -151.71 74.72
CA ALA E 57 -33.55 -150.45 75.46
C ALA E 57 -32.50 -149.53 74.87
N GLY E 58 -31.44 -150.12 74.32
CA GLY E 58 -30.36 -149.37 73.72
C GLY E 58 -30.75 -148.80 72.37
N LYS E 59 -31.69 -149.45 71.71
CA LYS E 59 -32.21 -148.93 70.45
C LYS E 59 -33.43 -148.03 70.68
N ALA E 60 -34.01 -148.12 71.89
CA ALA E 60 -35.12 -147.25 72.26
C ALA E 60 -34.64 -145.89 72.77
N ASN E 61 -33.62 -145.90 73.62
CA ASN E 61 -33.08 -144.68 74.19
C ASN E 61 -32.41 -143.82 73.12
N GLU E 62 -31.82 -144.48 72.13
CA GLU E 62 -31.16 -143.81 71.01
C GLU E 62 -32.16 -143.20 70.05
N ALA E 63 -33.24 -143.94 69.76
CA ALA E 63 -34.28 -143.50 68.82
C ALA E 63 -34.85 -142.13 69.19
N GLY E 64 -34.90 -141.84 70.49
CA GLY E 64 -35.35 -140.55 70.98
C GLY E 64 -34.20 -139.62 71.32
N GLN E 65 -32.99 -140.14 71.33
CA GLN E 65 -31.82 -139.31 71.50
C GLN E 65 -31.57 -138.54 70.21
N GLY E 66 -31.85 -139.20 69.09
CA GLY E 66 -31.72 -138.59 67.79
C GLY E 66 -32.89 -137.66 67.48
N ALA E 67 -34.10 -138.11 67.77
CA ALA E 67 -35.28 -137.35 67.41
C ALA E 67 -35.40 -136.05 68.22
N TYR E 68 -34.63 -135.93 69.31
CA TYR E 68 -34.45 -134.64 69.97
C TYR E 68 -33.44 -133.80 69.18
N ASP E 69 -32.38 -134.45 68.72
CA ASP E 69 -31.34 -133.78 67.94
C ASP E 69 -31.87 -133.33 66.57
N ALA E 70 -32.89 -134.02 66.07
CA ALA E 70 -33.51 -133.61 64.81
C ALA E 70 -34.71 -132.69 64.98
N GLN E 71 -35.24 -132.57 66.20
CA GLN E 71 -36.31 -131.61 66.46
C GLN E 71 -35.76 -130.25 66.82
N VAL E 72 -34.49 -130.21 67.21
CA VAL E 72 -33.82 -128.95 67.49
C VAL E 72 -33.31 -128.31 66.20
N LYS E 73 -33.05 -129.15 65.19
CA LYS E 73 -32.66 -128.67 63.88
C LYS E 73 -33.83 -127.91 63.25
N ASN E 74 -35.01 -128.50 63.32
CA ASN E 74 -36.20 -127.96 62.71
C ASN E 74 -36.68 -126.64 63.32
N ASP E 75 -36.29 -126.38 64.57
CA ASP E 75 -36.62 -125.12 65.20
C ASP E 75 -35.65 -124.03 64.74
N GLU E 76 -34.37 -124.39 64.64
CA GLU E 76 -33.35 -123.49 64.13
C GLU E 76 -33.59 -123.18 62.65
N GLN E 77 -34.18 -124.14 61.94
CA GLN E 77 -34.48 -123.98 60.53
C GLN E 77 -35.70 -123.11 60.27
N ASP E 78 -36.77 -123.31 61.03
CA ASP E 78 -38.01 -122.58 60.80
C ASP E 78 -37.85 -121.08 61.01
N VAL E 79 -36.86 -120.69 61.81
CA VAL E 79 -36.50 -119.28 61.94
C VAL E 79 -35.43 -118.89 60.93
N GLU E 80 -34.78 -119.88 60.33
CA GLU E 80 -33.84 -119.62 59.24
C GLU E 80 -34.65 -119.46 57.97
N LEU E 81 -35.87 -119.99 58.00
CA LEU E 81 -36.84 -119.81 56.93
C LEU E 81 -37.67 -118.56 57.20
N ALA E 82 -37.50 -117.99 58.40
CA ALA E 82 -38.16 -116.74 58.74
C ALA E 82 -37.37 -115.57 58.15
N ASP E 83 -36.05 -115.64 58.27
CA ASP E 83 -35.15 -114.63 57.74
C ASP E 83 -35.21 -114.65 56.21
N HIS E 84 -34.98 -115.83 55.63
CA HIS E 84 -35.03 -116.01 54.19
C HIS E 84 -36.33 -115.51 53.57
N GLU E 85 -37.43 -115.64 54.32
CA GLU E 85 -38.72 -115.12 53.85
C GLU E 85 -38.79 -113.61 54.02
N ALA E 86 -38.18 -113.11 55.09
CA ALA E 86 -38.15 -111.67 55.33
C ALA E 86 -37.19 -110.99 54.34
N ARG E 87 -36.18 -111.75 53.90
CA ARG E 87 -35.19 -111.25 52.97
C ARG E 87 -35.69 -111.24 51.52
N ILE E 88 -36.53 -112.22 51.17
CA ILE E 88 -37.08 -112.29 49.81
C ILE E 88 -38.21 -111.30 49.57
N LYS E 89 -39.10 -111.15 50.55
CA LYS E 89 -40.22 -110.22 50.43
C LYS E 89 -39.76 -108.78 50.25
N GLN E 90 -38.67 -108.41 50.91
CA GLN E 90 -38.17 -107.04 50.87
C GLN E 90 -37.14 -106.85 49.77
N LEU E 91 -36.77 -107.96 49.14
CA LEU E 91 -35.92 -107.91 47.97
C LEU E 91 -36.78 -107.94 46.72
N ARG E 92 -38.09 -107.91 46.94
CA ARG E 92 -39.09 -107.85 45.87
C ARG E 92 -39.57 -106.41 45.76
N ILE E 93 -40.13 -105.91 46.88
CA ILE E 93 -40.65 -104.55 46.97
C ILE E 93 -39.67 -103.52 46.42
N ASP E 94 -38.38 -103.76 46.63
CA ASP E 94 -37.34 -102.90 46.06
C ASP E 94 -37.12 -103.21 44.58
N VAL E 95 -37.09 -104.50 44.24
CA VAL E 95 -36.94 -104.93 42.86
C VAL E 95 -38.18 -104.53 42.04
N ASP E 96 -39.33 -104.45 42.71
CA ASP E 96 -40.55 -103.95 42.08
C ASP E 96 -40.56 -102.42 41.99
N ASP E 97 -39.96 -101.76 42.97
CA ASP E 97 -39.83 -100.31 42.94
C ASP E 97 -38.68 -99.95 42.01
N HIS E 98 -37.87 -100.96 41.67
CA HIS E 98 -36.74 -100.79 40.77
C HIS E 98 -37.17 -100.74 39.30
N GLU E 99 -38.11 -101.60 38.91
CA GLU E 99 -38.53 -101.68 37.51
C GLU E 99 -39.52 -100.57 37.14
N SER E 100 -39.83 -99.72 38.12
CA SER E 100 -40.64 -98.54 37.86
C SER E 100 -39.71 -97.39 37.49
N ARG E 101 -38.85 -97.02 38.43
CA ARG E 101 -37.87 -95.96 38.25
C ARG E 101 -36.98 -96.17 37.02
N ILE E 102 -36.75 -97.43 36.65
CA ILE E 102 -35.94 -97.76 35.48
C ILE E 102 -36.71 -97.59 34.17
N THR E 103 -37.93 -98.12 34.13
CA THR E 103 -38.84 -97.91 33.01
C THR E 103 -39.07 -96.41 32.81
N ALA E 104 -39.07 -95.67 33.91
CA ALA E 104 -39.20 -94.22 33.88
C ALA E 104 -37.99 -93.54 33.25
N ASN E 105 -36.79 -93.97 33.66
CA ASN E 105 -35.54 -93.34 33.20
C ASN E 105 -35.27 -93.51 31.71
N THR E 106 -35.34 -94.74 31.23
CA THR E 106 -35.17 -95.04 29.80
C THR E 106 -36.14 -94.21 28.98
N LYS E 107 -37.40 -94.18 29.42
CA LYS E 107 -38.45 -93.42 28.76
C LYS E 107 -38.10 -91.93 28.65
N ALA E 108 -37.53 -91.37 29.70
CA ALA E 108 -37.13 -89.97 29.69
C ALA E 108 -35.97 -89.74 28.73
N ILE E 109 -34.96 -90.60 28.83
CA ILE E 109 -33.77 -90.56 27.98
C ILE E 109 -34.12 -90.50 26.49
N THR E 110 -35.04 -91.38 26.07
CA THR E 110 -35.48 -91.43 24.69
C THR E 110 -36.25 -90.17 24.30
N ALA E 111 -37.02 -89.63 25.25
CA ALA E 111 -37.72 -88.38 25.03
C ALA E 111 -36.75 -87.20 25.04
N LEU E 112 -35.58 -87.42 25.66
CA LEU E 112 -34.55 -86.39 25.71
C LEU E 112 -33.70 -86.33 24.43
N ASN E 113 -33.71 -87.42 23.66
CA ASN E 113 -33.09 -87.44 22.34
C ASN E 113 -33.86 -86.56 21.37
N VAL E 114 -35.16 -86.80 21.31
CA VAL E 114 -36.05 -86.08 20.39
C VAL E 114 -36.03 -84.58 20.68
N ARG E 115 -35.97 -84.22 21.95
CA ARG E 115 -35.80 -82.83 22.32
C ARG E 115 -34.43 -82.29 21.95
N VAL E 116 -33.43 -83.17 21.89
CA VAL E 116 -32.11 -82.79 21.37
C VAL E 116 -31.98 -82.86 19.84
N THR E 117 -32.49 -83.92 19.22
CA THR E 117 -32.38 -84.07 17.76
C THR E 117 -33.14 -82.97 17.01
N THR E 118 -33.98 -82.26 17.75
CA THR E 118 -34.76 -81.15 17.24
C THR E 118 -33.88 -79.91 17.15
N ALA E 119 -33.04 -79.74 18.15
CA ALA E 119 -32.17 -78.57 18.26
C ALA E 119 -31.06 -78.61 17.23
N GLU E 120 -30.37 -79.74 17.14
CA GLU E 120 -29.21 -79.89 16.27
C GLU E 120 -29.52 -79.67 14.80
N GLY E 121 -30.81 -79.69 14.46
CA GLY E 121 -31.25 -79.34 13.12
C GLY E 121 -31.74 -77.90 13.06
N GLU E 122 -32.03 -77.32 14.23
CA GLU E 122 -32.31 -75.89 14.31
C GLU E 122 -31.06 -75.11 14.71
N ILE E 123 -30.00 -75.83 15.04
CA ILE E 123 -28.69 -75.21 15.18
C ILE E 123 -28.04 -75.10 13.81
N ALA E 124 -28.14 -76.18 13.04
CA ALA E 124 -27.50 -76.24 11.72
C ALA E 124 -28.18 -75.33 10.72
N SER E 125 -29.49 -75.14 10.88
CA SER E 125 -30.24 -74.23 10.02
C SER E 125 -30.00 -72.80 10.50
N LEU E 126 -29.59 -72.66 11.75
CA LEU E 126 -29.23 -71.36 12.30
C LEU E 126 -27.74 -71.07 12.10
N GLN E 127 -26.98 -72.10 11.75
CA GLN E 127 -25.56 -71.92 11.43
C GLN E 127 -25.35 -71.47 10.00
N THR E 128 -26.23 -71.90 9.12
CA THR E 128 -26.11 -71.61 7.69
C THR E 128 -26.75 -70.26 7.31
N ASN E 129 -27.58 -69.72 8.18
CA ASN E 129 -28.08 -68.37 7.98
C ASN E 129 -27.21 -67.31 8.67
N VAL E 130 -26.35 -67.77 9.57
CA VAL E 130 -25.40 -66.87 10.22
C VAL E 130 -24.14 -66.62 9.38
N SER E 131 -23.67 -67.66 8.69
CA SER E 131 -22.50 -67.54 7.83
C SER E 131 -22.87 -66.85 6.53
N ALA E 132 -24.14 -66.94 6.16
CA ALA E 132 -24.63 -66.29 4.96
C ALA E 132 -24.69 -64.78 5.16
N LEU E 133 -25.00 -64.36 6.38
CA LEU E 133 -25.00 -62.94 6.72
C LEU E 133 -23.57 -62.42 6.84
N ASP E 134 -22.68 -63.27 7.37
CA ASP E 134 -21.27 -62.94 7.50
C ASP E 134 -20.69 -62.47 6.17
N GLY E 135 -21.20 -63.03 5.08
CA GLY E 135 -20.79 -62.62 3.75
C GLY E 135 -21.60 -61.46 3.19
N ARG E 136 -22.85 -61.31 3.63
CA ARG E 136 -23.70 -60.22 3.18
C ARG E 136 -23.39 -58.92 3.89
N VAL E 137 -23.00 -59.03 5.16
CA VAL E 137 -22.56 -57.88 5.94
C VAL E 137 -21.13 -57.50 5.54
N THR E 138 -20.36 -58.49 5.09
CA THR E 138 -19.00 -58.23 4.63
C THR E 138 -18.95 -57.63 3.22
N THR E 139 -19.96 -57.90 2.40
CA THR E 139 -20.01 -57.32 1.06
C THR E 139 -20.72 -55.97 1.03
N ALA E 140 -21.43 -55.65 2.12
CA ALA E 140 -22.06 -54.34 2.25
C ALA E 140 -21.13 -53.35 2.97
N GLU E 141 -20.09 -53.86 3.62
CA GLU E 141 -19.13 -52.99 4.27
C GLU E 141 -18.09 -52.49 3.27
N ASN E 142 -17.82 -53.28 2.24
CA ASN E 142 -16.94 -52.84 1.16
C ASN E 142 -17.74 -52.09 0.10
N ASN E 143 -19.06 -52.23 0.17
CA ASN E 143 -19.94 -51.45 -0.68
C ASN E 143 -20.14 -50.03 -0.14
N ILE E 144 -20.08 -49.88 1.19
CA ILE E 144 -20.12 -48.55 1.79
C ILE E 144 -18.78 -47.82 1.74
N SER E 145 -17.68 -48.57 1.83
CA SER E 145 -16.34 -47.97 1.76
C SER E 145 -16.09 -47.32 0.41
N ALA E 146 -16.67 -47.90 -0.65
CA ALA E 146 -16.56 -47.32 -1.99
C ALA E 146 -17.47 -46.10 -2.11
N LEU E 147 -18.65 -46.19 -1.52
CA LEU E 147 -19.60 -45.09 -1.52
C LEU E 147 -19.05 -43.92 -0.73
N GLN E 148 -18.15 -44.22 0.20
CA GLN E 148 -17.47 -43.18 0.96
C GLN E 148 -16.33 -42.55 0.17
N ALA E 149 -15.64 -43.36 -0.63
CA ALA E 149 -14.55 -42.83 -1.47
C ALA E 149 -15.11 -41.99 -2.60
N ASP E 150 -16.13 -42.50 -3.27
CA ASP E 150 -16.80 -41.81 -4.36
C ASP E 150 -17.45 -40.50 -3.92
N VAL E 151 -18.37 -40.59 -2.95
CA VAL E 151 -19.19 -39.45 -2.55
C VAL E 151 -18.38 -38.33 -1.89
N ASP E 152 -17.25 -38.69 -1.28
CA ASP E 152 -16.38 -37.69 -0.66
C ASP E 152 -15.56 -36.92 -1.69
N ASP E 153 -14.98 -37.64 -2.64
CA ASP E 153 -14.21 -37.02 -3.72
C ASP E 153 -15.11 -36.13 -4.58
N HIS E 154 -16.40 -36.41 -4.56
CA HIS E 154 -17.38 -35.59 -5.28
C HIS E 154 -17.52 -34.22 -4.64
N GLU E 155 -17.31 -34.16 -3.33
CA GLU E 155 -17.50 -32.91 -2.59
C GLU E 155 -16.39 -31.90 -2.86
N SER E 156 -15.14 -32.36 -2.79
CA SER E 156 -13.99 -31.50 -3.11
C SER E 156 -14.11 -30.93 -4.52
N ARG E 157 -14.74 -31.68 -5.41
CA ARG E 157 -14.93 -31.23 -6.79
C ARG E 157 -16.10 -30.26 -6.98
N ILE E 158 -17.22 -30.56 -6.33
CA ILE E 158 -18.48 -29.81 -6.49
C ILE E 158 -18.37 -28.45 -5.78
N THR E 159 -17.79 -28.45 -4.57
CA THR E 159 -17.46 -27.21 -3.88
C THR E 159 -16.64 -26.33 -4.81
N ALA E 160 -15.64 -26.92 -5.44
CA ALA E 160 -14.83 -26.24 -6.44
C ALA E 160 -15.69 -25.75 -7.61
N ASN E 161 -16.70 -26.54 -7.99
CA ASN E 161 -17.61 -26.16 -9.07
C ASN E 161 -18.50 -24.97 -8.71
N THR E 162 -18.82 -24.84 -7.42
CA THR E 162 -19.67 -23.74 -6.94
C THR E 162 -18.93 -22.40 -6.95
N LYS E 163 -17.70 -22.39 -6.46
CA LYS E 163 -16.90 -21.18 -6.43
C LYS E 163 -16.47 -20.77 -7.85
N ALA E 164 -16.31 -21.76 -8.72
CA ALA E 164 -15.98 -21.50 -10.12
C ALA E 164 -17.17 -20.87 -10.86
N ILE E 165 -18.37 -21.15 -10.37
CA ILE E 165 -19.58 -20.47 -10.86
C ILE E 165 -19.73 -19.09 -10.22
N THR E 166 -19.29 -18.97 -8.97
CA THR E 166 -19.36 -17.71 -8.25
C THR E 166 -18.39 -16.66 -8.81
N ALA E 167 -17.25 -17.12 -9.34
CA ALA E 167 -16.27 -16.23 -9.94
C ALA E 167 -16.57 -15.91 -11.40
N LEU E 168 -17.42 -16.73 -12.02
CA LEU E 168 -17.80 -16.51 -13.40
C LEU E 168 -18.92 -15.47 -13.50
N ASN E 169 -19.81 -15.44 -12.52
CA ASN E 169 -20.87 -14.44 -12.47
C ASN E 169 -20.32 -13.08 -12.07
N VAL E 170 -19.24 -13.07 -11.29
CA VAL E 170 -18.60 -11.83 -10.88
C VAL E 170 -17.92 -11.17 -12.08
N ARG E 171 -17.43 -11.97 -13.02
CA ARG E 171 -16.79 -11.41 -14.21
C ARG E 171 -17.70 -11.25 -15.44
N VAL E 172 -18.88 -11.88 -15.41
CA VAL E 172 -19.89 -11.62 -16.44
C VAL E 172 -20.71 -10.37 -16.10
N THR E 173 -21.01 -10.19 -14.82
CA THR E 173 -21.74 -9.02 -14.34
C THR E 173 -20.92 -7.74 -14.46
N THR E 174 -19.63 -7.84 -14.13
CA THR E 174 -18.74 -6.68 -14.25
C THR E 174 -18.49 -6.36 -15.73
N ALA E 175 -18.72 -7.35 -16.59
CA ALA E 175 -18.54 -7.15 -18.03
C ALA E 175 -19.83 -6.69 -18.72
N GLU E 176 -20.96 -6.78 -18.04
CA GLU E 176 -22.21 -6.24 -18.56
C GLU E 176 -22.21 -4.74 -18.32
N GLY E 177 -21.63 -4.34 -17.19
CA GLY E 177 -21.47 -2.94 -16.86
C GLY E 177 -20.39 -2.27 -17.71
N GLU E 178 -19.45 -3.06 -18.20
CA GLU E 178 -18.45 -2.56 -19.14
C GLU E 178 -19.01 -2.46 -20.55
N ILE E 179 -19.78 -3.46 -20.96
CA ILE E 179 -20.41 -3.46 -22.28
C ILE E 179 -21.38 -2.30 -22.45
N ALA E 180 -22.21 -2.06 -21.43
CA ALA E 180 -23.17 -0.96 -21.45
C ALA E 180 -22.47 0.40 -21.44
N SER E 181 -21.31 0.46 -20.80
CA SER E 181 -20.51 1.67 -20.76
C SER E 181 -19.93 1.97 -22.14
N LEU E 182 -19.45 0.93 -22.80
CA LEU E 182 -18.79 1.06 -24.09
C LEU E 182 -19.71 1.59 -25.17
N GLN E 183 -20.95 1.12 -25.19
CA GLN E 183 -21.93 1.57 -26.18
C GLN E 183 -22.52 2.94 -25.82
N THR E 184 -22.21 3.43 -24.62
CA THR E 184 -22.49 4.82 -24.26
C THR E 184 -21.40 5.76 -24.80
N ASN E 185 -20.14 5.38 -24.61
CA ASN E 185 -19.01 6.12 -25.14
C ASN E 185 -19.05 6.05 -26.66
N VAL E 186 -19.51 4.90 -27.17
CA VAL E 186 -19.62 4.69 -28.61
C VAL E 186 -20.75 5.53 -29.22
N SER E 187 -21.88 5.59 -28.52
CA SER E 187 -23.02 6.39 -28.98
C SER E 187 -22.74 7.89 -28.92
N ALA E 188 -21.71 8.26 -28.16
CA ALA E 188 -21.24 9.64 -28.10
C ALA E 188 -20.34 9.93 -29.30
N LEU E 189 -19.23 9.20 -29.37
CA LEU E 189 -18.21 9.35 -30.39
C LEU E 189 -18.74 9.41 -31.83
N ASP E 190 -19.72 8.56 -32.15
CA ASP E 190 -20.28 8.52 -33.52
C ASP E 190 -21.21 9.69 -33.84
N GLY E 191 -21.62 10.43 -32.82
CA GLY E 191 -22.37 11.65 -33.04
C GLY E 191 -21.48 12.88 -33.02
N ARG E 192 -20.30 12.75 -32.40
CA ARG E 192 -19.34 13.85 -32.36
C ARG E 192 -18.38 13.83 -33.55
N VAL E 193 -18.28 12.70 -34.24
CA VAL E 193 -17.51 12.66 -35.49
C VAL E 193 -18.40 12.78 -36.71
N THR E 194 -19.71 12.76 -36.50
CA THR E 194 -20.66 13.02 -37.58
C THR E 194 -20.89 14.53 -37.73
N THR E 195 -20.65 15.28 -36.65
CA THR E 195 -20.68 16.74 -36.71
C THR E 195 -19.37 17.29 -37.28
N ALA E 196 -18.27 16.64 -36.93
CA ALA E 196 -16.97 17.01 -37.46
C ALA E 196 -16.95 16.85 -38.98
N GLU E 197 -17.44 15.70 -39.44
CA GLU E 197 -17.43 15.38 -40.87
C GLU E 197 -18.31 16.31 -41.71
N ASN E 198 -19.44 16.75 -41.16
CA ASN E 198 -20.33 17.66 -41.88
C ASN E 198 -19.99 19.14 -41.68
N ASN E 199 -19.20 19.46 -40.67
CA ASN E 199 -18.64 20.80 -40.54
C ASN E 199 -17.27 20.92 -41.21
N ILE E 200 -16.67 19.79 -41.55
CA ILE E 200 -15.45 19.76 -42.35
C ILE E 200 -15.81 19.91 -43.82
N SER E 201 -16.86 19.20 -44.23
CA SER E 201 -17.28 19.19 -45.62
C SER E 201 -17.87 20.54 -46.04
N ALA E 202 -18.38 21.29 -45.07
CA ALA E 202 -18.86 22.65 -45.34
C ALA E 202 -17.75 23.67 -45.09
N LEU E 203 -16.63 23.21 -44.54
CA LEU E 203 -15.44 24.03 -44.40
C LEU E 203 -14.72 24.06 -45.74
N GLN E 204 -14.86 22.98 -46.50
CA GLN E 204 -14.26 22.87 -47.83
C GLN E 204 -15.16 23.44 -48.90
N ALA E 205 -16.39 23.79 -48.50
CA ALA E 205 -17.30 24.46 -49.40
C ALA E 205 -16.92 25.93 -49.47
N ASP E 206 -16.57 26.50 -48.31
CA ASP E 206 -16.25 27.92 -48.20
C ASP E 206 -14.79 28.37 -48.12
N TYR E 207 -13.83 27.46 -48.18
CA TYR E 207 -12.44 27.87 -47.95
C TYR E 207 -11.71 28.30 -49.22
N VAL E 208 -10.85 29.32 -49.12
CA VAL E 208 -10.04 29.75 -50.25
C VAL E 208 -8.94 28.74 -50.49
N SER E 209 -8.87 28.22 -51.72
CA SER E 209 -7.82 27.27 -52.06
C SER E 209 -6.67 27.99 -52.77
N LYS E 210 -5.46 27.82 -52.24
CA LYS E 210 -4.27 28.37 -52.87
C LYS E 210 -3.82 27.45 -54.00
N THR E 211 -4.31 26.22 -53.97
CA THR E 211 -4.01 25.23 -55.02
C THR E 211 -5.06 25.09 -56.11
N ALA E 212 -6.19 25.79 -55.98
CA ALA E 212 -7.22 25.74 -57.01
C ALA E 212 -6.81 26.56 -58.22
N THR E 213 -6.92 25.97 -59.41
CA THR E 213 -6.59 26.66 -60.65
C THR E 213 -7.70 27.57 -61.14
N THR E 214 -8.95 27.14 -60.93
CA THR E 214 -10.12 27.89 -61.40
C THR E 214 -10.35 29.15 -60.57
N SER E 215 -11.09 30.10 -61.14
CA SER E 215 -11.26 31.42 -60.52
C SER E 215 -12.12 31.38 -59.24
N GLN E 216 -11.58 31.92 -58.16
CA GLN E 216 -12.30 31.98 -56.88
C GLN E 216 -12.80 33.39 -56.59
N SER E 217 -14.12 33.56 -56.61
CA SER E 217 -14.73 34.87 -56.43
C SER E 217 -15.41 35.02 -55.06
N LEU E 218 -14.89 35.92 -54.23
CA LEU E 218 -15.45 36.17 -52.90
C LEU E 218 -16.74 36.99 -52.97
N ALA E 219 -17.57 36.85 -51.95
CA ALA E 219 -18.67 37.79 -51.74
C ALA E 219 -18.32 38.84 -50.69
N SER E 220 -17.10 38.77 -50.17
CA SER E 220 -16.66 39.65 -49.07
C SER E 220 -15.52 40.59 -49.47
N PRO E 221 -15.45 41.77 -48.83
CA PRO E 221 -14.32 42.67 -49.09
C PRO E 221 -13.01 42.03 -48.66
N LEU E 222 -11.90 42.51 -49.22
CA LEU E 222 -10.59 41.97 -48.90
C LEU E 222 -9.75 43.03 -48.21
N ASN E 223 -8.87 42.58 -47.31
CA ASN E 223 -7.90 43.45 -46.67
C ASN E 223 -6.65 42.62 -46.44
N VAL E 224 -5.49 43.27 -46.52
CA VAL E 224 -4.21 42.62 -46.31
C VAL E 224 -3.28 43.55 -45.51
N THR E 225 -2.01 43.16 -45.38
CA THR E 225 -1.08 43.90 -44.53
C THR E 225 -0.16 44.89 -45.27
N THR E 226 0.68 44.38 -46.16
CA THR E 226 1.64 45.23 -46.87
C THR E 226 1.21 45.54 -48.31
N SER E 227 1.08 44.50 -49.13
CA SER E 227 0.84 44.71 -50.55
C SER E 227 -0.18 43.74 -51.16
N TYR E 228 -0.40 43.90 -52.46
CA TYR E 228 -1.06 42.90 -53.28
C TYR E 228 -0.03 42.51 -54.32
N SER E 229 -0.18 41.33 -54.92
CA SER E 229 0.79 40.89 -55.92
C SER E 229 0.20 39.97 -56.96
N VAL E 230 0.86 39.92 -58.11
CA VAL E 230 0.65 38.87 -59.10
C VAL E 230 2.00 38.43 -59.65
N GLY E 231 2.16 37.12 -59.86
CA GLY E 231 3.40 36.56 -60.37
C GLY E 231 4.57 36.65 -59.41
N GLY E 232 4.27 36.98 -58.16
CA GLY E 232 5.33 37.18 -57.17
C GLY E 232 5.84 38.61 -57.20
N LYS E 233 5.39 39.38 -58.19
CA LYS E 233 5.68 40.80 -58.27
C LYS E 233 4.55 41.62 -57.66
N LYS E 234 4.90 42.61 -56.86
CA LYS E 234 3.93 43.51 -56.25
C LYS E 234 3.18 44.30 -57.33
N VAL E 235 1.92 44.64 -57.06
CA VAL E 235 1.11 45.46 -57.95
C VAL E 235 0.49 46.65 -57.23
N VAL E 236 -0.33 46.38 -56.22
CA VAL E 236 -0.94 47.44 -55.41
C VAL E 236 -0.26 47.46 -54.04
N GLY E 237 -0.25 48.63 -53.40
CA GLY E 237 0.46 48.82 -52.15
C GLY E 237 -0.21 49.89 -51.31
N ALA E 238 0.42 50.25 -50.20
CA ALA E 238 -0.11 51.28 -49.31
C ALA E 238 -0.46 52.54 -50.10
N ARG E 239 -1.63 53.11 -49.82
CA ARG E 239 -2.07 54.30 -50.54
C ARG E 239 -1.05 55.42 -50.33
N GLN E 240 -0.75 56.17 -51.39
CA GLN E 240 0.23 57.23 -51.28
C GLN E 240 -0.38 58.55 -50.83
N THR E 241 0.29 59.20 -49.88
CA THR E 241 -0.20 60.43 -49.26
C THR E 241 0.52 61.67 -49.81
N GLY E 242 0.24 62.82 -49.22
CA GLY E 242 0.89 64.05 -49.61
C GLY E 242 0.25 64.70 -50.83
N TRP E 243 -0.95 64.23 -51.18
CA TRP E 243 -1.66 64.77 -52.33
C TRP E 243 -2.66 65.86 -51.97
N THR E 244 -2.71 66.89 -52.81
CA THR E 244 -3.68 67.97 -52.66
C THR E 244 -4.73 67.83 -53.75
N ALA E 245 -5.99 67.75 -53.34
CA ALA E 245 -7.09 67.50 -54.27
C ALA E 245 -7.19 68.61 -55.32
N ALA E 246 -7.13 68.23 -56.59
CA ALA E 246 -7.12 69.22 -57.66
C ALA E 246 -8.49 69.84 -57.83
N THR E 247 -8.60 70.76 -58.80
CA THR E 247 -9.82 71.53 -58.96
C THR E 247 -10.23 71.66 -60.42
N GLY E 248 -11.43 72.16 -60.64
CA GLY E 248 -11.93 72.34 -62.00
C GLY E 248 -12.63 71.10 -62.52
N THR E 249 -12.58 70.93 -63.83
CA THR E 249 -13.26 69.81 -64.49
C THR E 249 -12.29 68.67 -64.78
N ALA E 250 -12.78 67.44 -64.64
CA ALA E 250 -12.04 66.29 -65.13
C ALA E 250 -12.67 65.83 -66.44
N ASN E 251 -11.96 66.02 -67.55
CA ASN E 251 -12.49 65.62 -68.86
C ASN E 251 -12.06 64.21 -69.24
N LYS E 252 -13.05 63.32 -69.32
CA LYS E 252 -12.82 61.92 -69.68
C LYS E 252 -13.11 61.66 -71.16
N GLY E 253 -13.40 62.72 -71.91
CA GLY E 253 -13.88 62.59 -73.28
C GLY E 253 -12.83 62.24 -74.32
N VAL E 254 -13.16 62.50 -75.58
CA VAL E 254 -12.28 62.20 -76.71
C VAL E 254 -10.92 62.88 -76.53
N PHE E 255 -9.84 62.16 -76.85
CA PHE E 255 -8.49 62.70 -76.67
C PHE E 255 -7.54 62.29 -77.80
N ASP E 256 -6.77 63.25 -78.31
CA ASP E 256 -5.85 63.00 -79.41
C ASP E 256 -4.41 63.38 -79.03
N ALA E 257 -3.50 62.39 -79.06
CA ALA E 257 -2.11 62.59 -78.64
C ALA E 257 -1.11 62.85 -79.78
N ASP E 258 -1.62 62.90 -81.01
CA ASP E 258 -0.83 63.08 -82.22
C ASP E 258 -0.17 64.45 -82.31
N LEU E 259 0.77 64.61 -83.25
CA LEU E 259 1.54 65.86 -83.31
C LEU E 259 0.69 66.85 -84.08
N THR E 260 0.07 67.76 -83.32
CA THR E 260 -0.97 68.64 -83.84
C THR E 260 -0.64 70.12 -84.05
N PHE E 261 0.57 70.55 -83.73
CA PHE E 261 0.79 71.98 -83.53
C PHE E 261 1.71 72.70 -84.52
N ALA E 262 1.09 73.58 -85.30
CA ALA E 262 1.78 74.39 -86.29
C ALA E 262 2.33 75.66 -85.65
N VAL E 263 3.62 75.89 -85.83
CA VAL E 263 4.26 77.12 -85.36
C VAL E 263 4.70 77.93 -86.57
N SER E 264 4.27 79.19 -86.62
CA SER E 264 4.54 80.05 -87.78
C SER E 264 5.86 80.80 -87.66
N ASP E 265 6.10 81.65 -88.65
CA ASP E 265 7.24 82.56 -88.67
C ASP E 265 6.93 83.75 -87.77
N THR E 266 5.66 84.15 -87.77
CA THR E 266 5.20 85.33 -87.06
C THR E 266 4.08 84.94 -86.09
N TYR E 267 3.76 85.83 -85.16
CA TYR E 267 2.63 85.61 -84.27
C TYR E 267 1.37 85.51 -85.13
N THR E 268 0.62 84.42 -84.97
CA THR E 268 -0.51 84.15 -85.85
C THR E 268 -1.80 83.80 -85.10
N GLN E 269 -2.94 84.03 -85.76
CA GLN E 269 -4.26 83.73 -85.22
C GLN E 269 -4.46 82.26 -84.84
N SER E 270 -4.93 82.05 -83.61
CA SER E 270 -5.33 80.73 -83.11
C SER E 270 -4.22 79.69 -82.95
N GLU E 271 -3.01 80.02 -83.40
CA GLU E 271 -1.88 79.10 -83.25
C GLU E 271 -1.45 78.93 -81.80
N ILE E 272 -1.36 80.05 -81.08
CA ILE E 272 -1.04 80.03 -79.66
C ILE E 272 -2.30 79.64 -78.87
N GLN E 273 -3.46 79.93 -79.46
CA GLN E 273 -4.73 79.53 -78.85
C GLN E 273 -4.87 78.02 -78.82
N ALA E 274 -4.44 77.38 -79.89
CA ALA E 274 -4.54 75.92 -80.01
C ALA E 274 -3.58 75.21 -79.07
N ILE E 275 -2.46 75.85 -78.76
CA ILE E 275 -1.56 75.34 -77.72
C ILE E 275 -2.10 75.75 -76.35
N ALA E 276 -2.92 76.80 -76.33
CA ALA E 276 -3.61 77.18 -75.11
C ALA E 276 -4.89 76.37 -74.91
N ASN E 277 -5.42 75.79 -75.99
CA ASN E 277 -6.58 74.90 -75.92
C ASN E 277 -6.27 73.45 -75.54
N ALA E 278 -5.10 72.96 -75.94
CA ALA E 278 -4.70 71.59 -75.66
C ALA E 278 -4.00 71.42 -74.31
N LEU E 279 -3.58 72.54 -73.73
CA LEU E 279 -2.98 72.54 -72.39
C LEU E 279 -4.07 72.20 -71.38
N ILE E 280 -5.25 72.77 -71.59
CA ILE E 280 -6.39 72.61 -70.69
C ILE E 280 -6.95 71.19 -70.80
N THR E 281 -7.41 70.83 -71.99
CA THR E 281 -8.01 69.52 -72.22
C THR E 281 -7.07 68.36 -71.87
N GLU E 282 -5.77 68.63 -71.88
CA GLU E 282 -4.80 67.69 -71.33
C GLU E 282 -4.73 67.83 -69.81
N ARG E 283 -4.73 69.07 -69.32
CA ARG E 283 -4.80 69.32 -67.88
C ARG E 283 -6.12 68.80 -67.31
N ARG E 284 -7.10 68.58 -68.18
CA ARG E 284 -8.37 68.00 -67.76
C ARG E 284 -8.39 66.48 -67.91
N ARG E 285 -7.35 65.95 -68.55
CA ARG E 285 -7.15 64.51 -68.63
C ARG E 285 -6.30 63.98 -67.46
N THR E 286 -5.60 64.89 -66.78
CA THR E 286 -4.72 64.53 -65.68
C THR E 286 -5.50 64.33 -64.37
N LYS E 287 -6.48 65.21 -64.14
CA LYS E 287 -7.40 65.09 -63.03
C LYS E 287 -8.29 63.88 -63.25
N ALA E 288 -8.78 63.74 -64.47
CA ALA E 288 -9.58 62.59 -64.88
C ALA E 288 -8.83 61.31 -64.56
N LEU E 289 -7.53 61.34 -64.79
CA LEU E 289 -6.66 60.23 -64.45
C LEU E 289 -6.49 60.14 -62.94
N GLU E 290 -6.32 61.29 -62.29
CA GLU E 290 -6.06 61.33 -60.85
C GLU E 290 -7.29 61.08 -59.97
N ASP E 291 -8.41 61.73 -60.31
CA ASP E 291 -9.64 61.56 -59.52
C ASP E 291 -10.15 60.12 -59.61
N ALA E 292 -9.65 59.40 -60.62
CA ALA E 292 -9.88 57.98 -60.77
C ALA E 292 -9.13 57.21 -59.70
N LEU E 293 -7.89 57.62 -59.43
CA LEU E 293 -7.04 56.98 -58.45
C LEU E 293 -7.47 57.33 -57.04
N ARG E 294 -8.07 58.51 -56.89
CA ARG E 294 -8.60 58.93 -55.60
C ARG E 294 -9.94 58.24 -55.37
N ALA E 295 -10.69 58.04 -56.45
CA ALA E 295 -11.92 57.26 -56.39
C ALA E 295 -11.61 55.85 -55.89
N HIS E 296 -10.54 55.27 -56.43
CA HIS E 296 -10.12 53.93 -56.05
C HIS E 296 -9.36 53.89 -54.72
N GLY E 297 -8.53 54.90 -54.47
CA GLY E 297 -7.82 54.96 -53.20
C GLY E 297 -6.37 54.52 -53.28
N LEU E 298 -5.84 54.41 -54.48
CA LEU E 298 -4.44 54.10 -54.68
C LEU E 298 -3.59 55.24 -54.13
N ILE E 299 -4.14 56.44 -54.16
CA ILE E 299 -3.52 57.61 -53.53
C ILE E 299 -4.53 58.25 -52.59
N ASP E 300 -4.12 59.36 -51.97
CA ASP E 300 -4.97 60.12 -51.05
C ASP E 300 -6.38 60.38 -51.59
N MET F 12 -23.69 -135.15 60.13
CA MET F 12 -24.75 -135.53 59.19
C MET F 12 -25.84 -136.34 59.88
N ALA F 13 -25.99 -137.59 59.44
CA ALA F 13 -26.90 -138.53 60.06
C ALA F 13 -26.12 -139.50 60.92
N ASP F 14 -26.64 -139.81 62.10
CA ASP F 14 -26.01 -140.77 62.98
C ASP F 14 -25.98 -142.14 62.31
N PRO F 15 -24.78 -142.73 62.15
CA PRO F 15 -24.62 -144.06 61.55
C PRO F 15 -25.43 -145.14 62.29
N SER F 16 -25.68 -144.90 63.58
CA SER F 16 -26.44 -145.82 64.43
C SER F 16 -27.78 -146.25 63.86
N LEU F 17 -28.67 -145.27 63.69
CA LEU F 17 -30.10 -145.52 63.53
C LEU F 17 -30.53 -146.41 62.37
N ASN F 18 -29.63 -146.64 61.42
CA ASN F 18 -29.95 -147.51 60.29
C ASN F 18 -29.69 -148.98 60.59
N ASN F 19 -29.07 -149.25 61.74
CA ASN F 19 -28.74 -150.63 62.10
C ASN F 19 -29.69 -151.20 63.16
N PRO F 20 -30.58 -152.10 62.72
CA PRO F 20 -31.57 -152.79 63.57
C PRO F 20 -30.89 -153.78 64.53
N VAL F 21 -31.61 -154.21 65.57
CA VAL F 21 -31.04 -155.11 66.56
C VAL F 21 -30.86 -156.53 66.02
N VAL F 22 -29.71 -157.12 66.31
CA VAL F 22 -29.36 -158.44 65.80
C VAL F 22 -30.34 -159.52 66.26
N ILE F 23 -30.95 -159.30 67.43
CA ILE F 23 -31.81 -160.29 68.04
C ILE F 23 -33.02 -159.59 68.69
N GLN F 24 -34.27 -160.00 68.38
CA GLN F 24 -34.67 -161.13 67.53
C GLN F 24 -34.17 -162.51 67.98
N ALA F 25 -34.61 -162.91 69.17
CA ALA F 25 -34.18 -164.15 69.79
C ALA F 25 -34.73 -165.34 69.07
N THR F 26 -34.12 -166.50 69.33
CA THR F 26 -34.73 -167.75 68.93
C THR F 26 -36.03 -167.85 69.68
N ARG F 27 -36.97 -168.57 69.09
CA ARG F 27 -38.35 -168.55 69.54
C ARG F 27 -38.63 -169.31 70.82
N LEU F 28 -39.71 -168.93 71.48
CA LEU F 28 -40.19 -169.63 72.67
C LEU F 28 -41.43 -170.43 72.27
N ASP F 29 -41.29 -171.75 72.16
CA ASP F 29 -42.39 -172.58 71.69
C ASP F 29 -43.42 -172.94 72.76
N ALA F 30 -42.94 -173.42 73.91
CA ALA F 30 -43.79 -173.70 75.06
C ALA F 30 -45.00 -174.58 74.74
N SER F 31 -44.82 -175.88 74.46
CA SER F 31 -43.59 -176.66 74.67
C SER F 31 -42.45 -176.32 73.71
N ILE F 32 -41.22 -176.20 74.24
CA ILE F 32 -40.88 -176.67 75.58
C ILE F 32 -40.54 -175.57 76.59
N LEU F 33 -41.43 -175.43 77.58
CA LEU F 33 -41.32 -174.41 78.61
C LEU F 33 -41.88 -175.02 79.88
N PRO F 34 -41.32 -174.67 81.05
CA PRO F 34 -41.72 -175.36 82.28
C PRO F 34 -43.19 -175.18 82.66
N ARG F 35 -44.06 -175.83 81.89
CA ARG F 35 -45.50 -175.86 82.15
C ARG F 35 -45.78 -176.53 83.50
N ASN F 36 -44.73 -177.09 84.08
CA ASN F 36 -44.77 -177.76 85.37
C ASN F 36 -44.64 -176.78 86.53
N VAL F 37 -43.45 -176.20 86.67
CA VAL F 37 -43.09 -175.41 87.84
C VAL F 37 -43.79 -174.07 87.95
N PHE F 38 -43.93 -173.38 86.81
CA PHE F 38 -44.52 -172.05 86.80
C PHE F 38 -46.04 -172.08 86.88
N SER F 39 -46.62 -170.97 87.33
CA SER F 39 -48.08 -170.83 87.40
C SER F 39 -48.68 -170.81 86.01
N LYS F 40 -49.97 -171.09 85.94
CA LYS F 40 -50.73 -170.97 84.70
C LYS F 40 -50.81 -169.51 84.25
N SER F 41 -50.86 -168.59 85.22
CA SER F 41 -50.93 -167.17 84.92
C SER F 41 -49.56 -166.62 84.52
N TYR F 42 -48.50 -167.27 85.00
CA TYR F 42 -47.13 -166.93 84.62
C TYR F 42 -46.68 -167.85 83.50
N LEU F 43 -47.57 -168.76 83.09
CA LEU F 43 -47.36 -169.58 81.93
C LEU F 43 -47.64 -168.74 80.69
N LEU F 44 -48.63 -167.86 80.81
CA LEU F 44 -49.03 -167.00 79.70
C LEU F 44 -48.27 -165.68 79.73
N TYR F 45 -47.52 -165.46 80.81
CA TYR F 45 -46.70 -164.25 80.94
C TYR F 45 -45.45 -164.38 80.08
N VAL F 46 -44.64 -165.38 80.42
CA VAL F 46 -43.40 -165.70 79.71
C VAL F 46 -43.64 -165.79 78.20
N ILE F 47 -44.75 -166.41 77.81
CA ILE F 47 -45.20 -166.45 76.42
C ILE F 47 -45.43 -165.04 75.86
N ALA F 48 -46.23 -164.27 76.59
CA ALA F 48 -46.65 -162.95 76.12
C ALA F 48 -45.70 -161.83 76.50
N GLN F 49 -44.58 -162.17 77.15
CA GLN F 49 -43.52 -161.19 77.35
C GLN F 49 -42.53 -161.29 76.19
N GLY F 50 -42.69 -162.32 75.36
CA GLY F 50 -41.89 -162.48 74.17
C GLY F 50 -42.57 -161.93 72.93
N THR F 51 -43.89 -161.78 73.00
CA THR F 51 -44.67 -161.18 71.94
C THR F 51 -44.78 -159.67 72.20
N ASP F 52 -44.14 -159.25 73.30
CA ASP F 52 -44.01 -157.84 73.65
C ASP F 52 -42.62 -157.34 73.22
N VAL F 53 -41.59 -157.95 73.79
CA VAL F 53 -40.19 -157.61 73.51
C VAL F 53 -39.86 -157.48 72.01
N GLY F 54 -40.40 -158.37 71.19
CA GLY F 54 -40.15 -158.34 69.76
C GLY F 54 -41.00 -157.33 69.00
N ALA F 55 -42.11 -156.92 69.60
CA ALA F 55 -42.96 -155.88 69.00
C ALA F 55 -42.41 -154.48 69.31
N ILE F 56 -41.63 -154.38 70.38
CA ILE F 56 -40.98 -153.12 70.73
C ILE F 56 -39.53 -153.11 70.24
N ALA F 57 -39.09 -154.24 69.69
CA ALA F 57 -37.83 -154.31 68.98
C ALA F 57 -38.10 -153.71 67.61
N GLY F 58 -39.30 -153.95 67.11
CA GLY F 58 -39.76 -153.34 65.88
C GLY F 58 -39.74 -151.83 65.98
N LYS F 59 -40.35 -151.29 67.04
CA LYS F 59 -40.42 -149.84 67.24
C LYS F 59 -39.04 -149.19 67.29
N ALA F 60 -38.21 -149.66 68.20
CA ALA F 60 -36.85 -149.17 68.37
C ALA F 60 -36.12 -149.10 67.03
N ASN F 61 -36.34 -150.11 66.20
CA ASN F 61 -35.82 -150.13 64.84
C ASN F 61 -36.64 -149.27 63.87
N GLU F 62 -37.95 -149.22 64.05
CA GLU F 62 -38.80 -148.43 63.15
C GLU F 62 -39.01 -146.99 63.61
N ALA F 63 -38.61 -146.67 64.83
CA ALA F 63 -38.52 -145.28 65.27
C ALA F 63 -37.21 -144.68 64.80
N GLY F 64 -36.14 -145.48 64.89
CA GLY F 64 -34.83 -145.06 64.46
C GLY F 64 -34.76 -144.91 62.96
N GLN F 65 -35.49 -145.76 62.25
CA GLN F 65 -35.60 -145.67 60.81
C GLN F 65 -36.46 -144.46 60.46
N GLY F 66 -37.21 -143.98 61.45
CA GLY F 66 -38.03 -142.79 61.31
C GLY F 66 -37.37 -141.46 61.68
N ALA F 67 -36.38 -141.49 62.57
CA ALA F 67 -35.64 -140.27 62.87
C ALA F 67 -34.36 -140.15 62.05
N TYR F 68 -33.97 -141.25 61.40
CA TYR F 68 -32.80 -141.29 60.54
C TYR F 68 -33.19 -140.91 59.12
N ASP F 69 -34.50 -140.97 58.84
CA ASP F 69 -35.01 -140.49 57.56
C ASP F 69 -35.17 -138.98 57.65
N ALA F 70 -35.58 -138.51 58.82
CA ALA F 70 -35.75 -137.09 59.10
C ALA F 70 -34.41 -136.36 59.13
N GLN F 71 -33.37 -137.04 59.59
CA GLN F 71 -32.05 -136.45 59.72
C GLN F 71 -31.39 -136.14 58.36
N VAL F 72 -31.48 -137.08 57.43
CA VAL F 72 -30.88 -136.89 56.11
C VAL F 72 -31.66 -135.89 55.27
N LYS F 73 -32.99 -136.01 55.26
CA LYS F 73 -33.82 -135.07 54.51
C LYS F 73 -33.69 -133.66 55.08
N ASN F 74 -33.21 -133.57 56.33
CA ASN F 74 -32.87 -132.28 56.90
C ASN F 74 -31.44 -131.84 56.61
N ASP F 75 -30.59 -132.79 56.24
CA ASP F 75 -29.25 -132.46 55.75
C ASP F 75 -29.35 -132.07 54.29
N GLU F 76 -30.37 -132.57 53.62
CA GLU F 76 -30.69 -132.14 52.28
C GLU F 76 -31.41 -130.80 52.36
N GLN F 77 -32.02 -130.54 53.50
CA GLN F 77 -32.68 -129.27 53.73
C GLN F 77 -31.71 -128.18 54.14
N ASP F 78 -30.60 -128.56 54.76
CA ASP F 78 -29.63 -127.60 55.27
C ASP F 78 -28.74 -126.98 54.18
N VAL F 79 -28.28 -127.81 53.25
CA VAL F 79 -27.42 -127.35 52.17
C VAL F 79 -28.29 -126.72 51.08
N GLU F 80 -29.56 -127.05 51.09
CA GLU F 80 -30.52 -126.38 50.23
C GLU F 80 -30.80 -124.99 50.80
N LEU F 81 -30.65 -124.87 52.12
CA LEU F 81 -30.82 -123.58 52.79
C LEU F 81 -29.58 -122.71 52.62
N ALA F 82 -28.42 -123.35 52.71
CA ALA F 82 -27.15 -122.66 52.60
C ALA F 82 -26.90 -122.19 51.17
N ASP F 83 -27.57 -122.84 50.21
CA ASP F 83 -27.54 -122.39 48.83
C ASP F 83 -28.40 -121.14 48.69
N HIS F 84 -29.54 -121.14 49.37
CA HIS F 84 -30.46 -120.01 49.30
C HIS F 84 -29.89 -118.74 49.92
N GLU F 85 -29.37 -118.84 51.13
CA GLU F 85 -28.86 -117.67 51.83
C GLU F 85 -27.70 -117.00 51.11
N ALA F 86 -26.71 -117.80 50.71
CA ALA F 86 -25.56 -117.28 49.99
C ALA F 86 -25.96 -116.66 48.66
N ARG F 87 -27.11 -117.10 48.14
CA ARG F 87 -27.72 -116.44 46.99
C ARG F 87 -28.52 -115.22 47.40
N ILE F 88 -29.13 -115.25 48.58
CA ILE F 88 -29.90 -114.13 49.10
C ILE F 88 -28.97 -113.01 49.59
N LYS F 89 -27.85 -113.40 50.18
CA LYS F 89 -26.82 -112.43 50.58
C LYS F 89 -26.29 -111.67 49.37
N GLN F 90 -26.01 -112.40 48.31
CA GLN F 90 -25.46 -111.79 47.10
C GLN F 90 -26.57 -111.16 46.27
N LEU F 91 -27.81 -111.48 46.59
CA LEU F 91 -28.95 -110.89 45.91
C LEU F 91 -29.18 -109.46 46.41
N ARG F 92 -28.91 -109.24 47.69
CA ARG F 92 -29.01 -107.91 48.29
C ARG F 92 -27.84 -107.02 47.84
N ILE F 93 -26.70 -107.65 47.58
CA ILE F 93 -25.52 -106.94 47.13
C ILE F 93 -25.66 -106.47 45.68
N ASP F 94 -26.28 -107.30 44.84
CA ASP F 94 -26.50 -106.96 43.45
C ASP F 94 -27.64 -105.95 43.27
N VAL F 95 -28.62 -106.00 44.17
CA VAL F 95 -29.77 -105.09 44.09
C VAL F 95 -29.44 -103.69 44.58
N ASP F 96 -28.61 -103.59 45.63
CA ASP F 96 -28.19 -102.29 46.16
C ASP F 96 -27.28 -101.54 45.19
N ASP F 97 -26.61 -102.28 44.32
CA ASP F 97 -25.75 -101.67 43.30
C ASP F 97 -26.61 -101.15 42.16
N HIS F 98 -27.79 -101.72 41.99
CA HIS F 98 -28.76 -101.22 41.03
C HIS F 98 -29.47 -100.02 41.62
N GLU F 99 -29.36 -99.86 42.93
CA GLU F 99 -29.99 -98.72 43.60
C GLU F 99 -29.17 -97.44 43.45
N SER F 100 -27.86 -97.54 43.66
CA SER F 100 -26.98 -96.38 43.57
C SER F 100 -26.79 -95.94 42.14
N ARG F 101 -26.92 -96.88 41.21
CA ARG F 101 -26.69 -96.59 39.80
C ARG F 101 -27.87 -95.92 39.10
N ILE F 102 -29.09 -96.28 39.49
CA ILE F 102 -30.28 -95.70 38.85
C ILE F 102 -30.78 -94.44 39.55
N THR F 103 -30.23 -94.18 40.74
CA THR F 103 -30.45 -92.91 41.43
C THR F 103 -29.51 -91.86 40.84
N ALA F 104 -28.36 -92.31 40.35
CA ALA F 104 -27.40 -91.43 39.69
C ALA F 104 -27.88 -91.06 38.29
N ASN F 105 -28.42 -92.05 37.58
CA ASN F 105 -28.92 -91.84 36.23
C ASN F 105 -30.08 -90.84 36.19
N THR F 106 -30.96 -90.92 37.17
CA THR F 106 -32.11 -90.02 37.25
C THR F 106 -31.67 -88.64 37.72
N LYS F 107 -30.50 -88.57 38.36
CA LYS F 107 -29.89 -87.30 38.68
C LYS F 107 -29.22 -86.78 37.41
N ALA F 108 -28.83 -87.69 36.54
CA ALA F 108 -28.21 -87.34 35.26
C ALA F 108 -29.25 -86.99 34.21
N ILE F 109 -30.50 -87.39 34.44
CA ILE F 109 -31.59 -87.07 33.52
C ILE F 109 -32.09 -85.65 33.75
N THR F 110 -32.24 -85.26 35.01
CA THR F 110 -32.69 -83.92 35.37
C THR F 110 -31.67 -82.86 34.96
N ALA F 111 -30.39 -83.17 35.12
CA ALA F 111 -29.31 -82.24 34.78
C ALA F 111 -29.24 -81.97 33.29
N LEU F 112 -29.69 -82.95 32.49
CA LEU F 112 -29.77 -82.79 31.04
C LEU F 112 -31.01 -81.98 30.69
N ASN F 113 -32.12 -82.31 31.35
CA ASN F 113 -33.39 -81.65 31.11
C ASN F 113 -33.38 -80.18 31.51
N VAL F 114 -32.54 -79.85 32.49
CA VAL F 114 -32.29 -78.45 32.84
C VAL F 114 -31.20 -77.80 31.97
N ARG F 115 -30.36 -78.62 31.34
CA ARG F 115 -29.38 -78.13 30.37
C ARG F 115 -29.93 -77.93 28.94
N VAL F 116 -30.81 -78.83 28.51
CA VAL F 116 -31.39 -78.83 27.17
C VAL F 116 -32.50 -77.80 26.93
N THR F 117 -33.46 -77.74 27.86
CA THR F 117 -34.59 -76.81 27.78
C THR F 117 -34.13 -75.36 27.70
N THR F 118 -32.98 -75.09 28.31
CA THR F 118 -32.34 -73.79 28.19
C THR F 118 -32.00 -73.51 26.73
N ALA F 119 -31.59 -74.55 26.00
CA ALA F 119 -31.17 -74.40 24.61
C ALA F 119 -32.33 -74.08 23.67
N GLU F 120 -33.44 -74.83 23.78
CA GLU F 120 -34.60 -74.61 22.93
C GLU F 120 -35.11 -73.18 23.06
N GLY F 121 -34.81 -72.55 24.19
CA GLY F 121 -35.12 -71.16 24.43
C GLY F 121 -33.92 -70.27 24.16
N GLU F 122 -32.73 -70.87 24.09
CA GLU F 122 -31.54 -70.16 23.63
C GLU F 122 -31.56 -70.11 22.10
N ILE F 123 -32.04 -71.19 21.49
CA ILE F 123 -32.14 -71.28 20.05
C ILE F 123 -33.20 -70.32 19.51
N ALA F 124 -34.37 -70.32 20.15
CA ALA F 124 -35.51 -69.56 19.67
C ALA F 124 -35.37 -68.04 19.86
N SER F 125 -34.45 -67.63 20.73
CA SER F 125 -34.15 -66.20 20.89
C SER F 125 -33.26 -65.72 19.76
N LEU F 126 -32.32 -66.57 19.35
CA LEU F 126 -31.44 -66.26 18.25
C LEU F 126 -32.18 -66.36 16.91
N GLN F 127 -33.41 -66.85 16.95
CA GLN F 127 -34.24 -66.91 15.75
C GLN F 127 -35.10 -65.64 15.66
N THR F 128 -34.94 -64.76 16.64
CA THR F 128 -35.61 -63.47 16.67
C THR F 128 -34.64 -62.39 16.21
N ASN F 129 -33.52 -62.24 16.92
CA ASN F 129 -32.44 -61.36 16.50
C ASN F 129 -32.04 -61.59 15.04
N VAL F 130 -31.79 -62.85 14.68
CA VAL F 130 -31.37 -63.20 13.31
C VAL F 130 -32.49 -62.93 12.29
N SER F 131 -33.74 -63.01 12.74
CA SER F 131 -34.88 -62.67 11.89
C SER F 131 -34.95 -61.16 11.66
N ALA F 132 -34.52 -60.38 12.66
CA ALA F 132 -34.45 -58.92 12.53
C ALA F 132 -33.18 -58.50 11.78
N LEU F 133 -32.13 -59.31 11.91
CA LEU F 133 -30.85 -59.03 11.29
C LEU F 133 -30.92 -59.16 9.78
N ASP F 134 -31.67 -60.16 9.31
CA ASP F 134 -31.83 -60.37 7.89
C ASP F 134 -32.82 -59.35 7.33
N GLY F 135 -33.72 -58.87 8.19
CA GLY F 135 -34.64 -57.82 7.81
C GLY F 135 -33.95 -56.49 7.62
N ARG F 136 -32.94 -56.23 8.44
CA ARG F 136 -32.14 -55.01 8.31
C ARG F 136 -31.20 -55.09 7.11
N VAL F 137 -30.45 -56.18 7.04
CA VAL F 137 -29.45 -56.35 5.98
C VAL F 137 -30.11 -56.35 4.59
N THR F 138 -31.32 -56.91 4.50
CA THR F 138 -32.06 -56.88 3.24
C THR F 138 -32.51 -55.45 2.89
N THR F 139 -32.65 -54.59 3.89
CA THR F 139 -32.89 -53.17 3.67
C THR F 139 -31.58 -52.43 3.38
N ALA F 140 -30.49 -52.90 3.99
CA ALA F 140 -29.19 -52.28 3.83
C ALA F 140 -28.70 -52.38 2.39
N GLU F 141 -28.74 -53.58 1.83
CA GLU F 141 -28.28 -53.82 0.47
C GLU F 141 -29.14 -53.08 -0.55
N ASN F 142 -30.43 -52.98 -0.28
CA ASN F 142 -31.33 -52.22 -1.14
C ASN F 142 -31.26 -50.72 -0.88
N ASN F 143 -30.63 -50.33 0.23
CA ASN F 143 -30.18 -48.96 0.40
C ASN F 143 -28.85 -48.74 -0.31
N ILE F 144 -28.04 -49.80 -0.38
CA ILE F 144 -26.72 -49.73 -1.01
C ILE F 144 -26.82 -49.74 -2.54
N SER F 145 -27.78 -50.48 -3.08
CA SER F 145 -28.01 -50.47 -4.52
C SER F 145 -28.74 -49.20 -4.95
N ALA F 146 -29.33 -48.50 -3.98
CA ALA F 146 -29.95 -47.21 -4.22
C ALA F 146 -28.90 -46.10 -4.29
N LEU F 147 -27.95 -46.15 -3.36
CA LEU F 147 -26.88 -45.15 -3.29
C LEU F 147 -25.87 -45.33 -4.42
N GLN F 148 -25.67 -46.57 -4.87
CA GLN F 148 -24.73 -46.85 -5.94
C GLN F 148 -25.24 -46.38 -7.30
N ALA F 149 -26.56 -46.21 -7.41
CA ALA F 149 -27.17 -45.74 -8.65
C ALA F 149 -27.01 -44.24 -8.81
N ASP F 150 -27.21 -43.49 -7.74
CA ASP F 150 -27.22 -42.02 -7.80
C ASP F 150 -25.83 -41.37 -7.84
N VAL F 151 -24.86 -41.96 -7.14
CA VAL F 151 -23.50 -41.42 -7.12
C VAL F 151 -22.77 -41.65 -8.43
N ASP F 152 -23.30 -42.56 -9.25
CA ASP F 152 -22.85 -42.70 -10.63
C ASP F 152 -23.49 -41.60 -11.49
N ASP F 153 -24.77 -41.32 -11.21
CA ASP F 153 -25.46 -40.22 -11.85
C ASP F 153 -24.85 -38.89 -11.38
N HIS F 154 -24.30 -38.91 -10.16
CA HIS F 154 -23.59 -37.76 -9.61
C HIS F 154 -22.35 -37.44 -10.42
N GLU F 155 -21.73 -38.49 -10.96
CA GLU F 155 -20.45 -38.35 -11.63
C GLU F 155 -20.58 -37.79 -13.03
N SER F 156 -21.61 -38.23 -13.75
CA SER F 156 -21.84 -37.75 -15.10
C SER F 156 -22.38 -36.33 -15.08
N ARG F 157 -23.03 -35.96 -13.99
CA ARG F 157 -23.60 -34.62 -13.86
C ARG F 157 -22.55 -33.58 -13.50
N ILE F 158 -21.58 -33.97 -12.65
CA ILE F 158 -20.53 -33.04 -12.25
C ILE F 158 -19.23 -33.10 -13.08
N THR F 159 -19.05 -34.13 -13.89
CA THR F 159 -17.94 -34.15 -14.83
C THR F 159 -18.33 -33.32 -16.04
N ALA F 160 -19.62 -33.35 -16.36
CA ALA F 160 -20.17 -32.54 -17.45
C ALA F 160 -20.56 -31.15 -16.95
N ASN F 161 -20.44 -30.92 -15.64
CA ASN F 161 -20.49 -29.56 -15.11
C ASN F 161 -19.13 -28.86 -15.06
N THR F 162 -18.05 -29.63 -15.11
CA THR F 162 -16.70 -29.05 -15.21
C THR F 162 -16.27 -28.95 -16.67
N LYS F 163 -17.00 -29.63 -17.55
CA LYS F 163 -16.78 -29.55 -18.99
C LYS F 163 -17.44 -28.26 -19.45
N ALA F 164 -18.57 -27.95 -18.83
CA ALA F 164 -19.28 -26.71 -19.11
C ALA F 164 -18.65 -25.53 -18.37
N ILE F 165 -17.90 -25.82 -17.31
CA ILE F 165 -17.25 -24.77 -16.52
C ILE F 165 -15.97 -24.24 -17.19
N THR F 166 -15.19 -25.14 -17.78
CA THR F 166 -13.97 -24.76 -18.49
C THR F 166 -14.30 -24.08 -19.80
N ALA F 167 -15.29 -24.61 -20.51
CA ALA F 167 -15.74 -24.06 -21.78
C ALA F 167 -16.21 -22.63 -21.63
N LEU F 168 -16.81 -22.34 -20.47
CA LEU F 168 -17.36 -21.01 -20.19
C LEU F 168 -16.30 -20.06 -19.62
N ASN F 169 -15.18 -20.61 -19.16
CA ASN F 169 -14.04 -19.78 -18.74
C ASN F 169 -13.16 -19.49 -19.95
N VAL F 170 -13.36 -20.28 -21.00
CA VAL F 170 -12.74 -20.04 -22.30
C VAL F 170 -13.49 -18.91 -22.97
N ARG F 171 -14.80 -18.87 -22.74
CA ARG F 171 -15.68 -17.88 -23.36
C ARG F 171 -15.59 -16.50 -22.73
N VAL F 172 -15.39 -16.43 -21.42
CA VAL F 172 -15.30 -15.14 -20.75
C VAL F 172 -13.94 -14.46 -20.94
N THR F 173 -12.87 -15.25 -20.98
CA THR F 173 -11.53 -14.68 -21.12
C THR F 173 -11.26 -14.18 -22.54
N THR F 174 -12.03 -14.69 -23.50
CA THR F 174 -11.98 -14.20 -24.87
C THR F 174 -12.76 -12.89 -24.96
N ALA F 175 -13.86 -12.82 -24.21
CA ALA F 175 -14.65 -11.59 -24.11
C ALA F 175 -13.84 -10.51 -23.40
N GLU F 176 -13.34 -10.84 -22.22
CA GLU F 176 -12.53 -9.91 -21.43
C GLU F 176 -11.28 -9.48 -22.18
N GLY F 177 -10.87 -10.28 -23.16
CA GLY F 177 -9.82 -9.87 -24.08
C GLY F 177 -10.36 -8.92 -25.13
N GLU F 178 -11.55 -9.23 -25.66
CA GLU F 178 -12.19 -8.39 -26.67
C GLU F 178 -12.73 -7.09 -26.08
N ILE F 179 -13.11 -7.12 -24.81
CA ILE F 179 -13.64 -5.93 -24.14
C ILE F 179 -12.50 -4.98 -23.76
N ALA F 180 -11.33 -5.53 -23.47
CA ALA F 180 -10.18 -4.72 -23.10
C ALA F 180 -9.63 -3.95 -24.31
N SER F 181 -9.60 -4.62 -25.46
CA SER F 181 -9.11 -4.02 -26.69
C SER F 181 -10.12 -3.01 -27.25
N LEU F 182 -11.36 -3.12 -26.79
CA LEU F 182 -12.39 -2.17 -27.16
C LEU F 182 -12.26 -0.88 -26.35
N GLN F 183 -11.86 -1.00 -25.09
CA GLN F 183 -11.82 0.15 -24.19
C GLN F 183 -10.63 1.09 -24.42
N THR F 184 -9.50 0.54 -24.84
CA THR F 184 -8.30 1.36 -25.05
C THR F 184 -8.38 2.22 -26.30
N ASN F 185 -8.83 1.61 -27.41
CA ASN F 185 -8.98 2.37 -28.65
C ASN F 185 -10.04 3.45 -28.53
N VAL F 186 -11.16 3.10 -27.91
CA VAL F 186 -12.25 4.06 -27.69
C VAL F 186 -11.80 5.19 -26.74
N SER F 187 -10.79 4.91 -25.92
CA SER F 187 -10.11 5.97 -25.17
C SER F 187 -9.23 6.78 -26.13
N ALA F 188 -8.47 6.07 -26.95
CA ALA F 188 -7.64 6.70 -27.98
C ALA F 188 -8.51 7.36 -29.04
N LEU F 189 -9.69 6.79 -29.26
CA LEU F 189 -10.64 7.35 -30.22
C LEU F 189 -11.20 8.67 -29.72
N ASP F 190 -11.23 8.84 -28.40
CA ASP F 190 -11.67 10.11 -27.83
C ASP F 190 -10.56 11.16 -27.86
N GLY F 191 -9.32 10.72 -27.59
CA GLY F 191 -8.18 11.63 -27.60
C GLY F 191 -7.88 12.18 -28.98
N ARG F 192 -8.23 11.41 -30.01
CA ARG F 192 -8.05 11.81 -31.40
C ARG F 192 -9.06 12.87 -31.81
N VAL F 193 -10.31 12.67 -31.37
CA VAL F 193 -11.40 13.58 -31.73
C VAL F 193 -11.39 14.83 -30.85
N THR F 194 -10.58 14.81 -29.79
CA THR F 194 -10.32 16.03 -29.02
C THR F 194 -9.28 16.90 -29.73
N THR F 195 -8.23 16.27 -30.24
CA THR F 195 -7.17 16.96 -30.98
C THR F 195 -7.69 17.53 -32.30
N ALA F 196 -8.59 16.79 -32.93
CA ALA F 196 -9.18 17.20 -34.20
C ALA F 196 -10.23 18.30 -34.03
N GLU F 197 -11.06 18.19 -33.00
CA GLU F 197 -12.11 19.18 -32.76
C GLU F 197 -11.59 20.53 -32.28
N ASN F 198 -10.37 20.55 -31.77
CA ASN F 198 -9.72 21.82 -31.47
C ASN F 198 -8.90 22.31 -32.66
N ASN F 199 -8.79 21.46 -33.68
CA ASN F 199 -8.21 21.86 -34.97
C ASN F 199 -9.30 22.22 -35.98
N ILE F 200 -10.56 22.11 -35.54
CA ILE F 200 -11.72 22.48 -36.35
C ILE F 200 -12.24 23.84 -35.88
N SER F 201 -12.61 23.91 -34.60
CA SER F 201 -12.95 25.19 -33.97
C SER F 201 -11.74 26.14 -33.93
N ALA F 202 -10.57 25.64 -34.32
CA ALA F 202 -9.44 26.50 -34.63
C ALA F 202 -9.63 27.16 -35.99
N LEU F 203 -9.73 26.33 -37.04
CA LEU F 203 -9.81 26.82 -38.41
C LEU F 203 -11.21 27.33 -38.78
N GLN F 204 -12.13 27.26 -37.83
CA GLN F 204 -13.46 27.87 -38.02
C GLN F 204 -13.39 29.38 -37.85
N ALA F 205 -12.21 29.87 -37.46
CA ALA F 205 -11.98 31.30 -37.29
C ALA F 205 -10.98 31.82 -38.33
N ASP F 206 -9.76 31.29 -38.25
CA ASP F 206 -8.65 31.74 -39.11
C ASP F 206 -8.95 31.64 -40.61
N TYR F 207 -9.77 30.67 -41.00
CA TYR F 207 -10.07 30.43 -42.41
C TYR F 207 -10.92 31.54 -43.03
N VAL F 208 -10.88 31.64 -44.35
CA VAL F 208 -11.54 32.74 -45.06
C VAL F 208 -12.66 32.25 -45.98
N SER F 209 -13.87 32.78 -45.81
CA SER F 209 -15.01 32.23 -46.55
C SER F 209 -15.34 32.97 -47.84
N LYS F 210 -16.22 32.38 -48.67
CA LYS F 210 -16.71 33.04 -49.87
C LYS F 210 -18.10 33.64 -49.69
N THR F 211 -18.82 33.17 -48.68
CA THR F 211 -20.23 33.53 -48.51
C THR F 211 -20.46 34.60 -47.44
N ALA F 212 -19.40 35.00 -46.76
CA ALA F 212 -19.52 36.00 -45.71
C ALA F 212 -19.82 37.37 -46.29
N THR F 213 -20.38 38.24 -45.46
CA THR F 213 -20.65 39.62 -45.84
C THR F 213 -19.57 40.53 -45.24
N THR F 214 -19.46 40.48 -43.92
CA THR F 214 -18.47 41.25 -43.16
C THR F 214 -17.07 41.09 -43.76
N SER F 215 -16.35 42.21 -43.84
CA SER F 215 -15.05 42.27 -44.51
C SER F 215 -13.98 41.39 -43.87
N GLN F 216 -13.20 40.72 -44.72
CA GLN F 216 -12.15 39.81 -44.25
C GLN F 216 -10.77 40.43 -44.40
N SER F 217 -10.09 40.66 -43.27
CA SER F 217 -8.74 41.18 -43.30
C SER F 217 -7.73 40.04 -43.36
N LEU F 218 -6.45 40.40 -43.48
CA LEU F 218 -5.36 39.43 -43.48
C LEU F 218 -4.12 40.00 -42.80
N ALA F 219 -3.33 39.12 -42.18
CA ALA F 219 -2.08 39.54 -41.54
C ALA F 219 -0.90 39.35 -42.48
N SER F 220 -1.18 38.90 -43.70
CA SER F 220 -0.13 38.63 -44.68
C SER F 220 -0.26 39.47 -45.93
N PRO F 221 0.87 39.73 -46.62
CA PRO F 221 0.80 40.30 -47.97
C PRO F 221 0.17 39.30 -48.94
N LEU F 222 -0.79 39.75 -49.73
CA LEU F 222 -1.51 38.86 -50.64
C LEU F 222 -0.72 38.60 -51.93
N ASN F 223 -0.95 37.44 -52.52
CA ASN F 223 -0.41 37.11 -53.83
C ASN F 223 -1.47 36.32 -54.60
N VAL F 224 -1.66 36.66 -55.87
CA VAL F 224 -2.66 36.02 -56.72
C VAL F 224 -2.06 35.83 -58.11
N THR F 225 -2.22 34.63 -58.68
CA THR F 225 -1.46 34.26 -59.89
C THR F 225 -1.75 35.09 -61.15
N THR F 226 -2.99 35.53 -61.36
CA THR F 226 -3.33 36.28 -62.57
C THR F 226 -3.92 37.67 -62.34
N SER F 227 -5.11 37.74 -61.76
CA SER F 227 -5.80 39.03 -61.64
C SER F 227 -6.58 39.22 -60.34
N TYR F 228 -6.93 40.48 -60.06
CA TYR F 228 -7.86 40.81 -58.99
C TYR F 228 -9.08 41.43 -59.62
N SER F 229 -10.28 41.01 -59.19
CA SER F 229 -11.51 41.49 -59.80
C SER F 229 -12.49 42.05 -58.77
N VAL F 230 -13.43 42.85 -59.26
CA VAL F 230 -14.57 43.32 -58.46
C VAL F 230 -15.82 43.28 -59.34
N GLY F 231 -16.90 42.74 -58.81
CA GLY F 231 -18.16 42.67 -59.54
C GLY F 231 -18.06 41.77 -60.76
N GLY F 232 -17.07 40.89 -60.74
CA GLY F 232 -16.82 40.00 -61.86
C GLY F 232 -15.86 40.60 -62.87
N LYS F 233 -15.74 41.93 -62.85
CA LYS F 233 -14.88 42.62 -63.82
C LYS F 233 -13.48 42.90 -63.29
N LYS F 234 -12.50 42.69 -64.16
CA LYS F 234 -11.08 42.84 -63.82
C LYS F 234 -10.73 44.29 -63.49
N VAL F 235 -9.89 44.46 -62.47
CA VAL F 235 -9.46 45.80 -62.02
C VAL F 235 -7.94 45.91 -61.98
N VAL F 236 -7.29 45.03 -61.23
CA VAL F 236 -5.84 45.01 -61.13
C VAL F 236 -5.31 43.73 -61.79
N GLY F 237 -4.06 43.76 -62.23
CA GLY F 237 -3.49 42.70 -63.05
C GLY F 237 -1.97 42.78 -63.01
N ALA F 238 -1.31 42.10 -63.94
CA ALA F 238 0.15 42.07 -63.99
C ALA F 238 0.77 43.45 -64.23
N ARG F 239 1.98 43.65 -63.69
CA ARG F 239 2.72 44.89 -63.86
C ARG F 239 3.03 45.19 -65.33
N GLN F 240 2.84 46.44 -65.73
CA GLN F 240 3.07 46.84 -67.13
C GLN F 240 4.48 47.37 -67.35
N THR F 241 5.20 46.73 -68.27
CA THR F 241 6.60 47.05 -68.54
C THR F 241 6.79 47.83 -69.84
N GLY F 242 8.05 48.09 -70.19
CA GLY F 242 8.36 48.92 -71.34
C GLY F 242 8.28 50.38 -70.94
N TRP F 243 8.51 50.64 -69.66
CA TRP F 243 8.36 51.97 -69.09
C TRP F 243 9.68 52.61 -68.68
N THR F 244 9.86 53.87 -69.05
CA THR F 244 11.03 54.64 -68.64
C THR F 244 10.63 55.71 -67.64
N ALA F 245 11.39 55.81 -66.55
CA ALA F 245 11.04 56.68 -65.43
C ALA F 245 11.15 58.16 -65.77
N ALA F 246 10.21 58.95 -65.27
CA ALA F 246 10.26 60.40 -65.44
C ALA F 246 11.37 60.96 -64.57
N THR F 247 11.56 62.27 -64.63
CA THR F 247 12.70 62.88 -63.96
C THR F 247 12.36 64.24 -63.36
N GLY F 248 12.99 64.55 -62.23
CA GLY F 248 12.81 65.84 -61.57
C GLY F 248 11.88 65.79 -60.39
N THR F 249 11.67 66.95 -59.76
CA THR F 249 10.74 67.06 -58.65
C THR F 249 9.31 67.12 -59.22
N ALA F 250 8.38 66.45 -58.54
CA ALA F 250 7.01 66.33 -59.03
C ALA F 250 6.08 67.35 -58.39
N ASN F 251 4.81 67.30 -58.76
CA ASN F 251 3.79 68.12 -58.13
C ASN F 251 2.63 67.26 -57.63
N LYS F 252 2.51 67.14 -56.31
CA LYS F 252 1.32 66.57 -55.70
C LYS F 252 0.45 67.72 -55.27
N GLY F 253 0.99 68.93 -55.42
CA GLY F 253 0.41 70.10 -54.80
C GLY F 253 -0.84 70.63 -55.46
N VAL F 254 -1.16 71.88 -55.17
CA VAL F 254 -2.38 72.51 -55.63
C VAL F 254 -2.49 72.47 -57.16
N PHE F 255 -3.72 72.33 -57.64
CA PHE F 255 -3.98 72.31 -59.08
C PHE F 255 -5.39 72.83 -59.32
N ASP F 256 -5.65 73.30 -60.53
CA ASP F 256 -6.92 73.91 -60.90
C ASP F 256 -7.04 73.68 -62.39
N ALA F 257 -8.23 73.83 -62.96
CA ALA F 257 -8.22 73.91 -64.40
C ALA F 257 -8.27 75.42 -64.62
N ASP F 258 -7.09 75.98 -64.80
CA ASP F 258 -6.92 77.39 -65.08
C ASP F 258 -6.98 77.67 -66.57
N LEU F 259 -7.33 78.90 -66.90
CA LEU F 259 -7.28 79.33 -68.28
C LEU F 259 -6.01 80.15 -68.51
N THR F 260 -5.07 79.53 -69.23
CA THR F 260 -3.79 80.10 -69.62
C THR F 260 -4.06 80.86 -70.91
N PHE F 261 -5.35 80.92 -71.21
CA PHE F 261 -5.89 81.44 -72.46
C PHE F 261 -5.89 82.96 -72.43
N ALA F 262 -6.69 83.54 -73.31
CA ALA F 262 -6.71 84.98 -73.55
C ALA F 262 -5.36 85.39 -74.13
N VAL F 263 -4.94 84.64 -75.14
CA VAL F 263 -3.79 85.03 -75.93
C VAL F 263 -4.22 86.21 -76.81
N SER F 264 -3.42 87.27 -76.79
CA SER F 264 -3.77 88.52 -77.47
C SER F 264 -3.64 88.45 -78.99
N ASP F 265 -4.27 89.41 -79.66
CA ASP F 265 -4.11 89.59 -81.10
C ASP F 265 -2.66 89.85 -81.45
N THR F 266 -1.94 90.41 -80.47
CA THR F 266 -0.54 90.77 -80.65
C THR F 266 0.33 89.97 -79.68
N TYR F 267 1.59 89.75 -80.04
CA TYR F 267 2.51 89.04 -79.16
C TYR F 267 2.68 89.78 -77.84
N THR F 268 2.40 89.08 -76.74
CA THR F 268 2.72 89.58 -75.40
C THR F 268 3.59 88.57 -74.68
N GLN F 269 4.54 89.08 -73.90
CA GLN F 269 5.60 88.26 -73.31
C GLN F 269 5.15 87.46 -72.09
N SER F 270 4.35 88.08 -71.24
CA SER F 270 3.89 87.44 -69.99
C SER F 270 2.94 86.27 -70.24
N GLU F 271 2.19 86.32 -71.34
CA GLU F 271 1.16 85.33 -71.63
C GLU F 271 1.71 83.97 -72.09
N ILE F 272 2.82 83.99 -72.83
CA ILE F 272 3.44 82.75 -73.27
C ILE F 272 4.20 82.13 -72.10
N GLN F 273 4.71 82.98 -71.21
CA GLN F 273 5.32 82.52 -69.95
C GLN F 273 4.32 81.78 -69.06
N ALA F 274 3.05 82.17 -69.14
CA ALA F 274 2.01 81.52 -68.34
C ALA F 274 1.73 80.11 -68.82
N ILE F 275 1.46 79.97 -70.12
CA ILE F 275 1.18 78.68 -70.74
C ILE F 275 2.34 77.71 -70.51
N ALA F 276 3.56 78.23 -70.60
CA ALA F 276 4.76 77.45 -70.38
C ALA F 276 4.89 76.99 -68.93
N ASN F 277 4.65 77.90 -67.99
CA ASN F 277 4.65 77.55 -66.57
C ASN F 277 3.62 76.46 -66.25
N ALA F 278 2.37 76.69 -66.66
CA ALA F 278 1.30 75.73 -66.46
C ALA F 278 1.64 74.38 -67.10
N LEU F 279 2.38 74.42 -68.20
CA LEU F 279 2.84 73.23 -68.90
C LEU F 279 3.93 72.50 -68.13
N ILE F 280 4.75 73.26 -67.40
CA ILE F 280 5.82 72.68 -66.60
C ILE F 280 5.24 72.10 -65.30
N THR F 281 4.16 72.68 -64.81
CA THR F 281 3.46 72.18 -63.64
C THR F 281 2.63 70.94 -64.00
N GLU F 282 2.09 70.94 -65.21
CA GLU F 282 1.30 69.82 -65.72
C GLU F 282 2.18 68.59 -65.99
N ARG F 283 3.43 68.83 -66.36
CA ARG F 283 4.38 67.74 -66.56
C ARG F 283 4.99 67.31 -65.22
N ARG F 284 4.81 68.13 -64.20
CA ARG F 284 5.14 67.77 -62.82
C ARG F 284 4.02 66.92 -62.22
N ARG F 285 2.79 67.24 -62.59
CA ARG F 285 1.62 66.52 -62.12
C ARG F 285 1.51 65.14 -62.77
N THR F 286 1.91 65.06 -64.04
CA THR F 286 1.87 63.82 -64.80
C THR F 286 3.05 62.92 -64.44
N LYS F 287 4.13 63.54 -63.96
CA LYS F 287 5.28 62.80 -63.44
C LYS F 287 4.96 62.23 -62.06
N ALA F 288 4.09 62.92 -61.32
CA ALA F 288 3.70 62.50 -59.97
C ALA F 288 2.75 61.31 -59.99
N LEU F 289 1.83 61.29 -60.94
CA LEU F 289 0.89 60.18 -61.11
C LEU F 289 1.62 58.88 -61.43
N GLU F 290 2.61 58.98 -62.32
CA GLU F 290 3.30 57.81 -62.85
C GLU F 290 4.35 57.25 -61.90
N ASP F 291 4.82 58.07 -60.96
CA ASP F 291 5.73 57.59 -59.92
C ASP F 291 4.98 57.05 -58.71
N ALA F 292 3.69 57.37 -58.61
CA ALA F 292 2.84 56.79 -57.59
C ALA F 292 2.49 55.38 -58.03
N LEU F 293 2.20 55.25 -59.31
CA LEU F 293 1.94 53.96 -59.94
C LEU F 293 3.20 53.11 -59.96
N ARG F 294 4.35 53.77 -59.84
CA ARG F 294 5.65 53.10 -59.78
C ARG F 294 5.96 52.57 -58.37
N ALA F 295 5.47 53.26 -57.35
CA ALA F 295 5.65 52.82 -55.96
C ALA F 295 4.79 51.60 -55.72
N HIS F 296 3.53 51.67 -56.15
CA HIS F 296 2.71 50.49 -56.32
C HIS F 296 3.36 49.73 -57.45
N GLY F 297 3.11 48.43 -57.56
CA GLY F 297 3.76 47.67 -58.61
C GLY F 297 3.03 47.66 -59.95
N LEU F 298 2.03 48.54 -60.10
CA LEU F 298 1.23 48.61 -61.32
C LEU F 298 2.07 48.89 -62.57
N ILE F 299 3.19 49.58 -62.37
CA ILE F 299 4.08 49.97 -63.44
C ILE F 299 5.52 49.71 -62.99
N ASP F 300 6.38 49.31 -63.92
CA ASP F 300 7.81 49.22 -63.63
C ASP F 300 8.44 50.59 -63.81
N MET G 12 -9.45 -210.52 129.59
CA MET G 12 -10.13 -210.80 128.33
C MET G 12 -11.25 -211.81 128.55
N ALA G 13 -11.01 -213.05 128.12
CA ALA G 13 -11.96 -214.14 128.33
C ALA G 13 -11.19 -215.37 128.80
N ASP G 14 -11.52 -215.85 130.00
CA ASP G 14 -10.81 -216.98 130.59
C ASP G 14 -11.24 -218.33 130.02
N PRO G 15 -10.28 -219.25 129.84
CA PRO G 15 -10.50 -220.56 129.21
C PRO G 15 -11.34 -221.55 130.01
N SER G 16 -11.16 -221.57 131.33
CA SER G 16 -11.76 -222.59 132.19
C SER G 16 -13.28 -222.67 132.10
N LEU G 17 -13.90 -221.52 131.86
CA LEU G 17 -15.36 -221.40 131.88
C LEU G 17 -16.06 -222.28 130.84
N ASN G 18 -15.47 -222.39 129.66
CA ASN G 18 -16.03 -223.23 128.61
C ASN G 18 -15.97 -224.71 128.95
N ASN G 19 -15.01 -225.09 129.81
CA ASN G 19 -14.82 -226.49 130.19
C ASN G 19 -15.86 -227.00 131.20
N PRO G 20 -16.67 -227.99 130.78
CA PRO G 20 -17.59 -228.70 131.66
C PRO G 20 -16.82 -229.55 132.70
N VAL G 21 -17.52 -230.00 133.74
CA VAL G 21 -16.90 -230.88 134.75
C VAL G 21 -17.39 -232.33 134.68
N VAL G 22 -16.47 -233.24 134.99
CA VAL G 22 -16.74 -234.68 135.13
C VAL G 22 -15.82 -235.10 136.25
N ILE G 23 -16.09 -236.19 136.97
CA ILE G 23 -17.16 -237.16 136.72
C ILE G 23 -18.25 -236.91 137.76
N GLN G 24 -19.53 -237.19 137.48
CA GLN G 24 -20.12 -237.67 136.21
C GLN G 24 -19.65 -239.04 135.71
N ALA G 25 -19.51 -239.98 136.63
CA ALA G 25 -19.21 -241.37 136.28
C ALA G 25 -20.53 -242.10 136.08
N THR G 26 -20.47 -243.42 135.90
CA THR G 26 -21.71 -244.18 135.75
C THR G 26 -22.41 -244.26 137.11
N ARG G 27 -23.73 -244.11 137.08
CA ARG G 27 -24.51 -243.96 138.31
C ARG G 27 -24.52 -245.19 139.19
N LEU G 28 -24.89 -244.98 140.45
CA LEU G 28 -25.01 -246.03 141.44
C LEU G 28 -26.44 -246.54 141.54
N ASP G 29 -26.64 -247.84 141.34
CA ASP G 29 -27.97 -248.44 141.35
C ASP G 29 -28.51 -248.78 142.74
N ALA G 30 -27.61 -248.93 143.72
CA ALA G 30 -28.00 -249.29 145.09
C ALA G 30 -28.83 -250.58 145.20
N SER G 31 -28.29 -251.79 145.00
CA SER G 31 -26.86 -252.15 144.83
C SER G 31 -26.23 -251.41 143.67
N ILE G 32 -25.04 -250.85 143.86
CA ILE G 32 -24.07 -251.21 144.89
C ILE G 32 -24.34 -250.90 146.40
N LEU G 33 -25.28 -250.01 146.71
CA LEU G 33 -25.55 -249.65 148.11
C LEU G 33 -26.32 -250.72 148.91
N PRO G 34 -25.87 -250.99 150.16
CA PRO G 34 -26.61 -251.79 151.14
C PRO G 34 -27.84 -251.05 151.66
N ARG G 35 -28.99 -251.70 151.66
CA ARG G 35 -30.20 -251.10 152.21
C ARG G 35 -30.26 -251.28 153.73
N ASN G 36 -29.78 -252.43 154.17
CA ASN G 36 -29.87 -252.88 155.55
C ASN G 36 -29.35 -251.93 156.64
N VAL G 37 -28.09 -251.52 156.53
CA VAL G 37 -27.41 -250.77 157.59
C VAL G 37 -27.94 -249.35 157.78
N PHE G 38 -27.95 -248.58 156.69
CA PHE G 38 -28.45 -247.21 156.72
C PHE G 38 -29.95 -247.20 157.00
N SER G 39 -30.45 -246.07 157.51
CA SER G 39 -31.90 -245.89 157.67
C SER G 39 -32.53 -245.55 156.32
N LYS G 40 -33.79 -245.92 156.16
CA LYS G 40 -34.55 -245.67 154.93
C LYS G 40 -34.52 -244.22 154.47
N SER G 41 -34.47 -243.29 155.44
CA SER G 41 -34.41 -241.87 155.12
C SER G 41 -33.04 -241.50 154.53
N TYR G 42 -31.98 -241.99 155.18
CA TYR G 42 -30.63 -241.79 154.67
C TYR G 42 -30.36 -242.71 153.46
N LEU G 43 -31.24 -243.69 153.27
CA LEU G 43 -31.24 -244.50 152.05
C LEU G 43 -31.81 -243.71 150.87
N LEU G 44 -32.96 -243.09 151.08
CA LEU G 44 -33.62 -242.30 150.04
C LEU G 44 -32.85 -241.00 149.82
N TYR G 45 -32.06 -240.64 150.83
CA TYR G 45 -31.07 -239.58 150.71
C TYR G 45 -30.03 -239.93 149.65
N VAL G 46 -29.27 -240.98 149.91
CA VAL G 46 -28.11 -241.37 149.09
C VAL G 46 -28.42 -241.43 147.58
N ILE G 47 -29.65 -241.82 147.25
CA ILE G 47 -30.11 -241.81 145.87
C ILE G 47 -30.52 -240.41 145.39
N ALA G 48 -30.91 -239.54 146.33
CA ALA G 48 -31.16 -238.14 146.00
C ALA G 48 -29.83 -237.38 145.91
N GLN G 49 -28.88 -237.77 146.77
CA GLN G 49 -27.54 -237.20 146.76
C GLN G 49 -26.86 -237.38 145.41
N GLY G 50 -27.06 -238.54 144.80
CA GLY G 50 -26.54 -238.82 143.47
C GLY G 50 -27.33 -238.14 142.37
N THR G 51 -28.65 -238.15 142.49
CA THR G 51 -29.51 -237.54 141.49
C THR G 51 -29.42 -236.00 141.54
N ASP G 52 -29.11 -235.46 142.71
CA ASP G 52 -28.88 -234.02 142.85
C ASP G 52 -27.48 -233.59 142.40
N VAL G 53 -26.46 -234.38 142.74
CA VAL G 53 -25.07 -234.03 142.38
C VAL G 53 -24.88 -233.92 140.86
N GLY G 54 -25.70 -234.63 140.10
CA GLY G 54 -25.64 -234.58 138.65
C GLY G 54 -26.35 -233.37 138.08
N ALA G 55 -27.37 -232.90 138.79
CA ALA G 55 -28.14 -231.73 138.38
C ALA G 55 -27.40 -230.44 138.75
N ILE G 56 -26.63 -230.48 139.83
CA ILE G 56 -25.86 -229.33 140.31
C ILE G 56 -24.70 -229.00 139.38
N ALA G 57 -23.95 -230.02 139.00
CA ALA G 57 -22.85 -229.89 138.04
C ALA G 57 -23.36 -229.27 136.75
N GLY G 58 -24.49 -229.79 136.28
CA GLY G 58 -25.06 -229.36 135.02
C GLY G 58 -25.34 -227.88 134.96
N LYS G 59 -25.82 -227.31 136.07
CA LYS G 59 -26.12 -225.89 136.13
C LYS G 59 -24.87 -225.04 136.38
N ALA G 60 -23.97 -225.51 137.24
CA ALA G 60 -22.70 -224.83 137.44
C ALA G 60 -21.93 -224.77 136.12
N ASN G 61 -21.99 -225.86 135.37
CA ASN G 61 -21.41 -225.93 134.03
C ASN G 61 -22.07 -224.97 133.05
N GLU G 62 -23.40 -224.98 133.01
CA GLU G 62 -24.16 -224.16 132.09
C GLU G 62 -24.04 -222.67 132.42
N ALA G 63 -23.68 -222.37 133.66
CA ALA G 63 -23.53 -220.98 134.09
C ALA G 63 -22.22 -220.37 133.59
N GLY G 64 -21.12 -221.09 133.72
CA GLY G 64 -19.83 -220.63 133.25
C GLY G 64 -19.76 -220.63 131.73
N GLN G 65 -20.45 -221.58 131.12
CA GLN G 65 -20.52 -221.72 129.67
C GLN G 65 -21.32 -220.57 129.04
N GLY G 66 -22.20 -219.98 129.83
CA GLY G 66 -22.95 -218.81 129.40
C GLY G 66 -22.29 -217.52 129.89
N ALA G 67 -21.39 -217.66 130.86
CA ALA G 67 -20.62 -216.53 131.35
C ALA G 67 -19.41 -216.28 130.46
N TYR G 68 -18.98 -217.31 129.72
CA TYR G 68 -17.93 -217.17 128.72
C TYR G 68 -18.53 -216.50 127.49
N ASP G 69 -19.81 -216.78 127.24
CA ASP G 69 -20.53 -216.20 126.11
C ASP G 69 -20.79 -214.71 126.34
N ALA G 70 -20.77 -214.30 127.60
CA ALA G 70 -20.78 -212.88 127.94
C ALA G 70 -19.38 -212.30 127.78
N GLN G 71 -18.37 -213.15 127.97
CA GLN G 71 -16.97 -212.73 127.88
C GLN G 71 -16.49 -212.57 126.44
N VAL G 72 -16.99 -213.41 125.55
CA VAL G 72 -16.69 -213.29 124.13
C VAL G 72 -17.39 -212.05 123.59
N LYS G 73 -18.65 -211.90 123.96
CA LYS G 73 -19.46 -210.76 123.55
C LYS G 73 -18.90 -209.49 124.18
N ASN G 74 -18.15 -209.64 125.28
CA ASN G 74 -17.55 -208.50 125.95
C ASN G 74 -16.31 -207.98 125.22
N ASP G 75 -15.57 -208.88 124.60
CA ASP G 75 -14.39 -208.50 123.83
C ASP G 75 -14.76 -208.18 122.38
N GLU G 76 -15.96 -208.58 121.97
CA GLU G 76 -16.49 -208.20 120.66
C GLU G 76 -17.09 -206.81 120.72
N GLN G 77 -17.63 -206.45 121.88
CA GLN G 77 -18.13 -205.09 122.08
C GLN G 77 -16.97 -204.15 122.37
N ASP G 78 -15.88 -204.70 122.89
CA ASP G 78 -14.68 -203.93 123.21
C ASP G 78 -13.91 -203.50 121.95
N VAL G 79 -14.06 -204.26 120.87
CA VAL G 79 -13.46 -203.90 119.60
C VAL G 79 -14.29 -202.78 118.98
N GLU G 80 -15.59 -202.78 119.31
CA GLU G 80 -16.48 -201.71 118.90
C GLU G 80 -16.15 -200.43 119.66
N LEU G 81 -15.84 -200.56 120.95
CA LEU G 81 -15.56 -199.40 121.78
C LEU G 81 -14.23 -198.75 121.46
N ALA G 82 -13.27 -199.56 121.02
CA ALA G 82 -11.98 -199.04 120.57
C ALA G 82 -12.14 -198.44 119.17
N ASP G 83 -13.04 -199.00 118.38
CA ASP G 83 -13.35 -198.50 117.05
C ASP G 83 -14.04 -197.14 117.20
N HIS G 84 -14.96 -197.05 118.15
CA HIS G 84 -15.71 -195.82 118.39
C HIS G 84 -14.84 -194.72 119.01
N GLU G 85 -13.76 -195.10 119.67
CA GLU G 85 -12.85 -194.11 120.28
C GLU G 85 -11.88 -193.46 119.29
N ALA G 86 -11.22 -194.28 118.49
CA ALA G 86 -10.19 -193.79 117.56
C ALA G 86 -10.83 -193.05 116.39
N ARG G 87 -12.06 -193.41 116.08
CA ARG G 87 -12.82 -192.74 115.03
C ARG G 87 -13.35 -191.40 115.52
N ILE G 88 -13.69 -191.33 116.80
CA ILE G 88 -14.18 -190.08 117.41
C ILE G 88 -13.03 -189.13 117.78
N LYS G 89 -11.86 -189.70 118.04
CA LYS G 89 -10.67 -188.90 118.31
C LYS G 89 -10.31 -187.99 117.14
N GLN G 90 -10.23 -188.57 115.94
CA GLN G 90 -9.97 -187.79 114.75
C GLN G 90 -11.29 -187.29 114.15
N LEU G 91 -12.40 -187.61 114.82
CA LEU G 91 -13.67 -186.95 114.50
C LEU G 91 -13.74 -185.61 115.24
N ARG G 92 -12.96 -185.45 116.30
CA ARG G 92 -12.85 -184.15 116.96
C ARG G 92 -11.86 -183.25 116.23
N ILE G 93 -10.75 -183.85 115.82
CA ILE G 93 -9.65 -183.13 115.23
C ILE G 93 -9.94 -182.82 113.75
N ASP G 94 -11.01 -183.40 113.23
CA ASP G 94 -11.56 -182.98 111.94
C ASP G 94 -12.47 -181.74 112.06
N VAL G 95 -13.30 -181.72 113.11
CA VAL G 95 -14.25 -180.61 113.33
C VAL G 95 -13.56 -179.40 113.94
N ASP G 96 -12.41 -179.62 114.56
CA ASP G 96 -11.63 -178.54 115.14
C ASP G 96 -10.85 -177.79 114.07
N ASP G 97 -10.39 -178.52 113.05
CA ASP G 97 -9.65 -177.92 111.94
C ASP G 97 -10.58 -177.20 110.97
N HIS G 98 -11.83 -177.67 110.89
CA HIS G 98 -12.85 -177.01 110.09
C HIS G 98 -13.20 -175.67 110.73
N GLU G 99 -13.09 -175.61 112.05
CA GLU G 99 -13.40 -174.42 112.83
C GLU G 99 -12.43 -173.27 112.57
N SER G 100 -11.15 -173.58 112.49
CA SER G 100 -10.13 -172.57 112.25
C SER G 100 -10.20 -172.07 110.81
N ARG G 101 -10.58 -172.96 109.90
CA ARG G 101 -10.67 -172.62 108.48
C ARG G 101 -11.93 -171.87 108.08
N ILE G 102 -13.04 -172.13 108.77
CA ILE G 102 -14.27 -171.37 108.53
C ILE G 102 -14.05 -169.91 108.90
N THR G 103 -13.47 -169.69 110.07
CA THR G 103 -13.18 -168.36 110.58
C THR G 103 -12.28 -167.54 109.64
N ALA G 104 -11.32 -168.19 109.02
CA ALA G 104 -10.41 -167.53 108.09
C ALA G 104 -11.10 -167.22 106.76
N ASN G 105 -12.10 -168.03 106.42
CA ASN G 105 -12.88 -167.78 105.21
C ASN G 105 -13.89 -166.65 105.39
N THR G 106 -14.38 -166.48 106.61
CA THR G 106 -15.39 -165.46 106.89
C THR G 106 -14.77 -164.11 107.28
N LYS G 107 -13.46 -164.11 107.56
CA LYS G 107 -12.75 -162.84 107.67
C LYS G 107 -12.08 -162.54 106.33
N ALA G 108 -12.17 -163.51 105.42
CA ALA G 108 -11.84 -163.28 104.02
C ALA G 108 -13.02 -162.62 103.30
N ILE G 109 -14.22 -163.12 103.55
CA ILE G 109 -15.44 -162.57 102.95
C ILE G 109 -15.74 -161.18 103.48
N THR G 110 -15.50 -161.00 104.78
CA THR G 110 -15.72 -159.72 105.45
C THR G 110 -14.81 -158.64 104.86
N ALA G 111 -13.62 -159.03 104.43
CA ALA G 111 -12.67 -158.09 103.84
C ALA G 111 -13.06 -157.72 102.40
N LEU G 112 -13.77 -158.61 101.72
CA LEU G 112 -14.16 -158.37 100.34
C LEU G 112 -15.30 -157.36 100.25
N ASN G 113 -16.36 -157.58 101.02
CA ASN G 113 -17.53 -156.71 100.97
C ASN G 113 -17.20 -155.25 101.19
N VAL G 114 -16.30 -154.99 102.14
CA VAL G 114 -15.89 -153.61 102.41
C VAL G 114 -15.00 -153.05 101.31
N ARG G 115 -14.40 -153.92 100.51
CA ARG G 115 -13.75 -153.46 99.28
C ARG G 115 -14.67 -153.52 98.05
N VAL G 116 -15.78 -154.26 98.16
CA VAL G 116 -16.82 -154.24 97.12
C VAL G 116 -17.75 -153.07 97.34
N THR G 117 -18.11 -152.83 98.60
CA THR G 117 -19.00 -151.72 98.97
C THR G 117 -18.32 -150.35 98.83
N THR G 118 -16.99 -150.33 98.96
CA THR G 118 -16.24 -149.10 98.70
C THR G 118 -16.30 -148.82 97.21
N ALA G 119 -15.93 -149.83 96.43
CA ALA G 119 -15.95 -149.75 94.97
C ALA G 119 -17.33 -149.33 94.48
N GLU G 120 -18.37 -149.93 95.04
CA GLU G 120 -19.75 -149.58 94.70
C GLU G 120 -20.09 -148.12 95.01
N GLY G 121 -19.33 -147.49 95.90
CA GLY G 121 -19.50 -146.08 96.18
C GLY G 121 -18.55 -145.21 95.38
N GLU G 122 -17.47 -145.81 94.89
CA GLU G 122 -16.48 -145.08 94.10
C GLU G 122 -16.92 -144.94 92.65
N ILE G 123 -17.74 -145.87 92.18
CA ILE G 123 -18.22 -145.86 90.80
C ILE G 123 -19.38 -144.87 90.59
N ALA G 124 -20.14 -144.63 91.64
CA ALA G 124 -21.27 -143.70 91.58
C ALA G 124 -20.83 -142.24 91.74
N SER G 125 -19.62 -142.05 92.25
CA SER G 125 -19.02 -140.72 92.32
C SER G 125 -18.46 -140.33 90.97
N LEU G 126 -17.86 -141.30 90.29
CA LEU G 126 -17.31 -141.11 88.96
C LEU G 126 -18.41 -140.97 87.91
N GLN G 127 -19.60 -141.46 88.24
CA GLN G 127 -20.76 -141.36 87.35
C GLN G 127 -21.44 -139.99 87.48
N THR G 128 -21.22 -139.30 88.58
CA THR G 128 -21.68 -137.92 88.73
C THR G 128 -20.62 -136.88 88.37
N ASN G 129 -19.37 -137.31 88.23
CA ASN G 129 -18.30 -136.42 87.77
C ASN G 129 -18.24 -136.27 86.26
N VAL G 130 -18.40 -137.38 85.54
CA VAL G 130 -18.34 -137.38 84.08
C VAL G 130 -19.63 -136.82 83.48
N SER G 131 -20.76 -137.14 84.09
CA SER G 131 -22.03 -136.56 83.68
C SER G 131 -22.00 -135.04 83.84
N ALA G 132 -21.22 -134.57 84.81
CA ALA G 132 -20.98 -133.15 84.99
C ALA G 132 -19.95 -132.63 83.98
N LEU G 133 -18.85 -133.37 83.84
CA LEU G 133 -17.73 -132.93 83.01
C LEU G 133 -18.09 -132.80 81.54
N ASP G 134 -19.07 -133.59 81.09
CA ASP G 134 -19.55 -133.50 79.72
C ASP G 134 -20.29 -132.18 79.52
N GLY G 135 -21.03 -131.77 80.54
CA GLY G 135 -21.74 -130.50 80.51
C GLY G 135 -20.80 -129.31 80.52
N ARG G 136 -19.59 -129.52 81.03
CA ARG G 136 -18.54 -128.50 81.00
C ARG G 136 -17.86 -128.47 79.64
N VAL G 137 -17.69 -129.65 79.04
CA VAL G 137 -17.05 -129.77 77.73
C VAL G 137 -18.02 -129.40 76.60
N THR G 138 -19.29 -129.73 76.77
CA THR G 138 -20.33 -129.38 75.78
C THR G 138 -20.66 -127.87 75.80
N THR G 139 -20.66 -127.28 77.00
CA THR G 139 -20.88 -125.82 77.12
C THR G 139 -19.68 -125.03 76.59
N ALA G 140 -18.48 -125.57 76.79
CA ALA G 140 -17.27 -124.91 76.32
C ALA G 140 -16.94 -125.28 74.87
N GLU G 141 -17.71 -126.21 74.30
CA GLU G 141 -17.66 -126.44 72.86
C GLU G 141 -18.65 -125.54 72.12
N ASN G 142 -19.62 -124.99 72.85
CA ASN G 142 -20.54 -124.00 72.30
C ASN G 142 -19.91 -122.60 72.30
N ASN G 143 -19.01 -122.37 73.25
CA ASN G 143 -18.22 -121.14 73.30
C ASN G 143 -17.10 -121.20 72.27
N ILE G 144 -16.57 -122.40 72.04
CA ILE G 144 -15.48 -122.61 71.09
C ILE G 144 -15.97 -122.48 69.65
N SER G 145 -17.26 -122.71 69.45
CA SER G 145 -17.87 -122.63 68.12
C SER G 145 -18.12 -121.19 67.67
N ALA G 146 -18.58 -120.34 68.59
CA ALA G 146 -18.84 -118.94 68.27
C ALA G 146 -17.56 -118.11 68.41
N LEU G 147 -16.55 -118.68 69.03
CA LEU G 147 -15.23 -118.06 69.10
C LEU G 147 -14.45 -118.40 67.84
N GLN G 148 -14.93 -119.40 67.10
CA GLN G 148 -14.40 -119.71 65.78
C GLN G 148 -15.22 -119.00 64.72
N ALA G 149 -16.17 -118.21 65.19
CA ALA G 149 -17.07 -117.44 64.33
C ALA G 149 -16.69 -115.96 64.30
N ASP G 150 -16.69 -115.32 65.47
CA ASP G 150 -16.35 -113.90 65.55
C ASP G 150 -14.86 -113.59 65.25
N VAL G 151 -14.02 -114.62 65.28
CA VAL G 151 -12.64 -114.48 64.79
C VAL G 151 -12.67 -114.63 63.27
N ASP G 152 -13.73 -115.26 62.77
CA ASP G 152 -13.97 -115.33 61.32
C ASP G 152 -14.62 -114.04 60.82
N ASP G 153 -15.26 -113.30 61.72
CA ASP G 153 -15.78 -111.97 61.39
C ASP G 153 -14.66 -110.94 61.42
N HIS G 154 -13.62 -111.24 62.21
CA HIS G 154 -12.51 -110.31 62.40
C HIS G 154 -11.48 -110.32 61.26
N GLU G 155 -11.23 -111.48 60.66
CA GLU G 155 -10.20 -111.59 59.63
C GLU G 155 -10.64 -111.06 58.25
N SER G 156 -11.94 -111.09 57.99
CA SER G 156 -12.49 -110.57 56.73
C SER G 156 -12.51 -109.05 56.76
N ARG G 157 -12.74 -108.48 57.94
CA ARG G 157 -12.69 -107.03 58.10
C ARG G 157 -11.26 -106.52 57.96
N ILE G 158 -10.31 -107.22 58.58
CA ILE G 158 -8.90 -106.84 58.50
C ILE G 158 -8.41 -106.87 57.05
N THR G 159 -8.71 -107.95 56.34
CA THR G 159 -8.30 -108.08 54.94
C THR G 159 -9.05 -107.10 54.04
N ALA G 160 -10.27 -106.72 54.44
CA ALA G 160 -11.01 -105.69 53.72
C ALA G 160 -10.44 -104.32 54.06
N ASN G 161 -10.10 -104.11 55.34
CA ASN G 161 -9.45 -102.90 55.78
C ASN G 161 -8.06 -102.74 55.16
N THR G 162 -7.26 -103.81 55.22
CA THR G 162 -5.91 -103.81 54.64
C THR G 162 -5.95 -103.59 53.13
N LYS G 163 -6.97 -104.17 52.48
CA LYS G 163 -7.17 -104.00 51.05
C LYS G 163 -7.39 -102.52 50.70
N ALA G 164 -8.36 -101.90 51.36
CA ALA G 164 -8.68 -100.49 51.13
C ALA G 164 -7.49 -99.57 51.40
N ILE G 165 -6.68 -99.92 52.40
CA ILE G 165 -5.48 -99.17 52.74
C ILE G 165 -4.53 -99.06 51.55
N THR G 166 -4.25 -100.19 50.93
CA THR G 166 -3.32 -100.25 49.81
C THR G 166 -3.98 -99.77 48.51
N ALA G 167 -5.29 -99.82 48.45
CA ALA G 167 -6.02 -99.28 47.32
C ALA G 167 -6.19 -97.78 47.50
N LEU G 168 -5.91 -97.31 48.72
CA LEU G 168 -5.83 -95.89 49.02
C LEU G 168 -4.46 -95.34 48.62
N ASN G 169 -3.42 -96.11 48.88
CA ASN G 169 -2.05 -95.71 48.54
C ASN G 169 -1.85 -95.55 47.03
N VAL G 170 -2.63 -96.30 46.25
CA VAL G 170 -2.62 -96.18 44.79
C VAL G 170 -3.45 -94.96 44.37
N ARG G 171 -4.55 -94.72 45.09
CA ARG G 171 -5.36 -93.53 44.90
C ARG G 171 -4.53 -92.28 45.16
N VAL G 172 -3.75 -92.30 46.24
CA VAL G 172 -3.00 -91.15 46.71
C VAL G 172 -1.71 -90.88 45.92
N THR G 173 -0.94 -91.93 45.65
CA THR G 173 0.31 -91.79 44.89
C THR G 173 0.02 -91.42 43.43
N THR G 174 -1.23 -91.57 43.01
CA THR G 174 -1.67 -91.04 41.72
C THR G 174 -1.85 -89.52 41.82
N ALA G 175 -2.45 -89.07 42.91
CA ALA G 175 -2.61 -87.64 43.16
C ALA G 175 -1.28 -86.99 43.54
N GLU G 176 -0.46 -87.71 44.30
CA GLU G 176 0.81 -87.16 44.78
C GLU G 176 1.72 -86.58 43.70
N GLY G 177 1.59 -87.07 42.48
CA GLY G 177 2.32 -86.50 41.35
C GLY G 177 1.43 -85.64 40.47
N GLU G 178 0.12 -85.68 40.70
CA GLU G 178 -0.78 -84.77 40.02
C GLU G 178 -0.92 -83.47 40.81
N ILE G 179 -0.42 -83.46 42.04
CA ILE G 179 -0.26 -82.23 42.82
C ILE G 179 1.00 -81.50 42.39
N ALA G 180 2.09 -82.25 42.24
CA ALA G 180 3.41 -81.66 42.01
C ALA G 180 3.58 -81.13 40.59
N SER G 181 2.75 -81.60 39.66
CA SER G 181 2.75 -81.08 38.31
C SER G 181 2.03 -79.74 38.29
N LEU G 182 1.10 -79.58 39.22
CA LEU G 182 0.40 -78.33 39.42
C LEU G 182 1.26 -77.37 40.23
N GLN G 183 2.26 -77.93 40.92
CA GLN G 183 3.22 -77.12 41.67
C GLN G 183 4.31 -76.61 40.73
N THR G 184 4.20 -77.00 39.46
CA THR G 184 5.17 -76.64 38.44
C THR G 184 4.48 -75.76 37.38
N ASN G 185 3.44 -76.29 36.75
CA ASN G 185 2.60 -75.51 35.84
C ASN G 185 2.16 -74.16 36.42
N VAL G 186 1.90 -74.12 37.73
CA VAL G 186 1.58 -72.86 38.41
C VAL G 186 2.84 -72.05 38.74
N SER G 187 3.87 -72.72 39.26
CA SER G 187 5.10 -72.04 39.64
C SER G 187 5.92 -71.55 38.45
N ALA G 188 5.64 -72.12 37.27
CA ALA G 188 6.21 -71.61 36.04
C ALA G 188 5.42 -70.39 35.60
N LEU G 189 4.11 -70.42 35.84
CA LEU G 189 3.24 -69.32 35.44
C LEU G 189 3.31 -68.16 36.44
N ASP G 190 3.85 -68.43 37.62
CA ASP G 190 4.06 -67.38 38.61
C ASP G 190 5.23 -66.48 38.20
N GLY G 191 6.13 -67.03 37.38
CA GLY G 191 7.18 -66.24 36.76
C GLY G 191 6.66 -65.44 35.58
N ARG G 192 5.91 -66.08 34.71
CA ARG G 192 5.44 -65.46 33.48
C ARG G 192 4.44 -64.35 33.72
N VAL G 193 3.74 -64.39 34.85
CA VAL G 193 2.86 -63.30 35.25
C VAL G 193 3.61 -62.26 36.09
N THR G 194 4.78 -62.62 36.62
CA THR G 194 5.62 -61.68 37.36
C THR G 194 6.46 -60.81 36.42
N THR G 195 7.02 -61.41 35.37
CA THR G 195 7.78 -60.65 34.39
C THR G 195 6.85 -59.82 33.52
N ALA G 196 5.73 -60.41 33.12
CA ALA G 196 4.76 -59.72 32.29
C ALA G 196 4.17 -58.51 33.01
N GLU G 197 4.30 -58.45 34.33
CA GLU G 197 3.99 -57.22 35.05
C GLU G 197 5.24 -56.38 35.37
N ASN G 198 6.42 -56.93 35.11
CA ASN G 198 7.65 -56.17 35.21
C ASN G 198 7.84 -55.33 33.96
N ASN G 199 7.29 -55.83 32.85
CA ASN G 199 7.34 -55.11 31.58
C ASN G 199 6.31 -53.98 31.49
N ILE G 200 5.07 -54.27 31.88
CA ILE G 200 3.99 -53.27 31.83
C ILE G 200 4.30 -52.11 32.78
N SER G 201 5.03 -52.41 33.86
CA SER G 201 5.44 -51.39 34.80
C SER G 201 6.51 -50.48 34.20
N ALA G 202 7.35 -51.03 33.33
CA ALA G 202 8.37 -50.24 32.65
C ALA G 202 7.85 -49.66 31.34
N LEU G 203 6.72 -50.15 30.87
CA LEU G 203 6.11 -49.65 29.64
C LEU G 203 5.37 -48.34 29.89
N GLN G 204 4.92 -48.17 31.13
CA GLN G 204 4.25 -46.95 31.54
C GLN G 204 5.27 -45.91 31.99
N ALA G 205 6.51 -46.34 32.16
CA ALA G 205 7.62 -45.42 32.40
C ALA G 205 8.09 -44.73 31.13
N ASP G 206 8.37 -45.53 30.10
CA ASP G 206 8.85 -45.00 28.83
C ASP G 206 7.83 -45.30 27.73
N TYR G 207 7.12 -44.26 27.32
CA TYR G 207 6.12 -44.29 26.23
C TYR G 207 5.44 -42.92 26.16
N VAL G 208 4.81 -42.60 25.03
CA VAL G 208 4.10 -41.32 24.94
C VAL G 208 2.58 -41.49 24.88
N SER G 209 1.89 -40.78 25.77
CA SER G 209 0.44 -40.88 25.89
C SER G 209 -0.28 -40.02 24.87
N LYS G 210 -1.36 -40.56 24.31
CA LYS G 210 -2.22 -39.82 23.40
C LYS G 210 -3.15 -38.89 24.16
N THR G 211 -3.53 -39.30 25.38
CA THR G 211 -4.45 -38.51 26.21
C THR G 211 -3.78 -37.62 27.26
N ALA G 212 -2.45 -37.62 27.32
CA ALA G 212 -1.74 -36.81 28.31
C ALA G 212 -1.93 -35.31 28.07
N THR G 213 -2.15 -34.56 29.15
CA THR G 213 -2.32 -33.10 29.06
C THR G 213 -1.06 -32.30 29.39
N THR G 214 0.03 -32.97 29.75
CA THR G 214 1.25 -32.31 30.21
C THR G 214 2.41 -32.47 29.22
N SER G 215 3.25 -31.43 29.14
CA SER G 215 4.40 -31.41 28.24
C SER G 215 5.30 -32.64 28.34
N GLN G 216 5.73 -33.11 27.18
CA GLN G 216 6.63 -34.24 27.08
C GLN G 216 7.80 -33.91 26.15
N SER G 217 9.00 -34.32 26.58
CA SER G 217 10.24 -34.14 25.83
C SER G 217 10.75 -35.51 25.42
N LEU G 218 11.59 -35.54 24.41
CA LEU G 218 12.23 -36.78 23.97
C LEU G 218 13.74 -36.68 24.12
N ALA G 219 14.39 -37.83 24.16
CA ALA G 219 15.86 -37.90 24.16
C ALA G 219 16.42 -38.18 22.76
N SER G 220 15.55 -38.36 21.78
CA SER G 220 15.95 -38.76 20.44
C SER G 220 15.46 -37.77 19.37
N PRO G 221 16.28 -37.53 18.30
CA PRO G 221 15.78 -36.70 17.20
C PRO G 221 14.56 -37.39 16.56
N LEU G 222 13.48 -36.63 16.41
CA LEU G 222 12.22 -37.17 15.93
C LEU G 222 12.24 -37.35 14.43
N ASN G 223 11.37 -38.23 13.93
CA ASN G 223 11.10 -38.36 12.50
C ASN G 223 9.61 -38.59 12.29
N VAL G 224 9.08 -38.05 11.21
CA VAL G 224 7.66 -38.13 10.88
C VAL G 224 7.53 -38.32 9.37
N THR G 225 6.62 -39.19 8.93
CA THR G 225 6.43 -39.36 7.49
C THR G 225 5.85 -38.11 6.80
N THR G 226 4.74 -37.58 7.32
CA THR G 226 4.04 -36.50 6.62
C THR G 226 4.25 -35.13 7.26
N SER G 227 3.58 -34.88 8.38
CA SER G 227 3.48 -33.52 8.90
C SER G 227 3.51 -33.39 10.42
N TYR G 228 3.71 -32.16 10.87
CA TYR G 228 3.49 -31.78 12.26
C TYR G 228 2.30 -30.84 12.28
N SER G 229 1.43 -30.96 13.27
CA SER G 229 0.19 -30.18 13.30
C SER G 229 -0.29 -29.87 14.70
N VAL G 230 -1.17 -28.88 14.81
CA VAL G 230 -1.86 -28.56 16.05
C VAL G 230 -3.21 -27.89 15.72
N GLY G 231 -4.22 -28.13 16.56
CA GLY G 231 -5.50 -27.45 16.45
C GLY G 231 -6.29 -27.79 15.19
N GLY G 232 -5.87 -28.85 14.51
CA GLY G 232 -6.49 -29.23 13.26
C GLY G 232 -5.90 -28.51 12.07
N LYS G 233 -4.94 -27.62 12.33
CA LYS G 233 -4.31 -26.84 11.27
C LYS G 233 -2.82 -27.13 11.12
N LYS G 234 -2.44 -27.60 9.93
CA LYS G 234 -1.07 -27.98 9.60
C LYS G 234 -0.07 -26.87 9.92
N VAL G 235 1.09 -27.25 10.46
CA VAL G 235 2.13 -26.29 10.84
C VAL G 235 3.47 -26.44 10.08
N VAL G 236 4.11 -27.59 10.17
CA VAL G 236 5.36 -27.78 9.46
C VAL G 236 5.26 -28.90 8.42
N GLY G 237 5.62 -28.58 7.17
CA GLY G 237 5.59 -29.56 6.10
C GLY G 237 6.99 -30.01 5.70
N ALA G 238 7.09 -30.59 4.51
CA ALA G 238 8.39 -31.02 4.00
C ALA G 238 9.21 -29.82 3.53
N ARG G 239 10.41 -30.08 3.04
CA ARG G 239 11.29 -29.03 2.58
C ARG G 239 10.75 -28.28 1.36
N GLN G 240 10.98 -26.97 1.35
CA GLN G 240 10.70 -26.15 0.19
C GLN G 240 11.99 -26.08 -0.62
N THR G 241 11.87 -26.26 -1.94
CA THR G 241 13.03 -26.54 -2.79
C THR G 241 13.16 -25.60 -3.99
N GLY G 242 14.29 -25.67 -4.69
CA GLY G 242 14.56 -24.79 -5.81
C GLY G 242 15.28 -23.49 -5.50
N TRP G 243 16.14 -23.51 -4.49
CA TRP G 243 16.83 -22.29 -4.04
C TRP G 243 18.32 -22.22 -4.35
N THR G 244 18.82 -20.99 -4.48
CA THR G 244 20.24 -20.72 -4.58
C THR G 244 20.70 -20.02 -3.29
N ALA G 245 21.93 -20.30 -2.86
CA ALA G 245 22.43 -19.76 -1.60
C ALA G 245 22.92 -18.31 -1.73
N ALA G 246 22.36 -17.44 -0.91
CA ALA G 246 22.79 -16.04 -0.84
C ALA G 246 24.19 -15.94 -0.28
N THR G 247 24.88 -14.85 -0.60
CA THR G 247 26.28 -14.69 -0.25
C THR G 247 26.49 -13.40 0.56
N GLY G 248 27.63 -13.29 1.25
CA GLY G 248 27.94 -12.13 2.06
C GLY G 248 27.59 -12.35 3.51
N THR G 249 27.35 -11.25 4.23
CA THR G 249 27.04 -11.30 5.65
C THR G 249 25.65 -10.72 5.90
N ALA G 250 25.09 -11.02 7.06
CA ALA G 250 23.66 -10.81 7.30
C ALA G 250 23.42 -9.80 8.41
N ASN G 251 22.20 -9.27 8.48
CA ASN G 251 21.86 -8.40 9.58
C ASN G 251 21.05 -9.17 10.61
N LYS G 252 21.72 -9.52 11.70
CA LYS G 252 21.02 -9.72 12.96
C LYS G 252 21.58 -8.52 13.69
N GLY G 253 20.79 -7.46 13.74
CA GLY G 253 21.26 -6.16 14.17
C GLY G 253 20.04 -5.33 14.45
N VAL G 254 20.23 -4.17 15.09
CA VAL G 254 19.13 -3.25 15.28
C VAL G 254 18.57 -2.99 13.89
N PHE G 255 17.27 -3.20 13.72
CA PHE G 255 16.65 -3.07 12.41
C PHE G 255 15.37 -2.26 12.50
N ASP G 256 15.28 -1.23 11.66
CA ASP G 256 14.12 -0.37 11.60
C ASP G 256 14.11 0.28 10.22
N ALA G 257 12.97 0.80 9.80
CA ALA G 257 12.92 1.62 8.60
C ALA G 257 12.97 3.08 9.03
N ASP G 258 14.01 3.78 8.59
CA ASP G 258 14.36 5.11 9.10
C ASP G 258 13.29 6.17 8.88
N LEU G 259 12.26 5.82 8.09
CA LEU G 259 11.24 6.77 7.65
C LEU G 259 11.84 7.85 6.74
N THR G 260 12.65 7.39 5.78
CA THR G 260 13.22 8.25 4.75
C THR G 260 12.05 8.96 4.08
N PHE G 261 12.10 10.29 4.05
CA PHE G 261 10.88 11.06 3.80
C PHE G 261 11.08 12.36 3.04
N ALA G 262 9.96 12.98 2.70
CA ALA G 262 9.90 14.38 2.31
C ALA G 262 11.01 14.85 1.36
N VAL G 263 11.25 14.10 0.30
CA VAL G 263 12.23 14.50 -0.70
C VAL G 263 11.84 15.85 -1.27
N SER G 264 12.78 16.79 -1.21
CA SER G 264 12.54 18.11 -1.77
C SER G 264 12.59 18.00 -3.30
N ASP G 265 12.03 19.00 -3.98
CA ASP G 265 12.13 19.08 -5.43
C ASP G 265 13.60 19.13 -5.83
N THR G 266 14.38 19.90 -5.07
CA THR G 266 15.83 19.88 -5.21
C THR G 266 16.35 18.49 -4.91
N TYR G 267 17.40 18.10 -5.62
CA TYR G 267 17.95 16.75 -5.52
C TYR G 267 19.13 16.72 -4.56
N THR G 268 18.99 15.93 -3.50
CA THR G 268 20.06 15.77 -2.51
C THR G 268 20.59 14.34 -2.53
N GLN G 269 21.91 14.20 -2.56
CA GLN G 269 22.53 12.88 -2.56
C GLN G 269 22.60 12.24 -1.18
N SER G 270 22.74 13.07 -0.15
CA SER G 270 22.76 12.59 1.23
C SER G 270 21.47 11.88 1.57
N GLU G 271 20.40 12.23 0.86
CA GLU G 271 19.12 11.57 1.03
C GLU G 271 18.96 10.34 0.14
N ILE G 272 19.80 10.22 -0.88
CA ILE G 272 19.83 9.01 -1.70
C ILE G 272 20.89 8.03 -1.18
N GLN G 273 21.76 8.52 -0.31
CA GLN G 273 22.79 7.70 0.32
C GLN G 273 22.19 7.05 1.56
N ALA G 274 20.91 7.34 1.78
CA ALA G 274 20.11 6.71 2.82
C ALA G 274 19.42 5.48 2.24
N ILE G 275 18.58 5.71 1.25
CA ILE G 275 17.85 4.65 0.53
C ILE G 275 18.77 3.50 0.10
N ALA G 276 19.97 3.84 -0.39
CA ALA G 276 20.93 2.80 -0.73
C ALA G 276 21.34 2.00 0.50
N ASN G 277 21.44 2.67 1.64
CA ASN G 277 21.85 2.05 2.89
C ASN G 277 20.75 1.36 3.72
N ALA G 278 19.49 1.64 3.41
CA ALA G 278 18.39 0.87 3.96
C ALA G 278 18.23 -0.40 3.13
N LEU G 279 18.52 -0.26 1.84
CA LEU G 279 18.44 -1.36 0.91
C LEU G 279 19.59 -2.35 1.12
N ILE G 280 20.70 -1.91 1.70
CA ILE G 280 21.84 -2.81 1.94
C ILE G 280 21.60 -3.74 3.14
N THR G 281 21.12 -3.18 4.25
CA THR G 281 20.93 -3.91 5.49
C THR G 281 19.78 -4.91 5.38
N GLU G 282 18.78 -4.55 4.59
CA GLU G 282 17.58 -5.35 4.49
C GLU G 282 17.84 -6.59 3.62
N ARG G 283 18.78 -6.48 2.69
CA ARG G 283 19.23 -7.64 1.92
C ARG G 283 20.06 -8.56 2.79
N ARG G 284 20.68 -7.96 3.81
CA ARG G 284 21.38 -8.72 4.83
C ARG G 284 20.36 -9.30 5.82
N ARG G 285 19.26 -8.59 6.00
CA ARG G 285 18.17 -9.08 6.84
C ARG G 285 17.51 -10.32 6.22
N THR G 286 17.05 -10.18 4.98
CA THR G 286 16.30 -11.23 4.32
C THR G 286 17.18 -12.45 4.03
N LYS G 287 18.49 -12.25 3.97
CA LYS G 287 19.41 -13.37 3.83
C LYS G 287 19.57 -14.09 5.17
N ALA G 288 19.45 -13.35 6.27
CA ALA G 288 19.51 -13.95 7.60
C ALA G 288 18.26 -14.78 7.85
N LEU G 289 17.12 -14.21 7.48
CA LEU G 289 15.84 -14.90 7.60
C LEU G 289 15.82 -16.14 6.71
N GLU G 290 16.57 -16.10 5.63
CA GLU G 290 16.73 -17.23 4.72
C GLU G 290 17.70 -18.27 5.30
N ASP G 291 18.82 -17.79 5.82
CA ASP G 291 19.83 -18.65 6.43
C ASP G 291 19.29 -19.31 7.71
N ALA G 292 18.33 -18.65 8.35
CA ALA G 292 17.64 -19.23 9.49
C ALA G 292 16.85 -20.44 9.05
N LEU G 293 16.00 -20.24 8.04
CA LEU G 293 15.15 -21.29 7.52
C LEU G 293 15.96 -22.44 6.92
N ARG G 294 17.19 -22.15 6.51
CA ARG G 294 18.09 -23.17 5.98
C ARG G 294 18.77 -23.98 7.07
N ALA G 295 19.23 -23.30 8.12
CA ALA G 295 19.96 -23.94 9.20
C ALA G 295 19.08 -24.94 9.94
N HIS G 296 17.81 -24.60 10.10
CA HIS G 296 16.85 -25.54 10.64
C HIS G 296 16.57 -26.62 9.61
N GLY G 297 16.46 -26.22 8.35
CA GLY G 297 16.26 -27.16 7.27
C GLY G 297 14.85 -27.20 6.72
N LEU G 298 14.00 -26.25 7.12
CA LEU G 298 12.66 -26.15 6.56
C LEU G 298 12.72 -25.87 5.07
N ILE G 299 13.79 -25.19 4.66
CA ILE G 299 13.95 -24.70 3.29
C ILE G 299 15.26 -25.22 2.67
N ASP G 300 15.23 -25.50 1.38
CA ASP G 300 16.44 -25.90 0.65
C ASP G 300 17.46 -24.77 0.66
N MET H 12 -29.28 -214.62 121.48
CA MET H 12 -29.50 -213.57 122.47
C MET H 12 -29.00 -213.97 123.85
N ALA H 13 -29.86 -213.84 124.85
CA ALA H 13 -29.55 -214.19 126.23
C ALA H 13 -30.26 -215.48 126.60
N ASP H 14 -29.65 -216.28 127.49
CA ASP H 14 -30.18 -217.59 127.82
C ASP H 14 -31.37 -217.55 128.77
N PRO H 15 -32.55 -217.97 128.29
CA PRO H 15 -33.77 -218.12 129.08
C PRO H 15 -33.69 -219.32 130.02
N SER H 16 -32.73 -220.20 129.77
CA SER H 16 -32.54 -221.38 130.61
C SER H 16 -31.55 -221.07 131.73
N LEU H 17 -30.95 -219.89 131.69
CA LEU H 17 -29.94 -219.51 132.67
C LEU H 17 -30.51 -219.00 134.00
N ASN H 18 -31.77 -218.57 133.98
CA ASN H 18 -32.46 -218.21 135.22
C ASN H 18 -33.29 -219.38 135.79
N ASN H 19 -33.26 -220.50 135.09
CA ASN H 19 -33.84 -221.74 135.59
C ASN H 19 -32.95 -222.39 136.64
N PRO H 20 -33.44 -222.52 137.88
CA PRO H 20 -32.65 -222.91 139.04
C PRO H 20 -32.28 -224.40 139.08
N VAL H 21 -31.26 -224.73 139.86
CA VAL H 21 -30.99 -226.13 140.18
C VAL H 21 -31.98 -226.50 141.28
N VAL H 22 -32.84 -227.47 141.00
CA VAL H 22 -33.95 -227.78 141.90
C VAL H 22 -33.44 -228.61 143.07
N ILE H 23 -33.52 -228.04 144.27
CA ILE H 23 -32.98 -228.71 145.46
C ILE H 23 -34.06 -228.85 146.53
N GLN H 24 -34.44 -230.10 146.79
CA GLN H 24 -35.50 -230.42 147.73
C GLN H 24 -34.95 -230.78 149.10
N ALA H 25 -33.62 -230.82 149.21
CA ALA H 25 -32.98 -231.41 150.38
C ALA H 25 -33.44 -230.78 151.69
N THR H 26 -33.99 -231.61 152.56
CA THR H 26 -34.34 -231.19 153.91
C THR H 26 -33.03 -231.21 154.68
N ARG H 27 -32.93 -230.39 155.72
CA ARG H 27 -31.71 -230.35 156.51
C ARG H 27 -31.42 -231.76 157.03
N LEU H 28 -30.24 -232.26 156.69
CA LEU H 28 -29.89 -233.64 157.02
C LEU H 28 -29.73 -233.81 158.52
N ASP H 29 -30.18 -234.96 159.01
CA ASP H 29 -30.05 -235.29 160.41
C ASP H 29 -29.01 -236.37 160.58
N ALA H 30 -27.96 -236.08 161.36
CA ALA H 30 -26.94 -237.08 161.64
C ALA H 30 -27.48 -238.17 162.57
N SER H 31 -28.64 -237.92 163.16
CA SER H 31 -29.29 -238.88 164.04
C SER H 31 -29.66 -240.14 163.27
N ILE H 32 -30.00 -239.96 162.01
CA ILE H 32 -30.51 -241.06 161.20
C ILE H 32 -29.37 -241.91 160.64
N LEU H 33 -28.14 -241.41 160.76
CA LEU H 33 -26.96 -242.13 160.28
C LEU H 33 -26.59 -243.27 161.21
N PRO H 34 -26.16 -244.41 160.65
CA PRO H 34 -25.72 -245.50 161.52
C PRO H 34 -24.48 -245.08 162.32
N ARG H 35 -24.53 -245.21 163.64
CA ARG H 35 -23.45 -244.70 164.48
C ARG H 35 -22.45 -245.74 164.99
N ASN H 36 -22.72 -247.02 164.75
CA ASN H 36 -21.76 -248.07 165.07
C ASN H 36 -20.73 -248.30 163.98
N VAL H 37 -21.17 -248.27 162.72
CA VAL H 37 -20.31 -248.57 161.59
C VAL H 37 -19.39 -247.40 161.20
N PHE H 38 -19.92 -246.18 161.30
CA PHE H 38 -19.17 -244.99 160.89
C PHE H 38 -18.26 -244.45 161.99
N SER H 39 -17.01 -244.22 161.63
CA SER H 39 -16.04 -243.65 162.55
C SER H 39 -16.36 -242.19 162.85
N LYS H 40 -15.78 -241.68 163.93
CA LYS H 40 -15.94 -240.29 164.34
C LYS H 40 -15.68 -239.30 163.21
N SER H 41 -14.55 -239.46 162.52
CA SER H 41 -14.18 -238.58 161.42
C SER H 41 -15.20 -238.63 160.28
N TYR H 42 -15.47 -239.83 159.79
CA TYR H 42 -16.36 -239.99 158.64
C TYR H 42 -17.80 -239.56 158.93
N LEU H 43 -18.15 -239.46 160.21
CA LEU H 43 -19.45 -238.93 160.58
C LEU H 43 -19.52 -237.44 160.24
N LEU H 44 -18.39 -236.76 160.43
CA LEU H 44 -18.29 -235.34 160.16
C LEU H 44 -18.26 -235.07 158.66
N TYR H 45 -17.59 -235.94 157.92
CA TYR H 45 -17.45 -235.77 156.48
C TYR H 45 -18.80 -235.79 155.77
N VAL H 46 -19.75 -236.56 156.29
CA VAL H 46 -21.08 -236.65 155.69
C VAL H 46 -22.10 -235.66 156.28
N ILE H 47 -21.75 -235.02 157.39
CA ILE H 47 -22.55 -233.90 157.88
C ILE H 47 -21.98 -232.64 157.27
N ALA H 48 -20.81 -232.78 156.65
CA ALA H 48 -20.14 -231.68 155.97
C ALA H 48 -20.53 -231.61 154.50
N GLN H 49 -20.18 -232.67 153.76
CA GLN H 49 -20.40 -232.75 152.32
C GLN H 49 -21.83 -232.37 151.89
N GLY H 50 -22.82 -232.84 152.64
CA GLY H 50 -24.21 -232.54 152.34
C GLY H 50 -24.61 -231.11 152.60
N THR H 51 -23.97 -230.48 153.59
CA THR H 51 -24.21 -229.08 153.92
C THR H 51 -23.66 -228.16 152.84
N ASP H 52 -22.57 -228.58 152.21
CA ASP H 52 -21.96 -227.82 151.12
C ASP H 52 -22.72 -228.01 149.81
N VAL H 53 -23.23 -229.22 149.59
CA VAL H 53 -23.98 -229.55 148.37
C VAL H 53 -25.17 -228.60 148.19
N GLY H 54 -25.81 -228.23 149.30
CA GLY H 54 -26.86 -227.23 149.27
C GLY H 54 -26.33 -225.83 149.03
N ALA H 55 -25.06 -225.60 149.38
CA ALA H 55 -24.42 -224.31 149.17
C ALA H 55 -23.93 -224.13 147.73
N ILE H 56 -23.33 -225.18 147.18
CA ILE H 56 -22.81 -225.12 145.81
C ILE H 56 -23.94 -224.89 144.83
N ALA H 57 -25.05 -225.59 145.06
CA ALA H 57 -26.26 -225.41 144.25
C ALA H 57 -26.72 -223.96 144.36
N GLY H 58 -26.63 -223.40 145.56
CA GLY H 58 -27.00 -222.01 145.77
C GLY H 58 -26.07 -221.07 145.03
N LYS H 59 -24.80 -221.43 144.95
CA LYS H 59 -23.80 -220.61 144.28
C LYS H 59 -23.79 -220.77 142.76
N ALA H 60 -24.30 -221.89 142.28
CA ALA H 60 -24.46 -222.08 140.84
C ALA H 60 -25.79 -221.51 140.36
N ASN H 61 -26.70 -221.26 141.29
CA ASN H 61 -27.99 -220.65 140.97
C ASN H 61 -27.88 -219.15 140.79
N GLU H 62 -26.95 -218.54 141.52
CA GLU H 62 -26.68 -217.12 141.38
C GLU H 62 -25.64 -216.88 140.29
N ALA H 63 -24.98 -217.97 139.89
CA ALA H 63 -23.95 -217.89 138.87
C ALA H 63 -24.56 -217.62 137.49
N GLY H 64 -25.51 -218.45 137.10
CA GLY H 64 -26.20 -218.31 135.83
C GLY H 64 -27.20 -217.18 135.85
N GLN H 65 -27.54 -216.70 137.05
CA GLN H 65 -28.42 -215.55 137.19
C GLN H 65 -27.63 -214.26 136.94
N GLY H 66 -26.34 -214.32 137.25
CA GLY H 66 -25.43 -213.23 136.92
C GLY H 66 -25.17 -213.23 135.43
N ALA H 67 -25.18 -214.41 134.83
CA ALA H 67 -24.91 -214.58 133.41
C ALA H 67 -26.20 -214.45 132.59
N TYR H 68 -27.29 -214.16 133.28
CA TYR H 68 -28.50 -213.65 132.63
C TYR H 68 -28.38 -212.13 132.61
N ASP H 69 -28.29 -211.55 133.80
CA ASP H 69 -28.09 -210.11 133.97
C ASP H 69 -26.85 -209.58 133.25
N ALA H 70 -25.92 -210.47 132.94
CA ALA H 70 -24.76 -210.12 132.11
C ALA H 70 -25.12 -210.14 130.63
N GLN H 71 -25.97 -211.08 130.22
CA GLN H 71 -26.36 -211.20 128.82
C GLN H 71 -27.55 -210.31 128.48
N VAL H 72 -28.22 -209.81 129.51
CA VAL H 72 -29.19 -208.73 129.35
C VAL H 72 -28.44 -207.40 129.29
N LYS H 73 -27.26 -207.36 129.93
CA LYS H 73 -26.40 -206.19 129.82
C LYS H 73 -25.86 -206.09 128.40
N ASN H 74 -25.52 -207.24 127.82
CA ASN H 74 -24.93 -207.30 126.48
C ASN H 74 -25.88 -206.91 125.35
N ASP H 75 -27.17 -207.19 125.52
CA ASP H 75 -28.15 -206.82 124.50
C ASP H 75 -28.52 -205.34 124.59
N GLU H 76 -28.43 -204.76 125.78
CA GLU H 76 -28.68 -203.33 125.96
C GLU H 76 -27.43 -202.51 125.62
N GLN H 77 -26.26 -203.14 125.68
CA GLN H 77 -25.02 -202.47 125.27
C GLN H 77 -24.88 -202.49 123.75
N ASP H 78 -25.50 -203.48 123.11
CA ASP H 78 -25.42 -203.62 121.66
C ASP H 78 -26.35 -202.67 120.91
N VAL H 79 -27.46 -202.29 121.53
CA VAL H 79 -28.41 -201.41 120.87
C VAL H 79 -28.15 -199.93 121.19
N GLU H 80 -27.22 -199.67 122.09
CA GLU H 80 -26.67 -198.35 122.27
C GLU H 80 -25.59 -198.15 121.21
N LEU H 81 -24.81 -199.21 121.00
CA LEU H 81 -23.76 -199.23 119.99
C LEU H 81 -24.36 -199.23 118.59
N ALA H 82 -25.64 -199.61 118.50
CA ALA H 82 -26.38 -199.54 117.25
C ALA H 82 -26.98 -198.14 117.09
N ASP H 83 -26.98 -197.38 118.17
CA ASP H 83 -27.28 -195.94 118.10
C ASP H 83 -26.01 -195.11 118.01
N HIS H 84 -24.86 -195.75 118.20
CA HIS H 84 -23.58 -195.05 118.16
C HIS H 84 -22.98 -195.06 116.76
N GLU H 85 -22.53 -196.24 116.33
CA GLU H 85 -21.92 -196.44 115.02
C GLU H 85 -22.77 -195.93 113.86
N ALA H 86 -24.09 -195.99 114.02
CA ALA H 86 -25.01 -195.48 113.01
C ALA H 86 -25.04 -193.95 113.00
N ARG H 87 -24.83 -193.35 114.17
CA ARG H 87 -24.76 -191.90 114.27
C ARG H 87 -23.33 -191.39 114.09
N ILE H 88 -22.36 -192.30 114.15
CA ILE H 88 -20.96 -191.96 113.87
C ILE H 88 -20.69 -191.93 112.37
N LYS H 89 -21.40 -192.77 111.61
CA LYS H 89 -21.19 -192.89 110.17
C LYS H 89 -21.76 -191.72 109.37
N GLN H 90 -22.90 -191.21 109.83
CA GLN H 90 -23.51 -190.06 109.18
C GLN H 90 -23.00 -188.78 109.83
N LEU H 91 -22.11 -188.97 110.81
CA LEU H 91 -21.36 -187.87 111.41
C LEU H 91 -20.16 -187.52 110.53
N ARG H 92 -19.49 -188.54 110.04
CA ARG H 92 -18.31 -188.38 109.18
C ARG H 92 -18.71 -188.18 107.73
N ILE H 93 -19.98 -188.43 107.43
CA ILE H 93 -20.50 -188.22 106.08
C ILE H 93 -20.73 -186.72 105.83
N ASP H 94 -21.13 -186.00 106.88
CA ASP H 94 -21.24 -184.56 106.82
C ASP H 94 -19.89 -183.86 106.98
N VAL H 95 -19.06 -184.37 107.90
CA VAL H 95 -17.76 -183.78 108.19
C VAL H 95 -16.86 -183.83 106.95
N ASP H 96 -17.03 -184.88 106.15
CA ASP H 96 -16.33 -184.99 104.88
C ASP H 96 -16.94 -184.02 103.88
N ASP H 97 -18.25 -183.88 103.93
CA ASP H 97 -18.96 -182.95 103.07
C ASP H 97 -18.54 -181.52 103.41
N HIS H 98 -18.17 -181.30 104.66
CA HIS H 98 -17.63 -180.01 105.09
C HIS H 98 -16.33 -179.69 104.37
N GLU H 99 -15.38 -180.61 104.40
CA GLU H 99 -14.06 -180.42 103.79
C GLU H 99 -14.11 -180.02 102.33
N SER H 100 -15.06 -180.59 101.58
CA SER H 100 -15.19 -180.29 100.15
C SER H 100 -16.02 -179.03 99.91
N ARG H 101 -16.77 -178.59 100.92
CA ARG H 101 -17.51 -177.34 100.84
C ARG H 101 -16.74 -176.20 101.52
N ILE H 102 -15.60 -176.53 102.09
CA ILE H 102 -14.66 -175.56 102.65
C ILE H 102 -13.67 -175.12 101.58
N THR H 103 -12.92 -176.08 101.03
CA THR H 103 -11.99 -175.80 99.94
C THR H 103 -12.68 -175.16 98.74
N ALA H 104 -13.99 -175.33 98.65
CA ALA H 104 -14.79 -174.60 97.68
C ALA H 104 -14.93 -173.14 98.14
N ASN H 105 -15.16 -172.95 99.43
CA ASN H 105 -15.22 -171.61 100.00
C ASN H 105 -13.84 -170.95 100.00
N THR H 106 -12.78 -171.76 100.05
CA THR H 106 -11.44 -171.19 100.04
C THR H 106 -10.84 -171.07 98.64
N LYS H 107 -11.48 -171.72 97.66
CA LYS H 107 -11.11 -171.52 96.26
C LYS H 107 -11.75 -170.24 95.78
N ALA H 108 -12.98 -170.04 96.20
CA ALA H 108 -13.79 -168.92 95.73
C ALA H 108 -13.47 -167.61 96.45
N ILE H 109 -12.65 -167.67 97.49
CA ILE H 109 -12.07 -166.46 98.06
C ILE H 109 -10.85 -166.02 97.27
N THR H 110 -10.21 -166.97 96.59
CA THR H 110 -9.07 -166.69 95.70
C THR H 110 -9.52 -166.24 94.31
N ALA H 111 -10.77 -166.55 93.95
CA ALA H 111 -11.37 -166.08 92.70
C ALA H 111 -11.97 -164.66 92.74
N LEU H 112 -12.39 -164.22 93.92
CA LEU H 112 -12.99 -162.89 94.09
C LEU H 112 -12.02 -161.73 94.30
N ASN H 113 -11.02 -161.95 95.17
CA ASN H 113 -10.00 -160.94 95.48
C ASN H 113 -9.20 -160.53 94.26
N VAL H 114 -9.03 -161.46 93.32
CA VAL H 114 -8.50 -161.08 92.02
C VAL H 114 -9.52 -160.22 91.29
N ARG H 115 -10.79 -160.64 91.32
CA ARG H 115 -11.86 -159.92 90.65
C ARG H 115 -12.17 -158.57 91.29
N VAL H 116 -12.05 -158.48 92.61
CA VAL H 116 -12.27 -157.21 93.30
C VAL H 116 -11.03 -156.30 93.29
N THR H 117 -9.84 -156.88 93.10
CA THR H 117 -8.62 -156.10 92.91
C THR H 117 -8.59 -155.59 91.47
N THR H 118 -8.99 -156.47 90.55
CA THR H 118 -9.18 -156.11 89.15
C THR H 118 -10.14 -154.93 89.07
N ALA H 119 -11.28 -155.03 89.76
CA ALA H 119 -12.27 -153.97 89.78
C ALA H 119 -11.76 -152.75 90.54
N GLU H 120 -10.97 -152.98 91.58
CA GLU H 120 -10.34 -151.89 92.34
C GLU H 120 -9.26 -151.19 91.52
N GLY H 121 -8.63 -151.94 90.62
CA GLY H 121 -7.61 -151.37 89.77
C GLY H 121 -8.21 -150.60 88.62
N GLU H 122 -9.45 -150.95 88.25
CA GLU H 122 -10.13 -150.28 87.15
C GLU H 122 -10.99 -149.06 87.56
N ILE H 123 -11.25 -148.92 88.87
CA ILE H 123 -11.93 -147.73 89.38
C ILE H 123 -10.98 -146.56 89.63
N ALA H 124 -9.84 -146.85 90.25
CA ALA H 124 -8.89 -145.81 90.65
C ALA H 124 -8.11 -145.30 89.45
N SER H 125 -8.08 -146.09 88.38
CA SER H 125 -7.54 -145.62 87.11
C SER H 125 -8.47 -144.55 86.57
N LEU H 126 -9.77 -144.83 86.64
CA LEU H 126 -10.80 -143.89 86.22
C LEU H 126 -10.81 -142.64 87.11
N GLN H 127 -10.35 -142.79 88.33
CA GLN H 127 -10.38 -141.70 89.30
C GLN H 127 -9.26 -140.69 89.09
N THR H 128 -8.13 -141.15 88.57
CA THR H 128 -7.02 -140.25 88.28
C THR H 128 -7.26 -139.52 86.96
N ASN H 129 -7.73 -140.25 85.96
CA ASN H 129 -7.95 -139.72 84.62
C ASN H 129 -8.99 -138.60 84.56
N VAL H 130 -9.96 -138.65 85.48
CA VAL H 130 -10.98 -137.59 85.59
C VAL H 130 -10.44 -136.37 86.33
N SER H 131 -9.48 -136.59 87.23
CA SER H 131 -8.79 -135.48 87.92
C SER H 131 -8.03 -134.61 86.92
N ALA H 132 -7.24 -135.25 86.07
CA ALA H 132 -6.48 -134.54 85.04
C ALA H 132 -7.42 -133.89 84.04
N LEU H 133 -8.48 -134.60 83.68
CA LEU H 133 -9.45 -134.11 82.72
C LEU H 133 -10.13 -132.83 83.22
N ASP H 134 -10.19 -132.66 84.53
CA ASP H 134 -10.72 -131.43 85.10
C ASP H 134 -9.64 -130.41 85.41
N GLY H 135 -8.38 -130.82 85.24
CA GLY H 135 -7.29 -129.88 85.28
C GLY H 135 -7.15 -129.31 83.88
N ARG H 136 -7.60 -130.09 82.91
CA ARG H 136 -7.58 -129.70 81.50
C ARG H 136 -8.69 -128.70 81.17
N VAL H 137 -9.95 -129.12 81.30
CA VAL H 137 -11.08 -128.26 80.98
C VAL H 137 -11.01 -126.93 81.75
N THR H 138 -10.49 -126.97 82.97
CA THR H 138 -10.38 -125.79 83.82
C THR H 138 -9.42 -124.73 83.26
N THR H 139 -8.19 -125.14 82.99
CA THR H 139 -7.19 -124.24 82.41
C THR H 139 -7.65 -123.71 81.06
N ALA H 140 -8.23 -124.60 80.26
CA ALA H 140 -8.85 -124.20 79.01
C ALA H 140 -9.95 -123.18 79.29
N GLU H 141 -10.88 -123.53 80.18
CA GLU H 141 -12.01 -122.65 80.52
C GLU H 141 -11.57 -121.21 80.78
N ASN H 142 -10.42 -121.05 81.43
CA ASN H 142 -9.80 -119.73 81.56
C ASN H 142 -9.34 -119.17 80.23
N ASN H 143 -8.71 -120.02 79.41
CA ASN H 143 -8.18 -119.61 78.10
C ASN H 143 -9.26 -119.12 77.15
N ILE H 144 -10.32 -119.91 76.98
CA ILE H 144 -11.40 -119.57 76.05
C ILE H 144 -12.04 -118.22 76.40
N SER H 145 -12.13 -117.93 77.69
CA SER H 145 -12.72 -116.69 78.18
C SER H 145 -11.81 -115.49 77.94
N ALA H 146 -10.51 -115.67 78.13
CA ALA H 146 -9.53 -114.61 77.86
C ALA H 146 -9.54 -114.25 76.38
N LEU H 147 -9.65 -115.27 75.54
CA LEU H 147 -9.70 -115.11 74.10
C LEU H 147 -10.99 -114.38 73.68
N GLN H 148 -12.04 -114.56 74.47
CA GLN H 148 -13.29 -113.86 74.21
C GLN H 148 -13.22 -112.42 74.72
N ALA H 149 -12.29 -112.17 75.63
CA ALA H 149 -11.98 -110.80 76.03
C ALA H 149 -11.05 -110.13 75.02
N ASP H 150 -10.08 -110.89 74.52
CA ASP H 150 -9.15 -110.42 73.49
C ASP H 150 -9.89 -110.00 72.23
N VAL H 151 -10.80 -110.84 71.79
CA VAL H 151 -11.65 -110.55 70.66
C VAL H 151 -12.43 -109.25 70.89
N ASP H 152 -12.85 -109.01 72.12
CA ASP H 152 -13.48 -107.75 72.49
C ASP H 152 -12.51 -106.58 72.47
N ASP H 153 -11.21 -106.87 72.61
CA ASP H 153 -10.19 -105.84 72.42
C ASP H 153 -10.07 -105.46 70.96
N HIS H 154 -9.85 -106.47 70.14
CA HIS H 154 -9.60 -106.29 68.71
C HIS H 154 -10.81 -105.66 68.03
N GLU H 155 -12.00 -105.99 68.51
CA GLU H 155 -13.25 -105.50 67.95
C GLU H 155 -13.33 -103.97 67.99
N SER H 156 -12.78 -103.38 69.04
CA SER H 156 -12.77 -101.93 69.19
C SER H 156 -11.74 -101.29 68.26
N ARG H 157 -10.59 -101.94 68.12
CA ARG H 157 -9.49 -101.42 67.31
C ARG H 157 -9.70 -101.69 65.82
N ILE H 158 -10.56 -102.64 65.49
CA ILE H 158 -10.95 -102.90 64.10
C ILE H 158 -12.04 -101.92 63.63
N THR H 159 -12.85 -101.44 64.57
CA THR H 159 -13.85 -100.41 64.27
C THR H 159 -13.16 -99.04 64.14
N ALA H 160 -11.97 -98.92 64.71
CA ALA H 160 -11.17 -97.71 64.60
C ALA H 160 -10.43 -97.61 63.25
N ASN H 161 -10.12 -98.76 62.67
CA ASN H 161 -9.43 -98.80 61.39
C ASN H 161 -10.36 -98.61 60.20
N THR H 162 -11.57 -99.13 60.31
CA THR H 162 -12.58 -99.04 59.27
C THR H 162 -13.22 -97.65 59.22
N LYS H 163 -13.16 -96.93 60.34
CA LYS H 163 -13.67 -95.56 60.41
C LYS H 163 -12.70 -94.55 59.81
N ALA H 164 -11.40 -94.78 59.98
CA ALA H 164 -10.39 -93.84 59.53
C ALA H 164 -10.18 -93.95 58.03
N ILE H 165 -10.55 -95.09 57.46
CA ILE H 165 -10.48 -95.29 56.02
C ILE H 165 -11.68 -94.67 55.28
N THR H 166 -12.86 -94.74 55.89
CA THR H 166 -14.06 -94.12 55.32
C THR H 166 -14.01 -92.60 55.46
N ALA H 167 -13.28 -92.13 56.48
CA ALA H 167 -13.06 -90.70 56.68
C ALA H 167 -11.99 -90.21 55.73
N LEU H 168 -11.11 -91.13 55.34
CA LEU H 168 -10.00 -90.83 54.45
C LEU H 168 -10.46 -90.82 53.00
N ASN H 169 -11.38 -91.72 52.68
CA ASN H 169 -11.83 -91.90 51.31
C ASN H 169 -12.75 -90.77 50.86
N VAL H 170 -13.28 -90.01 51.81
CA VAL H 170 -14.06 -88.82 51.47
C VAL H 170 -13.14 -87.65 51.12
N ARG H 171 -11.97 -87.60 51.77
CA ARG H 171 -11.01 -86.53 51.55
C ARG H 171 -10.27 -86.68 50.23
N VAL H 172 -9.82 -87.90 49.95
CA VAL H 172 -9.11 -88.21 48.71
C VAL H 172 -10.01 -87.98 47.49
N THR H 173 -11.29 -88.30 47.64
CA THR H 173 -12.28 -88.10 46.57
C THR H 173 -12.65 -86.63 46.40
N THR H 174 -12.75 -85.91 47.51
CA THR H 174 -13.08 -84.49 47.50
C THR H 174 -11.93 -83.65 46.92
N ALA H 175 -10.70 -84.14 47.11
CA ALA H 175 -9.54 -83.49 46.54
C ALA H 175 -9.29 -83.93 45.10
N GLU H 176 -10.06 -84.91 44.63
CA GLU H 176 -9.98 -85.33 43.23
C GLU H 176 -10.76 -84.38 42.33
N GLY H 177 -11.92 -83.93 42.81
CA GLY H 177 -12.72 -82.97 42.09
C GLY H 177 -12.09 -81.58 42.17
N GLU H 178 -11.22 -81.38 43.15
CA GLU H 178 -10.44 -80.17 43.24
C GLU H 178 -9.25 -80.23 42.28
N ILE H 179 -8.58 -81.38 42.23
CA ILE H 179 -7.43 -81.56 41.37
C ILE H 179 -7.84 -81.66 39.89
N ALA H 180 -9.08 -82.07 39.65
CA ALA H 180 -9.62 -82.07 38.30
C ALA H 180 -9.94 -80.66 37.82
N SER H 181 -10.39 -79.81 38.75
CA SER H 181 -10.69 -78.42 38.42
C SER H 181 -9.51 -77.50 38.70
N LEU H 182 -8.45 -78.06 39.27
CA LEU H 182 -7.21 -77.31 39.44
C LEU H 182 -6.42 -77.34 38.14
N GLN H 183 -6.56 -78.42 37.39
CA GLN H 183 -5.90 -78.56 36.09
C GLN H 183 -6.68 -77.81 35.02
N THR H 184 -7.97 -77.62 35.26
CA THR H 184 -8.85 -76.93 34.31
C THR H 184 -8.67 -75.42 34.39
N ASN H 185 -8.45 -74.90 35.61
CA ASN H 185 -8.24 -73.47 35.80
C ASN H 185 -6.85 -73.02 35.40
N VAL H 186 -5.88 -73.93 35.47
CA VAL H 186 -4.51 -73.64 35.07
C VAL H 186 -4.34 -73.72 33.55
N SER H 187 -5.11 -74.59 32.90
CA SER H 187 -5.06 -74.73 31.44
C SER H 187 -5.72 -73.54 30.74
N ALA H 188 -6.69 -72.91 31.41
CA ALA H 188 -7.29 -71.69 30.89
C ALA H 188 -6.45 -70.49 31.30
N LEU H 189 -5.58 -70.71 32.29
CA LEU H 189 -4.72 -69.66 32.80
C LEU H 189 -3.49 -69.47 31.90
N ASP H 190 -2.90 -70.58 31.47
CA ASP H 190 -1.73 -70.55 30.60
C ASP H 190 -2.08 -70.15 29.17
N GLY H 191 -3.37 -70.13 28.85
CA GLY H 191 -3.83 -69.74 27.52
C GLY H 191 -4.19 -68.27 27.47
N ARG H 192 -4.22 -67.64 28.63
CA ARG H 192 -4.41 -66.20 28.75
C ARG H 192 -3.05 -65.52 28.76
N VAL H 193 -2.24 -65.90 29.73
CA VAL H 193 -0.92 -65.31 29.98
C VAL H 193 -0.06 -65.21 28.70
N THR H 194 -0.26 -66.13 27.75
CA THR H 194 0.37 -66.02 26.45
C THR H 194 -0.20 -64.84 25.67
N THR H 195 -1.52 -64.79 25.56
CA THR H 195 -2.22 -63.73 24.83
C THR H 195 -1.87 -62.35 25.39
N ALA H 196 -1.48 -62.30 26.65
CA ALA H 196 -0.94 -61.07 27.22
C ALA H 196 0.42 -60.76 26.59
N GLU H 197 1.34 -61.72 26.66
CA GLU H 197 2.71 -61.51 26.22
C GLU H 197 2.88 -61.44 24.70
N ASN H 198 1.82 -61.78 23.96
CA ASN H 198 1.83 -61.51 22.53
C ASN H 198 1.59 -60.03 22.30
N ASN H 199 0.78 -59.46 23.20
CA ASN H 199 0.47 -58.04 23.19
C ASN H 199 1.42 -57.21 24.06
N ILE H 200 2.26 -57.89 24.84
CA ILE H 200 3.31 -57.19 25.57
C ILE H 200 4.37 -56.70 24.58
N SER H 201 4.89 -57.62 23.76
CA SER H 201 5.96 -57.28 22.82
C SER H 201 5.42 -56.80 21.47
N ALA H 202 4.09 -56.82 21.33
CA ALA H 202 3.46 -56.13 20.22
C ALA H 202 3.42 -54.65 20.56
N LEU H 203 3.62 -54.35 21.84
CA LEU H 203 3.83 -52.98 22.30
C LEU H 203 5.30 -52.63 22.49
N GLN H 204 6.19 -53.61 22.35
CA GLN H 204 7.62 -53.35 22.52
C GLN H 204 8.32 -53.19 21.17
N ALA H 205 7.53 -53.37 20.12
CA ALA H 205 8.02 -53.37 18.76
C ALA H 205 7.65 -52.09 18.01
N ASP H 206 6.35 -51.84 17.87
CA ASP H 206 5.86 -50.69 17.11
C ASP H 206 5.61 -49.42 17.95
N TYR H 207 6.04 -49.43 19.20
CA TYR H 207 5.80 -48.30 20.09
C TYR H 207 7.02 -47.37 20.19
N VAL H 208 6.75 -46.08 20.38
CA VAL H 208 7.82 -45.08 20.42
C VAL H 208 8.34 -44.79 21.83
N SER H 209 9.65 -44.90 21.99
CA SER H 209 10.28 -44.73 23.30
C SER H 209 10.73 -43.31 23.60
N LYS H 210 10.44 -42.87 24.82
CA LYS H 210 10.91 -41.61 25.37
C LYS H 210 12.39 -41.73 25.70
N THR H 211 12.76 -42.82 26.39
CA THR H 211 14.10 -43.00 26.93
C THR H 211 15.19 -43.22 25.88
N ALA H 212 14.83 -43.79 24.74
CA ALA H 212 15.83 -44.10 23.72
C ALA H 212 16.55 -42.85 23.20
N THR H 213 17.86 -42.99 23.00
CA THR H 213 18.67 -41.95 22.38
C THR H 213 18.52 -41.97 20.86
N THR H 214 18.43 -43.18 20.32
CA THR H 214 18.41 -43.43 18.87
C THR H 214 17.14 -42.89 18.20
N SER H 215 17.29 -42.43 16.95
CA SER H 215 16.19 -41.87 16.18
C SER H 215 14.99 -42.80 16.04
N GLN H 216 13.80 -42.21 15.99
CA GLN H 216 12.56 -42.95 15.79
C GLN H 216 11.81 -42.37 14.63
N SER H 217 11.10 -43.21 13.89
CA SER H 217 10.43 -42.77 12.68
C SER H 217 8.93 -43.04 12.71
N LEU H 218 8.13 -41.99 12.51
CA LEU H 218 6.71 -42.17 12.31
C LEU H 218 6.42 -42.49 10.86
N ALA H 219 5.40 -43.30 10.63
CA ALA H 219 4.85 -43.49 9.30
C ALA H 219 3.66 -42.56 9.12
N SER H 220 3.40 -41.73 10.12
CA SER H 220 2.18 -40.93 10.20
C SER H 220 2.38 -39.44 10.48
N PRO H 221 1.39 -38.62 10.13
CA PRO H 221 1.34 -37.22 10.56
C PRO H 221 1.37 -37.11 12.08
N LEU H 222 1.90 -36.01 12.60
CA LEU H 222 1.94 -35.80 14.03
C LEU H 222 1.15 -34.56 14.42
N ASN H 223 0.09 -34.76 15.19
CA ASN H 223 -0.67 -33.65 15.75
C ASN H 223 -0.28 -33.53 17.22
N VAL H 224 -0.30 -32.30 17.73
CA VAL H 224 0.17 -32.03 19.07
C VAL H 224 -0.60 -30.84 19.64
N THR H 225 -0.59 -30.66 20.96
CA THR H 225 -1.31 -29.53 21.55
C THR H 225 -0.42 -28.33 21.94
N THR H 226 -0.80 -27.19 21.40
CA THR H 226 -0.32 -25.86 21.76
C THR H 226 1.08 -25.47 21.25
N SER H 227 1.92 -26.46 20.93
CA SER H 227 3.27 -26.18 20.44
C SER H 227 4.14 -27.41 20.22
N TYR H 228 5.17 -27.22 19.42
CA TYR H 228 6.25 -28.18 19.26
C TYR H 228 7.50 -27.57 19.86
N SER H 229 8.39 -28.39 20.38
CA SER H 229 9.64 -27.90 20.96
C SER H 229 10.76 -28.89 20.74
N VAL H 230 11.99 -28.40 20.77
CA VAL H 230 13.15 -29.26 20.77
C VAL H 230 14.29 -28.69 21.61
N GLY H 231 14.92 -29.54 22.42
CA GLY H 231 16.11 -29.16 23.16
C GLY H 231 15.85 -28.31 24.39
N GLY H 232 14.58 -28.14 24.75
CA GLY H 232 14.23 -27.33 25.90
C GLY H 232 13.68 -25.96 25.57
N LYS H 233 13.37 -25.72 24.29
CA LYS H 233 12.78 -24.45 23.88
C LYS H 233 11.70 -24.62 22.81
N LYS H 234 10.64 -23.81 22.90
CA LYS H 234 9.54 -23.90 21.95
C LYS H 234 10.10 -23.70 20.56
N VAL H 235 9.91 -24.66 19.66
CA VAL H 235 10.31 -24.47 18.27
C VAL H 235 9.20 -24.16 17.25
N VAL H 236 7.94 -24.45 17.60
CA VAL H 236 6.81 -24.33 16.68
C VAL H 236 5.56 -24.10 17.55
N GLY H 237 4.48 -23.58 16.98
CA GLY H 237 3.34 -23.13 17.75
C GLY H 237 2.20 -22.70 16.84
N ALA H 238 1.33 -21.82 17.35
CA ALA H 238 0.18 -21.33 16.59
C ALA H 238 0.55 -20.74 15.23
N ARG H 239 -0.36 -20.89 14.28
CA ARG H 239 -0.18 -20.56 12.87
C ARG H 239 -0.16 -19.05 12.56
N GLN H 240 -0.33 -18.25 13.61
CA GLN H 240 -0.75 -16.85 13.50
C GLN H 240 -2.04 -16.73 12.69
N THR H 241 -2.18 -15.64 11.93
CA THR H 241 -3.43 -15.33 11.21
C THR H 241 -3.41 -13.97 10.51
N GLY H 242 -4.50 -13.68 9.80
CA GLY H 242 -4.73 -12.34 9.25
C GLY H 242 -4.00 -12.04 7.96
N TRP H 243 -3.22 -13.02 7.50
CA TRP H 243 -2.39 -12.84 6.33
C TRP H 243 -3.20 -12.80 5.04
N THR H 244 -2.66 -12.13 4.03
CA THR H 244 -3.31 -12.03 2.74
C THR H 244 -2.47 -12.74 1.69
N ALA H 245 -3.13 -13.33 0.71
CA ALA H 245 -2.44 -13.82 -0.46
C ALA H 245 -2.04 -12.59 -1.24
N ALA H 246 -0.76 -12.48 -1.59
CA ALA H 246 -0.35 -11.34 -2.40
C ALA H 246 0.31 -11.72 -3.71
N THR H 247 0.06 -10.88 -4.71
CA THR H 247 0.40 -11.14 -6.10
C THR H 247 1.88 -11.02 -6.38
N GLY H 248 2.31 -11.64 -7.46
CA GLY H 248 3.67 -11.45 -7.93
C GLY H 248 4.23 -12.56 -8.78
N THR H 249 5.56 -12.58 -8.85
CA THR H 249 6.30 -13.64 -9.50
C THR H 249 7.45 -14.02 -8.56
N ALA H 250 7.75 -15.31 -8.46
CA ALA H 250 8.68 -15.78 -7.44
C ALA H 250 10.11 -15.98 -7.92
N ASN H 251 11.03 -15.22 -7.35
CA ASN H 251 12.45 -15.44 -7.62
C ASN H 251 13.08 -15.95 -6.33
N LYS H 252 13.33 -17.26 -6.28
CA LYS H 252 14.07 -17.87 -5.18
C LYS H 252 15.52 -18.09 -5.61
N GLY H 253 15.81 -17.60 -6.81
CA GLY H 253 17.10 -17.79 -7.46
C GLY H 253 18.11 -16.76 -6.99
N VAL H 254 18.98 -16.33 -7.90
CA VAL H 254 20.10 -15.44 -7.58
C VAL H 254 19.71 -14.25 -6.69
N PHE H 255 20.54 -13.98 -5.68
CA PHE H 255 20.34 -12.81 -4.83
C PHE H 255 21.63 -12.02 -4.67
N ASP H 256 21.52 -10.70 -4.59
CA ASP H 256 22.70 -9.85 -4.50
C ASP H 256 23.48 -10.06 -3.19
N ALA H 257 24.80 -10.10 -3.31
CA ALA H 257 25.65 -10.28 -2.13
C ALA H 257 26.41 -9.01 -1.83
N ASP H 258 26.02 -8.34 -0.75
CA ASP H 258 26.68 -7.13 -0.27
C ASP H 258 27.03 -6.17 -1.40
N LEU H 259 26.10 -6.00 -2.34
CA LEU H 259 26.36 -5.21 -3.53
C LEU H 259 26.78 -3.78 -3.23
N THR H 260 27.77 -3.29 -3.98
CA THR H 260 28.25 -1.94 -3.81
C THR H 260 27.45 -0.99 -4.67
N PHE H 261 27.16 0.19 -4.12
CA PHE H 261 26.55 1.27 -4.89
C PHE H 261 27.53 2.44 -4.93
N ALA H 262 27.41 3.31 -5.94
CA ALA H 262 28.25 4.50 -5.98
C ALA H 262 27.47 5.78 -6.31
N VAL H 263 27.42 6.71 -5.34
CA VAL H 263 26.60 7.91 -5.47
C VAL H 263 27.35 9.09 -6.08
N SER H 264 26.69 9.78 -7.00
CA SER H 264 27.29 10.93 -7.69
C SER H 264 26.49 12.20 -7.46
N ASP H 265 27.20 13.31 -7.29
CA ASP H 265 26.61 14.59 -6.88
C ASP H 265 25.43 15.09 -7.74
N THR H 266 25.41 14.68 -9.01
CA THR H 266 24.32 15.07 -9.91
C THR H 266 23.12 14.14 -9.73
N TYR H 267 22.03 14.40 -10.45
CA TYR H 267 20.84 13.56 -10.40
C TYR H 267 21.21 12.11 -10.75
N THR H 268 21.89 11.94 -11.88
CA THR H 268 22.50 10.66 -12.26
C THR H 268 21.55 9.47 -12.24
N GLN H 269 20.47 9.56 -13.01
CA GLN H 269 19.41 8.57 -13.02
C GLN H 269 19.87 7.13 -13.26
N SER H 270 21.06 6.98 -13.83
CA SER H 270 21.61 5.67 -14.13
C SER H 270 21.71 4.88 -12.85
N GLU H 271 22.12 5.56 -11.80
CA GLU H 271 22.32 4.93 -10.50
C GLU H 271 21.00 4.56 -9.82
N ILE H 272 20.02 5.44 -9.92
CA ILE H 272 18.69 5.22 -9.34
C ILE H 272 18.09 3.90 -9.80
N GLN H 273 18.26 3.56 -11.06
CA GLN H 273 17.66 2.32 -11.54
C GLN H 273 18.35 1.11 -10.93
N ALA H 274 19.63 1.22 -10.61
CA ALA H 274 20.36 0.13 -9.99
C ALA H 274 19.89 -0.17 -8.57
N ILE H 275 19.36 0.83 -7.89
CA ILE H 275 18.79 0.59 -6.58
C ILE H 275 17.45 -0.16 -6.75
N ALA H 276 16.68 0.21 -7.78
CA ALA H 276 15.33 -0.31 -7.99
C ALA H 276 15.41 -1.69 -8.59
N ASN H 277 16.54 -1.95 -9.23
CA ASN H 277 16.89 -3.28 -9.68
C ASN H 277 17.10 -4.22 -8.50
N ALA H 278 17.97 -3.84 -7.57
CA ALA H 278 18.21 -4.63 -6.37
C ALA H 278 17.00 -4.61 -5.45
N LEU H 279 16.18 -3.58 -5.57
CA LEU H 279 14.96 -3.45 -4.77
C LEU H 279 13.96 -4.53 -5.14
N ILE H 280 13.64 -4.62 -6.44
CA ILE H 280 12.59 -5.50 -6.92
C ILE H 280 13.04 -6.95 -7.07
N THR H 281 14.31 -7.25 -6.88
CA THR H 281 14.71 -8.64 -6.69
C THR H 281 14.41 -8.98 -5.25
N GLU H 282 14.69 -8.01 -4.38
CA GLU H 282 14.58 -8.22 -2.94
C GLU H 282 13.12 -8.19 -2.45
N ARG H 283 12.30 -7.34 -3.06
CA ARG H 283 10.87 -7.33 -2.77
C ARG H 283 10.26 -8.70 -3.12
N ARG H 284 10.91 -9.43 -4.03
CA ARG H 284 10.56 -10.82 -4.31
C ARG H 284 11.05 -11.75 -3.22
N ARG H 285 12.35 -11.74 -2.99
CA ARG H 285 12.99 -12.65 -2.04
C ARG H 285 12.29 -12.63 -0.67
N THR H 286 11.69 -11.51 -0.33
CA THR H 286 10.85 -11.39 0.85
C THR H 286 9.57 -12.18 0.61
N LYS H 287 9.02 -12.03 -0.59
CA LYS H 287 7.77 -12.67 -0.98
C LYS H 287 7.94 -14.16 -1.14
N ALA H 288 9.15 -14.57 -1.50
CA ALA H 288 9.48 -15.98 -1.65
C ALA H 288 9.61 -16.60 -0.26
N LEU H 289 10.09 -15.79 0.68
CA LEU H 289 10.10 -16.18 2.10
C LEU H 289 8.69 -16.13 2.64
N GLU H 290 7.83 -15.35 2.01
CA GLU H 290 6.46 -15.20 2.47
C GLU H 290 5.62 -16.42 2.09
N ASP H 291 5.87 -16.95 0.89
CA ASP H 291 5.13 -18.09 0.37
C ASP H 291 5.81 -19.41 0.73
N ALA H 292 7.01 -19.31 1.31
CA ALA H 292 7.70 -20.47 1.86
C ALA H 292 7.13 -20.79 3.24
N LEU H 293 6.43 -19.83 3.84
CA LEU H 293 5.77 -20.08 5.12
C LEU H 293 4.30 -20.44 4.91
N ARG H 294 3.83 -20.38 3.67
CA ARG H 294 2.46 -20.74 3.31
C ARG H 294 2.21 -22.24 3.06
N ALA H 295 3.15 -22.91 2.40
CA ALA H 295 3.01 -24.33 2.10
C ALA H 295 3.28 -25.16 3.36
N HIS H 296 4.25 -24.71 4.15
CA HIS H 296 4.35 -25.09 5.54
C HIS H 296 3.20 -24.38 6.22
N GLY H 297 2.75 -24.86 7.37
CA GLY H 297 1.69 -24.16 8.07
C GLY H 297 2.23 -23.14 9.04
N LEU H 298 3.46 -22.69 8.87
CA LEU H 298 4.02 -21.65 9.72
C LEU H 298 3.20 -20.38 9.59
N ILE H 299 2.72 -20.15 8.37
CA ILE H 299 1.87 -19.00 8.09
C ILE H 299 0.74 -19.41 7.13
N ASP H 300 -0.41 -18.78 7.30
CA ASP H 300 -1.64 -19.12 6.56
C ASP H 300 -1.41 -19.28 5.07
N MET I 12 -22.98 -201.22 139.47
CA MET I 12 -24.04 -202.22 139.47
C MET I 12 -23.51 -203.60 139.15
N ALA I 13 -22.27 -203.87 139.54
CA ALA I 13 -21.75 -205.22 139.53
C ALA I 13 -22.36 -205.92 140.73
N ASP I 14 -22.45 -207.24 140.71
CA ASP I 14 -22.86 -207.95 141.91
C ASP I 14 -21.64 -208.56 142.58
N PRO I 15 -21.20 -207.95 143.69
CA PRO I 15 -20.05 -208.45 144.45
C PRO I 15 -20.33 -209.77 145.15
N SER I 16 -21.61 -210.16 145.24
CA SER I 16 -21.96 -211.39 145.93
C SER I 16 -21.35 -212.65 145.30
N LEU I 17 -21.17 -212.65 143.99
CA LEU I 17 -20.63 -213.81 143.28
C LEU I 17 -19.13 -213.99 143.45
N ASN I 18 -18.45 -212.96 143.97
CA ASN I 18 -17.00 -213.00 144.12
C ASN I 18 -16.53 -214.02 145.16
N ASN I 19 -17.31 -214.15 146.23
CA ASN I 19 -16.94 -215.00 147.35
C ASN I 19 -16.90 -216.47 146.94
N PRO I 20 -15.70 -217.09 146.99
CA PRO I 20 -15.57 -218.51 146.65
C PRO I 20 -16.10 -219.40 147.76
N VAL I 21 -16.33 -220.68 147.45
CA VAL I 21 -16.78 -221.63 148.45
C VAL I 21 -15.60 -222.27 149.17
N VAL I 22 -15.68 -222.35 150.50
CA VAL I 22 -14.74 -223.16 151.27
C VAL I 22 -15.34 -224.56 151.42
N ILE I 23 -14.52 -225.57 151.16
CA ILE I 23 -15.01 -226.92 150.97
C ILE I 23 -14.53 -227.82 152.10
N GLN I 24 -14.87 -229.11 152.05
CA GLN I 24 -14.35 -230.05 153.02
C GLN I 24 -12.84 -230.01 152.99
N ALA I 25 -12.25 -229.76 154.15
CA ALA I 25 -10.81 -229.63 154.29
C ALA I 25 -10.16 -230.98 154.04
N THR I 26 -10.92 -232.04 154.30
CA THR I 26 -10.40 -233.40 154.37
C THR I 26 -10.64 -234.23 153.10
N ARG I 27 -9.57 -234.59 152.40
CA ARG I 27 -9.67 -235.60 151.35
C ARG I 27 -9.84 -236.94 152.03
N LEU I 28 -10.54 -237.87 151.41
CA LEU I 28 -10.83 -239.14 152.09
C LEU I 28 -9.62 -240.07 152.07
N ASP I 29 -9.13 -240.38 153.27
CA ASP I 29 -7.97 -241.24 153.43
C ASP I 29 -8.45 -242.68 153.38
N ALA I 30 -9.76 -242.86 153.54
CA ALA I 30 -10.41 -244.18 153.50
C ALA I 30 -10.04 -245.09 154.67
N SER I 31 -9.02 -244.69 155.43
CA SER I 31 -8.61 -245.42 156.61
C SER I 31 -9.73 -245.37 157.64
N ILE I 32 -10.49 -244.27 157.57
CA ILE I 32 -11.61 -244.01 158.46
C ILE I 32 -12.86 -244.78 157.99
N LEU I 33 -12.86 -245.21 156.74
CA LEU I 33 -14.00 -245.91 156.16
C LEU I 33 -14.16 -247.35 156.63
N PRO I 34 -15.42 -247.80 156.77
CA PRO I 34 -15.78 -249.18 157.08
C PRO I 34 -15.21 -250.16 156.05
N ARG I 35 -14.57 -251.22 156.55
CA ARG I 35 -13.83 -252.14 155.70
C ARG I 35 -14.75 -253.10 154.95
N ASN I 36 -15.40 -253.97 155.71
CA ASN I 36 -16.24 -255.02 155.16
C ASN I 36 -17.71 -254.61 155.04
N VAL I 37 -18.06 -253.47 155.62
CA VAL I 37 -19.44 -253.00 155.61
C VAL I 37 -19.77 -252.33 154.28
N PHE I 38 -18.73 -251.93 153.55
CA PHE I 38 -18.91 -251.29 152.24
C PHE I 38 -18.46 -252.18 151.09
N SER I 39 -19.35 -252.35 150.12
CA SER I 39 -19.02 -253.10 148.91
C SER I 39 -17.89 -252.38 148.19
N LYS I 40 -16.95 -253.15 147.63
CA LYS I 40 -15.74 -252.60 147.04
C LYS I 40 -16.02 -251.58 145.94
N SER I 41 -17.20 -251.64 145.34
CA SER I 41 -17.62 -250.61 144.40
C SER I 41 -18.45 -249.47 145.04
N TYR I 42 -18.90 -249.65 146.28
CA TYR I 42 -19.52 -248.54 147.01
C TYR I 42 -18.44 -247.66 147.60
N LEU I 43 -17.43 -248.32 148.14
CA LEU I 43 -16.19 -247.69 148.55
C LEU I 43 -15.68 -246.81 147.42
N LEU I 44 -15.77 -247.33 146.20
CA LEU I 44 -15.42 -246.58 144.99
C LEU I 44 -16.29 -245.34 144.82
N TYR I 45 -17.61 -245.51 144.94
CA TYR I 45 -18.55 -244.42 144.70
C TYR I 45 -18.46 -243.32 145.76
N VAL I 46 -18.04 -243.70 146.97
CA VAL I 46 -17.87 -242.74 148.07
C VAL I 46 -16.62 -241.88 147.88
N ILE I 47 -15.52 -242.49 147.47
CA ILE I 47 -14.27 -241.78 147.20
C ILE I 47 -14.43 -240.94 145.92
N ALA I 48 -15.20 -241.45 144.96
CA ALA I 48 -15.46 -240.74 143.72
C ALA I 48 -16.33 -239.51 143.96
N GLN I 49 -17.46 -239.72 144.62
CA GLN I 49 -18.41 -238.64 144.90
C GLN I 49 -17.78 -237.49 145.69
N GLY I 50 -16.72 -237.78 146.42
CA GLY I 50 -16.02 -236.77 147.19
C GLY I 50 -15.12 -235.89 146.33
N THR I 51 -14.58 -236.48 145.26
CA THR I 51 -13.79 -235.72 144.30
C THR I 51 -14.72 -235.03 143.30
N ASP I 52 -15.96 -235.48 143.27
CA ASP I 52 -16.98 -234.88 142.42
C ASP I 52 -17.50 -233.59 142.99
N VAL I 53 -17.90 -233.63 144.26
CA VAL I 53 -18.49 -232.48 144.94
C VAL I 53 -17.41 -231.40 145.13
N GLY I 54 -16.15 -231.82 145.07
CA GLY I 54 -15.03 -230.90 145.12
C GLY I 54 -14.78 -230.23 143.78
N ALA I 55 -15.06 -230.98 142.71
CA ALA I 55 -14.98 -230.43 141.37
C ALA I 55 -16.23 -229.61 141.08
N ILE I 56 -17.36 -230.05 141.62
CA ILE I 56 -18.63 -229.33 141.47
C ILE I 56 -18.50 -227.95 142.12
N ALA I 57 -17.80 -227.92 143.25
CA ALA I 57 -17.52 -226.67 143.96
C ALA I 57 -16.54 -225.80 143.19
N GLY I 58 -15.63 -226.44 142.45
CA GLY I 58 -14.64 -225.74 141.67
C GLY I 58 -15.20 -225.14 140.41
N LYS I 59 -16.29 -225.72 139.90
CA LYS I 59 -16.94 -225.20 138.71
C LYS I 59 -17.75 -223.95 139.03
N ALA I 60 -18.59 -224.03 140.07
CA ALA I 60 -19.41 -222.91 140.50
C ALA I 60 -18.54 -221.78 141.07
N ASN I 61 -17.30 -222.12 141.43
CA ASN I 61 -16.31 -221.12 141.80
C ASN I 61 -15.69 -220.45 140.55
N GLU I 62 -15.51 -221.23 139.49
CA GLU I 62 -15.04 -220.69 138.22
C GLU I 62 -16.19 -220.36 137.27
N ALA I 63 -17.42 -220.55 137.75
CA ALA I 63 -18.60 -220.10 137.02
C ALA I 63 -18.91 -218.66 137.41
N GLY I 64 -19.25 -218.48 138.69
CA GLY I 64 -19.54 -217.16 139.22
C GLY I 64 -18.34 -216.25 139.36
N GLN I 65 -17.16 -216.75 138.99
CA GLN I 65 -15.97 -215.90 138.91
C GLN I 65 -16.09 -215.04 137.66
N GLY I 66 -16.35 -215.69 136.53
CA GLY I 66 -16.51 -215.00 135.27
C GLY I 66 -17.86 -214.33 135.14
N ALA I 67 -18.76 -214.61 136.06
CA ALA I 67 -20.07 -213.94 136.09
C ALA I 67 -19.99 -212.71 136.98
N TYR I 68 -18.81 -212.51 137.58
CA TYR I 68 -18.46 -211.26 138.26
C TYR I 68 -17.57 -210.48 137.30
N ASP I 69 -16.47 -211.10 136.93
CA ASP I 69 -15.51 -210.52 135.99
C ASP I 69 -16.18 -210.02 134.70
N ALA I 70 -17.28 -210.64 134.28
CA ALA I 70 -18.04 -210.11 133.14
C ALA I 70 -18.92 -208.94 133.56
N GLN I 71 -19.44 -208.99 134.77
CA GLN I 71 -20.31 -207.92 135.27
C GLN I 71 -19.56 -206.63 135.56
N VAL I 72 -18.26 -206.74 135.81
CA VAL I 72 -17.43 -205.54 135.96
C VAL I 72 -17.04 -204.99 134.58
N LYS I 73 -16.71 -205.88 133.65
CA LYS I 73 -16.28 -205.48 132.32
C LYS I 73 -17.43 -204.91 131.51
N ASN I 74 -18.65 -205.08 132.01
CA ASN I 74 -19.84 -204.46 131.44
C ASN I 74 -19.98 -203.00 131.82
N ASP I 75 -19.74 -202.69 133.09
CA ASP I 75 -19.95 -201.32 133.56
C ASP I 75 -18.71 -200.42 133.65
N GLU I 76 -17.54 -200.98 133.36
CA GLU I 76 -16.38 -200.15 133.11
C GLU I 76 -16.43 -199.72 131.65
N GLN I 77 -17.16 -200.51 130.85
CA GLN I 77 -17.44 -200.16 129.47
C GLN I 77 -18.80 -199.45 129.31
N ASP I 78 -19.60 -199.42 130.38
CA ASP I 78 -20.86 -198.69 130.35
C ASP I 78 -20.64 -197.23 130.70
N VAL I 79 -19.49 -196.93 131.30
CA VAL I 79 -19.11 -195.54 131.57
C VAL I 79 -18.30 -195.00 130.39
N GLU I 80 -17.90 -195.92 129.50
CA GLU I 80 -17.22 -195.54 128.27
C GLU I 80 -18.24 -195.08 127.23
N LEU I 81 -19.38 -195.75 127.20
CA LEU I 81 -20.50 -195.36 126.34
C LEU I 81 -21.09 -194.04 126.81
N ALA I 82 -20.78 -193.65 128.05
CA ALA I 82 -21.29 -192.42 128.63
C ALA I 82 -20.55 -191.21 128.07
N ASP I 83 -19.24 -191.31 127.97
CA ASP I 83 -18.43 -190.23 127.40
C ASP I 83 -18.72 -190.14 125.90
N HIS I 84 -18.62 -191.29 125.22
CA HIS I 84 -18.84 -191.36 123.77
C HIS I 84 -20.13 -190.68 123.38
N GLU I 85 -21.23 -191.08 124.03
CA GLU I 85 -22.53 -190.47 123.81
C GLU I 85 -22.50 -188.98 124.11
N ALA I 86 -21.79 -188.59 125.16
CA ALA I 86 -21.65 -187.19 125.51
C ALA I 86 -20.80 -186.44 124.48
N ARG I 87 -19.77 -187.11 123.97
CA ARG I 87 -18.92 -186.52 122.94
C ARG I 87 -19.62 -186.46 121.57
N ILE I 88 -20.53 -187.41 121.33
CA ILE I 88 -21.22 -187.52 120.05
C ILE I 88 -22.31 -186.47 119.83
N LYS I 89 -23.21 -186.32 120.82
CA LYS I 89 -24.23 -185.29 120.78
C LYS I 89 -23.60 -183.93 120.60
N GLN I 90 -22.37 -183.80 121.09
CA GLN I 90 -21.59 -182.57 120.92
C GLN I 90 -20.77 -182.56 119.64
N LEU I 91 -20.68 -183.70 118.96
CA LEU I 91 -20.12 -183.73 117.61
C LEU I 91 -21.20 -183.35 116.61
N ARG I 92 -22.46 -183.51 117.02
CA ARG I 92 -23.59 -183.13 116.18
C ARG I 92 -23.84 -181.64 116.25
N ILE I 93 -23.77 -181.07 117.45
CA ILE I 93 -24.03 -179.65 117.64
C ILE I 93 -23.08 -178.77 116.85
N ASP I 94 -21.78 -179.12 116.85
CA ASP I 94 -20.78 -178.28 116.19
C ASP I 94 -20.57 -178.61 114.72
N VAL I 95 -21.03 -179.78 114.27
CA VAL I 95 -21.02 -180.08 112.85
C VAL I 95 -22.24 -179.46 112.18
N ASP I 96 -23.37 -179.47 112.89
CA ASP I 96 -24.58 -178.84 112.42
C ASP I 96 -24.45 -177.32 112.42
N ASP I 97 -23.57 -176.82 113.29
CA ASP I 97 -23.28 -175.40 113.34
C ASP I 97 -22.44 -175.03 112.12
N HIS I 98 -21.45 -175.87 111.82
CA HIS I 98 -20.54 -175.65 110.71
C HIS I 98 -21.26 -175.65 109.35
N GLU I 99 -22.40 -176.34 109.29
CA GLU I 99 -23.19 -176.37 108.06
C GLU I 99 -23.90 -175.04 107.80
N SER I 100 -24.54 -174.49 108.83
CA SER I 100 -25.22 -173.21 108.70
C SER I 100 -24.20 -172.08 108.47
N ARG I 101 -22.98 -172.29 108.95
CA ARG I 101 -21.89 -171.35 108.71
C ARG I 101 -21.27 -171.52 107.32
N ILE I 102 -21.23 -172.76 106.83
CA ILE I 102 -20.70 -173.02 105.48
C ILE I 102 -21.71 -172.63 104.41
N THR I 103 -22.96 -173.03 104.63
CA THR I 103 -24.02 -172.78 103.64
C THR I 103 -24.28 -171.28 103.45
N ALA I 104 -24.01 -170.49 104.48
CA ALA I 104 -24.16 -169.04 104.40
C ALA I 104 -22.85 -168.35 103.99
N ASN I 105 -21.76 -169.10 104.00
CA ASN I 105 -20.48 -168.60 103.49
C ASN I 105 -20.43 -168.70 101.98
N THR I 106 -20.98 -169.78 101.43
CA THR I 106 -21.05 -169.99 99.99
C THR I 106 -22.23 -169.21 99.43
N LYS I 107 -23.18 -168.87 100.29
CA LYS I 107 -24.29 -168.01 99.92
C LYS I 107 -23.88 -166.56 100.17
N ALA I 108 -22.64 -166.39 100.61
CA ALA I 108 -22.02 -165.07 100.74
C ALA I 108 -21.12 -164.82 99.54
N ILE I 109 -20.10 -165.66 99.40
CA ILE I 109 -19.12 -165.56 98.34
C ILE I 109 -19.72 -165.37 96.94
N THR I 110 -20.71 -166.20 96.61
CA THR I 110 -21.35 -166.13 95.30
C THR I 110 -22.17 -164.85 95.12
N ALA I 111 -22.70 -164.32 96.22
CA ALA I 111 -23.46 -163.07 96.20
C ALA I 111 -22.55 -161.87 95.96
N LEU I 112 -21.27 -162.02 96.32
CA LEU I 112 -20.28 -160.98 96.07
C LEU I 112 -19.78 -161.01 94.63
N ASN I 113 -19.94 -162.15 93.98
CA ASN I 113 -19.47 -162.30 92.61
C ASN I 113 -20.48 -161.85 91.55
N VAL I 114 -21.73 -161.69 91.96
CA VAL I 114 -22.75 -161.09 91.09
C VAL I 114 -22.81 -159.58 91.31
N ARG I 115 -22.21 -159.13 92.41
CA ARG I 115 -22.09 -157.71 92.71
C ARG I 115 -20.90 -157.09 91.98
N VAL I 116 -19.76 -157.80 92.02
CA VAL I 116 -18.55 -157.40 91.34
C VAL I 116 -18.78 -157.41 89.82
N THR I 117 -19.55 -158.39 89.38
CA THR I 117 -19.90 -158.54 87.96
C THR I 117 -20.72 -157.36 87.43
N THR I 118 -21.70 -156.91 88.21
CA THR I 118 -22.51 -155.74 87.84
C THR I 118 -21.68 -154.47 87.88
N ALA I 119 -20.63 -154.47 88.68
CA ALA I 119 -19.78 -153.29 88.85
C ALA I 119 -18.83 -153.10 87.67
N GLU I 120 -18.44 -154.20 87.03
CA GLU I 120 -17.56 -154.14 85.87
C GLU I 120 -18.31 -153.67 84.63
N GLY I 121 -19.58 -154.09 84.52
CA GLY I 121 -20.43 -153.67 83.42
C GLY I 121 -20.84 -152.21 83.56
N GLU I 122 -20.37 -151.58 84.63
CA GLU I 122 -20.53 -150.15 84.84
C GLU I 122 -19.22 -149.44 84.47
N ILE I 123 -18.15 -149.83 85.15
CA ILE I 123 -16.80 -149.29 84.91
C ILE I 123 -16.46 -149.23 83.41
N ALA I 124 -16.81 -150.28 82.68
CA ALA I 124 -16.56 -150.32 81.25
C ALA I 124 -17.24 -149.15 80.53
N SER I 125 -18.47 -148.86 80.90
CA SER I 125 -19.21 -147.73 80.34
C SER I 125 -18.74 -146.42 80.97
N LEU I 126 -18.03 -146.53 82.08
CA LEU I 126 -17.36 -145.39 82.71
C LEU I 126 -16.03 -145.08 82.03
N GLN I 127 -15.33 -146.12 81.58
CA GLN I 127 -14.04 -145.96 80.91
C GLN I 127 -14.23 -145.46 79.48
N THR I 128 -15.26 -145.97 78.83
CA THR I 128 -15.60 -145.57 77.47
C THR I 128 -16.05 -144.12 77.43
N ASN I 129 -16.72 -143.68 78.49
CA ASN I 129 -17.15 -142.29 78.61
C ASN I 129 -16.04 -141.34 79.05
N VAL I 130 -15.05 -141.84 79.78
CA VAL I 130 -13.92 -141.01 80.19
C VAL I 130 -12.96 -140.78 79.02
N SER I 131 -12.89 -141.75 78.11
CA SER I 131 -12.04 -141.63 76.91
C SER I 131 -12.69 -140.67 75.92
N ALA I 132 -14.01 -140.79 75.78
CA ALA I 132 -14.77 -139.90 74.91
C ALA I 132 -14.58 -138.45 75.36
N LEU I 133 -14.36 -138.28 76.66
CA LEU I 133 -14.05 -136.97 77.23
C LEU I 133 -12.55 -136.66 77.20
N ASP I 134 -11.73 -137.69 76.98
CA ASP I 134 -10.29 -137.51 76.80
C ASP I 134 -10.04 -136.97 75.39
N GLY I 135 -10.83 -137.43 74.43
CA GLY I 135 -10.74 -136.96 73.06
C GLY I 135 -11.39 -135.61 72.85
N ARG I 136 -12.56 -135.41 73.45
CA ARG I 136 -13.29 -134.14 73.35
C ARG I 136 -12.46 -132.99 73.92
N VAL I 137 -11.76 -133.26 75.01
CA VAL I 137 -10.92 -132.24 75.63
C VAL I 137 -9.66 -132.00 74.79
N THR I 138 -9.27 -132.99 74.00
CA THR I 138 -8.08 -132.86 73.14
C THR I 138 -8.33 -131.98 71.92
N THR I 139 -9.47 -132.18 71.25
CA THR I 139 -9.85 -131.36 70.12
C THR I 139 -10.03 -129.91 70.57
N ALA I 140 -10.70 -129.74 71.70
CA ALA I 140 -10.91 -128.41 72.26
C ALA I 140 -9.58 -127.78 72.68
N GLU I 141 -8.64 -128.61 73.13
CA GLU I 141 -7.30 -128.12 73.43
C GLU I 141 -6.52 -127.82 72.16
N ASN I 142 -6.84 -128.54 71.09
CA ASN I 142 -6.27 -128.25 69.79
C ASN I 142 -6.97 -127.07 69.13
N ASN I 143 -8.28 -126.97 69.37
CA ASN I 143 -9.07 -125.85 68.85
C ASN I 143 -8.63 -124.50 69.44
N ILE I 144 -8.26 -124.49 70.71
CA ILE I 144 -7.90 -123.24 71.38
C ILE I 144 -6.54 -122.70 70.98
N SER I 145 -5.59 -123.60 70.74
CA SER I 145 -4.25 -123.19 70.33
C SER I 145 -4.28 -122.64 68.92
N ALA I 146 -5.29 -123.02 68.15
CA ALA I 146 -5.49 -122.47 66.81
C ALA I 146 -6.12 -121.07 66.89
N LEU I 147 -6.88 -120.84 67.95
CA LEU I 147 -7.54 -119.56 68.17
C LEU I 147 -6.53 -118.51 68.64
N GLN I 148 -5.57 -118.94 69.46
CA GLN I 148 -4.53 -118.07 69.97
C GLN I 148 -3.56 -117.68 68.85
N ALA I 149 -3.47 -118.54 67.83
CA ALA I 149 -2.58 -118.30 66.70
C ALA I 149 -3.15 -117.32 65.67
N ASP I 150 -4.48 -117.36 65.49
CA ASP I 150 -5.15 -116.41 64.60
C ASP I 150 -5.23 -115.05 65.27
N VAL I 151 -5.69 -115.05 66.52
CA VAL I 151 -5.85 -113.84 67.31
C VAL I 151 -4.52 -113.10 67.46
N ASP I 152 -3.43 -113.85 67.48
CA ASP I 152 -2.09 -113.26 67.53
C ASP I 152 -1.70 -112.71 66.16
N ASP I 153 -2.19 -113.35 65.09
CA ASP I 153 -1.99 -112.84 63.75
C ASP I 153 -2.99 -111.72 63.44
N HIS I 154 -4.14 -111.77 64.09
CA HIS I 154 -5.13 -110.71 64.00
C HIS I 154 -4.64 -109.46 64.72
N GLU I 155 -3.73 -109.66 65.68
CA GLU I 155 -3.15 -108.56 66.45
C GLU I 155 -2.03 -107.84 65.72
N SER I 156 -1.14 -108.60 65.08
CA SER I 156 0.02 -108.01 64.41
C SER I 156 -0.35 -107.35 63.08
N ARG I 157 -1.48 -107.76 62.52
CA ARG I 157 -1.93 -107.24 61.24
C ARG I 157 -2.58 -105.86 61.36
N ILE I 158 -3.40 -105.69 62.39
CA ILE I 158 -4.13 -104.45 62.62
C ILE I 158 -3.25 -103.37 63.30
N THR I 159 -2.20 -103.83 63.97
CA THR I 159 -1.22 -102.92 64.57
C THR I 159 -0.37 -102.24 63.50
N ALA I 160 -0.05 -102.99 62.44
CA ALA I 160 0.67 -102.43 61.30
C ALA I 160 -0.30 -101.90 60.23
N ASN I 161 -1.58 -102.17 60.41
CA ASN I 161 -2.62 -101.58 59.58
C ASN I 161 -2.88 -100.16 60.03
N THR I 162 -2.94 -99.99 61.34
CA THR I 162 -3.20 -98.69 61.97
C THR I 162 -1.99 -97.78 61.81
N LYS I 163 -0.81 -98.39 61.74
CA LYS I 163 0.41 -97.66 61.42
C LYS I 163 0.35 -97.17 59.97
N ALA I 164 -0.41 -97.89 59.13
CA ALA I 164 -0.56 -97.52 57.73
C ALA I 164 -1.57 -96.39 57.52
N ILE I 165 -2.71 -96.45 58.23
CA ILE I 165 -3.72 -95.41 58.12
C ILE I 165 -3.22 -94.10 58.73
N THR I 166 -2.22 -94.20 59.60
CA THR I 166 -1.59 -93.04 60.20
C THR I 166 -0.69 -92.32 59.20
N ALA I 167 0.18 -93.09 58.53
CA ALA I 167 1.11 -92.54 57.55
C ALA I 167 0.36 -92.13 56.29
N LEU I 168 -0.85 -92.65 56.12
CA LEU I 168 -1.72 -92.26 55.02
C LEU I 168 -2.31 -90.89 55.33
N ASN I 169 -2.66 -90.66 56.59
CA ASN I 169 -3.34 -89.43 57.00
C ASN I 169 -2.40 -88.23 57.06
N VAL I 170 -1.10 -88.49 57.19
CA VAL I 170 -0.09 -87.43 57.16
C VAL I 170 -0.03 -86.87 55.74
N ARG I 171 -0.10 -87.77 54.76
CA ARG I 171 0.07 -87.43 53.36
C ARG I 171 -1.16 -86.81 52.68
N VAL I 172 -2.35 -87.23 53.10
CA VAL I 172 -3.58 -86.61 52.59
C VAL I 172 -3.82 -85.29 53.31
N THR I 173 -3.18 -85.14 54.46
CA THR I 173 -3.18 -83.85 55.17
C THR I 173 -2.19 -82.89 54.50
N THR I 174 -1.03 -83.42 54.11
CA THR I 174 -0.04 -82.66 53.36
C THR I 174 -0.63 -82.20 52.04
N ALA I 175 -1.10 -83.16 51.26
CA ALA I 175 -1.68 -82.89 49.96
C ALA I 175 -2.80 -81.86 50.03
N GLU I 176 -3.76 -82.09 50.93
CA GLU I 176 -4.90 -81.17 51.10
C GLU I 176 -4.50 -79.71 51.33
N GLY I 177 -3.32 -79.49 51.92
CA GLY I 177 -2.82 -78.14 52.12
C GLY I 177 -1.97 -77.65 50.97
N GLU I 178 -1.38 -78.57 50.22
CA GLU I 178 -0.59 -78.24 49.04
C GLU I 178 -1.50 -78.21 47.82
N ILE I 179 -2.80 -78.41 48.07
CA ILE I 179 -3.86 -78.21 47.09
C ILE I 179 -4.46 -76.83 47.29
N ALA I 180 -5.00 -76.58 48.47
CA ALA I 180 -5.57 -75.28 48.81
C ALA I 180 -4.57 -74.14 48.60
N SER I 181 -3.28 -74.46 48.66
CA SER I 181 -2.24 -73.51 48.31
C SER I 181 -2.39 -73.12 46.84
N LEU I 182 -2.70 -74.11 46.00
CA LEU I 182 -2.82 -73.89 44.56
C LEU I 182 -4.08 -73.10 44.21
N GLN I 183 -5.23 -73.57 44.67
CA GLN I 183 -6.49 -72.91 44.33
C GLN I 183 -6.62 -71.54 45.00
N THR I 184 -5.72 -71.25 45.94
CA THR I 184 -5.53 -69.88 46.40
C THR I 184 -4.59 -69.11 45.45
N ASN I 185 -3.55 -69.79 44.96
CA ASN I 185 -2.65 -69.19 43.97
C ASN I 185 -3.37 -68.88 42.67
N VAL I 186 -4.18 -69.83 42.21
CA VAL I 186 -4.92 -69.70 40.96
C VAL I 186 -6.00 -68.61 41.07
N SER I 187 -6.42 -68.30 42.29
CA SER I 187 -7.33 -67.19 42.53
C SER I 187 -6.59 -65.86 42.37
N ALA I 188 -5.31 -65.85 42.73
CA ALA I 188 -4.50 -64.64 42.63
C ALA I 188 -4.05 -64.37 41.20
N LEU I 189 -3.85 -65.43 40.43
CA LEU I 189 -3.33 -65.31 39.06
C LEU I 189 -4.40 -64.84 38.08
N ASP I 190 -5.67 -64.96 38.47
CA ASP I 190 -6.76 -64.37 37.72
C ASP I 190 -6.90 -62.90 38.13
N GLY I 191 -6.33 -62.56 39.27
CA GLY I 191 -6.30 -61.17 39.71
C GLY I 191 -5.24 -60.35 39.00
N ARG I 192 -4.08 -60.97 38.77
CA ARG I 192 -2.93 -60.29 38.18
C ARG I 192 -3.05 -60.09 36.66
N VAL I 193 -3.49 -61.13 35.97
CA VAL I 193 -3.58 -61.07 34.51
C VAL I 193 -4.83 -60.33 34.03
N THR I 194 -5.76 -60.06 34.94
CA THR I 194 -6.95 -59.29 34.60
C THR I 194 -6.67 -57.78 34.57
N THR I 195 -5.93 -57.29 35.56
CA THR I 195 -5.47 -55.89 35.52
C THR I 195 -4.44 -55.71 34.42
N ALA I 196 -3.53 -56.68 34.30
CA ALA I 196 -2.48 -56.64 33.29
C ALA I 196 -3.05 -56.71 31.87
N GLU I 197 -4.18 -57.39 31.70
CA GLU I 197 -4.84 -57.44 30.40
C GLU I 197 -5.60 -56.14 30.14
N ASN I 198 -6.04 -55.48 31.21
CA ASN I 198 -6.65 -54.15 31.08
C ASN I 198 -5.63 -53.02 31.19
N ASN I 199 -4.42 -53.33 31.66
CA ASN I 199 -3.33 -52.37 31.64
C ASN I 199 -2.91 -52.16 30.20
N ILE I 200 -3.01 -53.24 29.43
CA ILE I 200 -2.63 -53.27 28.02
C ILE I 200 -3.65 -52.55 27.14
N SER I 201 -4.94 -52.74 27.40
CA SER I 201 -5.98 -52.07 26.62
C SER I 201 -5.94 -50.55 26.78
N ALA I 202 -5.39 -50.08 27.90
CA ALA I 202 -5.07 -48.66 28.03
C ALA I 202 -3.64 -48.37 27.54
N LEU I 203 -2.83 -49.42 27.39
CA LEU I 203 -1.48 -49.29 26.82
C LEU I 203 -1.58 -49.25 25.30
N GLN I 204 -2.49 -50.06 24.76
CA GLN I 204 -2.66 -50.18 23.31
C GLN I 204 -3.42 -48.98 22.74
N ALA I 205 -4.31 -48.41 23.54
CA ALA I 205 -5.12 -47.27 23.13
C ALA I 205 -4.44 -45.90 23.22
N ASP I 206 -3.56 -45.72 24.21
CA ASP I 206 -3.08 -44.38 24.54
C ASP I 206 -1.71 -43.96 23.97
N TYR I 207 -1.06 -44.83 23.20
CA TYR I 207 0.32 -44.61 22.77
C TYR I 207 0.40 -44.27 21.30
N VAL I 208 1.42 -43.54 20.87
CA VAL I 208 1.58 -43.27 19.45
C VAL I 208 2.39 -44.37 18.74
N SER I 209 1.98 -44.73 17.53
CA SER I 209 2.57 -45.87 16.83
C SER I 209 3.52 -45.48 15.69
N LYS I 210 4.53 -46.30 15.48
CA LYS I 210 5.48 -46.10 14.38
C LYS I 210 4.90 -46.56 13.05
N THR I 211 4.09 -47.60 13.11
CA THR I 211 3.55 -48.24 11.90
C THR I 211 2.13 -47.79 11.50
N ALA I 212 1.51 -46.93 12.29
CA ALA I 212 0.14 -46.50 12.02
C ALA I 212 0.08 -45.41 10.94
N THR I 213 -0.81 -45.57 9.96
CA THR I 213 -0.96 -44.65 8.83
C THR I 213 -1.82 -43.38 9.02
N THR I 214 -3.00 -43.52 9.64
CA THR I 214 -3.90 -42.38 9.89
C THR I 214 -3.29 -41.41 10.90
N SER I 215 -3.50 -40.10 10.71
CA SER I 215 -2.90 -39.09 11.59
C SER I 215 -3.16 -39.37 13.06
N GLN I 216 -2.10 -39.35 13.86
CA GLN I 216 -2.19 -39.61 15.29
C GLN I 216 -2.13 -38.29 16.06
N SER I 217 -3.24 -37.93 16.72
CA SER I 217 -3.30 -36.67 17.45
C SER I 217 -2.66 -36.76 18.85
N LEU I 218 -2.60 -35.63 19.54
CA LEU I 218 -2.09 -35.56 20.91
C LEU I 218 -2.76 -34.42 21.67
N ALA I 219 -2.92 -34.59 22.98
CA ALA I 219 -3.45 -33.53 23.84
C ALA I 219 -2.33 -32.76 24.55
N SER I 220 -1.08 -33.10 24.27
CA SER I 220 0.06 -32.54 25.00
C SER I 220 1.15 -31.91 24.13
N PRO I 221 1.94 -30.99 24.71
CA PRO I 221 3.12 -30.42 24.04
C PRO I 221 4.22 -31.46 23.81
N LEU I 222 4.84 -31.42 22.62
CA LEU I 222 5.90 -32.37 22.29
C LEU I 222 7.26 -31.69 22.20
N ASN I 223 8.21 -32.21 22.96
CA ASN I 223 9.58 -31.73 22.91
C ASN I 223 10.48 -32.88 22.45
N VAL I 224 11.58 -32.54 21.78
CA VAL I 224 12.48 -33.52 21.17
C VAL I 224 13.92 -33.07 21.47
N THR I 225 14.91 -33.95 21.36
CA THR I 225 16.25 -33.56 21.79
C THR I 225 17.01 -32.63 20.83
N THR I 226 16.94 -32.89 19.53
CA THR I 226 17.80 -32.23 18.55
C THR I 226 17.06 -31.60 17.39
N SER I 227 16.36 -32.43 16.62
CA SER I 227 15.60 -31.93 15.48
C SER I 227 14.38 -32.78 15.18
N TYR I 228 13.29 -32.13 14.79
CA TYR I 228 12.19 -32.83 14.17
C TYR I 228 12.69 -33.20 12.78
N SER I 229 12.09 -34.23 12.20
CA SER I 229 12.47 -34.61 10.84
C SER I 229 11.27 -35.16 10.07
N VAL I 230 11.32 -34.99 8.76
CA VAL I 230 10.38 -35.62 7.85
C VAL I 230 11.06 -35.97 6.52
N GLY I 231 10.79 -37.16 6.01
CA GLY I 231 11.36 -37.61 4.74
C GLY I 231 12.78 -38.11 4.86
N GLY I 232 13.31 -38.12 6.08
CA GLY I 232 14.70 -38.50 6.31
C GLY I 232 15.61 -37.28 6.32
N LYS I 233 15.02 -36.10 6.10
CA LYS I 233 15.78 -34.86 6.09
C LYS I 233 15.39 -33.94 7.25
N LYS I 234 16.39 -33.34 7.89
CA LYS I 234 16.11 -32.44 9.02
C LYS I 234 15.37 -31.19 8.54
N VAL I 235 14.25 -30.92 9.20
CA VAL I 235 13.38 -29.81 8.79
C VAL I 235 13.40 -28.68 9.82
N VAL I 236 13.00 -28.98 11.05
CA VAL I 236 13.08 -27.99 12.12
C VAL I 236 14.16 -28.35 13.14
N GLY I 237 15.14 -27.48 13.30
CA GLY I 237 16.23 -27.74 14.23
C GLY I 237 16.12 -26.89 15.49
N ALA I 238 17.22 -26.82 16.24
CA ALA I 238 17.24 -26.00 17.46
C ALA I 238 17.06 -24.54 17.12
N ARG I 239 16.60 -23.77 18.10
CA ARG I 239 16.29 -22.35 17.90
C ARG I 239 17.54 -21.54 17.62
N GLN I 240 17.36 -20.38 17.00
CA GLN I 240 18.48 -19.52 16.63
C GLN I 240 19.06 -18.70 17.79
N THR I 241 20.31 -18.28 17.64
CA THR I 241 21.03 -17.55 18.69
C THR I 241 21.64 -16.24 18.17
N GLY I 242 21.99 -15.34 19.11
CA GLY I 242 22.75 -14.15 18.79
C GLY I 242 21.99 -13.09 18.00
N TRP I 243 20.69 -13.00 18.25
CA TRP I 243 19.84 -12.03 17.53
C TRP I 243 19.60 -10.72 18.25
N THR I 244 18.67 -9.97 17.68
CA THR I 244 18.13 -8.78 18.30
C THR I 244 16.78 -8.42 17.68
N ALA I 245 16.02 -7.59 18.38
CA ALA I 245 14.63 -7.32 18.02
C ALA I 245 14.45 -6.30 16.91
N ALA I 246 13.59 -6.64 15.97
CA ALA I 246 13.17 -5.69 14.94
C ALA I 246 12.24 -4.67 15.58
N THR I 247 12.08 -3.53 14.92
CA THR I 247 11.28 -2.44 15.46
C THR I 247 10.43 -1.77 14.39
N GLY I 248 9.51 -0.93 14.83
CA GLY I 248 8.63 -0.21 13.93
C GLY I 248 7.35 -0.98 13.69
N THR I 249 6.47 -0.43 12.86
CA THR I 249 5.22 -1.09 12.50
C THR I 249 5.48 -2.32 11.63
N ALA I 250 4.62 -3.33 11.72
CA ALA I 250 4.70 -4.50 10.86
C ALA I 250 3.52 -4.49 9.89
N ASN I 251 3.72 -5.01 8.68
CA ASN I 251 2.61 -5.12 7.73
C ASN I 251 2.26 -6.57 7.39
N LYS I 252 1.02 -6.94 7.73
CA LYS I 252 0.47 -8.24 7.42
C LYS I 252 -0.35 -8.14 6.14
N GLY I 253 -0.47 -6.92 5.62
CA GLY I 253 -1.39 -6.61 4.54
C GLY I 253 -0.95 -7.08 3.16
N VAL I 254 -1.61 -6.56 2.13
CA VAL I 254 -1.32 -6.97 0.76
C VAL I 254 0.02 -6.47 0.26
N PHE I 255 0.61 -7.23 -0.65
CA PHE I 255 1.97 -6.98 -1.09
C PHE I 255 2.10 -7.25 -2.59
N ASP I 256 3.15 -6.73 -3.20
CA ASP I 256 3.43 -7.03 -4.60
C ASP I 256 4.91 -7.33 -4.72
N ALA I 257 5.23 -8.50 -5.28
CA ALA I 257 6.62 -8.84 -5.54
C ALA I 257 7.13 -8.02 -6.72
N ASP I 258 6.31 -7.90 -7.75
CA ASP I 258 6.64 -7.04 -8.89
C ASP I 258 6.59 -5.58 -8.45
N LEU I 259 7.28 -4.72 -9.18
CA LEU I 259 7.37 -3.32 -8.78
C LEU I 259 6.00 -2.64 -8.87
N THR I 260 5.70 -1.83 -7.85
CA THR I 260 4.42 -1.14 -7.76
C THR I 260 4.48 0.27 -8.36
N PHE I 261 5.66 0.64 -8.86
CA PHE I 261 5.87 1.93 -9.51
C PHE I 261 6.43 1.71 -10.92
N ALA I 262 6.86 2.79 -11.58
CA ALA I 262 7.72 2.67 -12.76
C ALA I 262 8.96 3.52 -12.52
N VAL I 263 10.02 3.31 -13.31
CA VAL I 263 11.29 4.04 -13.13
C VAL I 263 11.27 5.45 -13.77
N SER I 264 12.10 6.36 -13.24
CA SER I 264 12.12 7.76 -13.69
C SER I 264 13.18 8.10 -14.74
N ASP I 265 12.73 8.77 -15.80
CA ASP I 265 13.58 9.34 -16.84
C ASP I 265 14.13 10.72 -16.49
N THR I 266 13.32 11.49 -15.77
CA THR I 266 13.74 12.79 -15.25
C THR I 266 13.07 12.97 -13.90
N TYR I 267 13.64 13.85 -13.07
CA TYR I 267 13.13 14.11 -11.72
C TYR I 267 11.62 14.36 -11.77
N THR I 268 11.20 15.24 -12.67
CA THR I 268 9.78 15.47 -13.01
C THR I 268 8.87 15.56 -11.78
N GLN I 269 7.76 14.83 -11.81
CA GLN I 269 6.97 14.57 -10.61
C GLN I 269 7.85 13.70 -9.76
N SER I 270 7.79 13.82 -8.45
CA SER I 270 8.79 13.16 -7.64
C SER I 270 8.52 11.68 -7.56
N GLU I 271 9.45 10.91 -8.10
CA GLU I 271 9.36 9.45 -8.06
C GLU I 271 10.27 8.87 -6.98
N ILE I 272 11.03 9.72 -6.30
CA ILE I 272 11.91 9.25 -5.23
C ILE I 272 11.09 8.79 -4.02
N GLN I 273 9.89 9.35 -3.86
CA GLN I 273 8.97 8.92 -2.82
C GLN I 273 8.48 7.50 -3.08
N ALA I 274 8.46 7.11 -4.35
CA ALA I 274 8.04 5.77 -4.75
C ALA I 274 9.14 4.79 -4.43
N ILE I 275 10.37 5.27 -4.42
CA ILE I 275 11.52 4.43 -4.19
C ILE I 275 11.73 4.15 -2.70
N ALA I 276 11.39 5.14 -1.89
CA ALA I 276 11.54 5.04 -0.45
C ALA I 276 10.43 4.18 0.15
N ASN I 277 9.20 4.46 -0.27
CA ASN I 277 8.04 3.74 0.23
C ASN I 277 8.06 2.25 -0.10
N ALA I 278 8.68 1.91 -1.22
CA ALA I 278 8.90 0.53 -1.60
C ALA I 278 9.90 -0.11 -0.63
N LEU I 279 10.88 0.69 -0.20
CA LEU I 279 11.92 0.21 0.69
C LEU I 279 11.50 0.12 2.15
N ILE I 280 10.57 0.96 2.58
CA ILE I 280 10.07 0.90 3.95
C ILE I 280 9.02 -0.21 4.15
N THR I 281 8.12 -0.35 3.18
CA THR I 281 7.00 -1.28 3.31
C THR I 281 7.46 -2.73 3.21
N GLU I 282 8.56 -2.95 2.50
CA GLU I 282 9.14 -4.27 2.38
C GLU I 282 9.84 -4.62 3.69
N ARG I 283 10.52 -3.64 4.30
CA ARG I 283 11.12 -3.81 5.61
C ARG I 283 10.02 -4.09 6.64
N ARG I 284 8.85 -3.51 6.39
CA ARG I 284 7.68 -3.72 7.22
C ARG I 284 7.10 -5.11 7.00
N ARG I 285 7.47 -5.75 5.89
CA ARG I 285 7.04 -7.12 5.60
C ARG I 285 7.89 -8.16 6.31
N THR I 286 9.21 -8.00 6.28
CA THR I 286 10.11 -9.00 6.83
C THR I 286 10.27 -8.82 8.33
N LYS I 287 9.62 -7.78 8.85
CA LYS I 287 9.40 -7.63 10.28
C LYS I 287 8.28 -8.57 10.70
N ALA I 288 7.19 -8.55 9.93
CA ALA I 288 6.06 -9.43 10.17
C ALA I 288 6.46 -10.88 9.94
N LEU I 289 7.46 -11.07 9.07
CA LEU I 289 8.04 -12.38 8.81
C LEU I 289 8.94 -12.79 9.97
N GLU I 290 9.63 -11.82 10.55
CA GLU I 290 10.49 -12.07 11.69
C GLU I 290 9.63 -12.22 12.94
N ASP I 291 8.46 -11.59 12.94
CA ASP I 291 7.47 -11.74 14.00
C ASP I 291 6.99 -13.19 14.14
N ALA I 292 6.73 -13.83 13.00
CA ALA I 292 6.16 -15.18 12.98
C ALA I 292 7.20 -16.26 13.20
N LEU I 293 8.46 -15.96 12.87
CA LEU I 293 9.56 -16.87 13.11
C LEU I 293 9.98 -16.82 14.57
N ARG I 294 9.67 -15.71 15.23
CA ARG I 294 9.85 -15.57 16.68
C ARG I 294 8.70 -16.15 17.49
N ALA I 295 7.47 -15.98 16.98
CA ALA I 295 6.28 -16.51 17.63
C ALA I 295 6.46 -18.01 17.88
N HIS I 296 6.55 -18.77 16.79
CA HIS I 296 7.07 -20.12 16.87
C HIS I 296 8.53 -19.89 17.23
N GLY I 297 9.13 -20.76 18.01
CA GLY I 297 10.43 -20.43 18.58
C GLY I 297 11.65 -20.60 17.71
N LEU I 298 11.46 -20.64 16.39
CA LEU I 298 12.58 -20.82 15.46
C LEU I 298 13.74 -19.85 15.69
N ILE I 299 13.45 -18.55 15.70
CA ILE I 299 14.46 -17.55 15.98
C ILE I 299 14.06 -16.74 17.21
N ASP I 300 15.05 -16.18 17.91
CA ASP I 300 14.87 -15.41 19.15
C ASP I 300 13.51 -14.75 19.35
N MET J 12 15.61 203.39 -138.35
CA MET J 12 17.00 203.07 -138.08
C MET J 12 17.83 204.35 -137.92
N ALA J 13 18.74 204.61 -138.85
CA ALA J 13 19.62 205.77 -138.77
C ALA J 13 19.60 206.54 -140.08
N ASP J 14 20.11 207.77 -140.07
CA ASP J 14 20.02 208.65 -141.24
C ASP J 14 21.41 208.98 -141.82
N PRO J 15 21.69 208.46 -143.02
CA PRO J 15 22.96 208.71 -143.74
C PRO J 15 23.08 210.13 -144.28
N SER J 16 21.95 210.78 -144.54
CA SER J 16 21.95 212.10 -145.18
C SER J 16 22.59 213.18 -144.32
N LEU J 17 22.57 213.00 -143.01
CA LEU J 17 23.04 214.04 -142.09
C LEU J 17 24.56 214.17 -142.01
N ASN J 18 25.28 213.19 -142.50
CA ASN J 18 26.73 213.25 -142.52
C ASN J 18 27.23 213.96 -143.77
N ASN J 19 26.30 214.21 -144.69
CA ASN J 19 26.61 214.81 -145.98
C ASN J 19 26.80 216.33 -145.87
N PRO J 20 28.00 216.83 -146.18
CA PRO J 20 28.31 218.26 -146.15
C PRO J 20 27.88 218.98 -147.43
N VAL J 21 28.20 220.27 -147.55
CA VAL J 21 27.84 221.07 -148.73
C VAL J 21 29.08 221.66 -149.41
N VAL J 22 29.17 221.62 -150.76
CA VAL J 22 28.20 221.05 -151.72
C VAL J 22 26.76 221.62 -151.74
N ILE J 23 26.62 222.86 -152.19
CA ILE J 23 27.71 223.60 -152.82
C ILE J 23 27.99 224.88 -152.02
N GLN J 24 28.97 225.66 -152.45
CA GLN J 24 29.35 226.87 -151.75
C GLN J 24 29.44 228.09 -152.68
N ALA J 25 29.37 229.27 -152.11
CA ALA J 25 29.53 230.51 -152.86
C ALA J 25 30.94 231.06 -152.72
N THR J 26 31.53 231.46 -153.84
CA THR J 26 32.89 232.02 -153.86
C THR J 26 32.93 233.32 -153.06
N ARG J 27 34.07 233.62 -152.45
CA ARG J 27 34.17 234.78 -151.55
C ARG J 27 34.06 236.14 -152.26
N LEU J 28 33.79 237.16 -151.46
CA LEU J 28 33.66 238.53 -151.97
C LEU J 28 34.92 239.34 -151.72
N ASP J 29 35.54 239.83 -152.79
CA ASP J 29 36.78 240.59 -152.66
C ASP J 29 36.56 242.02 -152.16
N ALA J 30 35.66 242.74 -152.82
CA ALA J 30 35.40 244.15 -152.51
C ALA J 30 36.69 244.98 -152.47
N SER J 31 37.31 245.25 -153.62
CA SER J 31 36.70 245.09 -154.94
C SER J 31 37.56 244.10 -155.77
N ILE J 32 37.10 243.57 -156.91
CA ILE J 32 35.98 244.08 -157.71
C ILE J 32 34.57 243.82 -157.19
N LEU J 33 33.84 244.92 -156.99
CA LEU J 33 32.46 244.90 -156.54
C LEU J 33 31.75 246.12 -157.11
N PRO J 34 30.42 246.03 -157.29
CA PRO J 34 29.63 247.17 -157.77
C PRO J 34 29.63 248.32 -156.75
N ARG J 35 30.75 249.02 -156.68
CA ARG J 35 30.97 250.11 -155.72
C ARG J 35 29.99 251.27 -155.86
N ASN J 36 29.75 251.68 -157.11
CA ASN J 36 28.92 252.84 -157.42
C ASN J 36 27.52 252.77 -156.80
N VAL J 37 26.77 251.76 -157.23
CA VAL J 37 25.36 251.62 -156.93
C VAL J 37 24.98 251.61 -155.44
N PHE J 38 25.59 250.71 -154.67
CA PHE J 38 25.13 250.40 -153.32
C PHE J 38 25.26 251.56 -152.34
N SER J 39 24.49 251.48 -151.26
CA SER J 39 24.53 252.46 -150.20
C SER J 39 25.82 252.30 -149.40
N LYS J 40 25.96 253.09 -148.34
CA LYS J 40 27.08 252.94 -147.43
C LYS J 40 26.91 251.67 -146.59
N SER J 41 25.69 251.48 -146.08
CA SER J 41 25.41 250.35 -145.19
C SER J 41 25.21 249.01 -145.88
N TYR J 42 24.55 249.01 -147.04
CA TYR J 42 24.26 247.77 -147.76
C TYR J 42 25.53 247.11 -148.30
N LEU J 43 26.42 247.93 -148.86
CA LEU J 43 27.69 247.44 -149.36
C LEU J 43 28.52 246.86 -148.23
N LEU J 44 28.29 247.38 -147.02
CA LEU J 44 28.91 246.85 -145.80
C LEU J 44 28.17 245.60 -145.36
N TYR J 45 26.84 245.65 -145.45
CA TYR J 45 25.98 244.56 -144.99
C TYR J 45 26.07 243.34 -145.91
N VAL J 46 26.45 243.55 -147.17
CA VAL J 46 26.55 242.46 -148.15
C VAL J 46 27.76 241.56 -147.87
N ILE J 47 28.88 242.17 -147.48
CA ILE J 47 30.06 241.40 -147.12
C ILE J 47 29.83 240.70 -145.79
N ALA J 48 28.99 241.29 -144.94
CA ALA J 48 28.65 240.68 -143.66
C ALA J 48 27.68 239.53 -143.85
N GLN J 49 26.66 239.74 -144.68
CA GLN J 49 25.63 238.73 -144.92
C GLN J 49 26.18 237.54 -145.67
N GLY J 50 27.40 237.65 -146.18
CA GLY J 50 28.09 236.50 -146.77
C GLY J 50 29.00 235.81 -145.78
N THR J 51 29.43 236.53 -144.75
CA THR J 51 30.27 235.96 -143.69
C THR J 51 29.48 235.03 -142.78
N ASP J 52 28.26 235.44 -142.43
CA ASP J 52 27.38 234.63 -141.57
C ASP J 52 26.79 233.42 -142.29
N VAL J 53 26.40 233.62 -143.56
CA VAL J 53 25.85 232.55 -144.38
C VAL J 53 26.84 231.37 -144.41
N GLY J 54 28.12 231.69 -144.54
CA GLY J 54 29.17 230.70 -144.48
C GLY J 54 29.43 230.20 -143.07
N ALA J 55 29.11 231.04 -142.08
CA ALA J 55 29.20 230.62 -140.69
C ALA J 55 27.99 229.76 -140.34
N ILE J 56 26.85 230.09 -140.95
CA ILE J 56 25.61 229.35 -140.78
C ILE J 56 25.75 227.93 -141.34
N ALA J 57 26.32 227.82 -142.53
CA ALA J 57 26.57 226.53 -143.17
C ALA J 57 27.68 225.76 -142.47
N GLY J 58 28.52 226.49 -141.73
CA GLY J 58 29.53 225.85 -140.93
C GLY J 58 28.92 225.19 -139.72
N LYS J 59 27.79 225.74 -139.27
CA LYS J 59 27.04 225.17 -138.16
C LYS J 59 26.13 224.01 -138.54
N ALA J 60 25.36 224.20 -139.62
CA ALA J 60 24.45 223.15 -140.07
C ALA J 60 25.24 221.94 -140.52
N ASN J 61 26.52 222.15 -140.80
CA ASN J 61 27.47 221.06 -141.01
C ASN J 61 27.94 220.47 -139.69
N GLU J 62 28.04 221.32 -138.67
CA GLU J 62 28.46 220.88 -137.33
C GLU J 62 27.30 220.20 -136.61
N ALA J 63 26.09 220.69 -136.87
CA ALA J 63 24.90 220.23 -136.15
C ALA J 63 24.31 218.93 -136.71
N GLY J 64 24.75 218.54 -137.90
CA GLY J 64 24.27 217.31 -138.52
C GLY J 64 25.19 216.11 -138.33
N GLN J 65 26.43 216.37 -137.98
CA GLN J 65 27.39 215.30 -137.70
C GLN J 65 27.27 214.90 -136.23
N GLY J 66 26.59 215.75 -135.47
CA GLY J 66 26.25 215.44 -134.09
C GLY J 66 24.94 214.70 -133.98
N ALA J 67 24.09 214.84 -135.00
CA ALA J 67 22.85 214.08 -135.06
C ALA J 67 23.04 212.77 -135.81
N TYR J 68 24.18 212.63 -136.47
CA TYR J 68 24.58 211.34 -137.05
C TYR J 68 25.19 210.46 -135.97
N ASP J 69 25.98 211.10 -135.08
CA ASP J 69 26.66 210.39 -134.00
C ASP J 69 25.70 209.96 -132.89
N ALA J 70 24.61 210.71 -132.72
CA ALA J 70 23.60 210.34 -131.74
C ALA J 70 22.74 209.19 -132.24
N GLN J 71 22.28 209.30 -133.48
CA GLN J 71 21.37 208.32 -134.08
C GLN J 71 21.99 206.93 -134.25
N VAL J 72 23.30 206.86 -134.46
CA VAL J 72 23.98 205.58 -134.63
C VAL J 72 24.19 204.87 -133.28
N LYS J 73 24.47 205.67 -132.24
CA LYS J 73 24.60 205.15 -130.88
C LYS J 73 23.24 204.70 -130.37
N ASN J 74 22.20 205.43 -130.79
CA ASN J 74 20.84 205.09 -130.44
C ASN J 74 20.43 203.71 -130.95
N ASP J 75 20.96 203.34 -132.11
CA ASP J 75 20.62 202.05 -132.69
C ASP J 75 21.59 200.93 -132.33
N GLU J 76 22.70 201.29 -131.70
CA GLU J 76 23.56 200.29 -131.06
C GLU J 76 23.12 200.09 -129.62
N GLN J 77 22.36 201.04 -129.09
CA GLN J 77 21.81 200.94 -127.74
C GLN J 77 20.55 200.09 -127.72
N ASP J 78 19.83 200.13 -128.83
CA ASP J 78 18.61 199.34 -128.96
C ASP J 78 18.93 197.93 -129.46
N VAL J 79 20.19 197.73 -129.85
CA VAL J 79 20.69 196.38 -130.12
C VAL J 79 21.12 195.67 -128.82
N GLU J 80 21.59 196.43 -127.83
CA GLU J 80 21.94 195.85 -126.54
C GLU J 80 20.67 195.68 -125.70
N LEU J 81 19.69 196.52 -125.98
CA LEU J 81 18.36 196.42 -125.37
C LEU J 81 17.67 195.15 -125.83
N ALA J 82 17.94 194.75 -127.07
CA ALA J 82 17.36 193.55 -127.64
C ALA J 82 18.12 192.29 -127.23
N ASP J 83 19.34 192.46 -126.73
CA ASP J 83 20.08 191.36 -126.13
C ASP J 83 19.62 191.13 -124.69
N HIS J 84 19.43 192.24 -123.97
CA HIS J 84 18.98 192.20 -122.59
C HIS J 84 17.57 191.63 -122.48
N GLU J 85 16.68 192.10 -123.36
CA GLU J 85 15.29 191.68 -123.34
C GLU J 85 15.15 190.17 -123.56
N ALA J 86 16.09 189.60 -124.30
CA ALA J 86 16.15 188.14 -124.47
C ALA J 86 16.98 187.48 -123.38
N ARG J 87 17.76 188.29 -122.66
CA ARG J 87 18.49 187.80 -121.49
C ARG J 87 17.60 187.77 -120.26
N ILE J 88 16.63 188.68 -120.22
CA ILE J 88 15.66 188.72 -119.14
C ILE J 88 14.66 187.58 -119.31
N LYS J 89 14.21 187.42 -120.55
CA LYS J 89 13.23 186.41 -120.91
C LYS J 89 13.69 185.01 -120.55
N GLN J 90 14.98 184.75 -120.70
CA GLN J 90 15.56 183.44 -120.40
C GLN J 90 15.80 183.24 -118.90
N LEU J 91 15.96 184.35 -118.18
CA LEU J 91 16.15 184.29 -116.74
C LEU J 91 14.84 184.18 -115.97
N ARG J 92 13.73 184.52 -116.63
CA ARG J 92 12.42 184.35 -116.01
C ARG J 92 11.82 183.00 -116.38
N ILE J 93 12.38 182.34 -117.39
CA ILE J 93 11.93 181.01 -117.78
C ILE J 93 12.55 179.94 -116.90
N ASP J 94 13.85 180.08 -116.65
CA ASP J 94 14.57 179.11 -115.82
C ASP J 94 14.16 179.21 -114.35
N VAL J 95 13.91 180.45 -113.91
CA VAL J 95 13.43 180.72 -112.55
C VAL J 95 12.03 180.13 -112.33
N ASP J 96 11.21 180.19 -113.37
CA ASP J 96 9.85 179.66 -113.30
C ASP J 96 9.83 178.15 -113.27
N ASP J 97 10.85 177.54 -113.88
CA ASP J 97 11.02 176.11 -113.79
C ASP J 97 11.58 175.82 -112.40
N HIS J 98 12.46 176.71 -111.94
CA HIS J 98 13.14 176.55 -110.66
C HIS J 98 12.21 176.67 -109.44
N GLU J 99 11.10 177.36 -109.59
CA GLU J 99 10.15 177.49 -108.48
C GLU J 99 9.37 176.19 -108.28
N SER J 100 8.85 175.62 -109.36
CA SER J 100 8.12 174.37 -109.29
C SER J 100 9.03 173.21 -108.89
N ARG J 101 10.33 173.38 -109.12
CA ARG J 101 11.31 172.37 -108.75
C ARG J 101 11.64 172.42 -107.26
N ILE J 102 11.79 173.64 -106.72
CA ILE J 102 12.15 173.83 -105.32
C ILE J 102 10.94 173.65 -104.40
N THR J 103 9.76 174.09 -104.86
CA THR J 103 8.53 173.91 -104.10
C THR J 103 8.18 172.42 -104.05
N ALA J 104 8.60 171.68 -105.08
CA ALA J 104 8.48 170.24 -105.08
C ALA J 104 9.57 169.65 -104.22
N ASN J 105 10.71 170.32 -104.20
CA ASN J 105 11.85 169.93 -103.37
C ASN J 105 11.63 170.21 -101.90
N THR J 106 10.76 171.17 -101.59
CA THR J 106 10.49 171.49 -100.19
C THR J 106 9.34 170.67 -99.55
N LYS J 107 8.50 170.03 -100.36
CA LYS J 107 7.46 169.14 -99.83
C LYS J 107 7.78 167.63 -99.77
N ALA J 108 8.83 167.19 -100.47
CA ALA J 108 9.29 165.80 -100.43
C ALA J 108 10.19 165.59 -99.22
N ILE J 109 10.98 166.61 -98.87
CA ILE J 109 11.84 166.58 -97.68
C ILE J 109 10.97 166.54 -96.43
N THR J 110 9.82 167.18 -96.52
CA THR J 110 8.89 167.27 -95.40
C THR J 110 8.11 165.97 -95.25
N ALA J 111 7.88 165.30 -96.37
CA ALA J 111 7.20 164.01 -96.35
C ALA J 111 8.16 162.87 -96.03
N LEU J 112 9.46 163.11 -96.24
CA LEU J 112 10.50 162.16 -95.86
C LEU J 112 10.87 162.28 -94.40
N ASN J 113 10.67 163.47 -93.84
CA ASN J 113 10.91 163.69 -92.42
C ASN J 113 9.95 162.82 -91.62
N VAL J 114 8.73 162.70 -92.13
CA VAL J 114 7.70 161.86 -91.52
C VAL J 114 8.10 160.39 -91.47
N ARG J 115 8.41 159.81 -92.62
CA ARG J 115 8.72 158.39 -92.74
C ARG J 115 9.80 157.92 -91.76
N VAL J 116 10.84 158.73 -91.61
CA VAL J 116 11.95 158.39 -90.74
C VAL J 116 11.64 158.61 -89.26
N THR J 117 10.74 159.56 -88.97
CA THR J 117 10.29 159.79 -87.60
C THR J 117 9.38 158.66 -87.12
N THR J 118 8.47 158.25 -87.99
CA THR J 118 7.57 157.12 -87.72
C THR J 118 8.39 155.89 -87.44
N ALA J 119 9.51 155.75 -88.15
CA ALA J 119 10.45 154.68 -87.94
C ALA J 119 11.20 154.91 -86.64
N GLU J 120 11.47 156.17 -86.31
CA GLU J 120 12.32 156.51 -85.16
C GLU J 120 11.73 156.25 -83.77
N GLY J 121 10.41 156.14 -83.68
CA GLY J 121 9.77 155.68 -82.46
C GLY J 121 9.40 154.21 -82.59
N GLU J 122 9.35 153.72 -83.82
CA GLU J 122 9.09 152.32 -84.08
C GLU J 122 10.23 151.47 -83.56
N ILE J 123 11.46 151.91 -83.80
CA ILE J 123 12.62 151.23 -83.23
C ILE J 123 12.62 151.28 -81.70
N ALA J 124 12.24 152.41 -81.13
CA ALA J 124 12.22 152.56 -79.68
C ALA J 124 11.12 151.72 -79.04
N SER J 125 9.94 151.70 -79.64
CA SER J 125 8.85 150.85 -79.17
C SER J 125 9.26 149.40 -79.37
N LEU J 126 9.96 149.13 -80.47
CA LEU J 126 10.51 147.81 -80.73
C LEU J 126 11.61 147.48 -79.74
N GLN J 127 12.49 148.45 -79.47
CA GLN J 127 13.54 148.27 -78.46
C GLN J 127 12.95 147.91 -77.10
N THR J 128 11.79 148.50 -76.80
CA THR J 128 11.05 148.19 -75.59
C THR J 128 10.52 146.76 -75.62
N ASN J 129 9.83 146.42 -76.70
CA ASN J 129 9.27 145.09 -76.90
C ASN J 129 10.37 144.03 -76.83
N VAL J 130 11.51 144.32 -77.44
CA VAL J 130 12.65 143.41 -77.40
C VAL J 130 13.20 143.28 -75.97
N SER J 131 13.22 144.39 -75.24
CA SER J 131 13.61 144.35 -73.83
C SER J 131 12.64 143.52 -72.98
N ALA J 132 11.35 143.78 -73.15
CA ALA J 132 10.30 143.09 -72.41
C ALA J 132 10.31 141.59 -72.72
N LEU J 133 10.63 141.27 -73.97
CA LEU J 133 10.68 139.89 -74.42
C LEU J 133 12.04 139.27 -74.08
N ASP J 134 13.01 140.12 -73.75
CA ASP J 134 14.29 139.64 -73.25
C ASP J 134 14.12 139.24 -71.80
N GLY J 135 13.16 139.87 -71.12
CA GLY J 135 12.85 139.54 -69.75
C GLY J 135 12.04 138.25 -69.65
N ARG J 136 11.09 138.08 -70.56
CA ARG J 136 10.23 136.90 -70.57
C ARG J 136 11.03 135.61 -70.77
N VAL J 137 12.09 135.69 -71.56
CA VAL J 137 12.95 134.53 -71.83
C VAL J 137 14.05 134.37 -70.78
N THR J 138 14.26 135.42 -69.98
CA THR J 138 15.14 135.32 -68.82
C THR J 138 14.39 134.55 -67.72
N THR J 139 13.09 134.83 -67.63
CA THR J 139 12.21 134.16 -66.67
C THR J 139 11.89 132.74 -67.12
N ALA J 140 11.62 132.57 -68.41
CA ALA J 140 11.22 131.28 -68.97
C ALA J 140 12.30 130.22 -68.89
N GLU J 141 13.56 130.62 -69.04
CA GLU J 141 14.67 129.68 -68.96
C GLU J 141 14.80 129.10 -67.55
N ASN J 142 14.55 129.94 -66.55
CA ASN J 142 14.66 129.53 -65.17
C ASN J 142 13.51 128.63 -64.76
N ASN J 143 12.36 128.82 -65.40
CA ASN J 143 11.19 127.99 -65.17
C ASN J 143 11.29 126.60 -65.81
N ILE J 144 12.10 126.50 -66.86
CA ILE J 144 12.42 125.20 -67.46
C ILE J 144 13.50 124.48 -66.64
N SER J 145 14.34 125.26 -65.96
CA SER J 145 15.40 124.71 -65.12
C SER J 145 14.85 124.19 -63.78
N ALA J 146 13.68 124.68 -63.39
CA ALA J 146 12.99 124.16 -62.21
C ALA J 146 12.27 122.87 -62.57
N LEU J 147 11.72 122.85 -63.78
CA LEU J 147 10.92 121.73 -64.25
C LEU J 147 11.78 120.54 -64.69
N GLN J 148 13.05 120.80 -64.99
CA GLN J 148 13.99 119.71 -65.23
C GLN J 148 14.50 119.16 -63.91
N ALA J 149 14.69 120.05 -62.93
CA ALA J 149 15.25 119.68 -61.64
C ALA J 149 14.32 118.79 -60.80
N ASP J 150 13.01 119.00 -60.92
CA ASP J 150 12.04 118.12 -60.26
C ASP J 150 11.81 116.82 -61.03
N VAL J 151 11.69 116.92 -62.35
CA VAL J 151 11.46 115.75 -63.20
C VAL J 151 12.64 114.78 -63.10
N ASP J 152 13.83 115.32 -62.82
CA ASP J 152 15.00 114.48 -62.57
C ASP J 152 14.98 113.83 -61.20
N ASP J 153 14.40 114.52 -60.22
CA ASP J 153 14.22 113.93 -58.90
C ASP J 153 13.09 112.92 -58.97
N HIS J 154 12.10 113.20 -59.81
CA HIS J 154 11.04 112.24 -60.11
C HIS J 154 11.68 110.97 -60.66
N GLU J 155 12.41 111.12 -61.76
CA GLU J 155 13.07 110.00 -62.44
C GLU J 155 14.01 109.22 -61.52
N SER J 156 14.53 109.90 -60.49
CA SER J 156 15.31 109.23 -59.46
C SER J 156 14.41 108.38 -58.57
N ARG J 157 13.19 108.85 -58.32
CA ARG J 157 12.28 108.13 -57.43
C ARG J 157 11.26 107.22 -58.12
N ILE J 158 11.18 107.26 -59.44
CA ILE J 158 10.34 106.29 -60.14
C ILE J 158 11.14 104.99 -60.27
N THR J 159 12.41 105.17 -60.60
CA THR J 159 13.38 104.07 -60.68
C THR J 159 13.50 103.38 -59.32
N ALA J 160 13.51 104.17 -58.26
CA ALA J 160 13.57 103.65 -56.90
C ALA J 160 12.33 102.83 -56.57
N ASN J 161 11.19 103.18 -57.17
CA ASN J 161 9.97 102.41 -57.00
C ASN J 161 10.04 101.05 -57.69
N THR J 162 10.35 101.07 -58.99
CA THR J 162 10.38 99.86 -59.80
C THR J 162 11.51 98.91 -59.40
N LYS J 163 12.55 99.46 -58.77
CA LYS J 163 13.67 98.65 -58.31
C LYS J 163 13.28 97.84 -57.07
N ALA J 164 12.38 98.39 -56.27
CA ALA J 164 11.94 97.73 -55.04
C ALA J 164 10.71 96.83 -55.26
N ILE J 165 10.06 96.95 -56.42
CA ILE J 165 8.94 96.10 -56.76
C ILE J 165 9.45 94.73 -57.25
N THR J 166 10.61 94.75 -57.91
CA THR J 166 11.21 93.55 -58.48
C THR J 166 11.88 92.66 -57.43
N ALA J 167 12.33 93.27 -56.33
CA ALA J 167 12.91 92.53 -55.22
C ALA J 167 11.79 92.11 -54.27
N LEU J 168 10.58 92.51 -54.61
CA LEU J 168 9.39 92.19 -53.84
C LEU J 168 8.81 90.89 -54.38
N ASN J 169 8.44 90.91 -55.66
CA ASN J 169 7.95 89.73 -56.36
C ASN J 169 8.91 88.54 -56.26
N VAL J 170 10.20 88.84 -56.09
CA VAL J 170 11.20 87.82 -55.81
C VAL J 170 11.08 87.32 -54.36
N ARG J 171 10.96 88.24 -53.42
CA ARG J 171 10.90 87.88 -52.00
C ARG J 171 9.51 87.42 -51.55
N VAL J 172 8.47 87.92 -52.20
CA VAL J 172 7.11 87.49 -51.90
C VAL J 172 6.89 86.04 -52.33
N THR J 173 7.59 85.62 -53.37
CA THR J 173 7.53 84.23 -53.83
C THR J 173 8.68 83.38 -53.25
N THR J 174 9.52 83.99 -52.41
CA THR J 174 10.37 83.20 -51.53
C THR J 174 9.45 82.62 -50.46
N ALA J 175 8.50 83.44 -50.03
CA ALA J 175 7.52 83.06 -49.01
C ALA J 175 6.49 82.05 -49.52
N GLU J 176 5.87 82.35 -50.66
CA GLU J 176 4.78 81.54 -51.19
C GLU J 176 5.15 80.08 -51.45
N GLY J 177 6.44 79.83 -51.68
CA GLY J 177 6.93 78.48 -51.87
C GLY J 177 7.24 77.79 -50.55
N GLU J 178 7.56 78.59 -49.53
CA GLU J 178 7.79 78.07 -48.19
C GLU J 178 6.45 77.78 -47.50
N ILE J 179 5.41 78.46 -47.95
CA ILE J 179 4.07 78.28 -47.39
C ILE J 179 3.43 76.99 -47.90
N ALA J 180 3.50 76.76 -49.20
CA ALA J 180 2.91 75.57 -49.80
C ALA J 180 3.70 74.31 -49.41
N SER J 181 4.91 74.50 -48.93
CA SER J 181 5.72 73.38 -48.45
C SER J 181 5.28 72.97 -47.04
N LEU J 182 4.75 73.94 -46.28
CA LEU J 182 4.22 73.65 -44.95
C LEU J 182 2.75 73.25 -45.01
N GLN J 183 2.11 73.51 -46.15
CA GLN J 183 0.71 73.12 -46.37
C GLN J 183 0.65 71.68 -46.86
N THR J 184 1.83 71.08 -46.95
CA THR J 184 2.00 69.66 -47.23
C THR J 184 2.30 68.93 -45.92
N ASN J 185 3.42 69.30 -45.30
CA ASN J 185 3.91 68.65 -44.09
C ASN J 185 2.94 68.55 -42.90
N VAL J 186 2.20 69.62 -42.61
CA VAL J 186 1.25 69.58 -41.49
C VAL J 186 -0.11 69.05 -41.93
N SER J 187 -0.27 68.87 -43.23
CA SER J 187 -1.33 68.00 -43.75
C SER J 187 -0.83 66.56 -43.65
N ALA J 188 0.49 66.40 -43.72
CA ALA J 188 1.13 65.10 -43.54
C ALA J 188 1.26 64.73 -42.07
N LEU J 189 1.64 65.70 -41.25
CA LEU J 189 1.69 65.52 -39.79
C LEU J 189 0.32 65.12 -39.27
N ASP J 190 -0.70 65.73 -39.86
CA ASP J 190 -2.09 65.45 -39.52
C ASP J 190 -2.45 63.99 -39.83
N GLY J 191 -2.28 63.60 -41.09
CA GLY J 191 -2.66 62.28 -41.56
C GLY J 191 -2.08 61.14 -40.76
N ARG J 192 -0.81 61.29 -40.38
CA ARG J 192 -0.17 60.33 -39.50
C ARG J 192 -0.78 60.41 -38.10
N VAL J 193 -0.89 61.64 -37.58
CA VAL J 193 -1.45 61.86 -36.24
C VAL J 193 -2.89 61.38 -36.11
N THR J 194 -3.72 61.66 -37.11
CA THR J 194 -5.14 61.34 -37.03
C THR J 194 -5.42 59.84 -37.18
N THR J 195 -4.53 59.14 -37.90
CA THR J 195 -4.61 57.69 -38.02
C THR J 195 -4.00 57.05 -36.77
N ALA J 196 -3.00 57.71 -36.20
CA ALA J 196 -2.40 57.25 -34.94
C ALA J 196 -3.38 57.50 -33.79
N GLU J 197 -4.13 58.59 -33.89
CA GLU J 197 -5.13 58.91 -32.89
C GLU J 197 -6.32 57.95 -32.94
N ASN J 198 -6.58 57.40 -34.12
CA ASN J 198 -7.64 56.39 -34.28
C ASN J 198 -7.20 55.01 -33.80
N ASN J 199 -5.92 54.70 -33.99
CA ASN J 199 -5.38 53.42 -33.54
C ASN J 199 -5.22 53.36 -32.02
N ILE J 200 -5.09 54.53 -31.40
CA ILE J 200 -5.09 54.62 -29.94
C ILE J 200 -6.52 54.50 -29.43
N SER J 201 -7.44 55.12 -30.15
CA SER J 201 -8.88 55.03 -29.83
C SER J 201 -9.33 53.56 -29.80
N ALA J 202 -9.00 52.82 -30.85
CA ALA J 202 -9.36 51.41 -30.94
C ALA J 202 -8.67 50.58 -29.86
N LEU J 203 -7.54 51.07 -29.37
CA LEU J 203 -6.80 50.36 -28.34
C LEU J 203 -7.27 50.75 -26.94
N GLN J 204 -8.05 51.81 -26.83
CA GLN J 204 -8.60 52.22 -25.54
C GLN J 204 -9.85 51.43 -25.14
N ALA J 205 -10.60 50.98 -26.14
CA ALA J 205 -11.78 50.17 -25.90
C ALA J 205 -11.43 48.70 -25.67
N ASP J 206 -10.50 48.19 -26.45
CA ASP J 206 -10.20 46.76 -26.48
C ASP J 206 -9.02 46.28 -25.64
N TYR J 207 -8.34 47.19 -24.95
CA TYR J 207 -7.15 46.79 -24.20
C TYR J 207 -7.45 46.23 -22.81
N VAL J 208 -6.93 45.04 -22.53
CA VAL J 208 -7.06 44.45 -21.21
C VAL J 208 -6.14 45.19 -20.24
N SER J 209 -6.72 45.63 -19.13
CA SER J 209 -6.00 46.44 -18.16
C SER J 209 -5.84 45.71 -16.84
N LYS J 210 -4.71 45.92 -16.18
CA LYS J 210 -4.51 45.35 -14.85
C LYS J 210 -4.84 46.34 -13.74
N THR J 211 -5.23 47.55 -14.10
CA THR J 211 -5.67 48.52 -13.09
C THR J 211 -7.19 48.66 -12.91
N ALA J 212 -8.01 48.00 -13.74
CA ALA J 212 -9.44 48.26 -13.64
C ALA J 212 -10.11 47.38 -12.61
N THR J 213 -11.37 47.69 -12.28
CA THR J 213 -12.16 46.85 -11.39
C THR J 213 -13.22 46.01 -12.10
N THR J 214 -13.40 46.24 -13.40
CA THR J 214 -14.49 45.63 -14.13
C THR J 214 -14.04 44.33 -14.77
N SER J 215 -14.88 43.30 -14.72
CA SER J 215 -14.56 42.03 -15.35
C SER J 215 -14.31 42.27 -16.84
N GLN J 216 -13.12 41.90 -17.30
CA GLN J 216 -12.70 42.14 -18.68
C GLN J 216 -12.81 40.82 -19.42
N SER J 217 -13.64 40.78 -20.46
CA SER J 217 -13.98 39.51 -21.07
C SER J 217 -13.21 39.24 -22.34
N LEU J 218 -12.29 38.27 -22.28
CA LEU J 218 -11.56 37.83 -23.45
C LEU J 218 -12.52 37.13 -24.41
N ALA J 219 -12.34 37.35 -25.71
CA ALA J 219 -13.16 36.68 -26.70
C ALA J 219 -12.44 35.43 -27.21
N SER J 220 -11.29 35.13 -26.61
CA SER J 220 -10.54 33.93 -26.96
C SER J 220 -9.97 33.26 -25.71
N PRO J 221 -9.73 31.95 -25.79
CA PRO J 221 -9.04 31.25 -24.70
C PRO J 221 -7.68 31.88 -24.36
N LEU J 222 -7.32 31.83 -23.08
CA LEU J 222 -6.07 32.40 -22.59
C LEU J 222 -5.12 31.27 -22.20
N ASN J 223 -3.82 31.51 -22.34
CA ASN J 223 -2.78 30.58 -21.89
C ASN J 223 -1.70 31.41 -21.18
N VAL J 224 -0.99 30.79 -20.24
CA VAL J 224 0.09 31.48 -19.51
C VAL J 224 1.31 30.57 -19.34
N THR J 225 2.46 31.16 -19.08
CA THR J 225 3.74 30.45 -18.99
C THR J 225 3.92 29.46 -17.83
N THR J 226 3.49 29.83 -16.62
CA THR J 226 3.91 29.12 -15.41
C THR J 226 2.78 28.70 -14.45
N SER J 227 2.12 29.66 -13.81
CA SER J 227 1.14 29.31 -12.79
C SER J 227 -0.06 30.20 -12.80
N TYR J 228 -0.97 30.00 -11.85
CA TYR J 228 -2.17 30.82 -11.73
C TYR J 228 -2.38 31.35 -10.32
N SER J 229 -2.97 32.54 -10.20
CA SER J 229 -3.19 33.15 -8.93
C SER J 229 -4.50 33.92 -8.92
N VAL J 230 -5.11 33.92 -7.73
CA VAL J 230 -6.24 34.78 -7.41
C VAL J 230 -5.97 35.30 -6.01
N GLY J 231 -5.98 36.62 -5.86
CA GLY J 231 -5.72 37.24 -4.58
C GLY J 231 -4.31 36.99 -4.08
N GLY J 232 -3.40 36.71 -5.02
CA GLY J 232 -2.00 36.51 -4.68
C GLY J 232 -1.60 35.08 -4.37
N LYS J 233 -2.55 34.14 -4.44
CA LYS J 233 -2.26 32.75 -4.11
C LYS J 233 -2.38 31.81 -5.31
N LYS J 234 -1.42 30.89 -5.43
CA LYS J 234 -1.37 29.97 -6.57
C LYS J 234 -2.54 28.97 -6.57
N VAL J 235 -3.23 28.85 -7.70
CA VAL J 235 -4.43 28.01 -7.79
C VAL J 235 -4.33 26.86 -8.79
N VAL J 236 -4.16 27.18 -10.07
CA VAL J 236 -3.94 26.16 -11.09
C VAL J 236 -2.43 26.01 -11.28
N GLY J 237 -2.01 25.15 -12.20
CA GLY J 237 -0.60 24.95 -12.47
C GLY J 237 -0.38 24.05 -13.66
N ALA J 238 0.88 23.74 -13.96
CA ALA J 238 1.21 22.88 -15.09
C ALA J 238 0.65 21.47 -14.87
N ARG J 239 0.09 20.89 -15.93
CA ARG J 239 -0.54 19.59 -15.84
C ARG J 239 0.39 18.51 -15.32
N GLN J 240 -0.04 17.85 -14.25
CA GLN J 240 0.71 16.75 -13.66
C GLN J 240 0.39 15.47 -14.43
N THR J 241 1.40 14.66 -14.71
CA THR J 241 1.22 13.46 -15.54
C THR J 241 1.21 12.18 -14.72
N GLY J 242 1.03 11.05 -15.41
CA GLY J 242 1.06 9.75 -14.76
C GLY J 242 -0.31 9.19 -14.45
N TRP J 243 -1.32 10.06 -14.52
CA TRP J 243 -2.69 9.66 -14.23
C TRP J 243 -3.17 8.55 -15.17
N THR J 244 -3.65 7.46 -14.59
CA THR J 244 -4.17 6.33 -15.37
C THR J 244 -5.68 6.23 -15.13
N ALA J 245 -6.45 6.42 -16.21
CA ALA J 245 -7.90 6.54 -16.13
C ALA J 245 -8.61 5.31 -15.57
N ALA J 246 -9.52 5.54 -14.63
CA ALA J 246 -10.29 4.46 -14.03
C ALA J 246 -11.72 4.47 -14.56
N THR J 247 -12.05 3.46 -15.36
CA THR J 247 -13.40 3.33 -15.90
C THR J 247 -14.37 2.79 -14.88
N GLY J 248 -15.63 3.20 -15.02
CA GLY J 248 -16.74 2.69 -14.23
C GLY J 248 -17.95 3.59 -14.45
N THR J 249 -19.13 3.10 -14.10
CA THR J 249 -20.34 3.91 -14.12
C THR J 249 -20.22 5.04 -13.10
N ALA J 250 -20.77 6.20 -13.41
CA ALA J 250 -20.63 7.33 -12.49
C ALA J 250 -21.84 7.56 -11.58
N ASN J 251 -21.59 7.77 -10.29
CA ASN J 251 -22.64 8.25 -9.42
C ASN J 251 -22.43 9.75 -9.17
N LYS J 252 -23.23 10.55 -9.84
CA LYS J 252 -23.21 12.00 -9.69
C LYS J 252 -24.28 12.42 -8.69
N GLY J 253 -25.13 11.47 -8.34
CA GLY J 253 -26.36 11.78 -7.64
C GLY J 253 -26.25 11.80 -6.13
N VAL J 254 -27.37 11.46 -5.48
CA VAL J 254 -27.49 11.53 -4.04
C VAL J 254 -26.37 10.79 -3.32
N PHE J 255 -25.72 11.49 -2.39
CA PHE J 255 -24.60 10.95 -1.63
C PHE J 255 -24.61 11.64 -0.28
N ASP J 256 -24.21 10.93 0.77
CA ASP J 256 -24.41 11.45 2.12
C ASP J 256 -23.36 10.98 3.10
N ALA J 257 -23.49 11.42 4.33
CA ALA J 257 -22.77 10.82 5.43
C ALA J 257 -23.79 10.18 6.34
N ASP J 258 -23.85 8.85 6.31
CA ASP J 258 -24.85 8.14 7.08
C ASP J 258 -24.22 7.28 8.15
N LEU J 259 -25.06 6.61 8.93
CA LEU J 259 -24.58 5.78 10.01
C LEU J 259 -24.46 4.32 9.58
N THR J 260 -23.36 3.69 9.96
CA THR J 260 -23.24 2.24 9.84
C THR J 260 -24.02 1.68 11.01
N PHE J 261 -25.07 0.93 10.70
CA PHE J 261 -26.13 0.69 11.68
C PHE J 261 -26.40 -0.76 12.06
N ALA J 262 -27.08 -0.91 13.21
CA ALA J 262 -27.49 -2.20 13.75
C ALA J 262 -26.32 -3.05 14.22
N VAL J 263 -25.09 -2.56 14.02
CA VAL J 263 -23.87 -3.31 14.32
C VAL J 263 -23.91 -3.78 15.77
N SER J 264 -23.74 -5.08 15.95
CA SER J 264 -23.96 -5.72 17.23
C SER J 264 -23.14 -7.00 17.36
N ASP J 265 -23.44 -7.77 18.40
CA ASP J 265 -22.78 -9.05 18.64
C ASP J 265 -23.26 -10.12 17.67
N THR J 266 -24.38 -9.85 17.01
CA THR J 266 -24.92 -10.77 16.00
C THR J 266 -24.35 -10.49 14.62
N TYR J 267 -24.03 -11.56 13.89
CA TYR J 267 -23.44 -11.50 12.55
C TYR J 267 -24.20 -10.49 11.68
N THR J 268 -25.44 -10.83 11.36
CA THR J 268 -26.30 -9.97 10.53
C THR J 268 -25.71 -9.67 9.15
N GLN J 269 -25.77 -10.67 8.26
CA GLN J 269 -25.32 -10.54 6.88
C GLN J 269 -25.84 -9.25 6.22
N SER J 270 -27.08 -8.89 6.53
CA SER J 270 -27.67 -7.66 6.03
C SER J 270 -26.91 -6.40 6.44
N GLU J 271 -26.31 -6.43 7.64
CA GLU J 271 -25.55 -5.28 8.15
C GLU J 271 -24.27 -5.04 7.37
N ILE J 272 -23.65 -6.12 6.90
CA ILE J 272 -22.46 -6.02 6.07
C ILE J 272 -22.86 -5.84 4.61
N GLN J 273 -24.15 -5.99 4.32
CA GLN J 273 -24.68 -5.68 2.99
C GLN J 273 -24.86 -4.19 2.82
N ALA J 274 -25.03 -3.49 3.94
CA ALA J 274 -25.07 -2.03 3.91
C ALA J 274 -23.67 -1.42 3.86
N ILE J 275 -22.68 -2.13 4.37
CA ILE J 275 -21.31 -1.62 4.49
C ILE J 275 -20.60 -1.40 3.16
N ALA J 276 -20.53 -2.43 2.34
CA ALA J 276 -19.83 -2.35 1.06
C ALA J 276 -20.76 -1.83 -0.03
N ASN J 277 -22.01 -1.56 0.34
CA ASN J 277 -22.96 -0.87 -0.53
C ASN J 277 -22.65 0.62 -0.56
N ALA J 278 -22.36 1.18 0.61
CA ALA J 278 -21.96 2.57 0.73
C ALA J 278 -20.49 2.74 0.36
N LEU J 279 -19.72 1.67 0.58
CA LEU J 279 -18.32 1.67 0.18
C LEU J 279 -18.19 1.61 -1.34
N ILE J 280 -19.06 0.83 -1.99
CA ILE J 280 -19.01 0.77 -3.44
C ILE J 280 -19.51 2.07 -4.08
N THR J 281 -20.54 2.69 -3.48
CA THR J 281 -21.06 3.97 -3.98
C THR J 281 -20.07 5.08 -3.65
N GLU J 282 -19.16 4.78 -2.72
CA GLU J 282 -18.09 5.70 -2.36
C GLU J 282 -17.10 5.84 -3.50
N ARG J 283 -16.61 4.69 -3.97
CA ARG J 283 -15.61 4.67 -5.03
C ARG J 283 -16.21 5.05 -6.37
N ARG J 284 -17.54 5.06 -6.45
CA ARG J 284 -18.21 5.47 -7.67
C ARG J 284 -18.26 7.00 -7.80
N ARG J 285 -18.06 7.69 -6.69
CA ARG J 285 -17.88 9.14 -6.68
C ARG J 285 -16.46 9.51 -7.10
N THR J 286 -15.49 8.83 -6.47
CA THR J 286 -14.07 9.19 -6.54
C THR J 286 -13.51 9.11 -7.96
N LYS J 287 -14.20 8.40 -8.84
CA LYS J 287 -13.87 8.42 -10.26
C LYS J 287 -14.78 9.35 -11.06
N ALA J 288 -15.78 9.94 -10.42
CA ALA J 288 -16.58 10.96 -11.06
C ALA J 288 -15.89 12.29 -10.85
N LEU J 289 -14.91 12.29 -9.95
CA LEU J 289 -14.04 13.43 -9.74
C LEU J 289 -12.91 13.33 -10.77
N GLU J 290 -12.75 12.15 -11.35
CA GLU J 290 -11.80 11.91 -12.43
C GLU J 290 -12.47 12.19 -13.77
N ASP J 291 -13.79 12.33 -13.74
CA ASP J 291 -14.55 12.71 -14.93
C ASP J 291 -14.71 14.23 -14.92
N ALA J 292 -14.17 14.86 -13.90
CA ALA J 292 -14.21 16.31 -13.75
C ALA J 292 -12.81 16.89 -13.92
N LEU J 293 -11.92 16.48 -13.01
CA LEU J 293 -10.53 16.92 -13.03
C LEU J 293 -9.85 16.64 -14.38
N ARG J 294 -10.30 15.61 -15.08
CA ARG J 294 -9.74 15.28 -16.38
C ARG J 294 -10.30 16.11 -17.54
N ALA J 295 -11.61 16.32 -17.56
CA ALA J 295 -12.26 17.02 -18.67
C ALA J 295 -11.78 18.45 -18.78
N HIS J 296 -11.60 19.10 -17.63
CA HIS J 296 -11.02 20.43 -17.60
C HIS J 296 -9.54 20.37 -17.97
N GLY J 297 -8.86 19.31 -17.55
CA GLY J 297 -7.44 19.19 -17.79
C GLY J 297 -6.49 19.40 -16.62
N LEU J 298 -7.01 19.37 -15.40
CA LEU J 298 -6.15 19.39 -14.22
C LEU J 298 -5.24 18.15 -14.18
N ILE J 299 -5.74 17.04 -14.72
CA ILE J 299 -4.99 15.78 -14.72
C ILE J 299 -5.06 15.06 -16.07
N ASP J 300 -4.00 14.33 -16.39
CA ASP J 300 -3.96 13.48 -17.58
C ASP J 300 -3.33 12.13 -17.29
N MET K 12 32.26 210.68 -125.95
CA MET K 12 31.66 211.56 -124.95
C MET K 12 30.53 212.38 -125.58
N ALA K 13 30.24 213.52 -124.95
CA ALA K 13 29.37 214.52 -125.53
C ALA K 13 30.19 215.74 -125.84
N ASP K 14 29.91 216.39 -126.96
CA ASP K 14 30.73 217.52 -127.41
C ASP K 14 30.07 218.86 -127.11
N PRO K 15 30.65 219.62 -126.16
CA PRO K 15 30.12 220.93 -125.75
C PRO K 15 30.28 221.99 -126.83
N SER K 16 31.16 221.73 -127.80
CA SER K 16 31.42 222.70 -128.87
C SER K 16 30.17 222.99 -129.69
N LEU K 17 29.29 222.00 -129.80
CA LEU K 17 28.03 222.16 -130.53
C LEU K 17 27.04 223.04 -129.77
N ASN K 18 27.16 223.05 -128.46
CA ASN K 18 26.22 223.76 -127.59
C ASN K 18 26.34 225.28 -127.67
N ASN K 19 27.56 225.77 -127.85
CA ASN K 19 27.81 227.20 -127.91
C ASN K 19 27.43 227.78 -129.27
N PRO K 20 26.44 228.69 -129.29
CA PRO K 20 25.93 229.26 -130.54
C PRO K 20 26.94 230.18 -131.22
N VAL K 21 26.72 230.47 -132.49
CA VAL K 21 27.60 231.33 -133.25
C VAL K 21 27.25 232.79 -133.03
N VAL K 22 28.26 233.62 -132.84
CA VAL K 22 28.06 235.05 -132.68
C VAL K 22 28.20 235.76 -134.03
N ILE K 23 27.17 236.47 -134.43
CA ILE K 23 27.15 237.13 -135.73
C ILE K 23 27.23 238.65 -135.61
N GLN K 24 28.04 239.27 -136.47
CA GLN K 24 28.15 240.73 -136.54
C GLN K 24 26.97 241.32 -137.30
N ALA K 25 26.44 240.54 -138.25
CA ALA K 25 25.39 241.01 -139.14
C ALA K 25 24.12 241.44 -138.40
N THR K 26 23.64 242.64 -138.75
CA THR K 26 22.49 243.25 -138.12
C THR K 26 21.29 243.09 -139.05
N ARG K 27 20.09 242.95 -138.48
CA ARG K 27 18.89 242.79 -139.31
C ARG K 27 18.77 243.91 -140.35
N LEU K 28 18.46 243.54 -141.60
CA LEU K 28 18.41 244.52 -142.68
C LEU K 28 17.25 245.48 -142.47
N ASP K 29 17.56 246.77 -142.44
CA ASP K 29 16.54 247.79 -142.32
C ASP K 29 16.19 248.32 -143.70
N ALA K 30 14.91 248.63 -143.91
CA ALA K 30 14.41 249.03 -145.22
C ALA K 30 15.10 250.26 -145.82
N SER K 31 15.48 251.19 -144.96
CA SER K 31 16.02 252.48 -145.36
C SER K 31 17.31 252.40 -146.20
N ILE K 32 18.22 251.54 -145.78
CA ILE K 32 19.54 251.43 -146.39
C ILE K 32 19.50 250.96 -147.85
N LEU K 33 18.45 250.22 -148.20
CA LEU K 33 18.33 249.68 -149.56
C LEU K 33 18.14 250.77 -150.62
N PRO K 34 19.11 250.88 -151.54
CA PRO K 34 19.04 251.87 -152.61
C PRO K 34 17.85 251.61 -153.51
N ARG K 35 17.07 252.64 -153.83
CA ARG K 35 15.96 252.45 -154.74
C ARG K 35 16.40 252.78 -156.18
N ASN K 36 15.51 252.49 -157.13
CA ASN K 36 15.69 252.84 -158.56
C ASN K 36 16.83 252.15 -159.33
N VAL K 37 17.74 251.45 -158.66
CA VAL K 37 18.61 250.49 -159.36
C VAL K 37 18.12 249.05 -159.20
N PHE K 38 17.14 248.85 -158.32
CA PHE K 38 16.77 247.50 -157.92
C PHE K 38 15.33 247.14 -158.26
N SER K 39 15.17 246.00 -158.90
CA SER K 39 13.85 245.50 -159.27
C SER K 39 12.97 245.34 -158.05
N LYS K 40 11.68 245.56 -158.23
CA LYS K 40 10.68 245.34 -157.20
C LYS K 40 10.80 243.90 -156.71
N SER K 41 11.02 242.98 -157.65
CA SER K 41 11.21 241.58 -157.34
C SER K 41 12.50 241.39 -156.55
N TYR K 42 13.54 242.10 -156.97
CA TYR K 42 14.85 242.02 -156.30
C TYR K 42 14.81 242.70 -154.93
N LEU K 43 13.95 243.71 -154.82
CA LEU K 43 13.67 244.35 -153.54
C LEU K 43 13.18 243.31 -152.54
N LEU K 44 12.09 242.63 -152.87
CA LEU K 44 11.49 241.62 -152.00
C LEU K 44 12.46 240.50 -151.65
N TYR K 45 13.22 240.06 -152.64
CA TYR K 45 14.16 238.95 -152.48
C TYR K 45 15.19 239.22 -151.39
N VAL K 46 15.93 240.31 -151.56
CA VAL K 46 17.04 240.64 -150.66
C VAL K 46 16.57 240.82 -149.21
N ILE K 47 15.39 241.41 -149.05
CA ILE K 47 14.76 241.49 -147.74
C ILE K 47 14.48 240.08 -147.23
N ALA K 48 13.76 239.31 -148.04
CA ALA K 48 13.38 237.95 -147.69
C ALA K 48 14.58 237.03 -147.48
N GLN K 49 15.66 237.26 -148.23
CA GLN K 49 16.86 236.44 -148.09
C GLN K 49 17.60 236.78 -146.79
N GLY K 50 17.42 238.00 -146.28
CA GLY K 50 18.05 238.40 -145.04
C GLY K 50 17.34 237.88 -143.80
N THR K 51 16.02 237.72 -143.91
CA THR K 51 15.23 237.15 -142.82
C THR K 51 15.49 235.65 -142.70
N ASP K 52 15.56 234.98 -143.84
CA ASP K 52 15.89 233.56 -143.88
C ASP K 52 17.25 233.33 -143.23
N VAL K 53 18.26 234.04 -143.70
CA VAL K 53 19.61 233.98 -143.13
C VAL K 53 19.59 234.35 -141.64
N GLY K 54 18.55 235.06 -141.21
CA GLY K 54 18.34 235.29 -139.79
C GLY K 54 17.90 234.01 -139.09
N ALA K 55 17.03 233.24 -139.75
CA ALA K 55 16.46 232.04 -139.14
C ALA K 55 17.19 230.72 -139.44
N ILE K 56 18.12 230.73 -140.39
CA ILE K 56 18.90 229.53 -140.70
C ILE K 56 20.11 229.48 -139.77
N ALA K 57 20.33 230.60 -139.08
CA ALA K 57 21.30 230.65 -138.00
C ALA K 57 20.67 229.92 -136.81
N GLY K 58 19.57 230.48 -136.31
CA GLY K 58 18.87 229.91 -135.16
C GLY K 58 18.55 228.43 -135.29
N LYS K 59 18.12 228.01 -136.47
CA LYS K 59 17.71 226.62 -136.69
C LYS K 59 18.90 225.66 -136.70
N ALA K 60 20.09 226.18 -136.99
CA ALA K 60 21.30 225.39 -136.86
C ALA K 60 21.89 225.53 -135.46
N ASN K 61 21.42 226.53 -134.71
CA ASN K 61 21.78 226.69 -133.30
C ASN K 61 21.09 225.64 -132.42
N GLU K 62 19.76 225.57 -132.55
CA GLU K 62 18.96 224.67 -131.74
C GLU K 62 19.11 223.22 -132.18
N ALA K 63 19.72 223.02 -133.34
CA ALA K 63 20.08 221.68 -133.79
C ALA K 63 21.48 221.33 -133.30
N GLY K 64 22.18 222.33 -132.77
CA GLY K 64 23.46 222.12 -132.10
C GLY K 64 23.28 221.90 -130.62
N GLN K 65 22.17 222.43 -130.09
CA GLN K 65 21.75 222.13 -128.72
C GLN K 65 21.08 220.77 -128.68
N GLY K 66 20.17 220.54 -129.62
CA GLY K 66 19.44 219.29 -129.71
C GLY K 66 20.33 218.10 -129.97
N ALA K 67 21.47 218.36 -130.62
CA ALA K 67 22.45 217.31 -130.87
C ALA K 67 23.25 217.01 -129.60
N TYR K 68 23.71 218.06 -128.93
CA TYR K 68 24.38 217.93 -127.64
C TYR K 68 23.47 217.21 -126.64
N ASP K 69 22.19 217.59 -126.66
CA ASP K 69 21.19 217.03 -125.76
C ASP K 69 20.94 215.54 -125.96
N ALA K 70 21.12 215.06 -127.19
CA ALA K 70 20.97 213.63 -127.47
C ALA K 70 22.24 212.83 -127.15
N GLN K 71 23.36 213.56 -127.02
CA GLN K 71 24.66 212.98 -126.67
C GLN K 71 24.93 212.73 -125.18
N VAL K 72 24.51 213.67 -124.31
CA VAL K 72 24.72 213.51 -122.86
C VAL K 72 23.91 212.38 -122.20
N LYS K 73 22.67 212.17 -122.60
CA LYS K 73 21.92 211.05 -122.03
C LYS K 73 22.49 209.70 -122.47
N ASN K 74 22.94 209.62 -123.72
CA ASN K 74 23.59 208.42 -124.20
C ASN K 74 24.95 208.21 -123.53
N ASP K 75 25.48 209.26 -122.92
CA ASP K 75 26.70 209.15 -122.12
C ASP K 75 26.28 208.77 -120.69
N GLU K 76 24.99 208.86 -120.45
CA GLU K 76 24.36 208.46 -119.19
C GLU K 76 23.71 207.08 -119.36
N GLN K 77 22.81 206.97 -120.34
CA GLN K 77 22.22 205.68 -120.68
C GLN K 77 23.23 204.55 -120.88
N ASP K 78 24.46 204.88 -121.29
CA ASP K 78 25.48 203.86 -121.53
C ASP K 78 26.05 203.22 -120.27
N VAL K 79 26.15 203.99 -119.19
CA VAL K 79 26.64 203.42 -117.92
C VAL K 79 25.51 202.63 -117.23
N GLU K 80 24.26 203.02 -117.47
CA GLU K 80 23.11 202.27 -116.96
C GLU K 80 22.96 200.95 -117.70
N LEU K 81 23.37 200.96 -118.97
CA LEU K 81 23.41 199.75 -119.78
C LEU K 81 24.58 198.86 -119.34
N ALA K 82 25.58 199.49 -118.74
CA ALA K 82 26.72 198.75 -118.22
C ALA K 82 26.37 198.07 -116.91
N ASP K 83 25.52 198.70 -116.10
CA ASP K 83 25.06 198.10 -114.85
C ASP K 83 23.92 197.10 -115.02
N HIS K 84 23.08 197.32 -116.03
CA HIS K 84 22.06 196.34 -116.39
C HIS K 84 22.76 195.09 -116.92
N GLU K 85 23.97 195.27 -117.44
CA GLU K 85 24.77 194.17 -117.95
C GLU K 85 25.48 193.40 -116.84
N ALA K 86 25.85 194.10 -115.77
CA ALA K 86 26.53 193.48 -114.64
C ALA K 86 25.56 192.74 -113.72
N ARG K 87 24.33 193.23 -113.65
CA ARG K 87 23.30 192.57 -112.85
C ARG K 87 22.77 191.33 -113.55
N ILE K 88 22.49 191.45 -114.84
CA ILE K 88 22.00 190.33 -115.65
C ILE K 88 23.04 189.23 -115.67
N LYS K 89 24.31 189.62 -115.72
CA LYS K 89 25.40 188.67 -115.77
C LYS K 89 25.56 187.96 -114.42
N GLN K 90 25.29 188.67 -113.33
CA GLN K 90 25.39 188.10 -112.00
C GLN K 90 24.17 187.24 -111.71
N LEU K 91 23.09 187.52 -112.44
CA LEU K 91 21.80 186.87 -112.24
C LEU K 91 21.73 185.58 -113.06
N ARG K 92 22.80 185.29 -113.79
CA ARG K 92 22.89 184.08 -114.61
C ARG K 92 23.71 183.01 -113.90
N ILE K 93 24.98 183.33 -113.65
CA ILE K 93 25.87 182.43 -112.93
C ILE K 93 25.39 182.16 -111.49
N ASP K 94 24.42 182.94 -111.02
CA ASP K 94 23.73 182.63 -109.77
C ASP K 94 22.57 181.64 -109.96
N VAL K 95 22.05 181.57 -111.19
CA VAL K 95 20.99 180.61 -111.52
C VAL K 95 21.61 179.32 -112.07
N ASP K 96 22.91 179.39 -112.38
CA ASP K 96 23.65 178.19 -112.77
C ASP K 96 24.02 177.39 -111.53
N ASP K 97 24.20 178.10 -110.42
CA ASP K 97 24.47 177.47 -109.14
C ASP K 97 23.15 177.06 -108.49
N HIS K 98 22.05 177.34 -109.18
CA HIS K 98 20.75 176.79 -108.82
C HIS K 98 20.62 175.41 -109.45
N GLU K 99 20.65 175.39 -110.79
CA GLU K 99 20.47 174.17 -111.57
C GLU K 99 21.44 173.07 -111.14
N SER K 100 22.64 173.47 -110.70
CA SER K 100 23.61 172.53 -110.17
C SER K 100 23.24 172.09 -108.75
N ARG K 101 22.65 173.01 -107.99
CA ARG K 101 22.19 172.68 -106.63
C ARG K 101 20.76 172.13 -106.48
N ILE K 102 19.90 172.34 -107.48
CA ILE K 102 18.55 171.79 -107.43
C ILE K 102 18.56 170.32 -107.84
N THR K 103 19.28 170.05 -108.93
CA THR K 103 19.30 168.74 -109.53
C THR K 103 20.35 167.86 -108.83
N ALA K 104 21.08 168.45 -107.89
CA ALA K 104 21.80 167.65 -106.89
C ALA K 104 20.95 167.46 -105.62
N ASN K 105 19.91 168.28 -105.47
CA ASN K 105 18.96 168.12 -104.37
C ASN K 105 17.93 167.06 -104.73
N THR K 106 17.49 167.09 -105.97
CA THR K 106 16.52 166.14 -106.49
C THR K 106 17.09 164.72 -106.48
N LYS K 107 18.36 164.59 -106.82
CA LYS K 107 19.02 163.28 -106.84
C LYS K 107 19.42 162.83 -105.43
N ALA K 108 19.43 163.77 -104.49
CA ALA K 108 19.65 163.44 -103.09
C ALA K 108 18.37 162.89 -102.45
N ILE K 109 17.23 163.35 -102.95
CA ILE K 109 15.92 162.91 -102.43
C ILE K 109 15.53 161.52 -102.93
N THR K 110 15.68 161.28 -104.23
CA THR K 110 15.30 159.99 -104.81
C THR K 110 16.20 158.85 -104.31
N ALA K 111 17.38 159.22 -103.81
CA ALA K 111 18.28 158.26 -103.18
C ALA K 111 17.81 157.99 -101.75
N LEU K 112 17.15 158.97 -101.15
CA LEU K 112 16.62 158.85 -99.81
C LEU K 112 15.32 158.05 -99.79
N ASN K 113 14.71 157.91 -100.96
CA ASN K 113 13.47 157.14 -101.09
C ASN K 113 13.76 155.64 -101.20
N VAL K 114 14.99 155.30 -101.54
CA VAL K 114 15.47 153.93 -101.46
C VAL K 114 15.93 153.56 -100.04
N ARG K 115 16.62 154.48 -99.38
CA ARG K 115 17.08 154.28 -98.01
C ARG K 115 15.91 154.00 -97.09
N VAL K 116 14.83 154.77 -97.28
CA VAL K 116 13.62 154.60 -96.51
C VAL K 116 12.92 153.28 -96.87
N THR K 117 13.05 152.85 -98.12
CA THR K 117 12.50 151.56 -98.55
C THR K 117 13.29 150.44 -97.89
N THR K 118 14.58 150.69 -97.66
CA THR K 118 15.46 149.76 -96.95
C THR K 118 15.24 149.89 -95.44
N ALA K 119 14.88 151.09 -94.99
CA ALA K 119 14.65 151.36 -93.57
C ALA K 119 13.31 150.80 -93.10
N GLU K 120 12.23 151.33 -93.65
CA GLU K 120 10.88 150.89 -93.30
C GLU K 120 10.66 149.40 -93.60
N GLY K 121 11.55 148.82 -94.40
CA GLY K 121 11.44 147.41 -94.75
C GLY K 121 12.16 146.43 -93.85
N GLU K 122 13.23 146.87 -93.19
CA GLU K 122 13.93 146.02 -92.23
C GLU K 122 13.34 146.20 -90.85
N ILE K 123 12.54 147.25 -90.69
CA ILE K 123 11.76 147.46 -89.49
C ILE K 123 10.64 146.42 -89.45
N ALA K 124 9.97 146.25 -90.59
CA ALA K 124 8.90 145.28 -90.71
C ALA K 124 9.43 143.85 -90.71
N SER K 125 10.73 143.69 -90.93
CA SER K 125 11.37 142.38 -90.79
C SER K 125 11.78 142.16 -89.34
N LEU K 126 11.80 143.23 -88.55
CA LEU K 126 11.85 143.12 -87.09
C LEU K 126 10.46 142.93 -86.45
N GLN K 127 9.45 143.53 -87.07
CA GLN K 127 8.11 143.61 -86.47
C GLN K 127 7.21 142.37 -86.58
N THR K 128 7.38 141.59 -87.64
CA THR K 128 6.68 140.30 -87.76
C THR K 128 7.55 139.21 -87.14
N ASN K 129 8.81 139.54 -86.89
CA ASN K 129 9.75 138.61 -86.26
C ASN K 129 9.58 138.60 -84.75
N VAL K 130 9.43 139.79 -84.16
CA VAL K 130 9.22 139.95 -82.72
C VAL K 130 7.79 139.61 -82.30
N SER K 131 6.81 140.15 -83.02
CA SER K 131 5.40 139.92 -82.69
C SER K 131 5.00 138.45 -82.76
N ALA K 132 5.55 137.74 -83.75
CA ALA K 132 5.31 136.30 -83.87
C ALA K 132 6.08 135.55 -82.80
N LEU K 133 7.16 136.16 -82.31
CA LEU K 133 7.96 135.57 -81.24
C LEU K 133 7.30 135.79 -79.87
N ASP K 134 6.51 136.87 -79.76
CA ASP K 134 5.73 137.12 -78.55
C ASP K 134 4.75 135.98 -78.31
N GLY K 135 3.89 135.73 -79.30
CA GLY K 135 2.92 134.66 -79.22
C GLY K 135 3.59 133.30 -79.12
N ARG K 136 4.84 133.25 -79.59
CA ARG K 136 5.67 132.06 -79.44
C ARG K 136 6.32 131.98 -78.05
N VAL K 137 6.53 133.12 -77.41
CA VAL K 137 7.00 133.14 -76.02
C VAL K 137 5.83 132.86 -75.08
N THR K 138 4.66 133.42 -75.43
CA THR K 138 3.43 133.18 -74.66
C THR K 138 3.01 131.71 -74.71
N THR K 139 2.98 131.15 -75.91
CA THR K 139 2.60 129.75 -76.10
C THR K 139 3.61 128.81 -75.47
N ALA K 140 4.81 129.32 -75.22
CA ALA K 140 5.83 128.56 -74.52
C ALA K 140 5.59 128.55 -73.01
N GLU K 141 5.16 129.68 -72.46
CA GLU K 141 5.04 129.83 -71.01
C GLU K 141 3.76 129.22 -70.43
N ASN K 142 2.75 129.03 -71.28
CA ASN K 142 1.51 128.39 -70.86
C ASN K 142 1.76 126.89 -70.91
N ASN K 143 2.80 126.52 -71.64
CA ASN K 143 3.26 125.15 -71.72
C ASN K 143 4.31 124.93 -70.63
N ILE K 144 4.72 126.04 -70.00
CA ILE K 144 5.51 125.97 -68.78
C ILE K 144 4.61 125.67 -67.59
N SER K 145 3.43 126.30 -67.55
CA SER K 145 2.52 126.17 -66.41
C SER K 145 1.70 124.87 -66.44
N ALA K 146 1.44 124.35 -67.63
CA ALA K 146 0.75 123.06 -67.76
C ALA K 146 1.74 121.95 -67.49
N LEU K 147 3.02 122.29 -67.59
CA LEU K 147 4.10 121.36 -67.29
C LEU K 147 4.31 121.27 -65.78
N GLN K 148 4.21 122.41 -65.10
CA GLN K 148 4.35 122.46 -63.65
C GLN K 148 3.20 121.76 -62.94
N ALA K 149 2.01 121.89 -63.50
CA ALA K 149 0.81 121.34 -62.89
C ALA K 149 0.80 119.81 -62.88
N ASP K 150 1.39 119.21 -63.92
CA ASP K 150 1.43 117.76 -64.04
C ASP K 150 2.55 117.09 -63.23
N VAL K 151 3.69 117.78 -63.09
CA VAL K 151 4.81 117.24 -62.33
C VAL K 151 4.53 117.32 -60.83
N ASP K 152 3.59 118.17 -60.46
CA ASP K 152 3.12 118.23 -59.07
C ASP K 152 1.93 117.30 -58.82
N ASP K 153 1.38 116.74 -59.90
CA ASP K 153 0.40 115.66 -59.80
C ASP K 153 1.14 114.35 -59.55
N HIS K 154 2.25 114.19 -60.26
CA HIS K 154 3.06 112.98 -60.19
C HIS K 154 3.58 112.72 -58.78
N GLU K 155 3.89 113.78 -58.05
CA GLU K 155 4.46 113.69 -56.71
C GLU K 155 3.53 113.04 -55.68
N SER K 156 2.26 113.45 -55.70
CA SER K 156 1.27 112.89 -54.78
C SER K 156 1.13 111.39 -54.98
N ARG K 157 0.92 110.99 -56.22
CA ARG K 157 0.78 109.58 -56.58
C ARG K 157 2.01 108.79 -56.17
N ILE K 158 3.18 109.23 -56.65
CA ILE K 158 4.43 108.51 -56.46
C ILE K 158 4.80 108.30 -54.99
N THR K 159 4.35 109.21 -54.13
CA THR K 159 4.63 109.12 -52.70
C THR K 159 3.83 107.98 -52.07
N ALA K 160 2.54 107.92 -52.38
CA ALA K 160 1.70 106.83 -51.92
C ALA K 160 2.21 105.51 -52.48
N ASN K 161 2.83 105.57 -53.66
CA ASN K 161 3.42 104.40 -54.29
C ASN K 161 4.75 103.98 -53.67
N THR K 162 5.53 104.97 -53.23
CA THR K 162 6.79 104.70 -52.53
C THR K 162 6.52 104.27 -51.09
N LYS K 163 5.48 104.83 -50.48
CA LYS K 163 5.03 104.40 -49.15
C LYS K 163 4.50 102.96 -49.20
N ALA K 164 3.70 102.66 -50.21
CA ALA K 164 3.09 101.34 -50.34
C ALA K 164 4.11 100.23 -50.60
N ILE K 165 5.31 100.60 -51.04
CA ILE K 165 6.36 99.62 -51.28
C ILE K 165 7.10 99.19 -50.01
N THR K 166 7.46 100.15 -49.16
CA THR K 166 8.10 99.83 -47.89
C THR K 166 7.15 99.10 -46.95
N ALA K 167 5.85 99.22 -47.23
CA ALA K 167 4.82 98.54 -46.45
C ALA K 167 4.75 97.06 -46.77
N LEU K 168 4.80 96.73 -48.06
CA LEU K 168 4.78 95.33 -48.49
C LEU K 168 6.05 94.63 -48.01
N ASN K 169 7.17 95.34 -48.04
CA ASN K 169 8.44 94.82 -47.54
C ASN K 169 8.45 94.65 -46.02
N VAL K 170 7.83 95.61 -45.32
CA VAL K 170 7.79 95.58 -43.86
C VAL K 170 6.82 94.50 -43.36
N ARG K 171 5.89 94.09 -44.21
CA ARG K 171 4.94 93.04 -43.89
C ARG K 171 5.53 91.63 -44.08
N VAL K 172 6.44 91.52 -45.06
CA VAL K 172 7.08 90.23 -45.38
C VAL K 172 8.37 90.03 -44.56
N THR K 173 8.79 91.08 -43.86
CA THR K 173 9.85 90.94 -42.85
C THR K 173 9.24 90.32 -41.59
N THR K 174 7.94 90.47 -41.43
CA THR K 174 7.19 89.76 -40.41
C THR K 174 6.93 88.34 -40.88
N ALA K 175 6.50 88.22 -42.14
CA ALA K 175 6.14 86.92 -42.72
C ALA K 175 7.34 86.02 -42.98
N GLU K 176 8.53 86.60 -43.07
CA GLU K 176 9.74 85.80 -43.24
C GLU K 176 10.15 85.12 -41.92
N GLY K 177 9.85 85.77 -40.80
CA GLY K 177 10.22 85.25 -39.50
C GLY K 177 9.19 84.29 -38.93
N GLU K 178 7.94 84.46 -39.32
CA GLU K 178 6.87 83.56 -38.86
C GLU K 178 6.75 82.31 -39.72
N ILE K 179 7.36 82.34 -40.90
CA ILE K 179 7.49 81.13 -41.72
C ILE K 179 8.60 80.27 -41.16
N ALA K 180 9.70 80.92 -40.78
CA ALA K 180 10.88 80.23 -40.27
C ALA K 180 10.68 79.62 -38.89
N SER K 181 9.74 80.16 -38.11
CA SER K 181 9.41 79.58 -36.81
C SER K 181 8.58 78.31 -36.98
N LEU K 182 7.71 78.30 -37.98
CA LEU K 182 6.89 77.13 -38.31
C LEU K 182 7.77 75.97 -38.73
N GLN K 183 8.90 76.28 -39.38
CA GLN K 183 9.83 75.27 -39.85
C GLN K 183 10.61 74.65 -38.69
N THR K 184 10.74 75.41 -37.61
CA THR K 184 11.39 74.93 -36.41
C THR K 184 10.47 74.03 -35.58
N ASN K 185 9.17 74.26 -35.68
CA ASN K 185 8.18 73.48 -34.94
C ASN K 185 7.86 72.15 -35.59
N VAL K 186 7.32 72.21 -36.80
CA VAL K 186 6.85 71.04 -37.52
C VAL K 186 7.95 70.02 -37.79
N SER K 187 9.20 70.46 -37.63
CA SER K 187 10.34 69.55 -37.67
C SER K 187 10.50 68.83 -36.32
N ALA K 188 10.32 69.58 -35.23
CA ALA K 188 10.37 68.99 -33.90
C ALA K 188 9.15 68.10 -33.71
N LEU K 189 8.00 68.64 -34.07
CA LEU K 189 6.72 67.96 -33.96
C LEU K 189 6.72 66.63 -34.73
N ASP K 190 7.57 66.55 -35.75
CA ASP K 190 7.65 65.36 -36.60
C ASP K 190 8.39 64.20 -35.93
N GLY K 191 9.28 64.52 -34.99
CA GLY K 191 10.01 63.49 -34.26
C GLY K 191 9.21 63.00 -33.07
N ARG K 192 8.15 63.72 -32.73
CA ARG K 192 7.27 63.30 -31.65
C ARG K 192 6.10 62.46 -32.16
N VAL K 193 5.89 62.44 -33.47
CA VAL K 193 4.85 61.60 -34.07
C VAL K 193 5.47 60.31 -34.62
N THR K 194 6.79 60.23 -34.56
CA THR K 194 7.50 59.02 -34.95
C THR K 194 7.67 58.10 -33.74
N THR K 195 8.37 58.58 -32.72
CA THR K 195 8.54 57.84 -31.47
C THR K 195 7.21 57.52 -30.80
N ALA K 196 6.15 58.21 -31.25
CA ALA K 196 4.78 57.86 -30.86
C ALA K 196 4.27 56.68 -31.69
N GLU K 197 4.14 56.89 -32.99
CA GLU K 197 3.67 55.85 -33.91
C GLU K 197 4.56 54.61 -33.91
N ASN K 198 5.81 54.76 -33.46
CA ASN K 198 6.68 53.62 -33.25
C ASN K 198 6.31 52.90 -31.95
N ASN K 199 5.79 53.63 -30.98
CA ASN K 199 5.28 53.03 -29.74
C ASN K 199 3.87 52.46 -29.89
N ILE K 200 3.05 53.07 -30.75
CA ILE K 200 1.71 52.57 -31.02
C ILE K 200 1.78 51.27 -31.82
N SER K 201 2.83 51.13 -32.62
CA SER K 201 3.00 49.97 -33.48
C SER K 201 3.47 48.72 -32.73
N ALA K 202 4.31 48.90 -31.71
CA ALA K 202 4.80 47.77 -30.93
C ALA K 202 3.82 47.42 -29.79
N LEU K 203 2.89 48.33 -29.51
CA LEU K 203 1.90 48.14 -28.46
C LEU K 203 0.69 47.36 -28.98
N GLN K 204 0.56 47.28 -30.30
CA GLN K 204 -0.44 46.44 -30.96
C GLN K 204 0.05 45.00 -30.96
N ALA K 205 1.35 44.84 -31.19
CA ALA K 205 1.97 43.52 -31.27
C ALA K 205 2.01 42.82 -29.91
N ASP K 206 2.24 43.59 -28.86
CA ASP K 206 2.55 43.02 -27.55
C ASP K 206 1.39 42.90 -26.55
N TYR K 207 0.21 43.36 -26.92
CA TYR K 207 -0.93 43.35 -26.00
C TYR K 207 -1.85 42.15 -26.26
N VAL K 208 -2.90 42.01 -25.46
CA VAL K 208 -3.92 40.97 -25.70
C VAL K 208 -5.31 41.59 -25.86
N SER K 209 -6.10 41.13 -26.84
CA SER K 209 -7.38 41.82 -27.12
C SER K 209 -8.52 41.33 -26.23
N LYS K 210 -9.65 42.05 -26.24
CA LYS K 210 -10.88 41.55 -25.65
C LYS K 210 -11.87 41.01 -26.68
N THR K 211 -11.68 41.39 -27.93
CA THR K 211 -12.56 40.96 -29.02
C THR K 211 -11.95 39.83 -29.85
N ALA K 212 -10.77 39.37 -29.45
CA ALA K 212 -10.00 38.43 -30.25
C ALA K 212 -10.77 37.16 -30.64
N THR K 213 -10.81 36.89 -31.93
CA THR K 213 -11.40 35.66 -32.45
C THR K 213 -10.34 34.58 -32.49
N THR K 214 -9.15 34.93 -32.00
CA THR K 214 -8.00 34.04 -32.04
C THR K 214 -7.37 33.84 -30.65
N SER K 215 -7.14 32.58 -30.30
CA SER K 215 -6.60 32.21 -29.00
C SER K 215 -5.29 32.93 -28.67
N GLN K 216 -5.27 33.57 -27.51
CA GLN K 216 -4.09 34.32 -27.08
C GLN K 216 -3.38 33.62 -25.94
N SER K 217 -2.05 33.52 -26.04
CA SER K 217 -1.26 32.89 -25.00
C SER K 217 -0.31 33.92 -24.40
N LEU K 218 0.09 33.69 -23.15
CA LEU K 218 1.02 34.59 -22.49
C LEU K 218 2.33 33.88 -22.15
N ALA K 219 3.41 34.64 -22.17
CA ALA K 219 4.70 34.19 -21.66
C ALA K 219 4.88 34.65 -20.22
N SER K 220 3.84 35.24 -19.66
CA SER K 220 3.89 35.76 -18.28
C SER K 220 2.88 35.07 -17.37
N PRO K 221 3.22 34.89 -16.09
CA PRO K 221 2.28 34.31 -15.13
C PRO K 221 1.05 35.19 -14.95
N LEU K 222 -0.05 34.61 -14.49
CA LEU K 222 -1.28 35.38 -14.37
C LEU K 222 -1.88 35.34 -12.98
N ASN K 223 -2.08 36.53 -12.43
CA ASN K 223 -2.85 36.73 -11.21
C ASN K 223 -4.07 37.53 -11.63
N VAL K 224 -5.20 37.30 -10.96
CA VAL K 224 -6.41 38.08 -11.20
C VAL K 224 -7.03 38.37 -9.85
N THR K 225 -8.24 38.94 -9.84
CA THR K 225 -8.86 39.22 -8.56
C THR K 225 -10.13 38.41 -8.29
N THR K 226 -9.98 37.36 -7.50
CA THR K 226 -11.10 36.63 -6.90
C THR K 226 -11.94 35.86 -7.92
N SER K 227 -11.44 35.70 -9.14
CA SER K 227 -12.26 35.05 -10.17
C SER K 227 -11.51 34.43 -11.34
N TYR K 228 -12.19 33.52 -12.02
CA TYR K 228 -11.81 33.02 -13.33
C TYR K 228 -13.10 32.44 -13.87
N SER K 229 -13.38 32.62 -15.15
CA SER K 229 -14.66 32.14 -15.68
C SER K 229 -14.66 31.87 -17.18
N VAL K 230 -15.64 31.07 -17.60
CA VAL K 230 -15.92 30.83 -19.00
C VAL K 230 -17.42 30.68 -19.17
N GLY K 231 -17.96 31.29 -20.22
CA GLY K 231 -19.38 31.14 -20.53
C GLY K 231 -20.32 31.91 -19.61
N GLY K 232 -19.76 32.69 -18.70
CA GLY K 232 -20.59 33.54 -17.86
C GLY K 232 -20.86 33.18 -16.42
N LYS K 233 -20.11 32.23 -15.86
CA LYS K 233 -20.15 32.02 -14.42
C LYS K 233 -18.85 31.48 -13.80
N LYS K 234 -18.73 31.68 -12.49
CA LYS K 234 -17.55 31.33 -11.70
C LYS K 234 -17.10 29.89 -11.95
N VAL K 235 -15.82 29.70 -12.21
CA VAL K 235 -15.28 28.38 -12.52
C VAL K 235 -14.10 28.02 -11.61
N VAL K 236 -13.04 28.81 -11.67
CA VAL K 236 -11.90 28.65 -10.78
C VAL K 236 -11.89 29.81 -9.79
N GLY K 237 -11.38 29.58 -8.59
CA GLY K 237 -11.44 30.56 -7.53
C GLY K 237 -10.26 30.39 -6.59
N ALA K 238 -10.27 31.15 -5.50
CA ALA K 238 -9.13 31.18 -4.58
C ALA K 238 -8.87 29.82 -3.95
N ARG K 239 -7.62 29.61 -3.52
CA ARG K 239 -7.19 28.37 -2.92
C ARG K 239 -7.86 28.08 -1.58
N GLN K 240 -8.42 29.14 -1.00
CA GLN K 240 -8.98 29.16 0.35
C GLN K 240 -8.06 28.55 1.42
N THR K 241 -8.63 27.86 2.40
CA THR K 241 -7.88 27.39 3.56
C THR K 241 -8.57 26.27 4.36
N GLY K 242 -7.81 25.66 5.27
CA GLY K 242 -8.39 24.80 6.29
C GLY K 242 -8.11 23.32 6.14
N TRP K 243 -7.62 22.93 4.97
CA TRP K 243 -7.31 21.52 4.72
C TRP K 243 -6.12 21.04 5.53
N THR K 244 -6.11 19.74 5.81
CA THR K 244 -5.06 19.14 6.62
C THR K 244 -4.43 17.99 5.85
N ALA K 245 -3.13 17.78 6.04
CA ALA K 245 -2.35 16.83 5.24
C ALA K 245 -2.82 15.38 5.35
N ALA K 246 -3.06 14.78 4.19
CA ALA K 246 -3.26 13.33 4.11
C ALA K 246 -1.90 12.71 3.87
N THR K 247 -1.60 11.63 4.59
CA THR K 247 -0.29 11.00 4.51
C THR K 247 -0.38 9.65 3.83
N GLY K 248 0.75 8.97 3.73
CA GLY K 248 0.77 7.63 3.16
C GLY K 248 1.26 7.51 1.72
N THR K 249 0.99 6.36 1.13
CA THR K 249 1.41 6.05 -0.23
C THR K 249 0.17 5.87 -1.10
N ALA K 250 0.31 6.08 -2.40
CA ALA K 250 -0.80 5.84 -3.32
C ALA K 250 -0.33 5.30 -4.66
N ASN K 251 -1.02 4.28 -5.16
CA ASN K 251 -0.83 3.86 -6.55
C ASN K 251 -2.10 4.14 -7.33
N LYS K 252 -2.03 5.13 -8.21
CA LYS K 252 -3.20 5.70 -8.86
C LYS K 252 -3.55 4.95 -10.15
N GLY K 253 -2.66 4.04 -10.54
CA GLY K 253 -2.79 3.32 -11.79
C GLY K 253 -4.14 2.67 -12.06
N VAL K 254 -4.61 1.84 -11.13
CA VAL K 254 -5.89 1.16 -11.36
C VAL K 254 -6.92 1.22 -10.22
N PHE K 255 -8.18 1.31 -10.63
CA PHE K 255 -9.34 1.28 -9.75
C PHE K 255 -10.35 0.39 -10.45
N ASP K 256 -10.84 -0.64 -9.77
CA ASP K 256 -11.73 -1.60 -10.40
C ASP K 256 -13.13 -1.00 -10.68
N ALA K 257 -13.88 -1.59 -11.61
CA ALA K 257 -15.15 -1.01 -12.07
C ALA K 257 -16.40 -1.78 -11.65
N ASP K 258 -17.40 -1.06 -11.13
CA ASP K 258 -18.72 -1.63 -10.83
C ASP K 258 -18.64 -2.89 -9.97
N LEU K 259 -17.98 -2.79 -8.82
CA LEU K 259 -17.61 -3.97 -8.08
C LEU K 259 -18.76 -4.67 -7.39
N THR K 260 -18.59 -5.97 -7.17
CA THR K 260 -19.40 -6.77 -6.23
C THR K 260 -18.49 -7.52 -5.24
N PHE K 261 -18.75 -7.40 -3.93
CA PHE K 261 -17.82 -7.93 -2.92
C PHE K 261 -17.58 -9.45 -2.84
N ALA K 262 -18.63 -10.27 -2.82
CA ALA K 262 -19.97 -9.83 -2.44
C ALA K 262 -20.26 -10.53 -1.12
N VAL K 263 -20.77 -9.81 -0.14
CA VAL K 263 -20.91 -10.35 1.22
C VAL K 263 -21.87 -11.54 1.30
N SER K 264 -21.56 -12.47 2.20
CA SER K 264 -22.42 -13.64 2.45
C SER K 264 -22.52 -13.93 3.96
N ASP K 265 -23.46 -14.80 4.33
CA ASP K 265 -23.78 -15.10 5.73
C ASP K 265 -22.64 -15.74 6.53
N THR K 266 -21.63 -16.26 5.86
CA THR K 266 -20.49 -16.81 6.58
C THR K 266 -19.24 -15.95 6.37
N TYR K 267 -18.46 -15.78 7.43
CA TYR K 267 -17.26 -14.95 7.42
C TYR K 267 -16.41 -15.34 6.23
N THR K 268 -16.39 -16.64 5.93
CA THR K 268 -15.83 -17.18 4.68
C THR K 268 -14.30 -16.99 4.61
N GLN K 269 -13.80 -16.20 5.53
CA GLN K 269 -12.37 -15.93 5.74
C GLN K 269 -11.73 -15.02 4.70
N SER K 270 -12.34 -14.89 3.52
CA SER K 270 -11.87 -13.94 2.50
C SER K 270 -12.69 -12.67 2.36
N GLU K 271 -13.83 -12.59 3.04
CA GLU K 271 -14.86 -11.63 2.66
C GLU K 271 -14.73 -10.18 3.14
N ILE K 272 -14.48 -9.97 4.42
CA ILE K 272 -14.52 -8.61 4.96
C ILE K 272 -13.20 -7.88 4.85
N GLN K 273 -12.12 -8.61 4.52
CA GLN K 273 -10.86 -7.95 4.20
C GLN K 273 -10.91 -7.45 2.76
N ALA K 274 -11.57 -8.20 1.89
CA ALA K 274 -11.79 -7.78 0.51
C ALA K 274 -12.62 -6.50 0.49
N ILE K 275 -13.55 -6.41 1.44
CA ILE K 275 -14.31 -5.19 1.68
C ILE K 275 -13.40 -4.11 2.28
N ALA K 276 -12.53 -4.52 3.22
CA ALA K 276 -11.63 -3.59 3.89
C ALA K 276 -10.47 -3.14 3.02
N ASN K 277 -10.03 -4.01 2.11
CA ASN K 277 -8.93 -3.68 1.20
C ASN K 277 -9.35 -2.73 0.09
N ALA K 278 -10.57 -2.89 -0.41
CA ALA K 278 -11.09 -2.00 -1.42
C ALA K 278 -11.43 -0.67 -0.76
N LEU K 279 -11.59 -0.69 0.56
CA LEU K 279 -11.89 0.51 1.31
C LEU K 279 -10.65 1.38 1.54
N ILE K 280 -9.50 0.72 1.72
CA ILE K 280 -8.20 1.41 1.82
C ILE K 280 -7.74 1.91 0.46
N THR K 281 -7.95 1.11 -0.58
CA THR K 281 -7.62 1.50 -1.94
C THR K 281 -8.33 2.80 -2.33
N GLU K 282 -9.59 2.93 -1.91
CA GLU K 282 -10.33 4.18 -2.07
C GLU K 282 -9.67 5.29 -1.25
N ARG K 283 -9.12 4.93 -0.09
CA ARG K 283 -8.36 5.87 0.75
C ARG K 283 -6.98 6.13 0.15
N ARG K 284 -6.63 5.33 -0.85
CA ARG K 284 -5.39 5.53 -1.60
C ARG K 284 -5.59 6.30 -2.90
N ARG K 285 -6.82 6.75 -3.13
CA ARG K 285 -7.13 7.63 -4.26
C ARG K 285 -7.37 9.05 -3.78
N THR K 286 -8.36 9.22 -2.91
CA THR K 286 -8.67 10.51 -2.30
C THR K 286 -7.46 11.12 -1.61
N LYS K 287 -6.46 10.29 -1.36
CA LYS K 287 -5.14 10.76 -0.96
C LYS K 287 -4.47 11.48 -2.13
N ALA K 288 -4.49 10.86 -3.31
CA ALA K 288 -3.87 11.42 -4.51
C ALA K 288 -4.84 12.32 -5.29
N LEU K 289 -6.11 12.26 -4.96
CA LEU K 289 -7.10 13.14 -5.54
C LEU K 289 -6.96 14.49 -4.87
N GLU K 290 -6.66 14.43 -3.59
CA GLU K 290 -6.47 15.61 -2.77
C GLU K 290 -5.00 16.08 -2.77
N ASP K 291 -4.09 15.21 -3.21
CA ASP K 291 -2.70 15.59 -3.40
C ASP K 291 -2.49 16.28 -4.75
N ALA K 292 -3.28 15.88 -5.74
CA ALA K 292 -3.24 16.50 -7.06
C ALA K 292 -3.59 17.98 -7.00
N LEU K 293 -4.73 18.28 -6.37
CA LEU K 293 -5.24 19.64 -6.25
C LEU K 293 -4.34 20.49 -5.36
N ARG K 294 -3.42 19.83 -4.68
CA ARG K 294 -2.44 20.49 -3.83
C ARG K 294 -1.30 21.07 -4.66
N ALA K 295 -0.91 20.36 -5.72
CA ALA K 295 0.15 20.81 -6.63
C ALA K 295 -0.28 22.04 -7.41
N HIS K 296 -1.47 21.99 -7.99
CA HIS K 296 -2.08 23.17 -8.58
C HIS K 296 -2.23 24.21 -7.49
N GLY K 297 -2.78 23.79 -6.35
CA GLY K 297 -3.00 24.68 -5.23
C GLY K 297 -4.43 25.13 -4.97
N LEU K 298 -5.42 24.45 -5.54
CA LEU K 298 -6.83 24.80 -5.31
C LEU K 298 -7.24 24.77 -3.84
N ILE K 299 -6.53 23.99 -3.04
CA ILE K 299 -6.83 23.89 -1.61
C ILE K 299 -5.54 23.91 -0.80
N ASP K 300 -5.67 23.87 0.52
CA ASP K 300 -4.51 23.81 1.40
C ASP K 300 -3.84 22.44 1.26
N MET L 12 10.44 215.04 -122.64
CA MET L 12 11.70 215.76 -122.55
C MET L 12 12.25 216.15 -123.93
N ALA L 13 11.41 216.05 -124.96
CA ALA L 13 11.84 216.41 -126.31
C ALA L 13 11.49 217.85 -126.66
N ASP L 14 11.97 218.29 -127.82
CA ASP L 14 11.62 219.59 -128.37
C ASP L 14 10.93 219.46 -129.73
N PRO L 15 9.66 219.87 -129.81
CA PRO L 15 8.93 219.91 -131.08
C PRO L 15 9.54 220.93 -132.04
N SER L 16 10.28 221.89 -131.48
CA SER L 16 10.97 222.90 -132.27
C SER L 16 12.07 222.24 -133.11
N LEU L 17 12.45 221.03 -132.72
CA LEU L 17 13.32 220.20 -133.53
C LEU L 17 12.51 219.52 -134.64
N ASN L 18 11.26 219.20 -134.34
CA ASN L 18 10.36 218.55 -135.29
C ASN L 18 9.82 219.52 -136.35
N ASN L 19 9.64 220.78 -135.95
CA ASN L 19 9.06 221.78 -136.83
C ASN L 19 10.09 222.72 -137.49
N PRO L 20 10.24 222.59 -138.82
CA PRO L 20 11.24 223.27 -139.66
C PRO L 20 10.93 224.74 -139.97
N VAL L 21 11.96 225.48 -140.35
CA VAL L 21 11.82 226.89 -140.71
C VAL L 21 11.54 227.08 -142.21
N VAL L 22 10.49 227.81 -142.54
CA VAL L 22 10.12 228.05 -143.93
C VAL L 22 10.88 229.26 -144.51
N ILE L 23 11.28 229.15 -145.76
CA ILE L 23 12.01 230.21 -146.45
C ILE L 23 11.10 230.94 -147.44
N GLN L 24 11.66 231.88 -148.18
CA GLN L 24 10.95 232.51 -149.29
C GLN L 24 10.89 231.54 -150.46
N ALA L 25 9.70 231.33 -151.00
CA ALA L 25 9.47 230.32 -152.02
C ALA L 25 9.93 230.74 -153.42
N THR L 26 9.74 232.02 -153.74
CA THR L 26 10.17 232.56 -155.03
C THR L 26 11.65 232.30 -155.29
N ARG L 27 11.96 231.91 -156.52
CA ARG L 27 13.31 231.49 -156.89
C ARG L 27 13.89 232.52 -157.83
N LEU L 28 15.20 232.57 -157.91
CA LEU L 28 15.88 233.67 -158.56
C LEU L 28 16.00 233.31 -160.03
N ASP L 29 15.15 233.92 -160.86
CA ASP L 29 15.18 233.63 -162.29
C ASP L 29 15.17 234.88 -163.17
N ALA L 30 16.33 235.23 -163.69
CA ALA L 30 16.53 236.00 -164.92
C ALA L 30 15.85 237.37 -165.02
N SER L 31 14.72 237.56 -164.35
CA SER L 31 14.04 238.87 -164.37
C SER L 31 14.17 239.63 -163.07
N ILE L 32 14.74 238.97 -162.05
CA ILE L 32 14.99 239.59 -160.77
C ILE L 32 16.29 240.38 -160.80
N LEU L 33 17.33 239.79 -161.39
CA LEU L 33 18.66 240.40 -161.37
C LEU L 33 18.73 241.64 -162.26
N PRO L 34 19.37 242.71 -161.74
CA PRO L 34 19.65 243.86 -162.58
C PRO L 34 20.55 243.42 -163.73
N ARG L 35 20.11 243.72 -164.95
CA ARG L 35 20.78 243.21 -166.14
C ARG L 35 22.24 243.65 -166.27
N ASN L 36 22.45 244.92 -166.59
CA ASN L 36 23.78 245.43 -166.88
C ASN L 36 24.50 246.26 -165.79
N VAL L 37 23.87 246.44 -164.63
CA VAL L 37 24.43 247.31 -163.60
C VAL L 37 25.43 246.57 -162.68
N PHE L 38 25.52 245.26 -162.85
CA PHE L 38 26.26 244.40 -161.93
C PHE L 38 27.51 243.77 -162.51
N SER L 39 28.43 243.40 -161.63
CA SER L 39 29.64 242.70 -162.02
C SER L 39 29.33 241.28 -162.50
N LYS L 40 30.26 240.71 -163.25
CA LYS L 40 30.17 239.33 -163.72
C LYS L 40 30.35 238.35 -162.57
N SER L 41 31.22 238.71 -161.63
CA SER L 41 31.50 237.88 -160.48
C SER L 41 30.31 237.86 -159.52
N TYR L 42 29.63 238.99 -159.45
CA TYR L 42 28.49 239.17 -158.56
C TYR L 42 27.22 238.56 -159.15
N LEU L 43 27.20 238.40 -160.47
CA LEU L 43 26.06 237.80 -161.16
C LEU L 43 25.88 236.33 -160.76
N LEU L 44 26.99 235.60 -160.72
CA LEU L 44 26.97 234.21 -160.30
C LEU L 44 26.85 234.11 -158.78
N TYR L 45 27.66 234.91 -158.08
CA TYR L 45 27.64 234.98 -156.62
C TYR L 45 26.23 235.16 -156.08
N VAL L 46 25.47 236.07 -156.70
CA VAL L 46 24.12 236.39 -156.25
C VAL L 46 23.15 235.22 -156.44
N ILE L 47 23.33 234.47 -157.53
CA ILE L 47 22.51 233.31 -157.81
C ILE L 47 23.03 232.07 -157.07
N ALA L 48 24.31 232.12 -156.68
CA ALA L 48 24.91 231.06 -155.87
C ALA L 48 24.57 231.22 -154.39
N GLN L 49 24.56 232.48 -153.92
CA GLN L 49 24.27 232.76 -152.53
C GLN L 49 22.80 232.48 -152.20
N GLY L 50 21.99 232.30 -153.23
CA GLY L 50 20.58 231.96 -153.05
C GLY L 50 20.29 230.48 -153.23
N THR L 51 21.21 229.77 -153.87
CA THR L 51 21.12 228.31 -153.95
C THR L 51 21.32 227.77 -152.55
N ASP L 52 22.42 228.19 -151.95
CA ASP L 52 22.87 227.67 -150.68
C ASP L 52 21.93 228.05 -149.55
N VAL L 53 21.62 229.35 -149.46
CA VAL L 53 20.75 229.85 -148.40
C VAL L 53 19.40 229.11 -148.35
N GLY L 54 18.95 228.64 -149.51
CA GLY L 54 17.76 227.79 -149.58
C GLY L 54 18.13 226.32 -149.58
N ALA L 55 19.41 226.03 -149.45
CA ALA L 55 19.94 224.67 -149.31
C ALA L 55 20.30 224.46 -147.84
N ILE L 56 21.18 225.33 -147.33
CA ILE L 56 21.55 225.32 -145.92
C ILE L 56 20.32 225.49 -145.01
N ALA L 57 19.19 225.86 -145.60
CA ALA L 57 17.92 225.88 -144.89
C ALA L 57 17.32 224.47 -144.78
N GLY L 58 17.61 223.61 -145.75
CA GLY L 58 17.10 222.25 -145.79
C GLY L 58 17.80 221.18 -144.97
N LYS L 59 19.11 221.29 -144.80
CA LYS L 59 19.85 220.34 -143.97
C LYS L 59 19.75 220.68 -142.48
N ALA L 60 19.59 221.95 -142.16
CA ALA L 60 19.50 222.40 -140.76
C ALA L 60 18.09 222.12 -140.29
N ASN L 61 17.19 221.95 -141.24
CA ASN L 61 15.86 221.43 -140.97
C ASN L 61 15.91 219.91 -140.81
N GLU L 62 16.80 219.27 -141.56
CA GLU L 62 16.99 217.83 -141.47
C GLU L 62 17.87 217.48 -140.27
N ALA L 63 18.59 218.48 -139.75
CA ALA L 63 19.43 218.29 -138.57
C ALA L 63 18.60 218.25 -137.30
N GLY L 64 17.62 219.14 -137.19
CA GLY L 64 16.75 219.18 -136.03
C GLY L 64 15.70 218.09 -136.09
N GLN L 65 15.21 217.79 -137.29
CA GLN L 65 14.29 216.69 -137.49
C GLN L 65 15.06 215.37 -137.45
N GLY L 66 16.39 215.49 -137.49
CA GLY L 66 17.26 214.36 -137.20
C GLY L 66 17.47 214.08 -135.71
N ALA L 67 17.72 215.13 -134.93
CA ALA L 67 18.04 214.96 -133.50
C ALA L 67 16.79 214.72 -132.65
N TYR L 68 15.67 215.27 -133.11
CA TYR L 68 14.37 215.03 -132.52
C TYR L 68 14.05 213.53 -132.55
N ASP L 69 14.22 212.93 -133.73
CA ASP L 69 14.00 211.49 -133.90
C ASP L 69 15.04 210.66 -133.14
N ALA L 70 16.18 211.27 -132.84
CA ALA L 70 17.17 210.64 -131.97
C ALA L 70 16.75 210.79 -130.51
N GLN L 71 16.10 211.91 -130.20
CA GLN L 71 15.57 212.16 -128.87
C GLN L 71 14.27 211.38 -128.62
N VAL L 72 13.47 211.24 -129.66
CA VAL L 72 12.26 210.42 -129.61
C VAL L 72 12.66 208.97 -129.34
N LYS L 73 13.72 208.52 -130.00
CA LYS L 73 14.28 207.19 -129.78
C LYS L 73 14.74 207.04 -128.34
N ASN L 74 15.29 208.10 -127.77
CA ASN L 74 15.81 208.06 -126.40
C ASN L 74 14.75 208.20 -125.31
N ASP L 75 13.54 208.60 -125.68
CA ASP L 75 12.41 208.50 -124.75
C ASP L 75 11.88 207.08 -124.76
N GLU L 76 11.95 206.45 -125.91
CA GLU L 76 11.64 205.03 -126.03
C GLU L 76 12.66 204.26 -125.21
N GLN L 77 13.93 204.61 -125.38
CA GLN L 77 15.01 203.92 -124.70
C GLN L 77 14.97 204.08 -123.18
N ASP L 78 14.43 205.21 -122.73
CA ASP L 78 14.32 205.48 -121.30
C ASP L 78 13.17 204.70 -120.66
N VAL L 79 12.12 204.45 -121.44
CA VAL L 79 10.96 203.71 -120.92
C VAL L 79 11.20 202.20 -120.91
N GLU L 80 12.05 201.73 -121.83
CA GLU L 80 12.44 200.33 -121.85
C GLU L 80 13.50 200.08 -120.78
N LEU L 81 14.30 201.10 -120.49
CA LEU L 81 15.31 201.02 -119.43
C LEU L 81 14.66 200.93 -118.06
N ALA L 82 13.48 201.53 -117.92
CA ALA L 82 12.72 201.48 -116.67
C ALA L 82 12.03 200.13 -116.54
N ASP L 83 11.61 199.58 -117.68
CA ASP L 83 11.06 198.25 -117.68
C ASP L 83 12.18 197.22 -117.73
N HIS L 84 13.42 197.65 -117.96
CA HIS L 84 14.57 196.77 -117.76
C HIS L 84 15.01 196.72 -116.29
N GLU L 85 14.83 197.84 -115.60
CA GLU L 85 15.20 197.96 -114.20
C GLU L 85 14.20 197.21 -113.32
N ALA L 86 12.94 197.25 -113.72
CA ALA L 86 11.88 196.60 -112.96
C ALA L 86 11.88 195.08 -113.14
N ARG L 87 12.45 194.61 -114.25
CA ARG L 87 12.58 193.17 -114.49
C ARG L 87 13.61 192.56 -113.58
N ILE L 88 14.77 193.21 -113.48
CA ILE L 88 15.90 192.71 -112.73
C ILE L 88 15.70 192.86 -111.22
N LYS L 89 14.85 193.82 -110.84
CA LYS L 89 14.56 194.02 -109.43
C LYS L 89 13.64 192.95 -108.85
N GLN L 90 12.64 192.54 -109.63
CA GLN L 90 11.72 191.49 -109.20
C GLN L 90 12.36 190.12 -109.42
N LEU L 91 13.36 190.07 -110.28
CA LEU L 91 14.07 188.84 -110.60
C LEU L 91 15.12 188.49 -109.55
N ARG L 92 15.75 189.51 -108.97
CA ARG L 92 16.73 189.30 -107.92
C ARG L 92 16.03 189.18 -106.57
N ILE L 93 14.75 189.53 -106.55
CA ILE L 93 13.91 189.30 -105.37
C ILE L 93 13.56 187.81 -105.31
N ASP L 94 13.32 187.21 -106.46
CA ASP L 94 13.01 185.79 -106.52
C ASP L 94 14.27 184.91 -106.43
N VAL L 95 15.32 185.30 -107.13
CA VAL L 95 16.55 184.50 -107.17
C VAL L 95 17.25 184.42 -105.81
N ASP L 96 17.34 185.55 -105.11
CA ASP L 96 17.91 185.56 -103.77
C ASP L 96 17.08 184.74 -102.80
N ASP L 97 15.77 184.64 -103.07
CA ASP L 97 14.89 183.81 -102.28
C ASP L 97 15.18 182.35 -102.57
N HIS L 98 15.40 182.03 -103.85
CA HIS L 98 15.76 180.69 -104.29
C HIS L 98 17.02 180.17 -103.57
N GLU L 99 17.86 181.08 -103.10
CA GLU L 99 19.07 180.73 -102.34
C GLU L 99 18.72 180.24 -100.94
N SER L 100 17.77 180.92 -100.31
CA SER L 100 17.37 180.61 -98.95
C SER L 100 16.62 179.30 -98.91
N ARG L 101 15.85 179.04 -99.96
CA ARG L 101 15.01 177.84 -100.00
C ARG L 101 15.70 176.68 -100.71
N ILE L 102 16.95 176.87 -101.11
CA ILE L 102 17.80 175.77 -101.57
C ILE L 102 18.65 175.23 -100.42
N THR L 103 19.47 176.09 -99.82
CA THR L 103 20.20 175.72 -98.61
C THR L 103 19.26 175.12 -97.56
N ALA L 104 17.99 175.50 -97.61
CA ALA L 104 16.96 174.85 -96.81
C ALA L 104 16.91 173.36 -97.15
N ASN L 105 16.47 173.04 -98.37
CA ASN L 105 16.30 171.66 -98.82
C ASN L 105 17.59 170.86 -98.89
N THR L 106 18.73 171.54 -98.83
CA THR L 106 20.02 170.87 -98.82
C THR L 106 20.44 170.52 -97.40
N LYS L 107 20.56 171.54 -96.56
CA LYS L 107 20.80 171.35 -95.13
C LYS L 107 19.69 170.56 -94.46
N ALA L 108 18.55 170.41 -95.13
CA ALA L 108 17.50 169.50 -94.65
C ALA L 108 17.76 168.05 -95.06
N ILE L 109 18.48 167.86 -96.16
CA ILE L 109 18.77 166.52 -96.68
C ILE L 109 19.92 165.82 -95.95
N THR L 110 20.87 166.60 -95.47
CA THR L 110 22.07 166.08 -94.79
C THR L 110 21.75 165.54 -93.38
N ALA L 111 20.83 166.19 -92.68
CA ALA L 111 20.43 165.78 -91.34
C ALA L 111 19.46 164.60 -91.39
N LEU L 112 18.67 164.54 -92.46
CA LEU L 112 17.81 163.39 -92.71
C LEU L 112 18.66 162.17 -93.03
N ASN L 113 19.76 162.40 -93.74
CA ASN L 113 20.71 161.34 -94.07
C ASN L 113 21.39 160.77 -92.83
N VAL L 114 21.70 161.66 -91.87
CA VAL L 114 22.42 161.29 -90.65
C VAL L 114 21.49 160.75 -89.56
N ARG L 115 20.19 160.96 -89.71
CA ARG L 115 19.21 160.36 -88.83
C ARG L 115 18.92 158.91 -89.21
N VAL L 116 18.97 158.62 -90.51
CA VAL L 116 18.81 157.26 -90.99
C VAL L 116 20.11 156.49 -90.74
N THR L 117 21.20 157.23 -90.56
CA THR L 117 22.48 156.66 -90.16
C THR L 117 22.55 156.48 -88.65
N THR L 118 21.65 157.16 -87.93
CA THR L 118 21.46 156.97 -86.49
C THR L 118 20.73 155.67 -86.29
N ALA L 119 19.71 155.46 -87.13
CA ALA L 119 18.83 154.31 -87.02
C ALA L 119 19.52 153.01 -87.44
N GLU L 120 20.66 153.11 -88.13
CA GLU L 120 21.35 151.91 -88.58
C GLU L 120 22.03 151.17 -87.43
N GLY L 121 22.72 151.90 -86.56
CA GLY L 121 23.39 151.30 -85.42
C GLY L 121 22.36 150.82 -84.43
N GLU L 122 21.19 151.45 -84.46
CA GLU L 122 20.09 151.03 -83.59
C GLU L 122 19.50 149.71 -84.06
N ILE L 123 19.12 149.63 -85.33
CA ILE L 123 18.55 148.40 -85.89
C ILE L 123 19.60 147.28 -85.97
N ALA L 124 20.87 147.65 -86.02
CA ALA L 124 21.96 146.69 -85.97
C ALA L 124 22.07 146.06 -84.57
N SER L 125 21.72 146.83 -83.55
CA SER L 125 21.68 146.31 -82.18
C SER L 125 20.39 145.51 -81.97
N LEU L 126 19.44 145.70 -82.86
CA LEU L 126 18.19 144.95 -82.83
C LEU L 126 18.36 143.56 -83.45
N GLN L 127 19.06 143.51 -84.59
CA GLN L 127 19.20 142.26 -85.34
C GLN L 127 20.04 141.21 -84.63
N THR L 128 20.97 141.65 -83.79
CA THR L 128 21.82 140.73 -83.04
C THR L 128 21.08 140.19 -81.81
N ASN L 129 20.14 140.97 -81.31
CA ASN L 129 19.35 140.59 -80.15
C ASN L 129 18.23 139.59 -80.44
N VAL L 130 17.48 139.79 -81.52
CA VAL L 130 16.36 138.89 -81.81
C VAL L 130 16.85 137.59 -82.45
N SER L 131 18.12 137.58 -82.86
CA SER L 131 18.76 136.38 -83.40
C SER L 131 19.14 135.40 -82.29
N ALA L 132 19.76 135.92 -81.23
CA ALA L 132 20.09 135.11 -80.06
C ALA L 132 18.82 134.78 -79.28
N LEU L 133 17.84 135.66 -79.40
CA LEU L 133 16.52 135.47 -78.81
C LEU L 133 15.90 134.17 -79.32
N ASP L 134 15.58 134.14 -80.61
CA ASP L 134 14.94 132.98 -81.22
C ASP L 134 15.85 131.76 -81.19
N GLY L 135 17.16 131.98 -81.05
CA GLY L 135 18.10 130.90 -80.81
C GLY L 135 17.89 130.30 -79.44
N ARG L 136 17.57 131.15 -78.46
CA ARG L 136 17.19 130.70 -77.13
C ARG L 136 15.74 130.24 -77.04
N VAL L 137 14.85 130.94 -77.77
CA VAL L 137 13.43 130.58 -77.79
C VAL L 137 13.22 129.25 -78.52
N THR L 138 14.17 128.86 -79.38
CA THR L 138 14.16 127.54 -80.00
C THR L 138 14.71 126.48 -79.04
N THR L 139 15.80 126.79 -78.35
CA THR L 139 16.37 125.90 -77.34
C THR L 139 15.36 125.62 -76.23
N ALA L 140 14.74 126.68 -75.73
CA ALA L 140 13.73 126.59 -74.69
C ALA L 140 12.58 125.66 -75.09
N GLU L 141 11.86 126.04 -76.15
CA GLU L 141 10.73 125.27 -76.64
C GLU L 141 11.08 123.80 -76.90
N ASN L 142 12.32 123.55 -77.28
CA ASN L 142 12.80 122.19 -77.47
C ASN L 142 12.83 121.42 -76.14
N ASN L 143 13.37 122.05 -75.11
CA ASN L 143 13.44 121.45 -73.79
C ASN L 143 12.05 121.30 -73.16
N ILE L 144 11.14 122.20 -73.54
CA ILE L 144 9.73 122.09 -73.17
C ILE L 144 9.14 120.81 -73.74
N SER L 145 9.25 120.67 -75.05
CA SER L 145 8.74 119.49 -75.75
C SER L 145 9.48 118.23 -75.29
N ALA L 146 10.71 118.41 -74.82
CA ALA L 146 11.49 117.32 -74.27
C ALA L 146 10.96 116.93 -72.89
N LEU L 147 10.39 117.91 -72.19
CA LEU L 147 9.76 117.68 -70.89
C LEU L 147 8.36 117.10 -71.04
N GLN L 148 7.64 117.56 -72.06
CA GLN L 148 6.29 117.09 -72.32
C GLN L 148 6.28 115.59 -72.63
N ALA L 149 7.36 115.11 -73.22
CA ALA L 149 7.53 113.68 -73.45
C ALA L 149 7.99 112.98 -72.17
N ASP L 150 8.75 113.68 -71.35
CA ASP L 150 9.21 113.13 -70.07
C ASP L 150 8.12 113.18 -69.00
N VAL L 151 7.09 114.00 -69.23
CA VAL L 151 5.88 113.96 -68.44
C VAL L 151 4.99 112.81 -68.90
N ASP L 152 4.82 112.68 -70.21
CA ASP L 152 3.96 111.64 -70.78
C ASP L 152 4.54 110.24 -70.55
N ASP L 153 5.86 110.12 -70.52
CA ASP L 153 6.50 108.83 -70.30
C ASP L 153 6.46 108.43 -68.82
N HIS L 154 6.38 109.42 -67.94
CA HIS L 154 6.29 109.15 -66.51
C HIS L 154 4.99 108.46 -66.13
N GLU L 155 3.86 108.94 -66.65
CA GLU L 155 2.55 108.40 -66.30
C GLU L 155 2.45 106.91 -66.63
N SER L 156 3.05 106.50 -67.74
CA SER L 156 3.10 105.07 -68.08
C SER L 156 3.96 104.31 -67.07
N ARG L 157 4.96 104.98 -66.51
CA ARG L 157 5.81 104.37 -65.49
C ARG L 157 5.21 104.37 -64.09
N ILE L 158 4.38 105.36 -63.77
CA ILE L 158 3.72 105.40 -62.47
C ILE L 158 2.60 104.37 -62.38
N THR L 159 1.74 104.34 -63.39
CA THR L 159 0.62 103.40 -63.41
C THR L 159 1.14 101.97 -63.53
N ALA L 160 2.40 101.82 -63.92
CA ALA L 160 3.06 100.52 -63.94
C ALA L 160 3.47 100.15 -62.51
N ASN L 161 3.68 101.15 -61.67
CA ASN L 161 3.99 100.92 -60.26
C ASN L 161 2.75 100.65 -59.40
N THR L 162 1.65 101.33 -59.72
CA THR L 162 0.41 101.18 -58.96
C THR L 162 -0.25 99.83 -59.23
N LYS L 163 -0.02 99.28 -60.41
CA LYS L 163 -0.56 97.97 -60.76
C LYS L 163 0.25 96.84 -60.13
N ALA L 164 1.57 96.97 -60.14
CA ALA L 164 2.46 95.93 -59.62
C ALA L 164 2.39 95.79 -58.09
N ILE L 165 1.99 96.87 -57.43
CA ILE L 165 1.82 96.86 -55.97
C ILE L 165 0.49 96.22 -55.56
N THR L 166 -0.58 96.58 -56.25
CA THR L 166 -1.91 96.04 -55.97
C THR L 166 -1.95 94.54 -56.29
N ALA L 167 -1.12 94.13 -57.24
CA ALA L 167 -0.95 92.72 -57.57
C ALA L 167 -0.08 92.02 -56.53
N LEU L 168 0.76 92.79 -55.85
CA LEU L 168 1.55 92.29 -54.72
C LEU L 168 0.80 92.46 -53.41
N ASN L 169 -0.26 93.26 -53.44
CA ASN L 169 -1.10 93.43 -52.25
C ASN L 169 -1.95 92.18 -52.04
N VAL L 170 -2.44 91.62 -53.14
CA VAL L 170 -3.29 90.43 -53.09
C VAL L 170 -2.46 89.20 -52.75
N ARG L 171 -1.18 89.23 -53.08
CA ARG L 171 -0.27 88.12 -52.82
C ARG L 171 0.31 88.07 -51.40
N VAL L 172 0.42 89.24 -50.76
CA VAL L 172 0.86 89.28 -49.36
C VAL L 172 -0.30 88.97 -48.42
N THR L 173 -1.45 89.59 -48.72
CA THR L 173 -2.67 89.40 -47.93
C THR L 173 -3.12 87.94 -47.93
N THR L 174 -2.94 87.27 -49.08
CA THR L 174 -3.21 85.84 -49.19
C THR L 174 -2.18 85.07 -48.35
N ALA L 175 -0.93 85.48 -48.44
CA ALA L 175 0.16 84.85 -47.71
C ALA L 175 0.19 85.24 -46.24
N GLU L 176 -0.43 86.38 -45.92
CA GLU L 176 -0.54 86.84 -44.54
C GLU L 176 -1.49 85.95 -43.77
N GLY L 177 -2.61 85.61 -44.40
CA GLY L 177 -3.64 84.80 -43.76
C GLY L 177 -3.37 83.31 -43.80
N GLU L 178 -2.67 82.83 -44.83
CA GLU L 178 -2.38 81.41 -44.95
C GLU L 178 -1.16 80.98 -44.14
N ILE L 179 -0.43 81.97 -43.64
CA ILE L 179 0.65 81.72 -42.68
C ILE L 179 0.07 81.51 -41.29
N ALA L 180 -0.99 82.27 -40.98
CA ALA L 180 -1.63 82.19 -39.67
C ALA L 180 -2.44 80.90 -39.49
N SER L 181 -3.01 80.39 -40.58
CA SER L 181 -3.77 79.14 -40.53
C SER L 181 -2.83 77.96 -40.29
N LEU L 182 -1.55 78.15 -40.60
CA LEU L 182 -0.52 77.18 -40.29
C LEU L 182 -0.23 77.23 -38.80
N GLN L 183 -0.17 78.44 -38.26
CA GLN L 183 0.14 78.65 -36.84
C GLN L 183 -1.01 78.19 -35.95
N THR L 184 -2.20 78.11 -36.52
CA THR L 184 -3.38 77.64 -35.81
C THR L 184 -3.40 76.12 -35.71
N ASN L 185 -3.03 75.46 -36.81
CA ASN L 185 -3.09 74.00 -36.90
C ASN L 185 -1.92 73.31 -36.21
N VAL L 186 -0.74 73.92 -36.30
CA VAL L 186 0.46 73.36 -35.66
C VAL L 186 0.36 73.47 -34.14
N SER L 187 -0.35 74.49 -33.65
CA SER L 187 -0.71 74.56 -32.24
C SER L 187 -1.90 73.65 -31.94
N ALA L 188 -2.66 73.31 -32.98
CA ALA L 188 -3.73 72.33 -32.85
C ALA L 188 -3.19 70.90 -32.89
N LEU L 189 -2.16 70.68 -33.72
CA LEU L 189 -1.52 69.37 -33.80
C LEU L 189 -0.76 69.02 -32.53
N ASP L 190 0.11 69.92 -32.08
CA ASP L 190 0.93 69.72 -30.90
C ASP L 190 0.09 69.57 -29.62
N GLY L 191 -1.18 69.95 -29.72
CA GLY L 191 -2.12 69.77 -28.63
C GLY L 191 -2.81 68.42 -28.70
N ARG L 192 -2.87 67.84 -29.90
CA ARG L 192 -3.33 66.46 -30.05
C ARG L 192 -2.14 65.50 -30.06
N VAL L 193 -0.93 66.04 -30.14
CA VAL L 193 0.27 65.24 -29.98
C VAL L 193 0.55 65.02 -28.50
N THR L 194 0.41 66.07 -27.69
CA THR L 194 0.54 65.94 -26.24
C THR L 194 -0.61 65.10 -25.68
N THR L 195 -1.77 65.17 -26.32
CA THR L 195 -2.90 64.33 -25.98
C THR L 195 -2.55 62.88 -26.32
N ALA L 196 -1.94 62.69 -27.49
CA ALA L 196 -1.49 61.37 -27.93
C ALA L 196 -0.33 60.88 -27.07
N GLU L 197 0.58 61.77 -26.72
CA GLU L 197 1.69 61.44 -25.82
C GLU L 197 1.18 61.08 -24.43
N ASN L 198 0.00 61.56 -24.09
CA ASN L 198 -0.67 61.20 -22.83
C ASN L 198 -1.43 59.87 -22.91
N ASN L 199 -2.39 59.82 -23.82
CA ASN L 199 -3.24 58.65 -24.00
C ASN L 199 -2.44 57.40 -24.42
N ILE L 200 -1.16 57.58 -24.71
CA ILE L 200 -0.24 56.46 -24.92
C ILE L 200 0.40 56.04 -23.60
N SER L 201 1.12 56.97 -22.96
CA SER L 201 1.82 56.70 -21.72
C SER L 201 0.88 56.10 -20.66
N ALA L 202 -0.40 56.42 -20.78
CA ALA L 202 -1.43 55.78 -19.96
C ALA L 202 -1.50 54.28 -20.25
N LEU L 203 -1.50 53.93 -21.54
CA LEU L 203 -1.62 52.54 -21.96
C LEU L 203 -0.29 51.80 -21.85
N GLN L 204 0.78 52.55 -21.63
CA GLN L 204 2.12 51.97 -21.50
C GLN L 204 2.31 51.32 -20.13
N ALA L 205 1.73 51.92 -19.10
CA ALA L 205 1.81 51.39 -17.74
C ALA L 205 1.12 50.03 -17.61
N ASP L 206 -0.14 49.96 -17.98
CA ASP L 206 -0.85 48.69 -17.99
C ASP L 206 -1.58 48.44 -19.31
N TYR L 207 -1.03 47.59 -20.17
CA TYR L 207 -1.80 46.90 -21.21
C TYR L 207 -1.92 45.37 -21.01
N VAL L 208 -1.33 44.84 -19.94
CA VAL L 208 -1.30 43.39 -19.74
C VAL L 208 -0.65 42.59 -20.90
N SER L 209 0.55 43.00 -21.28
CA SER L 209 1.26 42.47 -22.47
C SER L 209 1.70 40.99 -22.45
N LYS L 210 1.74 40.42 -23.66
CA LYS L 210 2.04 39.02 -23.98
C LYS L 210 3.48 38.63 -23.69
N THR L 211 4.38 39.14 -24.53
CA THR L 211 5.76 38.65 -24.63
C THR L 211 6.55 38.81 -23.33
N ALA L 212 6.19 39.83 -22.55
CA ALA L 212 6.89 40.11 -21.30
C ALA L 212 6.95 38.90 -20.37
N THR L 213 8.07 38.75 -19.68
CA THR L 213 8.26 37.64 -18.76
C THR L 213 7.58 37.92 -17.41
N THR L 214 7.75 39.15 -16.92
CA THR L 214 7.37 39.50 -15.56
C THR L 214 5.90 39.24 -15.23
N SER L 215 5.65 38.87 -13.98
CA SER L 215 4.31 38.50 -13.53
C SER L 215 3.34 39.67 -13.66
N GLN L 216 2.17 39.39 -14.22
CA GLN L 216 1.17 40.43 -14.46
C GLN L 216 -0.11 40.17 -13.66
N SER L 217 -0.37 41.01 -12.67
CA SER L 217 -1.48 40.82 -11.76
C SER L 217 -2.65 41.77 -12.06
N LEU L 218 -3.79 41.20 -12.42
CA LEU L 218 -5.01 41.95 -12.70
C LEU L 218 -5.74 42.38 -11.41
N ALA L 219 -6.54 43.44 -11.51
CA ALA L 219 -7.37 43.86 -10.38
C ALA L 219 -8.84 43.42 -10.45
N SER L 220 -9.21 42.68 -11.50
CA SER L 220 -10.63 42.37 -11.76
C SER L 220 -10.92 40.89 -12.08
N PRO L 221 -12.20 40.48 -12.01
CA PRO L 221 -12.59 39.13 -12.42
C PRO L 221 -12.19 38.84 -13.86
N LEU L 222 -11.57 37.68 -14.12
CA LEU L 222 -11.18 37.35 -15.49
C LEU L 222 -12.17 36.42 -16.20
N ASN L 223 -12.40 36.71 -17.48
CA ASN L 223 -13.27 35.93 -18.34
C ASN L 223 -12.43 35.40 -19.51
N VAL L 224 -12.95 34.36 -20.15
CA VAL L 224 -12.31 33.76 -21.31
C VAL L 224 -13.45 33.11 -22.12
N THR L 225 -13.33 33.07 -23.44
CA THR L 225 -14.42 32.56 -24.28
C THR L 225 -14.62 31.03 -24.29
N THR L 226 -13.56 30.25 -24.43
CA THR L 226 -13.72 28.80 -24.62
C THR L 226 -12.89 27.94 -23.68
N SER L 227 -11.59 27.94 -23.87
CA SER L 227 -10.74 27.05 -23.12
C SER L 227 -9.78 27.88 -22.40
N TYR L 228 -8.97 27.23 -21.58
CA TYR L 228 -7.94 27.89 -20.79
C TYR L 228 -6.75 26.96 -20.66
N SER L 229 -5.56 27.50 -20.40
CA SER L 229 -4.38 26.65 -20.30
C SER L 229 -3.18 27.23 -19.53
N VAL L 230 -2.14 26.40 -19.39
CA VAL L 230 -0.81 26.86 -18.99
C VAL L 230 0.27 25.93 -19.58
N GLY L 231 1.39 26.51 -20.01
CA GLY L 231 2.49 25.74 -20.55
C GLY L 231 2.16 24.96 -21.83
N GLY L 232 1.11 25.39 -22.53
CA GLY L 232 0.73 24.75 -23.78
C GLY L 232 -0.36 23.71 -23.64
N LYS L 233 -0.60 23.26 -22.41
CA LYS L 233 -1.61 22.23 -22.17
C LYS L 233 -2.83 22.76 -21.41
N LYS L 234 -4.01 22.31 -21.81
CA LYS L 234 -5.27 22.80 -21.27
C LYS L 234 -5.45 22.41 -19.80
N VAL L 235 -6.07 23.31 -19.04
CA VAL L 235 -6.20 23.18 -17.59
C VAL L 235 -7.66 23.31 -17.12
N VAL L 236 -8.28 24.43 -17.44
CA VAL L 236 -9.68 24.65 -17.15
C VAL L 236 -10.45 24.80 -18.47
N GLY L 237 -11.74 24.50 -18.42
CA GLY L 237 -12.57 24.46 -19.61
C GLY L 237 -14.02 24.67 -19.19
N ALA L 238 -14.94 24.44 -20.13
CA ALA L 238 -16.36 24.46 -19.80
C ALA L 238 -16.63 23.54 -18.63
N ARG L 239 -17.32 24.08 -17.64
CA ARG L 239 -17.59 23.35 -16.42
C ARG L 239 -18.72 22.34 -16.64
N GLN L 240 -18.80 21.30 -15.81
CA GLN L 240 -19.69 20.16 -16.08
C GLN L 240 -20.92 20.05 -15.15
N THR L 241 -22.04 19.63 -15.72
CA THR L 241 -23.38 19.85 -15.16
C THR L 241 -24.12 18.50 -14.97
N GLY L 242 -25.18 18.47 -14.18
CA GLY L 242 -25.80 17.23 -13.73
C GLY L 242 -25.10 16.59 -12.54
N TRP L 243 -24.85 17.40 -11.52
CA TRP L 243 -24.25 16.94 -10.28
C TRP L 243 -25.18 17.21 -9.08
N THR L 244 -24.93 16.52 -7.97
CA THR L 244 -25.65 16.79 -6.73
C THR L 244 -24.68 16.87 -5.55
N ALA L 245 -24.78 17.95 -4.77
CA ALA L 245 -23.93 18.15 -3.61
C ALA L 245 -24.15 17.06 -2.56
N ALA L 246 -23.06 16.49 -2.06
CA ALA L 246 -23.15 15.48 -1.01
C ALA L 246 -23.46 16.14 0.33
N THR L 247 -24.38 15.53 1.08
CA THR L 247 -24.74 16.03 2.40
C THR L 247 -23.69 15.60 3.41
N GLY L 248 -23.54 16.38 4.49
CA GLY L 248 -22.66 16.00 5.57
C GLY L 248 -22.03 17.14 6.34
N THR L 249 -20.90 16.85 6.98
CA THR L 249 -20.07 17.82 7.66
C THR L 249 -18.63 17.63 7.16
N ALA L 250 -17.87 18.71 7.02
CA ALA L 250 -16.51 18.58 6.48
C ALA L 250 -15.49 18.08 7.51
N ASN L 251 -14.86 16.95 7.22
CA ASN L 251 -13.71 16.51 8.01
C ASN L 251 -12.44 16.61 7.19
N LYS L 252 -11.64 17.62 7.52
CA LYS L 252 -10.31 17.76 6.95
C LYS L 252 -9.37 17.69 8.13
N GLY L 253 -8.63 16.59 8.21
CA GLY L 253 -7.83 16.34 9.39
C GLY L 253 -6.80 15.26 9.14
N VAL L 254 -6.21 14.76 10.21
CA VAL L 254 -5.21 13.71 10.12
C VAL L 254 -5.79 12.48 9.46
N PHE L 255 -5.02 11.87 8.57
CA PHE L 255 -5.52 10.82 7.70
C PHE L 255 -4.36 9.89 7.35
N ASP L 256 -4.66 8.64 7.04
CA ASP L 256 -3.61 7.72 6.60
C ASP L 256 -4.06 6.88 5.40
N ALA L 257 -3.36 7.05 4.28
CA ALA L 257 -3.62 6.25 3.10
C ALA L 257 -2.94 4.88 3.20
N ASP L 258 -1.81 4.84 3.90
CA ASP L 258 -1.09 3.58 4.13
C ASP L 258 -2.00 2.67 4.93
N LEU L 259 -1.78 1.36 4.84
CA LEU L 259 -2.69 0.42 5.47
C LEU L 259 -2.82 0.74 6.95
N THR L 260 -4.04 1.04 7.38
CA THR L 260 -4.31 1.33 8.78
C THR L 260 -4.86 0.14 9.56
N PHE L 261 -5.29 -0.91 8.87
CA PHE L 261 -5.93 -2.04 9.55
C PHE L 261 -5.85 -3.39 8.83
N ALA L 262 -5.82 -4.45 9.62
CA ALA L 262 -5.89 -5.81 9.11
C ALA L 262 -7.08 -6.46 9.78
N VAL L 263 -7.58 -7.57 9.23
CA VAL L 263 -8.62 -8.29 9.95
C VAL L 263 -7.98 -8.98 11.16
N SER L 264 -8.55 -8.74 12.33
CA SER L 264 -8.03 -9.32 13.55
C SER L 264 -8.03 -10.83 13.47
N ASP L 265 -9.22 -11.41 13.57
CA ASP L 265 -9.42 -12.85 13.60
C ASP L 265 -10.86 -13.22 13.26
N THR L 266 -11.25 -14.40 13.73
CA THR L 266 -12.60 -14.93 13.58
C THR L 266 -13.65 -13.91 13.99
N TYR L 267 -14.83 -14.02 13.38
CA TYR L 267 -15.91 -13.06 13.54
C TYR L 267 -16.50 -13.15 14.94
N THR L 268 -17.60 -12.41 15.13
CA THR L 268 -18.28 -12.17 16.41
C THR L 268 -17.61 -11.01 17.14
N GLN L 269 -16.52 -10.53 16.57
CA GLN L 269 -15.83 -9.34 17.08
C GLN L 269 -16.71 -8.11 16.91
N SER L 270 -16.93 -7.39 18.00
CA SER L 270 -17.88 -6.29 18.03
C SER L 270 -17.41 -5.09 17.21
N GLU L 271 -16.10 -4.92 17.05
CA GLU L 271 -15.67 -3.81 16.24
C GLU L 271 -15.29 -4.31 14.86
N ILE L 272 -16.26 -4.23 13.96
CA ILE L 272 -16.02 -4.11 12.53
C ILE L 272 -16.28 -2.64 12.27
N GLN L 273 -16.69 -1.97 13.34
CA GLN L 273 -17.16 -0.59 13.29
C GLN L 273 -16.04 0.35 12.89
N ALA L 274 -14.81 -0.02 13.25
CA ALA L 274 -13.63 0.76 12.90
C ALA L 274 -13.61 1.01 11.39
N ILE L 275 -13.71 -0.07 10.62
CA ILE L 275 -13.79 0.01 9.17
C ILE L 275 -15.13 0.60 8.74
N ALA L 276 -16.17 0.26 9.49
CA ALA L 276 -17.50 0.82 9.23
C ALA L 276 -17.54 2.33 9.50
N ASN L 277 -16.86 2.77 10.54
CA ASN L 277 -16.73 4.20 10.83
C ASN L 277 -15.67 4.92 9.98
N ALA L 278 -14.56 4.23 9.67
CA ALA L 278 -13.52 4.81 8.83
C ALA L 278 -14.02 4.96 7.40
N LEU L 279 -15.10 4.24 7.08
CA LEU L 279 -15.83 4.43 5.84
C LEU L 279 -16.61 5.73 5.89
N ILE L 280 -17.02 6.12 7.10
CA ILE L 280 -17.75 7.36 7.31
C ILE L 280 -16.78 8.53 7.47
N THR L 281 -15.52 8.22 7.74
CA THR L 281 -14.49 9.25 7.75
C THR L 281 -13.92 9.45 6.35
N GLU L 282 -14.17 8.48 5.46
CA GLU L 282 -13.74 8.66 4.09
C GLU L 282 -14.81 9.18 3.13
N ARG L 283 -16.08 9.11 3.54
CA ARG L 283 -17.14 9.78 2.79
C ARG L 283 -17.19 11.18 3.38
N ARG L 284 -16.23 11.42 4.27
CA ARG L 284 -15.82 12.75 4.70
C ARG L 284 -14.86 13.34 3.69
N ARG L 285 -13.74 12.66 3.48
CA ARG L 285 -12.69 13.13 2.57
C ARG L 285 -13.23 13.32 1.16
N THR L 286 -14.43 12.79 0.89
CA THR L 286 -15.09 12.95 -0.40
C THR L 286 -15.92 14.23 -0.48
N LYS L 287 -16.95 14.34 0.36
CA LYS L 287 -17.82 15.51 0.39
C LYS L 287 -17.03 16.80 0.67
N ALA L 288 -15.83 16.64 1.23
CA ALA L 288 -14.91 17.76 1.43
C ALA L 288 -14.41 18.31 0.10
N LEU L 289 -13.86 17.44 -0.73
CA LEU L 289 -13.38 17.84 -2.05
C LEU L 289 -14.53 18.39 -2.89
N GLU L 290 -15.61 17.62 -2.94
CA GLU L 290 -16.81 17.97 -3.70
C GLU L 290 -17.39 19.31 -3.25
N ASP L 291 -17.09 19.69 -2.01
CA ASP L 291 -17.44 21.01 -1.49
C ASP L 291 -16.48 22.07 -2.03
N ALA L 292 -15.19 21.74 -2.09
CA ALA L 292 -14.17 22.67 -2.54
C ALA L 292 -14.29 23.00 -4.02
N LEU L 293 -14.46 21.96 -4.84
CA LEU L 293 -14.54 22.11 -6.28
C LEU L 293 -15.80 22.85 -6.70
N ARG L 294 -16.92 22.47 -6.09
CA ARG L 294 -18.21 23.11 -6.34
C ARG L 294 -18.18 24.58 -5.96
N ALA L 295 -17.45 24.92 -4.90
CA ALA L 295 -17.34 26.30 -4.45
C ALA L 295 -16.50 27.13 -5.42
N HIS L 296 -15.39 26.55 -5.88
CA HIS L 296 -14.57 27.21 -6.89
C HIS L 296 -15.38 27.38 -8.16
N GLY L 297 -16.22 26.40 -8.44
CA GLY L 297 -17.02 26.41 -9.66
C GLY L 297 -16.64 25.42 -10.74
N LEU L 298 -15.65 24.56 -10.49
CA LEU L 298 -15.34 23.49 -11.45
C LEU L 298 -16.57 22.62 -11.63
N ILE L 299 -17.30 22.44 -10.54
CA ILE L 299 -18.59 21.76 -10.54
C ILE L 299 -19.62 22.78 -10.06
N ASP L 300 -20.88 22.60 -10.44
CA ASP L 300 -21.98 23.51 -10.11
C ASP L 300 -21.88 24.20 -8.75
#